data_8GWG
#
_entry.id   8GWG
#
_cell.length_a   1.00
_cell.length_b   1.00
_cell.length_c   1.00
_cell.angle_alpha   90.00
_cell.angle_beta   90.00
_cell.angle_gamma   90.00
#
_symmetry.space_group_name_H-M   'P 1'
#
loop_
_entity.id
_entity.type
_entity.pdbx_description
1 polymer 'RNA-directed RNA polymerase'
2 polymer 'Non-structural protein 8'
3 polymer 'Non-structural protein 7'
4 polymer Helicase
5 polymer 'Viral protein genome-linked nsp9'
6 polymer primer
7 polymer Template
8 non-polymer 'ZINC ION'
9 non-polymer 'PHOSPHOAMINOPHOSPHONIC ACID-GUANYLATE ESTER'
10 non-polymer 'MAGNESIUM ION'
11 non-polymer "2'-deoxy-2'-fluoro-2'-methyluridine 5'-(trihydrogen diphosphate)"
12 water water
#
loop_
_entity_poly.entity_id
_entity_poly.type
_entity_poly.pdbx_seq_one_letter_code
_entity_poly.pdbx_strand_id
1 'polypeptide(L)'
;SADAQSFLNRVCGVSAARLTPCGTGTSTDVVYRAFDIYNDKVAGFAKFLKTNCCRFQEKDEDDNLIDSYFVVKRHTFSNY
QHEETIYNLLKDCPAVAKHDFFKFRIDGDMVPHISRQRLTKYTMADLVYALRHFDEGNCDTLKEILVTYNCCDDDYFNKK
DWYDFVENPDILRVYANLGERVRQALLKTVQFCDAMRNAGIVGVLTLDNQDLNGNWYDFGDFIQTTPGSGVPVVDSYYSL
LMPILTLTRALTAESHVDTDLTKPYIKWDLLKYDFTEERLKLFDRYFKYWDQTYHPNCVNCLDDRCILHCANFNVLFSTV
FPPTSFGPLVRKIFVDGVPFVVSTGYHFRELGVVHNQDVNLHSSRLSFKELLVYAADPAMHAASGNLLLDKRTTCFSVAA
LTNNVAFQTVKPGNFNKDFYDFAVSKGFFKEGSSVELKHFFFAQDGNAAISDYDYYRYNLPTMCDIRQLLFVVEVVDKYF
DCYDGGCINANQVIVNNLDKSAGFPFNKWGKARLYYDSMSYEDQDALFAYTKRNVIPTITQMNLKYAISAKNRARTVAGV
SICSTMTNRQFHQKLLKSIAATRGATVVIGTSKFYGGWHNMLKTVYSDVENPHLMGWDYPKCDRAMPNMLRIMASLVLAR
KHTTCCSLSHRFYRLANECAQVLSEMVMCGGSLYVKPGGTSSGDATTAYANSVFNICQAVTANVNALLSTDGNKIADKYV
RNLQHRLYECLYRNRDVDTDFVNEFYAYLRKHFSMMILSDDAVVCFNSTYASQGLVASIKNFKSVLYYQNNVFMSEAKCW
TETDLTKGPHEFCSQHTMLVKQGDDYVYLPYPDPSRILGAGCFVDDIVKTDGTLMIERFVSLAIDAYPLTKHPNQEYADV
FHLYLQYIRKLHDELTGHMLDMYSVMLTNDNTSRYWEPEFYEAMYTPHTVLQ
;
A
2 'polypeptide(L)'
;AIASEFSSLPSYAAFATAQEAYEQAVANGDSEVVLKKLKKSLNVAKSEFDRDAAMQRKLEKMADQAMTQMYKQARSEDKR
AKVTSAMQTMLFTMLRKLDNDALNNIINNARDGCVPLNIIPLTTAAKLMVVIPDYNTYKNTCDGTTFTYASALWEIQQVV
DADSKIVQLSEISMDNSPNLAWPLIVTALRANSAVKLQ
;
B,D
3 'polypeptide(L)'
;SKMSDVKCTSVVLLSVLQQLRVESSSKLWAQCVQLHNDILLAKDTTEAFEKMVSLLSVLLSMQGAVDINKLCEEMLDNRA
TLQ
;
C
4 'polypeptide(L)'
;AVGACVLCNSQTSLRCGACIRRPFLCCKCCYDHVISTSHKLVLSVNPYVCNAPGCDVTDVTQLYLGGMSYYCKSHKPPIS
FPLCANGQVFGLYKNTCVGSDNVTDFNAIATCDWTNAGDYILANTCTERLKLFAAETLKATEETFKLSYGIATVREVLSD
RELHLSWEVGKPRPPLNRNYVFTGYRVTKNSKVQIGEYTFEKGDYGDAVVYRGTTTYKLNVGDYFVLTSHTVMPLSAPTL
VPQEHYVRITGLYPTLNISDEFSSNVANYQKVGMQKYSTLQGPPGTGKSHFAIGLALYYPSARIVYTACSHAAVDALCEK
ALKYLPIDKCSRIIPARARVECFDKFKVNSTLEQYVFCTVNALPETTADIVVFDEISMATNYDLSVVNARLRAKHYVYIG
DPAQLPAPRTLLTKGTLEPEYFNSVCRLMKTIGPDMFLGTCRRCPAEIVDTVSALVYDNKLKAHKDKSAQCFKMFYKGVI
THDVSSAINRPQIGVVREFLTRNPAWRKAVFISPYNSQNAVASKILGLPTQTVDSSQGSEYDYVIFTQTTETAHSCNVNR
FNVAITRAKVGILCIMSDRDLYDKLQFTSLEIPRRNVATLQ
;
E,F
5 'polypeptide(L)'
;NNELSPVALRQMSCAAGTTQTACTDDNALAYYNTTKGGRFVLALLSDLQDLKWARFPKSDGTGTIYTELEPPCRFVTDTP
KGPKVKYLYFIKGLNNLNRGMVLGSLAATVRLQ
;
G
6 'polyribonucleotide' GCGGUAGUAGCAUGCUAGGGAGCAG I
7 'polyribonucleotide' AGCUGCUCCCUAGCAUGCUACUACCGC J
#
loop_
_chem_comp.id
_chem_comp.type
_chem_comp.name
_chem_comp.formula
6GS non-polymer '2'-deoxy-2'-fluoro-2'-methyluridine 5'-(trihydrogen diphosphate)' 'C10 H15 F N2 O11 P2'
A RNA linking ADENOSINE-5'-MONOPHOSPHATE 'C10 H14 N5 O7 P'
C RNA linking CYTIDINE-5'-MONOPHOSPHATE 'C9 H14 N3 O8 P'
G RNA linking GUANOSINE-5'-MONOPHOSPHATE 'C10 H14 N5 O8 P'
GNP non-polymer 'PHOSPHOAMINOPHOSPHONIC ACID-GUANYLATE ESTER' 'C10 H17 N6 O13 P3'
MG non-polymer 'MAGNESIUM ION' 'Mg 2'
U RNA linking URIDINE-5'-MONOPHOSPHATE 'C9 H13 N2 O9 P'
ZN non-polymer 'ZINC ION' 'Zn 2'
#
# COMPACT_ATOMS: atom_id res chain seq x y z
N ALA A 4 -20.76 66.92 58.02
CA ALA A 4 -20.44 68.05 57.16
C ALA A 4 -19.20 67.76 56.32
N GLN A 5 -18.14 68.53 56.54
CA GLN A 5 -16.88 68.38 55.81
C GLN A 5 -15.77 67.76 56.64
N SER A 6 -15.79 67.94 57.96
CA SER A 6 -14.75 67.37 58.81
C SER A 6 -14.72 65.85 58.73
N PHE A 7 -15.80 65.24 58.26
CA PHE A 7 -15.80 63.81 57.95
C PHE A 7 -14.69 63.48 56.96
N LEU A 8 -14.59 64.28 55.89
CA LEU A 8 -13.53 64.09 54.92
C LEU A 8 -12.15 64.31 55.53
N ASN A 9 -12.05 65.17 56.55
CA ASN A 9 -10.77 65.39 57.22
C ASN A 9 -10.41 64.20 58.11
N ARG A 10 -11.42 63.55 58.69
CA ARG A 10 -11.15 62.39 59.53
C ARG A 10 -10.80 61.17 58.69
N VAL A 11 -11.44 61.02 57.52
CA VAL A 11 -11.21 59.83 56.69
C VAL A 11 -9.77 59.80 56.19
N CYS A 12 -9.29 60.93 55.65
CA CYS A 12 -7.95 60.95 55.09
C CYS A 12 -6.89 60.68 56.14
N GLY A 13 -7.17 61.05 57.40
CA GLY A 13 -6.30 60.68 58.50
C GLY A 13 -4.91 61.29 58.41
N VAL A 14 -3.92 60.45 58.12
CA VAL A 14 -2.52 60.87 58.15
C VAL A 14 -1.94 60.85 56.74
N SER A 15 -2.54 60.04 55.86
CA SER A 15 -1.95 59.75 54.55
C SER A 15 -2.77 60.39 53.44
N ALA A 16 -2.13 61.27 52.66
CA ALA A 16 -2.61 61.66 51.34
C ALA A 16 -4.03 62.22 51.34
N ALA A 17 -4.23 63.40 51.93
CA ALA A 17 -5.58 63.96 52.05
C ALA A 17 -6.05 64.59 50.75
N ARG A 18 -5.95 63.86 49.63
CA ARG A 18 -6.47 64.32 48.34
C ARG A 18 -7.83 63.66 48.05
N LEU A 19 -8.80 63.96 48.90
CA LEU A 19 -10.10 63.29 48.85
C LEU A 19 -11.02 63.94 47.83
N THR A 20 -11.78 63.10 47.12
CA THR A 20 -12.89 63.54 46.29
C THR A 20 -14.09 62.69 46.65
N PRO A 21 -15.16 63.28 47.17
CA PRO A 21 -16.37 62.50 47.47
C PRO A 21 -16.93 61.87 46.21
N CYS A 22 -17.10 60.56 46.24
CA CYS A 22 -17.74 59.82 45.15
C CYS A 22 -19.16 59.44 45.51
N GLY A 23 -19.63 59.84 46.69
CA GLY A 23 -21.02 59.68 47.06
C GLY A 23 -21.75 61.01 46.93
N THR A 24 -22.58 61.36 47.92
CA THR A 24 -23.21 62.68 47.88
C THR A 24 -22.74 63.56 49.03
N GLY A 25 -23.03 63.15 50.26
CA GLY A 25 -22.55 63.83 51.45
C GLY A 25 -21.76 62.90 52.35
N THR A 26 -22.38 62.56 53.47
CA THR A 26 -21.93 61.48 54.34
C THR A 26 -22.80 60.24 54.17
N SER A 27 -23.62 60.19 53.12
CA SER A 27 -24.53 59.08 52.88
C SER A 27 -23.85 58.01 52.03
N THR A 28 -24.40 56.81 52.08
CA THR A 28 -23.81 55.64 51.43
C THR A 28 -23.92 55.75 49.92
N ASP A 29 -23.26 54.82 49.23
CA ASP A 29 -23.17 54.81 47.77
C ASP A 29 -23.59 53.43 47.27
N VAL A 30 -24.77 53.36 46.63
CA VAL A 30 -25.27 52.08 46.13
C VAL A 30 -24.51 51.66 44.88
N VAL A 31 -24.21 50.38 44.79
CA VAL A 31 -23.39 49.84 43.70
C VAL A 31 -23.97 48.54 43.20
N TYR A 32 -23.27 47.89 42.27
CA TYR A 32 -23.69 46.58 41.74
C TYR A 32 -22.44 45.72 41.59
N ARG A 33 -22.18 44.88 42.58
CA ARG A 33 -20.97 44.07 42.64
C ARG A 33 -21.34 42.59 42.71
N ALA A 34 -20.35 41.75 42.43
CA ALA A 34 -20.52 40.29 42.41
C ALA A 34 -20.04 39.70 43.73
N PHE A 35 -20.97 39.16 44.51
CA PHE A 35 -20.65 38.55 45.79
C PHE A 35 -20.56 37.03 45.63
N ASP A 36 -20.41 36.32 46.74
CA ASP A 36 -20.39 34.86 46.75
C ASP A 36 -21.16 34.34 47.96
N ILE A 37 -22.35 34.91 48.20
CA ILE A 37 -23.05 34.71 49.48
C ILE A 37 -23.41 33.25 49.68
N TYR A 38 -23.22 32.77 50.91
CA TYR A 38 -23.84 31.54 51.40
C TYR A 38 -24.00 31.64 52.91
N ASN A 39 -25.13 32.14 53.41
CA ASN A 39 -25.18 32.27 54.87
C ASN A 39 -25.94 31.13 55.55
N ASP A 40 -27.27 31.14 55.49
CA ASP A 40 -28.08 29.98 55.86
C ASP A 40 -29.40 29.97 55.10
N LYS A 41 -29.59 30.94 54.21
CA LYS A 41 -30.87 31.11 53.53
C LYS A 41 -30.70 31.33 52.03
N VAL A 42 -29.48 31.58 51.55
CA VAL A 42 -29.25 31.87 50.15
C VAL A 42 -27.83 31.49 49.76
N ALA A 43 -27.68 30.84 48.63
CA ALA A 43 -26.38 30.59 48.04
C ALA A 43 -26.25 31.39 46.76
N GLY A 44 -25.16 31.22 46.04
CA GLY A 44 -25.06 31.76 44.70
C GLY A 44 -23.74 32.47 44.47
N PHE A 45 -23.60 32.96 43.23
CA PHE A 45 -22.46 33.74 42.77
C PHE A 45 -22.95 34.89 41.91
N ALA A 46 -23.97 35.62 42.38
CA ALA A 46 -24.66 36.59 41.56
C ALA A 46 -24.42 38.01 42.06
N LYS A 47 -24.77 38.98 41.22
CA LYS A 47 -24.58 40.39 41.53
C LYS A 47 -25.61 40.84 42.56
N PHE A 48 -25.16 41.24 43.72
CA PHE A 48 -26.11 41.77 44.66
C PHE A 48 -25.98 43.28 44.65
N LEU A 49 -26.11 43.93 45.80
CA LEU A 49 -26.09 45.38 45.83
C LEU A 49 -25.56 46.07 47.09
N LYS A 50 -24.31 46.55 47.10
CA LYS A 50 -23.76 47.36 48.22
C LYS A 50 -23.64 46.80 49.61
N THR A 51 -22.47 46.99 50.23
CA THR A 51 -22.25 46.52 51.59
C THR A 51 -22.18 47.73 52.54
N ASN A 52 -23.09 48.71 52.40
CA ASN A 52 -23.05 49.97 53.17
C ASN A 52 -21.71 50.69 53.07
N CYS A 53 -21.24 51.04 51.88
CA CYS A 53 -19.91 51.62 51.68
C CYS A 53 -20.04 53.06 51.20
N CYS A 54 -19.43 53.99 51.92
CA CYS A 54 -19.18 55.31 51.38
C CYS A 54 -17.78 55.34 50.80
N ARG A 55 -17.66 55.79 49.56
CA ARG A 55 -16.40 55.68 48.82
C ARG A 55 -15.90 57.06 48.43
N PHE A 56 -14.59 57.26 48.59
CA PHE A 56 -13.91 58.49 48.21
C PHE A 56 -12.75 58.14 47.31
N GLN A 57 -12.51 58.95 46.29
CA GLN A 57 -11.44 58.71 45.33
C GLN A 57 -10.27 59.65 45.61
N GLU A 58 -9.06 59.13 45.55
CA GLU A 58 -7.88 59.94 45.83
C GLU A 58 -7.38 60.63 44.57
N LYS A 59 -7.00 61.90 44.72
CA LYS A 59 -6.43 62.65 43.63
C LYS A 59 -4.94 62.39 43.52
N ASP A 60 -4.48 62.05 42.33
CA ASP A 60 -3.06 62.09 42.05
C ASP A 60 -2.61 63.54 41.92
N GLU A 61 -1.29 63.74 41.86
CA GLU A 61 -0.78 65.07 41.58
C GLU A 61 -1.27 65.53 40.21
N ASP A 62 -1.31 66.85 40.03
CA ASP A 62 -1.97 67.53 38.92
C ASP A 62 -3.48 67.40 38.96
N ASP A 63 -4.03 66.96 40.09
CA ASP A 63 -5.47 66.94 40.36
C ASP A 63 -6.25 66.03 39.41
N ASN A 64 -5.58 65.06 38.80
CA ASN A 64 -6.33 64.04 38.08
C ASN A 64 -6.66 62.89 39.04
N LEU A 65 -7.60 62.05 38.61
CA LEU A 65 -8.14 60.98 39.45
C LEU A 65 -7.34 59.70 39.21
N ILE A 66 -7.05 58.98 40.30
CA ILE A 66 -6.28 57.75 40.25
C ILE A 66 -7.09 56.66 40.95
N ASP A 67 -6.82 55.40 40.58
CA ASP A 67 -7.57 54.26 41.10
C ASP A 67 -7.06 53.91 42.49
N SER A 68 -7.72 54.46 43.51
CA SER A 68 -7.44 54.17 44.91
C SER A 68 -8.58 54.75 45.74
N TYR A 69 -9.15 53.95 46.65
CA TYR A 69 -10.36 54.36 47.33
C TYR A 69 -10.26 54.11 48.83
N PHE A 70 -11.15 54.80 49.57
CA PHE A 70 -11.22 54.76 51.03
C PHE A 70 -12.65 54.37 51.38
N VAL A 71 -12.92 53.07 51.46
CA VAL A 71 -14.30 52.57 51.55
C VAL A 71 -14.62 52.42 53.04
N VAL A 72 -15.38 53.37 53.55
CA VAL A 72 -15.78 53.37 54.96
C VAL A 72 -17.16 52.78 55.10
N LYS A 73 -17.29 51.73 55.91
CA LYS A 73 -18.55 51.07 56.16
C LYS A 73 -19.19 51.60 57.45
N ARG A 74 -20.40 51.14 57.74
CA ARG A 74 -21.13 51.65 58.90
C ARG A 74 -21.90 50.57 59.66
N HIS A 75 -21.28 49.44 59.96
CA HIS A 75 -22.01 48.24 60.39
C HIS A 75 -21.55 47.74 61.75
N THR A 76 -22.38 47.99 62.77
CA THR A 76 -22.47 47.20 64.01
C THR A 76 -21.28 47.36 64.96
N PHE A 77 -21.57 47.65 66.24
CA PHE A 77 -20.55 47.84 67.25
C PHE A 77 -19.86 46.53 67.63
N SER A 78 -20.63 45.46 67.78
CA SER A 78 -20.03 44.17 68.12
C SER A 78 -19.08 43.70 67.02
N ASN A 79 -19.54 43.79 65.77
CA ASN A 79 -18.66 43.53 64.63
C ASN A 79 -17.49 44.50 64.62
N TYR A 80 -17.70 45.73 65.08
CA TYR A 80 -16.63 46.71 65.18
C TYR A 80 -15.51 46.19 66.06
N GLN A 81 -15.82 45.80 67.30
CA GLN A 81 -14.77 45.33 68.20
C GLN A 81 -14.19 43.99 67.73
N HIS A 82 -15.04 43.13 67.17
CA HIS A 82 -14.59 41.86 66.62
C HIS A 82 -13.53 42.06 65.55
N GLU A 83 -13.82 42.93 64.59
CA GLU A 83 -12.85 43.25 63.53
C GLU A 83 -11.63 43.95 64.10
N GLU A 84 -11.82 44.79 65.11
CA GLU A 84 -10.68 45.44 65.76
C GLU A 84 -9.69 44.40 66.26
N THR A 85 -10.18 43.40 66.99
CA THR A 85 -9.30 42.38 67.52
C THR A 85 -8.63 41.58 66.41
N ILE A 86 -9.41 41.14 65.40
CA ILE A 86 -8.78 40.34 64.35
C ILE A 86 -7.71 41.15 63.62
N TYR A 87 -7.99 42.42 63.33
CA TYR A 87 -7.00 43.24 62.62
C TYR A 87 -5.75 43.43 63.46
N ASN A 88 -5.91 43.68 64.76
CA ASN A 88 -4.76 43.80 65.64
C ASN A 88 -3.90 42.54 65.55
N LEU A 89 -4.54 41.38 65.50
CA LEU A 89 -3.77 40.14 65.39
C LEU A 89 -3.13 39.98 64.02
N LEU A 90 -3.78 40.49 62.96
CA LEU A 90 -3.43 40.13 61.59
C LEU A 90 -2.64 41.21 60.85
N LYS A 91 -2.15 42.23 61.56
CA LYS A 91 -1.69 43.43 60.87
C LYS A 91 -0.33 43.27 60.21
N ASP A 92 0.58 42.51 60.82
CA ASP A 92 1.97 42.54 60.36
C ASP A 92 2.18 41.89 59.00
N CYS A 93 1.19 41.19 58.46
CA CYS A 93 1.34 40.58 57.15
C CYS A 93 1.40 41.66 56.06
N PRO A 94 2.20 41.44 55.03
CA PRO A 94 2.23 42.41 53.91
C PRO A 94 1.00 42.40 53.04
N ALA A 95 0.21 41.31 53.05
CA ALA A 95 -0.93 41.15 52.16
C ALA A 95 -2.25 41.44 52.86
N VAL A 96 -2.23 42.40 53.78
CA VAL A 96 -3.44 42.84 54.47
C VAL A 96 -3.52 44.36 54.33
N ALA A 97 -4.67 44.85 53.85
CA ALA A 97 -4.83 46.25 53.52
C ALA A 97 -5.20 47.06 54.76
N LYS A 98 -4.54 48.20 54.91
CA LYS A 98 -4.52 48.95 56.17
C LYS A 98 -5.91 49.50 56.48
N HIS A 99 -6.51 48.99 57.54
CA HIS A 99 -7.81 49.46 58.00
C HIS A 99 -7.64 50.82 58.68
N ASP A 100 -8.76 51.39 59.13
CA ASP A 100 -8.74 52.54 60.01
C ASP A 100 -10.06 52.57 60.74
N PHE A 101 -10.07 52.16 62.01
CA PHE A 101 -11.27 52.11 62.81
C PHE A 101 -11.42 53.43 63.55
N PHE A 102 -12.51 54.15 63.30
CA PHE A 102 -12.79 55.37 64.02
C PHE A 102 -14.28 55.45 64.34
N LYS A 103 -14.63 56.51 65.07
CA LYS A 103 -15.97 56.69 65.61
C LYS A 103 -16.38 58.14 65.38
N PHE A 104 -17.13 58.38 64.31
CA PHE A 104 -17.60 59.72 63.98
C PHE A 104 -19.09 59.82 64.28
N ARG A 105 -19.52 61.02 64.65
CA ARG A 105 -20.88 61.27 65.12
C ARG A 105 -21.68 61.91 63.99
N ILE A 106 -22.85 61.34 63.69
CA ILE A 106 -23.70 61.95 62.67
C ILE A 106 -24.71 62.89 63.32
N ASP A 107 -25.62 62.37 64.14
CA ASP A 107 -26.60 63.26 64.79
C ASP A 107 -26.48 63.26 66.31
N GLY A 108 -26.66 62.09 66.92
CA GLY A 108 -26.54 61.96 68.36
C GLY A 108 -25.95 60.62 68.75
N ASP A 109 -25.18 60.03 67.85
CA ASP A 109 -24.73 58.65 67.99
C ASP A 109 -23.31 58.53 67.48
N MET A 110 -22.41 58.07 68.35
CA MET A 110 -21.03 57.84 67.94
C MET A 110 -20.97 56.62 67.05
N VAL A 111 -21.54 56.71 65.83
CA VAL A 111 -21.66 55.54 64.98
C VAL A 111 -20.28 55.11 64.49
N PRO A 112 -19.94 53.83 64.57
CA PRO A 112 -18.60 53.38 64.23
C PRO A 112 -18.41 53.18 62.74
N HIS A 113 -17.18 53.42 62.29
CA HIS A 113 -16.83 53.30 60.88
C HIS A 113 -15.58 52.47 60.72
N ILE A 114 -15.45 51.86 59.55
CA ILE A 114 -14.24 51.12 59.21
C ILE A 114 -13.68 51.71 57.92
N SER A 115 -12.83 52.72 58.04
CA SER A 115 -12.37 53.44 56.86
C SER A 115 -11.15 52.78 56.25
N ARG A 116 -11.37 51.91 55.28
CA ARG A 116 -10.31 51.23 54.58
C ARG A 116 -9.42 52.21 53.82
N GLN A 117 -8.33 51.73 53.22
CA GLN A 117 -7.35 52.65 52.66
C GLN A 117 -6.68 52.09 51.42
N ARG A 118 -6.62 52.91 50.37
CA ARG A 118 -5.97 52.61 49.10
C ARG A 118 -6.45 51.29 48.50
N LEU A 119 -7.73 51.24 48.15
CA LEU A 119 -8.36 50.08 47.58
C LEU A 119 -8.29 50.19 46.05
N THR A 120 -8.91 49.30 45.28
CA THR A 120 -9.03 49.43 43.83
C THR A 120 -10.50 49.28 43.48
N LYS A 121 -10.99 50.06 42.50
CA LYS A 121 -12.43 50.19 42.28
C LYS A 121 -13.12 48.85 42.13
N TYR A 122 -12.47 47.89 41.48
CA TYR A 122 -13.06 46.58 41.26
C TYR A 122 -12.25 45.52 42.01
N THR A 123 -12.96 44.61 42.67
CA THR A 123 -12.34 43.49 43.34
C THR A 123 -11.95 42.45 42.31
N MET A 124 -11.56 41.26 42.75
CA MET A 124 -11.30 40.18 41.82
C MET A 124 -12.55 39.41 41.44
N ALA A 125 -13.54 39.36 42.33
CA ALA A 125 -14.79 38.69 42.00
C ALA A 125 -15.47 39.34 40.81
N ASP A 126 -15.31 40.66 40.65
CA ASP A 126 -15.90 41.32 39.48
C ASP A 126 -15.27 40.84 38.19
N LEU A 127 -13.94 40.75 38.15
CA LEU A 127 -13.28 40.20 36.97
C LEU A 127 -13.74 38.76 36.71
N VAL A 128 -13.74 37.93 37.76
CA VAL A 128 -14.07 36.52 37.58
C VAL A 128 -15.51 36.36 37.09
N TYR A 129 -16.44 37.10 37.69
CA TYR A 129 -17.84 37.06 37.27
C TYR A 129 -17.98 37.52 35.83
N ALA A 130 -17.58 38.76 35.54
CA ALA A 130 -17.80 39.35 34.23
C ALA A 130 -17.03 38.65 33.13
N LEU A 131 -16.06 37.80 33.46
CA LEU A 131 -15.43 36.97 32.45
C LEU A 131 -15.99 35.56 32.39
N ARG A 132 -16.64 35.10 33.46
CA ARG A 132 -17.27 33.79 33.48
C ARG A 132 -18.74 33.83 33.09
N HIS A 133 -19.35 35.02 33.09
CA HIS A 133 -20.75 35.21 32.74
C HIS A 133 -20.85 36.21 31.60
N PHE A 134 -20.05 35.98 30.57
CA PHE A 134 -19.87 36.94 29.50
C PHE A 134 -21.19 37.22 28.79
N ASP A 135 -21.36 38.49 28.42
CA ASP A 135 -22.50 38.93 27.62
C ASP A 135 -22.10 40.18 26.86
N GLU A 136 -21.81 40.04 25.56
CA GLU A 136 -21.35 41.18 24.78
C GLU A 136 -22.38 42.31 24.73
N GLY A 137 -23.64 42.02 25.05
CA GLY A 137 -24.64 43.08 25.07
C GLY A 137 -24.28 44.19 26.03
N ASN A 138 -23.86 43.84 27.24
CA ASN A 138 -23.39 44.80 28.23
C ASN A 138 -22.16 44.23 28.94
N CYS A 139 -20.99 44.50 28.36
CA CYS A 139 -19.73 44.10 28.98
C CYS A 139 -18.94 45.34 29.36
N ASP A 140 -19.63 46.35 29.92
CA ASP A 140 -18.99 47.60 30.28
C ASP A 140 -17.97 47.40 31.39
N THR A 141 -18.27 46.55 32.37
CA THR A 141 -17.33 46.30 33.45
C THR A 141 -16.04 45.69 32.93
N LEU A 142 -16.16 44.72 32.02
CA LEU A 142 -14.96 44.15 31.41
C LEU A 142 -14.19 45.19 30.62
N LYS A 143 -14.91 46.06 29.90
CA LYS A 143 -14.24 47.13 29.15
C LYS A 143 -13.40 48.00 30.09
N GLU A 144 -14.01 48.45 31.18
CA GLU A 144 -13.31 49.33 32.11
C GLU A 144 -12.12 48.62 32.74
N ILE A 145 -12.31 47.38 33.18
CA ILE A 145 -11.22 46.64 33.81
C ILE A 145 -10.09 46.40 32.83
N LEU A 146 -10.41 46.24 31.54
CA LEU A 146 -9.37 46.05 30.55
C LEU A 146 -8.59 47.34 30.29
N VAL A 147 -9.29 48.46 30.14
CA VAL A 147 -8.59 49.70 29.80
C VAL A 147 -7.80 50.24 30.99
N THR A 148 -8.29 50.02 32.22
CA THR A 148 -7.67 50.66 33.38
C THR A 148 -6.25 50.16 33.63
N TYR A 149 -5.99 48.88 33.38
CA TYR A 149 -4.68 48.29 33.67
C TYR A 149 -3.81 48.18 32.43
N ASN A 150 -3.96 49.13 31.51
CA ASN A 150 -3.05 49.30 30.37
C ASN A 150 -2.99 48.06 29.49
N CYS A 151 -4.02 47.23 29.51
CA CYS A 151 -4.05 46.07 28.62
C CYS A 151 -4.41 46.47 27.20
N CYS A 152 -5.26 47.49 27.04
CA CYS A 152 -5.68 47.96 25.72
C CYS A 152 -6.00 49.44 25.83
N ASP A 153 -6.64 49.96 24.78
CA ASP A 153 -7.13 51.34 24.75
C ASP A 153 -8.55 51.34 24.19
N ASP A 154 -9.29 52.40 24.50
CA ASP A 154 -10.71 52.43 24.14
C ASP A 154 -10.92 52.27 22.64
N ASP A 155 -9.98 52.75 21.83
CA ASP A 155 -10.09 52.63 20.39
C ASP A 155 -10.08 51.18 19.92
N TYR A 156 -9.62 50.25 20.75
CA TYR A 156 -9.70 48.84 20.39
C TYR A 156 -11.14 48.35 20.36
N PHE A 157 -12.03 49.01 21.11
CA PHE A 157 -13.41 48.55 21.26
C PHE A 157 -14.32 49.06 20.17
N ASN A 158 -13.81 49.83 19.22
CA ASN A 158 -14.57 50.21 18.04
C ASN A 158 -14.41 49.21 16.90
N LYS A 159 -13.37 48.38 16.96
CA LYS A 159 -13.21 47.28 16.01
C LYS A 159 -14.24 46.22 16.39
N LYS A 160 -15.43 46.35 15.83
CA LYS A 160 -16.51 45.42 16.15
C LYS A 160 -16.07 43.99 15.88
N ASP A 161 -16.63 43.07 16.67
CA ASP A 161 -16.18 41.68 16.76
C ASP A 161 -14.78 41.64 17.35
N TRP A 162 -14.56 42.43 18.42
CA TRP A 162 -13.30 42.43 19.13
C TRP A 162 -13.20 41.25 20.08
N TYR A 163 -14.32 40.82 20.66
CA TYR A 163 -14.30 39.77 21.68
C TYR A 163 -14.12 38.38 21.07
N ASP A 164 -14.42 38.21 19.78
CA ASP A 164 -14.47 36.89 19.19
C ASP A 164 -13.10 36.22 19.21
N PHE A 165 -13.11 34.88 19.29
CA PHE A 165 -11.90 34.09 19.30
C PHE A 165 -11.51 33.55 17.93
N VAL A 166 -12.49 33.13 17.13
CA VAL A 166 -12.20 32.62 15.80
C VAL A 166 -11.68 33.73 14.90
N GLU A 167 -12.48 34.76 14.69
CA GLU A 167 -12.00 36.00 14.09
C GLU A 167 -11.40 36.83 15.21
N ASN A 168 -10.52 37.77 14.84
CA ASN A 168 -9.76 38.57 15.80
C ASN A 168 -9.04 37.66 16.79
N PRO A 169 -8.12 36.82 16.31
CA PRO A 169 -7.37 35.95 17.24
C PRO A 169 -6.39 36.70 18.12
N ASP A 170 -6.28 38.02 17.94
CA ASP A 170 -5.36 38.83 18.72
C ASP A 170 -5.88 39.13 20.12
N ILE A 171 -7.16 38.85 20.39
CA ILE A 171 -7.75 39.20 21.67
C ILE A 171 -7.01 38.52 22.82
N LEU A 172 -6.42 37.35 22.56
CA LEU A 172 -5.63 36.68 23.60
C LEU A 172 -4.49 37.55 24.07
N ARG A 173 -3.78 38.20 23.15
CA ARG A 173 -2.72 39.14 23.52
C ARG A 173 -3.24 40.28 24.38
N VAL A 174 -4.52 40.63 24.26
CA VAL A 174 -5.13 41.59 25.18
C VAL A 174 -5.38 40.96 26.55
N TYR A 175 -5.84 39.71 26.58
CA TYR A 175 -6.16 39.07 27.85
C TYR A 175 -4.90 38.69 28.62
N ALA A 176 -3.89 38.19 27.91
CA ALA A 176 -2.67 37.70 28.54
C ALA A 176 -1.97 38.79 29.34
N ASN A 177 -2.17 40.04 28.95
CA ASN A 177 -1.55 41.17 29.64
C ASN A 177 -2.14 41.39 31.03
N LEU A 178 -3.22 40.70 31.38
CA LEU A 178 -3.73 40.68 32.74
C LEU A 178 -3.06 39.59 33.58
N GLY A 179 -1.97 39.01 33.08
CA GLY A 179 -1.30 37.92 33.75
C GLY A 179 -0.71 38.30 35.10
N GLU A 180 0.29 39.19 35.10
CA GLU A 180 1.05 39.41 36.32
C GLU A 180 0.14 39.71 37.51
N ARG A 181 -0.86 40.57 37.31
CA ARG A 181 -1.74 40.93 38.42
C ARG A 181 -2.32 39.69 39.09
N VAL A 182 -2.92 38.78 38.31
CA VAL A 182 -3.51 37.60 38.93
C VAL A 182 -2.43 36.79 39.67
N ARG A 183 -1.25 36.66 39.07
CA ARG A 183 -0.17 35.96 39.76
C ARG A 183 0.06 36.57 41.12
N GLN A 184 0.17 37.90 41.19
CA GLN A 184 0.40 38.54 42.47
C GLN A 184 -0.69 38.18 43.46
N ALA A 185 -1.95 38.21 43.03
CA ALA A 185 -3.03 37.82 43.94
C ALA A 185 -2.73 36.47 44.55
N LEU A 186 -2.47 35.47 43.70
CA LEU A 186 -2.18 34.13 44.21
C LEU A 186 -1.12 34.20 45.28
N LEU A 187 0.01 34.85 44.95
CA LEU A 187 1.13 34.89 45.87
C LEU A 187 0.71 35.51 47.18
N LYS A 188 0.10 36.69 47.11
CA LYS A 188 -0.26 37.34 48.37
C LYS A 188 -1.29 36.51 49.12
N THR A 189 -2.22 35.87 48.41
CA THR A 189 -3.18 35.01 49.07
C THR A 189 -2.46 33.93 49.88
N VAL A 190 -1.44 33.31 49.28
CA VAL A 190 -0.68 32.30 50.01
C VAL A 190 -0.18 32.89 51.32
N GLN A 191 0.46 34.05 51.25
CA GLN A 191 1.00 34.65 52.46
C GLN A 191 -0.11 34.93 53.45
N PHE A 192 -1.27 35.40 52.96
CA PHE A 192 -2.40 35.60 53.86
C PHE A 192 -2.68 34.35 54.66
N CYS A 193 -2.83 33.21 53.98
CA CYS A 193 -3.11 31.96 54.67
C CYS A 193 -2.08 31.71 55.74
N ASP A 194 -0.80 31.90 55.41
CA ASP A 194 0.26 31.65 56.39
C ASP A 194 0.00 32.47 57.64
N ALA A 195 -0.20 33.78 57.49
CA ALA A 195 -0.46 34.61 58.65
C ALA A 195 -1.67 34.08 59.42
N MET A 196 -2.75 33.77 58.70
CA MET A 196 -3.97 33.34 59.36
C MET A 196 -3.75 32.05 60.12
N ARG A 197 -2.86 31.18 59.64
CA ARG A 197 -2.57 29.98 60.40
C ARG A 197 -1.70 30.30 61.60
N ASN A 198 -0.69 31.15 61.42
CA ASN A 198 0.27 31.36 62.48
C ASN A 198 -0.31 32.22 63.60
N ALA A 199 -1.39 32.95 63.35
CA ALA A 199 -2.05 33.74 64.36
C ALA A 199 -3.15 32.98 65.09
N GLY A 200 -3.49 31.78 64.65
CA GLY A 200 -4.59 31.04 65.25
C GLY A 200 -5.94 31.66 64.94
N ILE A 201 -6.36 31.60 63.68
CA ILE A 201 -7.60 32.22 63.23
C ILE A 201 -8.31 31.24 62.30
N VAL A 202 -9.62 31.14 62.48
CA VAL A 202 -10.47 30.29 61.64
C VAL A 202 -11.24 31.22 60.71
N GLY A 203 -11.12 30.98 59.41
CA GLY A 203 -11.73 31.87 58.44
C GLY A 203 -11.95 31.18 57.11
N VAL A 204 -12.97 31.66 56.39
CA VAL A 204 -13.34 31.14 55.09
C VAL A 204 -13.01 32.21 54.05
N LEU A 205 -12.30 31.80 53.00
CA LEU A 205 -11.75 32.76 52.04
C LEU A 205 -12.67 32.89 50.82
N THR A 206 -12.88 34.13 50.40
CA THR A 206 -13.64 34.33 49.20
C THR A 206 -12.92 35.21 48.19
N LEU A 207 -13.29 35.14 46.92
CA LEU A 207 -12.70 35.98 45.87
C LEU A 207 -13.13 37.43 45.94
N ASP A 208 -14.30 37.74 46.46
CA ASP A 208 -14.66 39.12 46.68
C ASP A 208 -14.19 39.60 48.00
N ASN A 209 -12.94 39.33 48.30
CA ASN A 209 -12.35 39.84 49.50
C ASN A 209 -10.98 40.16 49.09
N GLN A 210 -10.80 40.61 47.86
CA GLN A 210 -9.49 40.81 47.39
C GLN A 210 -9.44 41.85 46.35
N ASP A 211 -8.92 43.04 46.63
CA ASP A 211 -8.71 43.99 45.56
C ASP A 211 -7.75 43.40 44.53
N LEU A 212 -7.75 43.99 43.34
CA LEU A 212 -6.99 43.39 42.24
C LEU A 212 -5.49 43.45 42.49
N ASN A 213 -5.04 44.34 43.37
CA ASN A 213 -3.62 44.38 43.73
C ASN A 213 -3.19 43.08 44.41
N GLY A 214 -4.01 42.59 45.34
CA GLY A 214 -3.69 41.37 46.06
C GLY A 214 -4.12 41.41 47.51
N ASN A 215 -4.37 42.61 48.04
CA ASN A 215 -4.69 42.79 49.45
C ASN A 215 -6.03 42.15 49.82
N TRP A 216 -6.29 42.04 51.12
CA TRP A 216 -7.48 41.40 51.66
C TRP A 216 -8.06 42.28 52.75
N TYR A 217 -9.34 42.12 53.05
CA TYR A 217 -10.01 43.06 53.95
C TYR A 217 -11.30 42.44 54.49
N ASP A 218 -11.84 43.08 55.53
CA ASP A 218 -13.14 42.77 56.12
C ASP A 218 -13.32 41.32 56.56
N PHE A 219 -12.71 40.96 57.68
CA PHE A 219 -12.75 39.63 58.25
C PHE A 219 -13.93 39.50 59.21
N GLY A 220 -15.06 40.11 58.86
CA GLY A 220 -16.16 40.24 59.80
C GLY A 220 -16.71 38.94 60.34
N ASP A 221 -16.51 37.83 59.63
CA ASP A 221 -17.12 36.55 60.01
C ASP A 221 -16.08 35.53 60.44
N PHE A 222 -15.07 35.97 61.19
CA PHE A 222 -13.99 35.09 61.64
C PHE A 222 -14.16 34.78 63.12
N ILE A 223 -13.34 33.84 63.61
CA ILE A 223 -13.29 33.48 65.01
C ILE A 223 -11.85 33.18 65.39
N GLN A 224 -11.62 33.04 66.69
CA GLN A 224 -10.27 32.88 67.23
C GLN A 224 -10.04 31.46 67.73
N THR A 225 -8.78 31.05 67.71
CA THR A 225 -8.33 29.77 68.25
C THR A 225 -7.01 29.97 68.96
N THR A 226 -6.29 28.88 69.24
CA THR A 226 -4.95 29.01 69.80
C THR A 226 -3.92 29.14 68.68
N PRO A 227 -2.86 29.92 68.90
CA PRO A 227 -1.88 30.16 67.82
C PRO A 227 -1.23 28.89 67.28
N GLY A 228 -0.76 28.94 66.05
CA GLY A 228 -0.20 27.78 65.39
C GLY A 228 -1.20 26.76 64.95
N SER A 229 -2.49 27.00 65.16
CA SER A 229 -3.54 26.04 64.86
C SER A 229 -4.71 26.73 64.15
N GLY A 230 -4.40 27.60 63.18
CA GLY A 230 -5.43 28.20 62.38
C GLY A 230 -5.76 27.38 61.14
N VAL A 231 -6.85 27.76 60.48
CA VAL A 231 -7.28 27.04 59.27
C VAL A 231 -7.93 28.01 58.29
N PRO A 232 -7.39 28.13 57.08
CA PRO A 232 -8.11 28.83 56.01
C PRO A 232 -8.88 27.87 55.13
N VAL A 233 -10.11 28.22 54.74
CA VAL A 233 -10.95 27.35 53.93
C VAL A 233 -10.95 27.89 52.50
N VAL A 234 -10.12 27.29 51.65
CA VAL A 234 -10.05 27.69 50.25
C VAL A 234 -10.60 26.58 49.36
N ASP A 235 -11.91 26.59 49.13
CA ASP A 235 -12.54 25.64 48.22
C ASP A 235 -13.48 26.29 47.22
N SER A 236 -14.10 27.41 47.57
CA SER A 236 -14.79 28.20 46.55
C SER A 236 -13.80 29.12 45.85
N TYR A 237 -12.89 29.74 46.60
CA TYR A 237 -11.93 30.70 46.05
C TYR A 237 -11.17 30.12 44.86
N TYR A 238 -10.33 29.12 45.15
CA TYR A 238 -9.51 28.54 44.10
C TYR A 238 -10.37 27.99 42.98
N SER A 239 -11.44 27.25 43.31
CA SER A 239 -12.19 26.52 42.31
C SER A 239 -12.92 27.45 41.36
N LEU A 240 -13.55 28.51 41.87
CA LEU A 240 -14.16 29.49 40.96
C LEU A 240 -13.10 30.21 40.15
N LEU A 241 -11.91 30.42 40.72
CA LEU A 241 -10.86 31.15 39.99
C LEU A 241 -10.13 30.29 38.96
N MET A 242 -10.27 28.98 39.01
CA MET A 242 -9.48 28.11 38.13
C MET A 242 -9.62 28.41 36.63
N PRO A 243 -10.81 28.62 36.07
CA PRO A 243 -10.90 28.78 34.61
C PRO A 243 -10.24 30.05 34.07
N ILE A 244 -9.65 30.89 34.92
CA ILE A 244 -9.04 32.14 34.46
C ILE A 244 -7.56 31.95 34.14
N LEU A 245 -6.86 31.09 34.88
CA LEU A 245 -5.41 30.98 34.79
C LEU A 245 -4.96 30.30 33.50
N THR A 246 -5.87 30.09 32.56
CA THR A 246 -5.48 29.69 31.22
C THR A 246 -6.01 30.63 30.15
N LEU A 247 -7.05 31.43 30.43
CA LEU A 247 -7.41 32.51 29.53
C LEU A 247 -6.33 33.58 29.51
N THR A 248 -5.83 33.96 30.68
CA THR A 248 -4.86 35.03 30.82
C THR A 248 -3.43 34.52 30.95
N ARG A 249 -3.21 33.23 30.73
CA ARG A 249 -1.90 32.61 30.84
C ARG A 249 -1.18 33.04 32.11
N ALA A 250 -1.79 32.81 33.26
CA ALA A 250 -1.32 33.36 34.51
C ALA A 250 0.07 32.89 34.91
N LEU A 251 0.53 31.76 34.40
CA LEU A 251 1.81 31.20 34.80
C LEU A 251 2.91 31.42 33.77
N THR A 252 2.70 32.33 32.80
CA THR A 252 3.72 32.59 31.79
C THR A 252 5.00 33.12 32.40
N ALA A 253 4.90 33.77 33.57
CA ALA A 253 6.10 34.29 34.23
C ALA A 253 6.75 33.21 35.08
N GLU A 254 6.95 32.03 34.49
CA GLU A 254 7.60 30.93 35.18
C GLU A 254 8.58 30.17 34.30
N SER A 255 8.70 30.53 33.02
CA SER A 255 9.76 30.03 32.17
C SER A 255 10.91 31.00 32.04
N HIS A 256 10.86 32.12 32.75
CA HIS A 256 11.95 33.08 32.77
C HIS A 256 12.96 32.70 33.86
N VAL A 257 14.20 33.15 33.68
CA VAL A 257 15.33 32.63 34.45
C VAL A 257 15.11 32.76 35.95
N ASP A 258 14.51 33.86 36.39
CA ASP A 258 14.21 34.02 37.81
C ASP A 258 12.77 34.49 37.98
N THR A 259 11.88 33.97 37.13
CA THR A 259 10.45 34.30 37.18
C THR A 259 10.21 35.80 37.10
N ASP A 260 11.00 36.48 36.26
CA ASP A 260 10.85 37.92 36.04
C ASP A 260 10.65 38.16 34.56
N LEU A 261 9.74 39.07 34.22
CA LEU A 261 9.35 39.33 32.84
C LEU A 261 10.45 39.95 32.01
N THR A 262 11.55 40.40 32.61
CA THR A 262 12.61 41.10 31.91
C THR A 262 13.90 40.27 31.91
N LYS A 263 13.77 38.97 31.70
CA LYS A 263 14.88 38.03 31.69
C LYS A 263 14.75 37.11 30.49
N PRO A 264 15.82 36.38 30.14
CA PRO A 264 15.69 35.35 29.10
C PRO A 264 14.86 34.17 29.57
N TYR A 265 14.71 33.17 28.71
CA TYR A 265 13.96 31.96 29.03
C TYR A 265 14.90 30.93 29.66
N ILE A 266 14.36 30.15 30.60
CA ILE A 266 15.13 29.02 31.12
C ILE A 266 15.31 28.00 30.01
N LYS A 267 16.55 27.58 29.80
CA LYS A 267 16.87 26.59 28.78
C LYS A 267 16.99 25.24 29.47
N TRP A 268 15.89 24.49 29.48
CA TRP A 268 15.93 23.14 30.01
C TRP A 268 16.81 22.26 29.14
N ASP A 269 17.34 21.20 29.75
CA ASP A 269 18.10 20.23 28.98
C ASP A 269 17.21 19.55 27.96
N LEU A 270 17.83 19.11 26.86
CA LEU A 270 17.07 18.50 25.77
C LEU A 270 16.37 17.22 26.22
N LEU A 271 17.11 16.36 26.94
CA LEU A 271 16.65 15.01 27.22
C LEU A 271 15.85 14.88 28.50
N LYS A 272 15.90 15.87 29.39
CA LYS A 272 15.20 15.77 30.67
C LYS A 272 13.69 15.80 30.43
N TYR A 273 13.00 14.76 30.91
CA TYR A 273 11.57 14.61 30.67
C TYR A 273 10.74 14.45 31.93
N ASP A 274 11.36 14.12 33.07
CA ASP A 274 10.60 13.77 34.26
C ASP A 274 9.68 14.90 34.70
N PHE A 275 10.25 16.04 35.07
CA PHE A 275 9.47 17.19 35.53
C PHE A 275 8.47 16.79 36.61
N THR A 276 8.96 16.05 37.60
CA THR A 276 8.11 15.63 38.71
C THR A 276 8.28 16.50 39.95
N GLU A 277 9.49 16.99 40.19
CA GLU A 277 9.77 17.90 41.29
C GLU A 277 9.36 19.34 40.97
N GLU A 278 9.48 19.75 39.71
CA GLU A 278 9.03 21.08 39.34
C GLU A 278 7.53 21.25 39.56
N ARG A 279 6.76 20.22 39.22
CA ARG A 279 5.31 20.28 39.44
C ARG A 279 4.99 20.41 40.91
N LEU A 280 5.69 19.66 41.76
CA LEU A 280 5.43 19.75 43.20
C LEU A 280 5.87 21.09 43.77
N LYS A 281 6.98 21.65 43.27
CA LYS A 281 7.39 22.98 43.72
C LYS A 281 6.36 24.04 43.30
N LEU A 282 5.87 23.95 42.07
CA LEU A 282 4.84 24.89 41.62
C LEU A 282 3.58 24.76 42.47
N PHE A 283 3.19 23.52 42.77
CA PHE A 283 2.00 23.31 43.61
C PHE A 283 2.22 23.88 45.00
N ASP A 284 3.38 23.61 45.60
CA ASP A 284 3.65 24.08 46.96
C ASP A 284 3.80 25.59 47.04
N ARG A 285 4.14 26.24 45.92
CA ARG A 285 4.22 27.70 45.94
C ARG A 285 2.85 28.33 45.72
N TYR A 286 2.13 27.90 44.68
CA TYR A 286 0.88 28.55 44.31
C TYR A 286 -0.31 28.00 45.09
N PHE A 287 -0.45 26.68 45.16
CA PHE A 287 -1.58 26.04 45.85
C PHE A 287 -1.05 25.23 47.02
N LYS A 288 -0.86 25.90 48.16
CA LYS A 288 -0.32 25.22 49.34
C LYS A 288 -1.39 24.62 50.23
N TYR A 289 -2.58 25.21 50.30
CA TYR A 289 -3.63 24.74 51.18
C TYR A 289 -4.79 24.09 50.42
N TRP A 290 -4.51 23.56 49.25
CA TRP A 290 -5.45 22.70 48.54
C TRP A 290 -5.35 21.32 49.18
N ASP A 291 -6.10 21.12 50.26
CA ASP A 291 -5.97 19.92 51.08
C ASP A 291 -6.60 18.73 50.36
N GLN A 292 -5.93 18.33 49.28
CA GLN A 292 -6.26 17.11 48.57
C GLN A 292 -5.01 16.66 47.85
N THR A 293 -4.62 15.41 48.05
CA THR A 293 -3.37 14.92 47.49
C THR A 293 -3.34 15.13 45.99
N TYR A 294 -2.21 15.66 45.51
CA TYR A 294 -2.00 15.87 44.09
C TYR A 294 -0.86 14.97 43.65
N HIS A 295 -1.18 13.95 42.86
CA HIS A 295 -0.17 13.02 42.39
C HIS A 295 0.40 13.51 41.07
N PRO A 296 1.69 13.83 40.98
CA PRO A 296 2.23 14.35 39.71
C PRO A 296 2.03 13.39 38.55
N ASN A 297 2.11 12.09 38.79
CA ASN A 297 1.83 11.09 37.77
C ASN A 297 0.54 10.38 38.15
N CYS A 298 -0.38 10.29 37.19
CA CYS A 298 -1.71 9.78 37.47
C CYS A 298 -1.76 8.26 37.60
N VAL A 299 -0.66 7.57 37.31
CA VAL A 299 -0.62 6.12 37.48
C VAL A 299 -0.87 5.73 38.93
N ASN A 300 -0.56 6.62 39.86
CA ASN A 300 -0.75 6.37 41.29
C ASN A 300 -2.14 6.76 41.78
N CYS A 301 -3.02 7.19 40.89
CA CYS A 301 -4.34 7.64 41.29
C CYS A 301 -5.18 6.47 41.80
N LEU A 302 -6.18 6.81 42.62
CA LEU A 302 -7.00 5.80 43.28
C LEU A 302 -8.21 5.39 42.44
N ASP A 303 -9.01 6.36 41.99
CA ASP A 303 -10.15 6.08 41.13
C ASP A 303 -10.22 7.15 40.05
N ASP A 304 -11.33 7.17 39.32
CA ASP A 304 -11.44 8.08 38.17
C ASP A 304 -11.51 9.53 38.61
N ARG A 305 -12.20 9.80 39.72
CA ARG A 305 -12.35 11.18 40.17
C ARG A 305 -11.00 11.78 40.56
N CYS A 306 -10.13 11.00 41.19
CA CYS A 306 -8.77 11.48 41.44
C CYS A 306 -8.01 11.69 40.14
N ILE A 307 -8.28 10.89 39.12
CA ILE A 307 -7.63 11.12 37.83
C ILE A 307 -8.07 12.46 37.25
N LEU A 308 -9.35 12.78 37.37
CA LEU A 308 -9.82 14.11 36.95
C LEU A 308 -9.11 15.20 37.74
N HIS A 309 -9.05 15.03 39.06
CA HIS A 309 -8.47 16.06 39.93
C HIS A 309 -6.98 16.25 39.73
N CYS A 310 -6.27 15.24 39.24
CA CYS A 310 -4.84 15.40 38.97
C CYS A 310 -4.54 15.80 37.54
N ALA A 311 -5.35 15.35 36.57
CA ALA A 311 -5.20 15.84 35.21
C ALA A 311 -5.55 17.32 35.11
N ASN A 312 -6.48 17.80 35.94
CA ASN A 312 -6.79 19.22 35.92
C ASN A 312 -5.62 20.07 36.37
N PHE A 313 -4.73 19.54 37.20
CA PHE A 313 -3.55 20.29 37.59
C PHE A 313 -2.42 20.11 36.57
N ASN A 314 -2.28 18.90 36.04
CA ASN A 314 -1.24 18.68 35.04
C ASN A 314 -1.50 19.45 33.76
N VAL A 315 -2.76 19.79 33.47
CA VAL A 315 -3.04 20.57 32.27
C VAL A 315 -2.47 21.98 32.41
N LEU A 316 -2.39 22.48 33.65
CA LEU A 316 -1.85 23.80 33.88
C LEU A 316 -0.34 23.77 34.02
N PHE A 317 0.18 22.87 34.85
CA PHE A 317 1.63 22.86 35.09
C PHE A 317 2.41 22.27 33.94
N SER A 318 1.80 22.05 32.78
CA SER A 318 2.50 21.55 31.61
C SER A 318 2.65 22.58 30.52
N THR A 319 1.98 23.73 30.62
CA THR A 319 2.18 24.83 29.69
C THR A 319 3.41 25.67 30.03
N VAL A 320 4.26 25.17 30.92
CA VAL A 320 5.47 25.87 31.32
C VAL A 320 6.73 25.19 30.80
N PHE A 321 6.74 23.89 30.65
CA PHE A 321 7.88 23.10 30.23
C PHE A 321 7.94 23.03 28.70
N PRO A 322 9.10 22.73 28.14
CA PRO A 322 9.26 22.81 26.68
C PRO A 322 8.40 21.78 25.97
N PRO A 323 7.73 22.16 24.90
CA PRO A 323 6.89 21.21 24.17
C PRO A 323 7.68 20.26 23.29
N THR A 324 9.00 20.34 23.36
CA THR A 324 9.86 19.45 22.60
C THR A 324 10.22 18.18 23.37
N SER A 325 9.81 18.06 24.63
CA SER A 325 10.14 16.91 25.46
C SER A 325 8.88 16.15 25.87
N PHE A 326 7.94 16.02 24.94
CA PHE A 326 6.70 15.29 25.18
C PHE A 326 6.61 14.13 24.19
N GLY A 327 5.48 13.41 24.26
CA GLY A 327 5.26 12.28 23.39
C GLY A 327 5.97 11.04 23.87
N PRO A 328 6.31 10.14 22.94
CA PRO A 328 6.95 8.87 23.32
C PRO A 328 8.26 9.06 24.06
N LEU A 329 8.72 8.00 24.73
CA LEU A 329 9.95 8.00 25.52
C LEU A 329 10.81 6.84 25.05
N VAL A 330 11.01 6.77 23.73
CA VAL A 330 11.61 5.62 23.07
C VAL A 330 12.97 5.28 23.65
N ARG A 331 13.38 4.03 23.48
CA ARG A 331 14.67 3.55 23.97
C ARG A 331 15.18 2.51 22.98
N LYS A 332 16.50 2.37 22.90
CA LYS A 332 17.13 1.48 21.93
C LYS A 332 17.24 0.09 22.54
N ILE A 333 16.41 -0.83 22.07
CA ILE A 333 16.44 -2.20 22.51
C ILE A 333 17.14 -3.06 21.46
N PHE A 334 17.52 -4.26 21.85
CA PHE A 334 18.22 -5.19 20.98
C PHE A 334 17.31 -6.34 20.61
N VAL A 335 17.28 -6.69 19.32
CA VAL A 335 16.58 -7.88 18.86
C VAL A 335 17.48 -8.57 17.83
N ASP A 336 17.59 -9.89 17.95
CA ASP A 336 18.48 -10.74 17.14
C ASP A 336 19.82 -10.06 16.88
N GLY A 337 20.38 -9.49 17.95
CA GLY A 337 21.66 -8.83 17.84
C GLY A 337 21.64 -7.50 17.10
N VAL A 338 20.47 -6.94 16.87
CA VAL A 338 20.35 -5.69 16.13
C VAL A 338 19.62 -4.66 17.00
N PRO A 339 20.12 -3.44 17.10
CA PRO A 339 19.47 -2.42 17.94
C PRO A 339 18.28 -1.78 17.22
N PHE A 340 17.11 -1.87 17.84
CA PHE A 340 15.93 -1.18 17.35
C PHE A 340 15.75 0.12 18.10
N VAL A 341 14.67 0.85 17.78
CA VAL A 341 14.21 1.98 18.57
C VAL A 341 12.71 1.82 18.72
N VAL A 342 12.25 1.51 19.94
CA VAL A 342 10.84 1.25 20.19
C VAL A 342 10.37 2.14 21.32
N SER A 343 9.07 2.47 21.30
CA SER A 343 8.48 3.34 22.31
C SER A 343 8.16 2.52 23.54
N THR A 344 8.82 2.83 24.66
CA THR A 344 8.62 2.08 25.89
C THR A 344 8.03 2.96 26.97
N GLY A 345 7.06 3.79 26.60
CA GLY A 345 6.42 4.67 27.55
C GLY A 345 5.82 5.86 26.82
N TYR A 346 5.31 6.79 27.61
CA TYR A 346 4.69 7.99 27.05
C TYR A 346 4.75 9.11 28.09
N HIS A 347 4.59 10.34 27.59
CA HIS A 347 4.67 11.53 28.42
C HIS A 347 3.52 12.46 27.96
N PHE A 348 2.40 12.40 28.68
CA PHE A 348 1.26 13.23 28.34
C PHE A 348 1.40 14.60 29.00
N ARG A 349 0.62 15.55 28.50
CA ARG A 349 0.49 16.83 29.18
C ARG A 349 -0.41 16.74 30.40
N GLU A 350 -1.41 15.86 30.36
CA GLU A 350 -2.45 15.80 31.38
C GLU A 350 -2.37 14.57 32.27
N LEU A 351 -1.58 13.57 31.91
CA LEU A 351 -1.49 12.35 32.70
C LEU A 351 -0.09 12.07 33.23
N GLY A 352 0.89 12.93 32.96
CA GLY A 352 2.21 12.67 33.44
C GLY A 352 2.91 11.55 32.68
N VAL A 353 3.94 11.00 33.30
CA VAL A 353 4.75 9.95 32.69
C VAL A 353 4.07 8.60 32.91
N VAL A 354 4.04 7.78 31.86
CA VAL A 354 3.48 6.44 31.94
C VAL A 354 4.49 5.47 31.35
N HIS A 355 4.79 4.40 32.08
CA HIS A 355 5.84 3.46 31.72
C HIS A 355 5.25 2.15 31.23
N ASN A 356 5.89 1.57 30.21
CA ASN A 356 5.50 0.25 29.74
C ASN A 356 5.82 -0.80 30.80
N GLN A 357 5.08 -1.90 30.76
CA GLN A 357 5.22 -2.95 31.75
C GLN A 357 5.81 -4.25 31.21
N ASP A 358 5.61 -4.56 29.93
CA ASP A 358 6.07 -5.81 29.35
C ASP A 358 7.19 -5.59 28.32
N VAL A 359 7.95 -4.50 28.46
CA VAL A 359 9.07 -4.27 27.57
C VAL A 359 10.16 -5.30 27.87
N ASN A 360 10.84 -5.76 26.82
CA ASN A 360 11.84 -6.81 26.96
C ASN A 360 12.99 -6.54 26.01
N LEU A 361 14.18 -6.34 26.57
CA LEU A 361 15.39 -6.27 25.75
C LEU A 361 15.81 -7.67 25.33
N HIS A 362 16.63 -7.72 24.29
CA HIS A 362 17.22 -8.98 23.80
C HIS A 362 16.14 -10.01 23.45
N SER A 363 15.31 -9.70 22.47
CA SER A 363 14.33 -10.64 21.94
C SER A 363 14.95 -11.43 20.79
N SER A 364 14.58 -12.71 20.70
CA SER A 364 15.14 -13.58 19.68
C SER A 364 14.47 -13.40 18.33
N ARG A 365 13.16 -13.65 18.25
CA ARG A 365 12.41 -13.49 17.02
C ARG A 365 11.07 -12.84 17.34
N LEU A 366 10.56 -12.06 16.40
CA LEU A 366 9.31 -11.34 16.58
C LEU A 366 8.14 -12.13 16.00
N SER A 367 7.04 -12.18 16.73
CA SER A 367 5.82 -12.81 16.26
C SER A 367 5.08 -11.86 15.33
N PHE A 368 3.87 -12.23 14.92
CA PHE A 368 3.07 -11.32 14.12
C PHE A 368 2.57 -10.13 14.93
N LYS A 369 2.23 -10.35 16.20
CA LYS A 369 1.82 -9.23 17.04
C LYS A 369 2.97 -8.26 17.27
N GLU A 370 4.18 -8.77 17.45
CA GLU A 370 5.33 -7.89 17.62
C GLU A 370 5.60 -7.08 16.38
N LEU A 371 5.55 -7.72 15.21
CA LEU A 371 5.74 -6.99 13.97
C LEU A 371 4.65 -5.94 13.77
N LEU A 372 3.41 -6.29 14.12
CA LEU A 372 2.31 -5.35 13.99
C LEU A 372 2.50 -4.14 14.89
N VAL A 373 2.88 -4.37 16.16
CA VAL A 373 3.06 -3.28 17.10
C VAL A 373 4.36 -2.53 16.86
N TYR A 374 5.28 -3.08 16.08
CA TYR A 374 6.50 -2.38 15.71
C TYR A 374 6.45 -1.77 14.31
N ALA A 375 5.37 -1.94 13.57
CA ALA A 375 5.20 -1.25 12.31
C ALA A 375 4.21 -0.09 12.41
N ALA A 376 3.56 0.08 13.56
CA ALA A 376 2.59 1.15 13.75
C ALA A 376 3.08 2.26 14.67
N ASP A 377 4.18 2.06 15.37
CA ASP A 377 4.70 3.12 16.23
C ASP A 377 5.39 4.19 15.38
N PRO A 378 5.27 5.46 15.76
CA PRO A 378 5.98 6.52 15.02
C PRO A 378 7.44 6.63 15.38
N ALA A 379 7.90 5.92 16.41
CA ALA A 379 9.26 6.07 16.91
C ALA A 379 10.29 5.87 15.81
N MET A 380 10.35 4.66 15.27
CA MET A 380 11.33 4.29 14.28
C MET A 380 11.01 4.86 12.89
N HIS A 381 9.78 5.34 12.70
CA HIS A 381 9.42 6.08 11.49
C HIS A 381 10.08 7.45 11.49
N ALA A 382 9.79 8.26 12.50
CA ALA A 382 10.34 9.61 12.58
C ALA A 382 11.85 9.58 12.79
N ALA A 383 12.33 8.66 13.63
CA ALA A 383 13.73 8.62 14.02
C ALA A 383 14.65 8.26 12.86
N SER A 384 14.08 7.98 11.69
CA SER A 384 14.86 7.69 10.49
C SER A 384 14.39 8.56 9.33
N GLY A 385 14.16 9.85 9.61
CA GLY A 385 13.72 10.76 8.58
C GLY A 385 14.38 12.11 8.72
N ASN A 386 14.43 12.85 7.62
CA ASN A 386 15.03 14.17 7.61
C ASN A 386 14.17 15.15 8.41
N LEU A 387 14.85 16.10 9.04
CA LEU A 387 14.16 17.11 9.83
C LEU A 387 13.25 17.95 8.95
N LEU A 388 12.22 18.53 9.56
CA LEU A 388 11.28 19.38 8.85
C LEU A 388 11.00 20.62 9.69
N LEU A 389 11.20 21.79 9.09
CA LEU A 389 10.79 23.07 9.68
C LEU A 389 9.76 23.67 8.75
N ASP A 390 8.50 23.66 9.16
CA ASP A 390 7.39 24.08 8.34
C ASP A 390 6.89 25.43 8.83
N LYS A 391 6.90 26.43 7.93
CA LYS A 391 6.44 27.77 8.26
C LYS A 391 5.01 28.04 7.79
N ARG A 392 4.38 27.08 7.12
CA ARG A 392 2.99 27.25 6.73
C ARG A 392 2.05 27.20 7.93
N THR A 393 2.44 26.53 9.01
CA THR A 393 1.57 26.26 10.15
C THR A 393 2.21 26.78 11.42
N THR A 394 1.43 26.74 12.50
CA THR A 394 1.94 26.97 13.85
C THR A 394 1.98 25.70 14.68
N CYS A 395 1.37 24.60 14.20
CA CYS A 395 1.45 23.32 14.88
C CYS A 395 2.86 22.77 14.81
N PHE A 396 3.28 22.09 15.87
CA PHE A 396 4.65 21.62 16.00
C PHE A 396 4.95 20.49 15.04
N SER A 397 5.70 20.77 13.98
CA SER A 397 6.12 19.72 13.06
C SER A 397 7.18 18.84 13.72
N VAL A 398 7.42 17.68 13.12
CA VAL A 398 8.35 16.72 13.70
C VAL A 398 9.42 16.30 12.70
N ALA A 399 9.01 15.72 11.58
CA ALA A 399 9.98 15.14 10.66
C ALA A 399 9.33 14.94 9.30
N ALA A 400 10.17 14.62 8.32
CA ALA A 400 9.72 14.39 6.93
C ALA A 400 10.28 13.05 6.47
N LEU A 401 9.41 12.06 6.34
CA LEU A 401 9.86 10.74 5.88
C LEU A 401 10.34 10.80 4.44
N THR A 402 9.62 11.53 3.60
CA THR A 402 9.93 11.60 2.18
C THR A 402 10.99 12.65 1.91
N ASN A 403 11.21 12.96 0.62
CA ASN A 403 12.14 14.01 0.25
C ASN A 403 11.48 15.16 -0.50
N ASN A 404 10.17 15.12 -0.71
CA ASN A 404 9.47 16.20 -1.40
C ASN A 404 8.00 16.17 -1.00
N VAL A 405 7.50 17.29 -0.46
CA VAL A 405 6.12 17.36 -0.03
C VAL A 405 5.19 17.17 -1.23
N ALA A 406 4.05 16.52 -0.97
CA ALA A 406 3.04 16.26 -1.98
C ALA A 406 1.84 17.18 -1.75
N PHE A 407 1.38 17.82 -2.81
CA PHE A 407 0.23 18.73 -2.76
C PHE A 407 -0.94 18.04 -3.44
N GLN A 408 -2.00 17.79 -2.67
CA GLN A 408 -3.19 17.13 -3.18
C GLN A 408 -4.31 18.14 -3.36
N THR A 409 -4.92 18.14 -4.53
CA THR A 409 -6.00 19.07 -4.87
C THR A 409 -7.34 18.35 -4.82
N VAL A 410 -8.41 19.11 -5.01
CA VAL A 410 -9.77 18.59 -5.04
C VAL A 410 -10.40 18.98 -6.37
N LYS A 411 -10.83 17.99 -7.14
CA LYS A 411 -11.41 18.22 -8.45
C LYS A 411 -12.87 18.65 -8.30
N PRO A 412 -13.43 19.29 -9.33
CA PRO A 412 -14.86 19.63 -9.30
C PRO A 412 -15.72 18.44 -9.71
N GLY A 413 -16.99 18.51 -9.31
CA GLY A 413 -17.93 17.47 -9.67
C GLY A 413 -18.36 17.56 -11.11
N ASN A 414 -18.86 16.43 -11.63
CA ASN A 414 -19.28 16.37 -13.01
C ASN A 414 -20.73 16.82 -13.16
N PHE A 415 -21.09 17.16 -14.39
CA PHE A 415 -22.40 17.69 -14.72
C PHE A 415 -23.23 16.63 -15.43
N ASN A 416 -24.45 16.43 -14.96
CA ASN A 416 -25.40 15.49 -15.56
C ASN A 416 -26.42 16.34 -16.31
N LYS A 417 -26.15 16.57 -17.60
CA LYS A 417 -26.87 17.60 -18.34
C LYS A 417 -28.32 17.22 -18.63
N ASP A 418 -28.58 15.94 -18.91
CA ASP A 418 -29.90 15.52 -19.38
C ASP A 418 -30.98 15.82 -18.35
N PHE A 419 -30.69 15.59 -17.07
CA PHE A 419 -31.65 15.94 -16.03
C PHE A 419 -31.88 17.44 -15.99
N TYR A 420 -30.83 18.23 -16.21
CA TYR A 420 -31.00 19.68 -16.23
C TYR A 420 -31.90 20.11 -17.40
N ASP A 421 -31.72 19.50 -18.56
CA ASP A 421 -32.59 19.78 -19.70
C ASP A 421 -34.03 19.43 -19.38
N PHE A 422 -34.24 18.28 -18.73
CA PHE A 422 -35.59 17.91 -18.33
C PHE A 422 -36.17 18.93 -17.37
N ALA A 423 -35.36 19.39 -16.40
CA ALA A 423 -35.85 20.35 -15.41
C ALA A 423 -36.26 21.66 -16.07
N VAL A 424 -35.43 22.18 -16.96
CA VAL A 424 -35.79 23.44 -17.62
C VAL A 424 -36.96 23.22 -18.57
N SER A 425 -37.14 21.99 -19.07
CA SER A 425 -38.28 21.71 -19.95
C SER A 425 -39.60 21.91 -19.20
N LYS A 426 -39.65 21.53 -17.93
CA LYS A 426 -40.88 21.55 -17.15
C LYS A 426 -41.15 22.90 -16.50
N GLY A 427 -40.31 23.90 -16.73
CA GLY A 427 -40.53 25.21 -16.15
C GLY A 427 -39.87 25.37 -14.80
N PHE A 428 -38.62 24.94 -14.70
CA PHE A 428 -37.84 25.06 -13.48
C PHE A 428 -36.74 26.09 -13.68
N PHE A 429 -36.17 26.54 -12.55
CA PHE A 429 -35.05 27.47 -12.54
C PHE A 429 -35.38 28.79 -13.22
N LYS A 430 -36.65 29.13 -13.32
CA LYS A 430 -37.03 30.44 -13.84
C LYS A 430 -36.56 31.52 -12.88
N GLU A 431 -36.11 32.64 -13.44
CA GLU A 431 -35.59 33.72 -12.61
C GLU A 431 -36.66 34.24 -11.66
N GLY A 432 -36.29 34.38 -10.39
CA GLY A 432 -37.24 34.78 -9.38
C GLY A 432 -37.97 33.64 -8.70
N SER A 433 -37.54 32.40 -8.89
CA SER A 433 -38.17 31.25 -8.26
C SER A 433 -37.64 31.05 -6.85
N SER A 434 -38.44 30.32 -6.05
CA SER A 434 -38.04 30.02 -4.68
C SER A 434 -37.05 28.85 -4.60
N VAL A 435 -36.90 28.09 -5.67
CA VAL A 435 -35.97 26.97 -5.71
C VAL A 435 -34.87 27.31 -6.71
N GLU A 436 -33.62 27.32 -6.22
CA GLU A 436 -32.46 27.60 -7.05
C GLU A 436 -31.30 26.75 -6.55
N LEU A 437 -30.24 26.71 -7.34
CA LEU A 437 -29.08 25.89 -7.02
C LEU A 437 -28.21 26.59 -5.98
N LYS A 438 -27.90 25.87 -4.90
CA LYS A 438 -26.96 26.37 -3.90
C LYS A 438 -25.90 25.38 -3.47
N HIS A 439 -26.10 24.07 -3.67
CA HIS A 439 -25.14 23.06 -3.24
C HIS A 439 -24.36 22.59 -4.47
N PHE A 440 -23.08 22.94 -4.53
CA PHE A 440 -22.22 22.62 -5.66
C PHE A 440 -21.00 21.85 -5.18
N PHE A 441 -20.26 21.32 -6.15
CA PHE A 441 -19.01 20.59 -5.88
C PHE A 441 -17.86 21.57 -6.03
N PHE A 442 -17.43 22.16 -4.90
CA PHE A 442 -16.37 23.15 -4.94
C PHE A 442 -15.02 22.48 -5.21
N ALA A 443 -14.07 23.29 -5.67
CA ALA A 443 -12.72 22.82 -5.96
C ALA A 443 -11.74 23.49 -5.01
N GLN A 444 -10.58 22.86 -4.85
CA GLN A 444 -9.55 23.36 -3.95
C GLN A 444 -8.18 23.29 -4.64
N ASP A 445 -7.31 24.23 -4.26
CA ASP A 445 -5.98 24.33 -4.84
C ASP A 445 -5.02 23.35 -4.19
N GLY A 446 -3.72 23.52 -4.45
CA GLY A 446 -2.71 22.59 -3.98
C GLY A 446 -2.66 22.42 -2.47
N ASN A 447 -2.27 23.46 -1.75
CA ASN A 447 -2.15 23.38 -0.29
C ASN A 447 -3.53 23.56 0.35
N ALA A 448 -4.40 22.58 0.05
CA ALA A 448 -5.74 22.57 0.62
C ALA A 448 -5.78 21.85 1.97
N ALA A 449 -5.13 20.69 2.06
CA ALA A 449 -5.18 19.90 3.28
C ALA A 449 -4.55 20.65 4.46
N ILE A 450 -3.33 21.16 4.26
CA ILE A 450 -2.62 21.79 5.37
C ILE A 450 -3.31 23.07 5.80
N SER A 451 -3.92 23.80 4.86
CA SER A 451 -4.64 25.01 5.19
C SER A 451 -5.89 24.74 6.02
N ASP A 452 -6.31 23.48 6.12
CA ASP A 452 -7.39 23.09 7.00
C ASP A 452 -6.91 22.42 8.28
N TYR A 453 -5.84 21.62 8.20
CA TYR A 453 -5.24 21.09 9.42
C TYR A 453 -4.69 22.20 10.31
N ASP A 454 -4.35 23.35 9.73
CA ASP A 454 -3.89 24.48 10.51
C ASP A 454 -4.96 25.00 11.48
N TYR A 455 -6.23 24.64 11.27
CA TYR A 455 -7.31 25.12 12.13
C TYR A 455 -7.17 24.65 13.57
N TYR A 456 -6.23 23.77 13.87
CA TYR A 456 -6.04 23.33 15.25
C TYR A 456 -5.45 24.42 16.13
N ARG A 457 -5.07 25.55 15.56
CA ARG A 457 -4.66 26.72 16.34
C ARG A 457 -5.81 27.31 17.15
N TYR A 458 -7.03 26.78 17.02
CA TYR A 458 -8.16 27.18 17.84
C TYR A 458 -8.24 26.35 19.12
N ASN A 459 -7.28 25.47 19.35
CA ASN A 459 -7.23 24.62 20.54
C ASN A 459 -6.21 25.21 21.50
N LEU A 460 -6.68 25.61 22.69
CA LEU A 460 -5.83 26.22 23.70
C LEU A 460 -5.85 25.38 24.98
N PRO A 461 -4.72 25.26 25.67
CA PRO A 461 -4.71 24.56 26.96
C PRO A 461 -5.67 25.18 27.95
N THR A 462 -6.71 24.46 28.34
CA THR A 462 -7.79 25.01 29.13
C THR A 462 -7.85 24.37 30.51
N MET A 463 -8.18 25.18 31.50
CA MET A 463 -8.37 24.73 32.88
C MET A 463 -9.86 24.66 33.16
N CYS A 464 -10.28 23.61 33.86
CA CYS A 464 -11.69 23.36 34.12
C CYS A 464 -11.96 23.49 35.62
N ASP A 465 -13.10 24.07 35.96
CA ASP A 465 -13.50 24.22 37.36
C ASP A 465 -13.82 22.84 37.90
N ILE A 466 -12.88 22.27 38.63
CA ILE A 466 -12.96 20.84 38.96
C ILE A 466 -14.04 20.56 40.00
N ARG A 467 -14.29 21.48 40.94
CA ARG A 467 -15.27 21.22 41.97
C ARG A 467 -16.70 21.23 41.44
N GLN A 468 -16.92 21.68 40.21
CA GLN A 468 -18.21 21.59 39.53
C GLN A 468 -18.24 20.46 38.52
N LEU A 469 -17.10 20.20 37.87
CA LEU A 469 -17.01 19.02 37.02
C LEU A 469 -17.27 17.75 37.81
N LEU A 470 -16.81 17.69 39.07
CA LEU A 470 -17.13 16.52 39.87
C LEU A 470 -18.51 16.66 40.51
N PHE A 471 -19.47 17.19 39.75
CA PHE A 471 -20.89 17.04 40.02
C PHE A 471 -21.58 16.81 38.68
N VAL A 472 -21.10 17.55 37.69
CA VAL A 472 -21.64 17.44 36.34
C VAL A 472 -21.35 16.07 35.76
N VAL A 473 -20.18 15.51 36.06
CA VAL A 473 -19.90 14.17 35.58
C VAL A 473 -20.83 13.15 36.23
N GLU A 474 -21.19 13.35 37.50
CA GLU A 474 -22.14 12.44 38.14
C GLU A 474 -23.49 12.49 37.45
N VAL A 475 -24.00 13.70 37.17
CA VAL A 475 -25.31 13.81 36.52
C VAL A 475 -25.26 13.23 35.10
N VAL A 476 -24.19 13.53 34.36
CA VAL A 476 -24.07 13.00 33.00
C VAL A 476 -23.98 11.48 33.03
N ASP A 477 -23.30 10.91 34.02
CA ASP A 477 -23.26 9.46 34.15
C ASP A 477 -24.64 8.89 34.46
N LYS A 478 -25.38 9.54 35.35
CA LYS A 478 -26.74 9.07 35.64
C LYS A 478 -27.61 9.11 34.40
N TYR A 479 -27.33 10.02 33.47
CA TYR A 479 -28.04 10.00 32.20
C TYR A 479 -27.83 8.71 31.42
N PHE A 480 -26.78 7.94 31.75
CA PHE A 480 -26.39 6.75 30.99
C PHE A 480 -26.42 5.50 31.86
N ASP A 481 -27.45 5.35 32.69
CA ASP A 481 -27.53 4.20 33.59
C ASP A 481 -28.35 3.05 33.01
N CYS A 482 -29.22 3.33 32.04
CA CYS A 482 -30.12 2.29 31.51
C CYS A 482 -29.41 1.27 30.64
N TYR A 483 -28.16 1.50 30.28
CA TYR A 483 -27.48 0.68 29.28
C TYR A 483 -26.61 -0.37 29.96
N ASP A 484 -25.85 -1.12 29.16
CA ASP A 484 -25.02 -2.19 29.66
C ASP A 484 -23.85 -2.38 28.72
N GLY A 485 -22.67 -2.67 29.28
CA GLY A 485 -21.49 -2.81 28.46
C GLY A 485 -20.41 -3.61 29.15
N GLY A 486 -19.42 -4.00 28.37
CA GLY A 486 -18.31 -4.79 28.87
C GLY A 486 -17.46 -5.29 27.73
N CYS A 487 -16.33 -5.89 28.10
CA CYS A 487 -15.42 -6.45 27.13
C CYS A 487 -16.02 -7.69 26.48
N ILE A 488 -15.78 -7.84 25.19
CA ILE A 488 -16.24 -9.00 24.44
C ILE A 488 -15.05 -9.69 23.80
N ASN A 489 -15.20 -10.98 23.52
CA ASN A 489 -14.11 -11.75 22.96
C ASN A 489 -13.96 -11.47 21.47
N ALA A 490 -12.97 -12.13 20.86
CA ALA A 490 -12.70 -11.92 19.45
C ALA A 490 -13.84 -12.42 18.58
N ASN A 491 -14.59 -13.42 19.06
CA ASN A 491 -15.60 -14.07 18.24
C ASN A 491 -16.97 -13.43 18.37
N GLN A 492 -17.01 -12.18 18.84
CA GLN A 492 -18.27 -11.48 18.97
C GLN A 492 -18.28 -10.10 18.32
N VAL A 493 -17.17 -9.64 17.77
CA VAL A 493 -17.14 -8.33 17.14
C VAL A 493 -17.89 -8.39 15.81
N ILE A 494 -18.47 -7.25 15.42
CA ILE A 494 -19.24 -7.13 14.19
C ILE A 494 -18.62 -6.00 13.37
N VAL A 495 -18.24 -6.31 12.13
CA VAL A 495 -17.53 -5.35 11.28
C VAL A 495 -18.21 -5.25 9.92
N ASN A 496 -19.07 -4.26 9.77
CA ASN A 496 -19.71 -4.03 8.48
C ASN A 496 -18.71 -3.38 7.52
N ASN A 497 -18.78 -3.77 6.24
CA ASN A 497 -17.94 -3.18 5.21
C ASN A 497 -16.45 -3.34 5.52
N LEU A 498 -15.96 -4.56 5.46
CA LEU A 498 -14.60 -4.91 5.86
C LEU A 498 -13.58 -4.65 4.76
N ASP A 499 -13.87 -3.71 3.86
CA ASP A 499 -12.94 -3.35 2.78
C ASP A 499 -12.67 -1.85 2.79
N LYS A 500 -12.36 -1.33 3.97
CA LYS A 500 -11.91 0.04 4.15
C LYS A 500 -10.41 0.07 4.36
N SER A 501 -9.84 1.28 4.34
CA SER A 501 -8.40 1.42 4.47
C SER A 501 -7.95 1.09 5.89
N ALA A 502 -6.67 0.73 6.01
CA ALA A 502 -6.10 0.26 7.26
C ALA A 502 -5.15 1.29 7.89
N GLY A 503 -5.21 2.54 7.47
CA GLY A 503 -4.37 3.57 8.05
C GLY A 503 -2.91 3.49 7.68
N PHE A 504 -2.05 4.21 8.38
CA PHE A 504 -0.65 4.24 8.03
C PHE A 504 0.15 3.39 9.00
N PRO A 505 1.08 2.57 8.49
CA PRO A 505 1.56 2.29 7.14
C PRO A 505 0.99 1.05 6.58
N PHE A 506 -0.18 0.69 7.03
CA PHE A 506 -0.72 -0.57 6.62
C PHE A 506 -1.36 -0.45 5.26
N ASN A 507 -1.84 0.74 4.92
CA ASN A 507 -2.51 0.87 3.63
C ASN A 507 -1.59 0.62 2.45
N LYS A 508 -0.31 0.34 2.68
CA LYS A 508 0.59 0.00 1.59
C LYS A 508 0.45 -1.45 1.14
N TRP A 509 -0.31 -2.27 1.86
CA TRP A 509 -0.36 -3.69 1.60
C TRP A 509 -1.78 -4.22 1.34
N GLY A 510 -2.80 -3.60 1.89
CA GLY A 510 -4.15 -4.05 1.66
C GLY A 510 -5.13 -3.42 2.62
N LYS A 511 -6.41 -3.66 2.34
CA LYS A 511 -7.48 -3.11 3.15
C LYS A 511 -7.57 -3.87 4.47
N ALA A 512 -8.59 -3.52 5.28
CA ALA A 512 -8.74 -4.11 6.60
C ALA A 512 -9.00 -5.61 6.55
N ARG A 513 -9.41 -6.13 5.40
CA ARG A 513 -9.74 -7.55 5.30
C ARG A 513 -8.50 -8.41 5.58
N LEU A 514 -7.36 -8.04 5.01
CA LEU A 514 -6.15 -8.82 5.19
C LEU A 514 -5.72 -8.87 6.66
N TYR A 515 -5.74 -7.73 7.34
CA TYR A 515 -5.34 -7.68 8.73
C TYR A 515 -6.37 -8.27 9.66
N TYR A 516 -7.64 -8.32 9.24
CA TYR A 516 -8.67 -9.00 10.01
C TYR A 516 -8.73 -10.50 9.70
N ASP A 517 -8.03 -10.95 8.67
CA ASP A 517 -8.00 -12.35 8.29
C ASP A 517 -6.74 -13.06 8.76
N SER A 518 -5.58 -12.46 8.54
CA SER A 518 -4.31 -13.09 8.89
C SER A 518 -4.14 -13.30 10.38
N MET A 519 -4.94 -12.64 11.21
CA MET A 519 -4.87 -12.76 12.66
C MET A 519 -5.97 -13.70 13.12
N SER A 520 -5.57 -14.83 13.71
CA SER A 520 -6.55 -15.76 14.25
C SER A 520 -7.27 -15.17 15.45
N TYR A 521 -8.25 -15.90 15.95
CA TYR A 521 -9.13 -15.40 17.00
C TYR A 521 -8.46 -15.35 18.36
N GLU A 522 -7.18 -15.71 18.47
CA GLU A 522 -6.42 -15.52 19.70
C GLU A 522 -5.36 -14.45 19.59
N ASP A 523 -4.85 -14.19 18.37
CA ASP A 523 -3.93 -13.07 18.19
C ASP A 523 -4.61 -11.76 18.56
N GLN A 524 -5.86 -11.59 18.14
CA GLN A 524 -6.61 -10.38 18.50
C GLN A 524 -6.80 -10.28 20.00
N ASP A 525 -7.12 -11.39 20.67
CA ASP A 525 -7.30 -11.34 22.11
C ASP A 525 -5.98 -11.19 22.84
N ALA A 526 -4.90 -11.80 22.35
CA ALA A 526 -3.59 -11.57 22.95
C ALA A 526 -3.21 -10.11 22.86
N LEU A 527 -3.46 -9.48 21.71
CA LEU A 527 -3.18 -8.06 21.56
C LEU A 527 -4.05 -7.22 22.50
N PHE A 528 -5.37 -7.47 22.49
CA PHE A 528 -6.26 -6.67 23.32
C PHE A 528 -5.98 -6.82 24.81
N ALA A 529 -5.48 -7.97 25.24
CA ALA A 529 -5.03 -8.11 26.63
C ALA A 529 -3.62 -7.60 26.84
N TYR A 530 -2.87 -7.36 25.76
CA TYR A 530 -1.54 -6.77 25.89
C TYR A 530 -1.62 -5.28 26.16
N THR A 531 -2.56 -4.57 25.53
CA THR A 531 -2.68 -3.14 25.69
C THR A 531 -3.34 -2.73 26.99
N LYS A 532 -3.58 -3.66 27.90
CA LYS A 532 -4.03 -3.34 29.26
C LYS A 532 -2.88 -3.22 30.24
N ARG A 533 -1.63 -3.33 29.74
CA ARG A 533 -0.45 -3.08 30.55
C ARG A 533 0.61 -2.32 29.76
N ASN A 534 0.27 -1.76 28.61
CA ASN A 534 1.25 -1.13 27.74
C ASN A 534 0.64 0.10 27.09
N VAL A 535 1.48 0.84 26.36
CA VAL A 535 1.06 2.00 25.58
C VAL A 535 1.59 1.85 24.16
N ILE A 536 0.71 2.03 23.18
CA ILE A 536 1.05 1.90 21.77
C ILE A 536 0.73 3.22 21.08
N PRO A 537 1.72 4.08 20.88
CA PRO A 537 1.49 5.27 20.05
C PRO A 537 1.30 4.88 18.59
N THR A 538 0.46 5.65 17.90
CA THR A 538 0.09 5.35 16.52
C THR A 538 0.18 6.60 15.66
N ILE A 539 0.22 6.39 14.35
CA ILE A 539 0.20 7.46 13.36
C ILE A 539 -1.17 7.48 12.70
N THR A 540 -1.61 8.67 12.33
CA THR A 540 -2.95 8.88 11.79
C THR A 540 -2.88 9.70 10.51
N GLN A 541 -3.47 9.18 9.44
CA GLN A 541 -3.53 9.89 8.17
C GLN A 541 -4.71 10.85 8.16
N MET A 542 -4.62 11.87 7.32
CA MET A 542 -5.70 12.84 7.14
C MET A 542 -6.08 12.88 5.67
N ASN A 543 -7.38 12.85 5.39
CA ASN A 543 -7.89 12.77 4.04
C ASN A 543 -8.97 13.84 3.82
N LEU A 544 -9.12 14.26 2.58
CA LEU A 544 -10.14 15.23 2.21
C LEU A 544 -11.39 14.52 1.70
N LYS A 545 -12.54 15.06 2.05
CA LYS A 545 -13.81 14.52 1.57
C LYS A 545 -14.13 15.07 0.19
N TYR A 546 -14.95 14.33 -0.56
CA TYR A 546 -15.34 14.66 -1.91
C TYR A 546 -16.87 14.57 -1.97
N ALA A 547 -17.54 15.66 -1.58
CA ALA A 547 -18.98 15.62 -1.42
C ALA A 547 -19.56 16.99 -1.72
N ILE A 548 -20.86 17.01 -2.01
CA ILE A 548 -21.60 18.25 -2.26
C ILE A 548 -21.57 19.08 -0.98
N SER A 549 -21.64 20.40 -1.14
CA SER A 549 -21.55 21.29 0.01
C SER A 549 -22.14 22.65 -0.35
N ALA A 550 -22.45 23.43 0.67
CA ALA A 550 -22.97 24.77 0.51
C ALA A 550 -21.96 25.85 0.89
N LYS A 551 -20.73 25.46 1.22
CA LYS A 551 -19.68 26.41 1.55
C LYS A 551 -18.34 25.85 1.10
N ASN A 552 -17.43 26.75 0.73
CA ASN A 552 -16.21 26.37 0.02
C ASN A 552 -15.14 25.76 0.93
N ARG A 553 -15.34 25.76 2.25
CA ARG A 553 -14.35 25.18 3.14
C ARG A 553 -14.28 23.66 2.94
N ALA A 554 -13.06 23.14 2.84
CA ALA A 554 -12.88 21.71 2.66
C ALA A 554 -13.07 20.97 3.99
N ARG A 555 -13.18 19.65 3.89
CA ARG A 555 -13.39 18.80 5.06
C ARG A 555 -12.28 17.77 5.16
N THR A 556 -11.80 17.56 6.38
CA THR A 556 -10.73 16.60 6.65
C THR A 556 -11.21 15.57 7.65
N VAL A 557 -10.85 14.31 7.39
CA VAL A 557 -11.22 13.19 8.25
C VAL A 557 -9.97 12.37 8.53
N ALA A 558 -9.90 11.81 9.73
CA ALA A 558 -8.72 11.11 10.20
C ALA A 558 -8.90 9.61 10.03
N GLY A 559 -8.01 8.99 9.25
CA GLY A 559 -8.03 7.55 9.10
C GLY A 559 -7.08 6.84 10.05
N VAL A 560 -7.63 6.34 11.16
CA VAL A 560 -6.78 5.76 12.20
C VAL A 560 -6.25 4.41 11.75
N SER A 561 -5.11 4.01 12.32
CA SER A 561 -4.51 2.72 12.01
C SER A 561 -5.35 1.59 12.60
N ILE A 562 -5.12 0.39 12.05
CA ILE A 562 -5.95 -0.76 12.44
C ILE A 562 -5.70 -1.14 13.89
N CYS A 563 -4.50 -0.90 14.41
CA CYS A 563 -4.17 -1.31 15.77
C CYS A 563 -4.99 -0.60 16.83
N SER A 564 -5.65 0.51 16.48
CA SER A 564 -6.49 1.21 17.44
C SER A 564 -7.92 0.69 17.42
N THR A 565 -8.53 0.64 16.23
CA THR A 565 -9.90 0.15 16.13
C THR A 565 -10.01 -1.32 16.53
N MET A 566 -9.01 -2.12 16.15
CA MET A 566 -9.07 -3.56 16.41
C MET A 566 -9.23 -3.89 17.88
N THR A 567 -8.81 -3.00 18.78
CA THR A 567 -8.99 -3.18 20.21
C THR A 567 -10.08 -2.30 20.80
N ASN A 568 -10.28 -1.09 20.26
CA ASN A 568 -11.35 -0.24 20.78
C ASN A 568 -12.72 -0.83 20.49
N ARG A 569 -12.87 -1.53 19.37
CA ARG A 569 -14.11 -2.25 19.10
C ARG A 569 -14.38 -3.27 20.19
N GLN A 570 -13.41 -4.13 20.47
CA GLN A 570 -13.61 -5.17 21.49
C GLN A 570 -13.87 -4.54 22.85
N PHE A 571 -13.28 -3.39 23.12
CA PHE A 571 -13.51 -2.73 24.40
C PHE A 571 -14.94 -2.18 24.50
N HIS A 572 -15.41 -1.48 23.47
CA HIS A 572 -16.58 -0.63 23.61
C HIS A 572 -17.84 -1.16 22.94
N GLN A 573 -17.76 -2.24 22.16
CA GLN A 573 -18.84 -2.57 21.24
C GLN A 573 -20.14 -2.92 21.97
N LYS A 574 -20.05 -3.59 23.11
CA LYS A 574 -21.28 -3.95 23.82
C LYS A 574 -22.06 -2.70 24.20
N LEU A 575 -21.38 -1.71 24.78
CA LEU A 575 -22.06 -0.46 25.12
C LEU A 575 -22.54 0.26 23.87
N LEU A 576 -21.71 0.29 22.83
CA LEU A 576 -22.07 1.02 21.62
C LEU A 576 -23.34 0.47 20.99
N LYS A 577 -23.40 -0.85 20.81
CA LYS A 577 -24.58 -1.48 20.24
C LYS A 577 -25.71 -1.63 21.24
N SER A 578 -25.47 -1.37 22.52
CA SER A 578 -26.55 -1.23 23.48
C SER A 578 -27.20 0.13 23.45
N ILE A 579 -26.47 1.16 23.00
CA ILE A 579 -27.09 2.47 22.84
C ILE A 579 -27.85 2.56 21.52
N ALA A 580 -27.30 1.96 20.46
CA ALA A 580 -27.92 2.04 19.14
C ALA A 580 -29.15 1.15 19.00
N ALA A 581 -29.58 0.46 20.06
CA ALA A 581 -30.73 -0.43 19.99
C ALA A 581 -31.68 -0.18 21.14
N THR A 582 -31.73 1.05 21.65
CA THR A 582 -32.65 1.44 22.71
C THR A 582 -33.51 2.59 22.20
N ARG A 583 -34.82 2.49 22.46
CA ARG A 583 -35.79 3.45 21.95
C ARG A 583 -36.45 4.17 23.12
N GLY A 584 -36.64 5.47 22.98
CA GLY A 584 -37.26 6.29 24.00
C GLY A 584 -36.31 6.94 24.97
N ALA A 585 -35.01 6.89 24.73
CA ALA A 585 -34.02 7.43 25.64
C ALA A 585 -33.75 8.91 25.28
N THR A 586 -32.75 9.50 25.91
CA THR A 586 -32.32 10.86 25.57
C THR A 586 -31.52 10.86 24.27
N VAL A 587 -30.45 10.08 24.22
CA VAL A 587 -29.69 9.92 22.98
C VAL A 587 -30.55 9.16 21.97
N VAL A 588 -30.53 9.63 20.72
CA VAL A 588 -31.39 9.04 19.69
C VAL A 588 -30.58 8.54 18.49
N ILE A 589 -29.35 8.06 18.73
CA ILE A 589 -28.64 7.37 17.66
C ILE A 589 -29.31 6.03 17.41
N GLY A 590 -29.60 5.74 16.14
CA GLY A 590 -30.19 4.48 15.78
C GLY A 590 -31.66 4.57 15.40
N THR A 591 -32.43 5.37 16.14
CA THR A 591 -33.85 5.52 15.83
C THR A 591 -34.02 6.18 14.47
N SER A 592 -34.88 5.62 13.64
CA SER A 592 -35.05 6.07 12.27
C SER A 592 -36.28 6.97 12.13
N LYS A 593 -36.23 7.83 11.12
CA LYS A 593 -37.32 8.75 10.84
C LYS A 593 -38.38 8.15 9.91
N PHE A 594 -38.13 6.97 9.35
CA PHE A 594 -39.08 6.32 8.47
C PHE A 594 -40.10 5.54 9.27
N TYR A 595 -41.19 5.17 8.59
CA TYR A 595 -42.27 4.38 9.20
C TYR A 595 -42.77 5.03 10.49
N GLY A 596 -42.91 6.34 10.48
CA GLY A 596 -43.41 7.06 11.62
C GLY A 596 -42.52 7.00 12.85
N GLY A 597 -41.21 7.06 12.67
CA GLY A 597 -40.30 7.09 13.79
C GLY A 597 -39.99 8.50 14.25
N TRP A 598 -39.95 9.44 13.31
CA TRP A 598 -39.68 10.83 13.64
C TRP A 598 -40.74 11.39 14.57
N HIS A 599 -42.00 11.05 14.30
CA HIS A 599 -43.09 11.48 15.17
C HIS A 599 -42.89 10.96 16.59
N ASN A 600 -42.41 9.73 16.73
CA ASN A 600 -42.15 9.19 18.06
C ASN A 600 -41.08 9.98 18.79
N MET A 601 -40.00 10.35 18.10
CA MET A 601 -38.99 11.22 18.71
C MET A 601 -39.62 12.51 19.20
N LEU A 602 -40.35 13.19 18.30
CA LEU A 602 -40.86 14.50 18.63
C LEU A 602 -41.86 14.46 19.76
N LYS A 603 -42.66 13.40 19.85
CA LYS A 603 -43.58 13.29 20.97
C LYS A 603 -42.89 12.80 22.24
N THR A 604 -41.74 12.14 22.11
CA THR A 604 -40.95 11.82 23.29
C THR A 604 -40.41 13.07 23.95
N VAL A 605 -39.89 14.00 23.15
CA VAL A 605 -39.26 15.20 23.71
C VAL A 605 -40.30 16.12 24.34
N TYR A 606 -41.47 16.22 23.76
CA TYR A 606 -42.51 17.09 24.31
C TYR A 606 -43.07 16.58 25.62
N SER A 607 -42.45 15.59 26.25
CA SER A 607 -43.13 14.62 27.09
C SER A 607 -44.21 15.21 28.01
N ASP A 608 -43.82 16.01 29.00
CA ASP A 608 -44.83 16.54 29.90
C ASP A 608 -44.53 17.96 30.37
N VAL A 609 -43.56 18.63 29.74
CA VAL A 609 -43.17 19.95 30.20
C VAL A 609 -44.35 20.92 30.12
N GLU A 610 -44.35 21.91 31.01
CA GLU A 610 -45.56 22.66 31.31
C GLU A 610 -45.89 23.71 30.26
N ASN A 611 -45.01 24.69 30.07
CA ASN A 611 -45.23 25.78 29.12
C ASN A 611 -44.04 25.83 28.17
N PRO A 612 -43.95 24.89 27.24
CA PRO A 612 -42.70 24.68 26.51
C PRO A 612 -42.39 25.78 25.51
N HIS A 613 -41.11 25.86 25.19
CA HIS A 613 -40.58 26.62 24.05
C HIS A 613 -39.34 25.88 23.61
N LEU A 614 -39.21 25.59 22.32
CA LEU A 614 -38.08 24.79 21.88
C LEU A 614 -36.79 25.62 21.87
N MET A 615 -35.67 24.92 21.72
CA MET A 615 -34.36 25.55 21.56
C MET A 615 -33.40 24.56 20.92
N GLY A 616 -32.66 25.00 19.90
CA GLY A 616 -31.69 24.17 19.24
C GLY A 616 -30.36 24.89 19.08
N TRP A 617 -29.36 24.14 18.62
CA TRP A 617 -28.05 24.69 18.35
C TRP A 617 -27.16 23.72 17.60
N ASP A 618 -25.91 24.12 17.39
CA ASP A 618 -24.85 23.29 16.81
C ASP A 618 -23.53 23.96 17.11
N TYR A 619 -22.48 23.17 17.27
CA TYR A 619 -21.27 23.80 17.76
C TYR A 619 -20.35 24.18 16.62
N PRO A 620 -19.80 25.39 16.64
CA PRO A 620 -18.93 25.84 15.54
C PRO A 620 -17.61 25.11 15.53
N LYS A 621 -17.41 24.22 14.55
CA LYS A 621 -16.19 23.43 14.43
C LYS A 621 -15.94 22.65 15.71
N CYS A 622 -16.83 21.71 16.02
CA CYS A 622 -16.81 20.99 17.29
C CYS A 622 -15.54 20.19 17.52
N ASP A 623 -14.99 19.54 16.49
CA ASP A 623 -13.94 18.57 16.70
C ASP A 623 -12.60 19.19 17.08
N ARG A 624 -12.32 20.41 16.62
CA ARG A 624 -11.03 21.04 16.89
C ARG A 624 -11.06 21.99 18.07
N ALA A 625 -12.19 22.62 18.35
CA ALA A 625 -12.29 23.55 19.48
C ALA A 625 -12.46 22.84 20.81
N MET A 626 -12.75 21.54 20.81
CA MET A 626 -13.03 20.83 22.05
C MET A 626 -11.77 20.69 22.89
N PRO A 627 -11.81 21.03 24.18
CA PRO A 627 -10.61 20.90 25.01
C PRO A 627 -10.24 19.45 25.26
N ASN A 628 -9.19 19.22 26.05
CA ASN A 628 -8.73 17.88 26.34
C ASN A 628 -9.32 17.29 27.60
N MET A 629 -9.74 18.13 28.56
CA MET A 629 -10.38 17.62 29.77
C MET A 629 -11.73 17.00 29.47
N LEU A 630 -12.53 17.64 28.62
CA LEU A 630 -13.85 17.12 28.32
C LEU A 630 -13.78 15.82 27.54
N ARG A 631 -12.78 15.66 26.66
CA ARG A 631 -12.59 14.39 25.97
C ARG A 631 -12.23 13.28 26.97
N ILE A 632 -11.34 13.58 27.92
CA ILE A 632 -10.98 12.59 28.92
C ILE A 632 -12.19 12.21 29.76
N MET A 633 -12.99 13.21 30.15
CA MET A 633 -14.19 12.93 30.92
C MET A 633 -15.15 12.06 30.12
N ALA A 634 -15.29 12.34 28.83
CA ALA A 634 -16.19 11.53 28.00
C ALA A 634 -15.72 10.09 27.94
N SER A 635 -14.41 9.89 27.74
CA SER A 635 -13.90 8.52 27.71
C SER A 635 -14.09 7.83 29.07
N LEU A 636 -13.95 8.57 30.17
CA LEU A 636 -14.14 7.97 31.49
C LEU A 636 -15.59 7.59 31.73
N VAL A 637 -16.53 8.44 31.31
CA VAL A 637 -17.94 8.12 31.43
C VAL A 637 -18.29 6.93 30.56
N LEU A 638 -17.67 6.81 29.39
CA LEU A 638 -17.88 5.62 28.56
C LEU A 638 -17.28 4.36 29.19
N ALA A 639 -16.17 4.48 29.90
CA ALA A 639 -15.51 3.33 30.49
C ALA A 639 -15.95 3.06 31.93
N ARG A 640 -16.92 3.81 32.43
CA ARG A 640 -17.39 3.67 33.81
C ARG A 640 -18.21 2.40 34.03
N LYS A 641 -18.35 1.51 33.04
CA LYS A 641 -19.18 0.33 33.20
C LYS A 641 -18.41 -0.97 33.36
N HIS A 642 -17.10 -0.96 33.11
CA HIS A 642 -16.30 -2.16 33.28
C HIS A 642 -15.94 -2.36 34.75
N THR A 643 -16.94 -2.38 35.62
CA THR A 643 -16.67 -2.53 37.05
C THR A 643 -16.27 -3.95 37.41
N THR A 644 -16.42 -4.91 36.50
CA THR A 644 -16.16 -6.30 36.82
C THR A 644 -15.18 -6.96 35.87
N CYS A 645 -15.20 -6.62 34.58
CA CYS A 645 -14.33 -7.31 33.63
C CYS A 645 -12.88 -6.83 33.72
N CYS A 646 -12.66 -5.56 34.05
CA CYS A 646 -11.33 -5.00 34.18
C CYS A 646 -11.14 -4.47 35.59
N SER A 647 -9.92 -4.61 36.12
CA SER A 647 -9.79 -4.35 37.55
C SER A 647 -9.64 -2.88 37.91
N LEU A 648 -8.43 -2.32 37.79
CA LEU A 648 -8.28 -0.87 37.76
C LEU A 648 -7.16 -0.44 36.82
N SER A 649 -6.02 -1.13 36.92
CA SER A 649 -4.84 -0.72 36.15
C SER A 649 -5.04 -1.02 34.68
N HIS A 650 -5.79 -2.08 34.38
CA HIS A 650 -6.19 -2.34 33.00
C HIS A 650 -6.97 -1.16 32.45
N ARG A 651 -7.91 -0.64 33.24
CA ARG A 651 -8.70 0.51 32.80
C ARG A 651 -7.84 1.76 32.62
N PHE A 652 -6.92 2.03 33.54
CA PHE A 652 -6.08 3.21 33.39
C PHE A 652 -5.18 3.09 32.17
N TYR A 653 -4.59 1.92 31.93
CA TYR A 653 -3.75 1.78 30.77
C TYR A 653 -4.55 1.81 29.48
N ARG A 654 -5.80 1.36 29.50
CA ARG A 654 -6.64 1.50 28.31
C ARG A 654 -6.98 2.97 28.05
N LEU A 655 -7.25 3.73 29.10
CA LEU A 655 -7.45 5.17 28.94
C LEU A 655 -6.21 5.84 28.38
N ALA A 656 -5.04 5.45 28.89
CA ALA A 656 -3.79 6.00 28.39
C ALA A 656 -3.59 5.65 26.91
N ASN A 657 -3.94 4.44 26.51
CA ASN A 657 -3.85 4.08 25.09
C ASN A 657 -4.79 4.92 24.25
N GLU A 658 -6.01 5.15 24.74
CA GLU A 658 -6.96 6.01 24.02
C GLU A 658 -6.40 7.41 23.84
N CYS A 659 -5.87 7.99 24.92
CA CYS A 659 -5.35 9.35 24.83
C CYS A 659 -4.08 9.42 24.00
N ALA A 660 -3.31 8.33 23.94
CA ALA A 660 -2.13 8.29 23.10
C ALA A 660 -2.47 7.99 21.65
N GLN A 661 -3.71 7.59 21.37
CA GLN A 661 -4.09 7.29 20.00
C GLN A 661 -4.94 8.38 19.34
N VAL A 662 -5.85 9.01 20.06
CA VAL A 662 -6.79 9.93 19.43
C VAL A 662 -6.88 11.28 20.15
N LEU A 663 -5.85 11.66 20.89
CA LEU A 663 -5.86 12.98 21.50
C LEU A 663 -4.55 13.72 21.30
N SER A 664 -3.45 12.99 21.14
CA SER A 664 -2.17 13.65 20.91
C SER A 664 -1.29 12.92 19.89
N GLU A 665 -1.86 12.11 19.00
CA GLU A 665 -1.07 11.28 18.10
C GLU A 665 -0.34 12.15 17.08
N MET A 666 0.53 11.52 16.31
CA MET A 666 1.38 12.20 15.34
C MET A 666 0.70 12.15 13.98
N VAL A 667 -0.06 13.20 13.68
CA VAL A 667 -0.77 13.29 12.41
C VAL A 667 0.21 13.36 11.25
N MET A 668 0.00 12.50 10.25
CA MET A 668 0.81 12.47 9.05
C MET A 668 0.09 13.21 7.94
N CYS A 669 0.05 14.54 8.04
CA CYS A 669 -0.62 15.38 7.04
C CYS A 669 0.31 15.56 5.85
N GLY A 670 -0.10 15.06 4.69
CA GLY A 670 0.68 15.21 3.48
C GLY A 670 1.73 14.12 3.32
N GLY A 671 2.98 14.45 3.61
CA GLY A 671 4.07 13.49 3.53
C GLY A 671 5.05 13.65 4.66
N SER A 672 4.58 14.14 5.81
CA SER A 672 5.46 14.47 6.91
C SER A 672 4.66 14.43 8.22
N LEU A 673 5.27 13.86 9.25
CA LEU A 673 4.61 13.79 10.56
C LEU A 673 4.45 15.17 11.16
N TYR A 674 3.30 15.41 11.77
CA TYR A 674 3.04 16.59 12.55
C TYR A 674 2.68 16.17 13.98
N VAL A 675 2.25 17.12 14.79
CA VAL A 675 1.77 16.85 16.13
C VAL A 675 0.39 17.48 16.28
N LYS A 676 -0.61 16.66 16.55
CA LYS A 676 -1.93 17.19 16.83
C LYS A 676 -1.99 17.69 18.27
N PRO A 677 -2.32 18.95 18.49
CA PRO A 677 -2.34 19.47 19.87
C PRO A 677 -3.43 18.84 20.72
N GLY A 678 -4.65 18.82 20.22
CA GLY A 678 -5.76 18.30 20.97
C GLY A 678 -7.00 18.16 20.10
N GLY A 679 -8.15 18.12 20.76
CA GLY A 679 -9.41 17.95 20.06
C GLY A 679 -9.63 16.52 19.63
N THR A 680 -10.86 16.16 19.28
CA THR A 680 -11.15 14.79 18.91
C THR A 680 -10.73 14.51 17.47
N SER A 681 -10.30 13.27 17.23
CA SER A 681 -10.09 12.78 15.89
C SER A 681 -11.41 12.20 15.39
N SER A 682 -11.90 12.72 14.27
CA SER A 682 -13.25 12.45 13.81
C SER A 682 -13.43 11.07 13.20
N GLY A 683 -12.35 10.31 12.99
CA GLY A 683 -12.48 9.03 12.34
C GLY A 683 -12.09 7.83 13.16
N ASP A 684 -12.21 7.93 14.49
CA ASP A 684 -11.93 6.78 15.34
C ASP A 684 -13.25 6.09 15.69
N ALA A 685 -13.21 5.13 16.62
CA ALA A 685 -14.35 4.24 16.84
C ALA A 685 -15.53 4.94 17.52
N THR A 686 -15.28 5.91 18.38
CA THR A 686 -16.34 6.39 19.28
C THR A 686 -16.52 7.91 19.22
N THR A 687 -16.40 8.51 18.04
CA THR A 687 -16.71 9.95 17.93
C THR A 687 -18.17 10.22 18.26
N ALA A 688 -19.07 9.50 17.59
CA ALA A 688 -20.49 9.84 17.61
C ALA A 688 -21.10 9.74 18.99
N TYR A 689 -20.45 9.06 19.93
CA TYR A 689 -20.94 8.93 21.29
C TYR A 689 -20.22 9.85 22.26
N ALA A 690 -18.91 10.06 22.07
CA ALA A 690 -18.19 11.03 22.89
C ALA A 690 -18.74 12.43 22.67
N ASN A 691 -19.11 12.76 21.42
CA ASN A 691 -19.72 14.05 21.16
C ASN A 691 -21.02 14.22 21.94
N SER A 692 -21.83 13.16 22.01
CA SER A 692 -23.07 13.22 22.77
C SER A 692 -22.81 13.43 24.25
N VAL A 693 -21.83 12.70 24.80
CA VAL A 693 -21.51 12.85 26.23
C VAL A 693 -21.08 14.28 26.52
N PHE A 694 -20.21 14.83 25.67
CA PHE A 694 -19.74 16.20 25.87
C PHE A 694 -20.88 17.20 25.74
N ASN A 695 -21.81 16.96 24.81
CA ASN A 695 -22.97 17.84 24.66
C ASN A 695 -23.83 17.83 25.92
N ILE A 696 -24.08 16.64 26.48
CA ILE A 696 -24.86 16.60 27.72
C ILE A 696 -24.12 17.29 28.84
N CYS A 697 -22.79 17.17 28.87
CA CYS A 697 -22.01 17.91 29.86
C CYS A 697 -22.22 19.41 29.73
N GLN A 698 -22.19 19.93 28.50
CA GLN A 698 -22.42 21.35 28.30
C GLN A 698 -23.81 21.75 28.78
N ALA A 699 -24.81 20.91 28.52
CA ALA A 699 -26.17 21.21 28.96
C ALA A 699 -26.25 21.29 30.48
N VAL A 700 -25.68 20.29 31.17
CA VAL A 700 -25.75 20.28 32.62
C VAL A 700 -24.95 21.43 33.22
N THR A 701 -23.82 21.77 32.60
CA THR A 701 -23.02 22.91 33.06
C THR A 701 -23.82 24.20 32.95
N ALA A 702 -24.52 24.39 31.83
CA ALA A 702 -25.35 25.58 31.68
C ALA A 702 -26.45 25.62 32.73
N ASN A 703 -27.07 24.47 33.01
CA ASN A 703 -28.12 24.44 34.03
C ASN A 703 -27.57 24.81 35.40
N VAL A 704 -26.40 24.27 35.76
CA VAL A 704 -25.80 24.58 37.06
C VAL A 704 -25.46 26.07 37.15
N ASN A 705 -24.86 26.60 36.08
CA ASN A 705 -24.47 28.01 36.09
C ASN A 705 -25.69 28.92 36.19
N ALA A 706 -26.77 28.57 35.50
CA ALA A 706 -27.97 29.38 35.55
C ALA A 706 -28.72 29.27 36.87
N LEU A 707 -28.63 28.12 37.55
CA LEU A 707 -29.32 27.99 38.82
C LEU A 707 -28.55 28.59 39.99
N LEU A 708 -27.22 28.43 40.00
CA LEU A 708 -26.42 29.03 41.06
C LEU A 708 -26.45 30.55 40.98
N SER A 709 -26.08 31.10 39.82
CA SER A 709 -25.92 32.54 39.67
C SER A 709 -27.26 33.25 39.60
N THR A 710 -28.02 33.24 40.69
CA THR A 710 -29.32 33.91 40.72
C THR A 710 -29.52 34.49 42.11
N ASP A 711 -30.05 35.70 42.16
CA ASP A 711 -30.37 36.35 43.43
C ASP A 711 -31.36 35.50 44.20
N GLY A 712 -30.91 34.89 45.30
CA GLY A 712 -31.71 33.90 46.00
C GLY A 712 -32.83 34.47 46.83
N ASN A 713 -32.83 35.78 47.11
CA ASN A 713 -33.93 36.39 47.83
C ASN A 713 -35.11 36.69 46.92
N LYS A 714 -34.96 36.53 45.62
CA LYS A 714 -36.03 36.83 44.68
C LYS A 714 -36.86 35.62 44.30
N ILE A 715 -36.33 34.42 44.50
CA ILE A 715 -37.05 33.20 44.13
C ILE A 715 -38.18 32.98 45.13
N ALA A 716 -39.39 32.74 44.62
CA ALA A 716 -40.57 32.55 45.45
C ALA A 716 -40.96 31.10 45.65
N ASP A 717 -40.60 30.20 44.74
CA ASP A 717 -40.92 28.79 44.92
C ASP A 717 -40.01 28.25 46.01
N LYS A 718 -40.59 27.91 47.16
CA LYS A 718 -39.82 27.54 48.34
C LYS A 718 -39.01 26.26 48.11
N TYR A 719 -39.27 25.56 47.00
CA TYR A 719 -38.56 24.32 46.74
C TYR A 719 -37.28 24.49 45.93
N VAL A 720 -37.25 25.35 44.89
CA VAL A 720 -35.99 25.52 44.18
C VAL A 720 -34.97 26.34 44.99
N ARG A 721 -35.40 27.10 45.98
CA ARG A 721 -34.43 27.73 46.88
C ARG A 721 -33.62 26.68 47.62
N ASN A 722 -34.30 25.64 48.12
CA ASN A 722 -33.61 24.54 48.77
C ASN A 722 -32.73 23.79 47.80
N LEU A 723 -33.17 23.64 46.55
CA LEU A 723 -32.32 23.04 45.54
C LEU A 723 -31.06 23.87 45.33
N GLN A 724 -31.20 25.19 45.29
CA GLN A 724 -30.03 26.07 45.15
C GLN A 724 -29.07 25.90 46.32
N HIS A 725 -29.62 25.93 47.54
CA HIS A 725 -28.79 25.83 48.74
C HIS A 725 -28.02 24.52 48.77
N ARG A 726 -28.74 23.39 48.65
CA ARG A 726 -28.07 22.11 48.69
C ARG A 726 -27.20 21.89 47.45
N LEU A 727 -27.50 22.57 46.35
CA LEU A 727 -26.65 22.47 45.17
C LEU A 727 -25.29 23.08 45.43
N TYR A 728 -25.27 24.29 45.98
CA TYR A 728 -23.98 24.88 46.34
C TYR A 728 -23.27 24.06 47.40
N GLU A 729 -24.02 23.57 48.39
CA GLU A 729 -23.45 22.72 49.44
C GLU A 729 -22.73 21.53 48.85
N CYS A 730 -23.44 20.70 48.08
CA CYS A 730 -22.84 19.52 47.48
C CYS A 730 -21.79 19.87 46.44
N LEU A 731 -21.87 21.06 45.86
CA LEU A 731 -20.92 21.43 44.82
C LEU A 731 -19.55 21.74 45.41
N TYR A 732 -19.50 22.70 46.32
CA TYR A 732 -18.21 23.17 46.82
C TYR A 732 -17.86 22.63 48.19
N ARG A 733 -18.75 22.77 49.18
CA ARG A 733 -18.48 22.33 50.53
C ARG A 733 -18.08 20.86 50.59
N ASN A 734 -18.97 19.97 50.17
CA ASN A 734 -18.74 18.54 50.32
C ASN A 734 -17.64 18.02 49.40
N ARG A 735 -17.30 16.74 49.57
CA ARG A 735 -16.16 16.12 48.91
C ARG A 735 -16.50 14.82 48.19
N ASP A 736 -17.52 14.09 48.63
CA ASP A 736 -17.91 12.81 48.05
C ASP A 736 -19.32 12.91 47.47
N VAL A 737 -19.74 11.84 46.80
CA VAL A 737 -21.00 11.80 46.07
C VAL A 737 -22.17 11.91 47.05
N ASP A 738 -23.30 12.41 46.56
CA ASP A 738 -24.52 12.61 47.34
C ASP A 738 -25.70 12.07 46.55
N THR A 739 -25.58 10.80 46.12
CA THR A 739 -26.49 10.21 45.14
C THR A 739 -27.96 10.49 45.40
N ASP A 740 -28.34 10.75 46.65
CA ASP A 740 -29.69 11.26 46.91
C ASP A 740 -29.91 12.57 46.14
N PHE A 741 -29.01 13.52 46.31
CA PHE A 741 -29.22 14.80 45.63
C PHE A 741 -28.93 14.71 44.14
N VAL A 742 -28.05 13.82 43.71
CA VAL A 742 -27.87 13.63 42.28
C VAL A 742 -29.15 13.11 41.65
N ASN A 743 -29.81 12.15 42.30
CA ASN A 743 -31.10 11.67 41.82
C ASN A 743 -32.12 12.79 41.80
N GLU A 744 -32.15 13.62 42.86
CA GLU A 744 -33.09 14.72 42.92
C GLU A 744 -32.88 15.70 41.77
N PHE A 745 -31.62 16.07 41.50
CA PHE A 745 -31.34 17.02 40.45
C PHE A 745 -31.66 16.44 39.08
N TYR A 746 -31.36 15.16 38.87
CA TYR A 746 -31.68 14.51 37.61
C TYR A 746 -33.18 14.52 37.38
N ALA A 747 -33.95 14.25 38.43
CA ALA A 747 -35.41 14.29 38.31
C ALA A 747 -35.88 15.70 37.94
N TYR A 748 -35.34 16.72 38.61
CA TYR A 748 -35.71 18.09 38.30
C TYR A 748 -35.41 18.43 36.84
N LEU A 749 -34.21 18.06 36.38
CA LEU A 749 -33.80 18.33 35.02
C LEU A 749 -34.70 17.66 34.00
N ARG A 750 -34.91 16.35 34.15
CA ARG A 750 -35.70 15.62 33.16
C ARG A 750 -37.15 16.05 33.21
N LYS A 751 -37.56 16.68 34.32
CA LYS A 751 -38.90 17.23 34.40
C LYS A 751 -39.02 18.61 33.78
N HIS A 752 -37.93 19.38 33.70
CA HIS A 752 -38.04 20.74 33.18
C HIS A 752 -37.10 21.00 32.00
N PHE A 753 -36.33 20.01 31.56
CA PHE A 753 -35.39 20.26 30.48
C PHE A 753 -35.27 19.13 29.47
N SER A 754 -36.39 18.62 28.95
CA SER A 754 -36.33 17.45 28.08
C SER A 754 -35.42 17.70 26.89
N MET A 755 -34.73 16.64 26.45
CA MET A 755 -33.61 16.80 25.55
C MET A 755 -33.64 15.70 24.49
N MET A 756 -32.95 15.95 23.38
CA MET A 756 -32.75 14.96 22.32
C MET A 756 -31.38 15.19 21.70
N ILE A 757 -30.56 14.14 21.62
CA ILE A 757 -29.15 14.29 21.31
C ILE A 757 -28.74 13.40 20.15
N LEU A 758 -27.85 13.93 19.32
CA LEU A 758 -27.04 13.12 18.41
C LEU A 758 -25.62 13.66 18.58
N SER A 759 -24.71 13.31 17.67
CA SER A 759 -23.35 13.78 17.83
C SER A 759 -23.29 15.28 17.57
N ASP A 760 -23.57 16.06 18.62
CA ASP A 760 -23.50 17.53 18.72
C ASP A 760 -24.70 18.26 18.11
N ASP A 761 -25.66 17.54 17.54
CA ASP A 761 -26.88 18.16 17.02
C ASP A 761 -28.00 17.90 18.02
N ALA A 762 -28.39 18.95 18.75
CA ALA A 762 -29.24 18.82 19.93
C ALA A 762 -30.58 19.51 19.70
N VAL A 763 -31.56 19.09 20.49
CA VAL A 763 -32.85 19.77 20.58
C VAL A 763 -33.27 19.76 22.05
N VAL A 764 -33.78 20.90 22.52
CA VAL A 764 -34.11 21.06 23.94
C VAL A 764 -35.51 21.64 24.05
N CYS A 765 -36.39 20.96 24.76
CA CYS A 765 -37.71 21.47 25.07
C CYS A 765 -37.73 21.77 26.57
N PHE A 766 -38.01 23.01 26.92
CA PHE A 766 -37.91 23.48 28.30
C PHE A 766 -39.17 24.20 28.72
N ASN A 767 -39.48 24.12 30.01
CA ASN A 767 -40.48 25.01 30.58
C ASN A 767 -39.98 26.44 30.45
N SER A 768 -40.86 27.33 30.00
CA SER A 768 -40.48 28.70 29.70
C SER A 768 -40.68 29.67 30.85
N THR A 769 -41.74 29.52 31.64
CA THR A 769 -41.94 30.41 32.77
C THR A 769 -40.92 30.18 33.88
N TYR A 770 -39.91 29.35 33.64
CA TYR A 770 -38.76 29.22 34.52
C TYR A 770 -37.52 29.86 33.90
N ALA A 771 -37.21 29.49 32.65
CA ALA A 771 -36.05 30.05 31.98
C ALA A 771 -36.11 31.57 31.88
N SER A 772 -37.31 32.15 31.87
CA SER A 772 -37.46 33.59 31.95
C SER A 772 -37.05 34.14 33.31
N GLN A 773 -36.96 33.30 34.34
CA GLN A 773 -36.52 33.72 35.65
C GLN A 773 -35.14 33.16 35.99
N GLY A 774 -34.49 32.51 35.03
CA GLY A 774 -33.16 31.96 35.27
C GLY A 774 -33.14 30.77 36.20
N LEU A 775 -34.25 30.02 36.29
CA LEU A 775 -34.29 28.81 37.09
C LEU A 775 -33.77 27.60 36.32
N VAL A 776 -33.65 27.71 35.01
CA VAL A 776 -33.05 26.68 34.16
C VAL A 776 -32.21 27.38 33.10
N ALA A 777 -31.64 26.59 32.20
CA ALA A 777 -30.80 27.17 31.16
C ALA A 777 -31.62 28.05 30.22
N SER A 778 -30.91 28.86 29.44
CA SER A 778 -31.49 29.65 28.36
C SER A 778 -30.52 29.56 27.19
N ILE A 779 -30.65 30.44 26.19
CA ILE A 779 -29.72 30.43 25.08
C ILE A 779 -28.50 31.32 25.30
N LYS A 780 -28.57 32.32 26.19
CA LYS A 780 -27.37 33.07 26.53
C LYS A 780 -26.42 32.26 27.40
N ASN A 781 -26.97 31.34 28.20
CA ASN A 781 -26.14 30.59 29.13
C ASN A 781 -25.20 29.64 28.39
N PHE A 782 -25.69 29.01 27.32
CA PHE A 782 -24.79 28.21 26.49
C PHE A 782 -23.72 29.08 25.85
N LYS A 783 -24.06 30.32 25.48
CA LYS A 783 -23.05 31.23 24.97
C LYS A 783 -21.95 31.47 25.99
N SER A 784 -22.34 31.78 27.23
CA SER A 784 -21.36 32.05 28.28
C SER A 784 -20.50 30.83 28.55
N VAL A 785 -21.12 29.66 28.63
CA VAL A 785 -20.39 28.44 28.95
C VAL A 785 -19.42 28.08 27.83
N LEU A 786 -19.88 28.14 26.59
CA LEU A 786 -18.99 27.90 25.45
C LEU A 786 -17.84 28.89 25.48
N TYR A 787 -18.11 30.15 25.78
CA TYR A 787 -17.09 31.18 25.85
C TYR A 787 -15.99 30.80 26.83
N TYR A 788 -16.35 30.61 28.10
CA TYR A 788 -15.30 30.45 29.10
C TYR A 788 -14.79 29.03 29.23
N GLN A 789 -15.40 28.05 28.57
CA GLN A 789 -14.92 26.68 28.68
C GLN A 789 -14.48 26.07 27.35
N ASN A 790 -15.31 26.16 26.32
CA ASN A 790 -14.95 25.66 24.99
C ASN A 790 -14.08 26.66 24.23
N ASN A 791 -14.03 27.91 24.69
CA ASN A 791 -13.19 28.95 24.09
C ASN A 791 -13.61 29.27 22.66
N VAL A 792 -14.92 29.38 22.43
CA VAL A 792 -15.47 29.85 21.16
C VAL A 792 -16.66 30.74 21.47
N PHE A 793 -17.02 31.58 20.51
CA PHE A 793 -18.15 32.48 20.65
C PHE A 793 -19.33 31.92 19.86
N MET A 794 -20.45 31.72 20.54
CA MET A 794 -21.66 31.18 19.91
C MET A 794 -22.43 32.33 19.30
N SER A 795 -22.19 32.60 18.02
CA SER A 795 -22.91 33.63 17.31
C SER A 795 -24.40 33.29 17.27
N GLU A 796 -25.25 34.26 17.60
CA GLU A 796 -26.67 33.99 17.67
C GLU A 796 -27.29 34.02 16.27
N ALA A 797 -26.68 33.26 15.35
CA ALA A 797 -27.23 33.01 14.04
C ALA A 797 -27.10 31.53 13.67
N LYS A 798 -26.56 30.72 14.58
CA LYS A 798 -26.51 29.28 14.42
C LYS A 798 -27.44 28.56 15.40
N CYS A 799 -27.87 29.23 16.47
CA CYS A 799 -28.81 28.66 17.43
C CYS A 799 -30.13 29.41 17.31
N TRP A 800 -31.20 28.68 17.06
CA TRP A 800 -32.52 29.27 16.88
C TRP A 800 -33.33 29.10 18.17
N THR A 801 -34.60 29.51 18.11
CA THR A 801 -35.52 29.31 19.21
C THR A 801 -36.95 29.42 18.72
N GLU A 802 -37.76 28.41 19.01
CA GLU A 802 -39.13 28.36 18.57
C GLU A 802 -40.09 28.49 19.73
N THR A 803 -41.31 28.93 19.40
CA THR A 803 -42.29 29.16 20.44
C THR A 803 -43.65 28.51 20.20
N ASP A 804 -43.92 27.96 19.03
CA ASP A 804 -45.19 27.28 18.75
C ASP A 804 -44.86 25.84 18.36
N LEU A 805 -45.05 24.92 19.31
CA LEU A 805 -44.67 23.53 19.09
C LEU A 805 -45.49 22.85 18.00
N THR A 806 -46.61 23.46 17.61
CA THR A 806 -47.39 22.92 16.50
C THR A 806 -46.52 22.73 15.26
N LYS A 807 -45.59 23.64 15.03
CA LYS A 807 -44.48 23.42 14.11
C LYS A 807 -43.30 22.92 14.93
N GLY A 808 -42.70 21.81 14.50
CA GLY A 808 -41.60 21.22 15.23
C GLY A 808 -40.34 22.06 15.12
N PRO A 809 -39.19 21.46 15.40
CA PRO A 809 -37.94 22.23 15.42
C PRO A 809 -37.68 22.90 14.08
N HIS A 810 -37.12 24.12 14.15
CA HIS A 810 -36.79 24.86 12.93
C HIS A 810 -35.83 24.08 12.06
N GLU A 811 -34.93 23.33 12.68
CA GLU A 811 -34.05 22.44 11.94
C GLU A 811 -33.39 21.46 12.90
N PHE A 812 -33.44 20.18 12.55
CA PHE A 812 -32.76 19.14 13.31
C PHE A 812 -32.23 18.13 12.32
N CYS A 813 -30.94 17.82 12.40
CA CYS A 813 -30.27 16.95 11.45
C CYS A 813 -30.42 17.45 10.02
N SER A 814 -30.59 18.76 9.86
CA SER A 814 -30.76 19.41 8.55
C SER A 814 -32.02 18.94 7.84
N GLN A 815 -33.11 18.78 8.60
CA GLN A 815 -34.41 18.45 8.02
C GLN A 815 -35.47 19.28 8.73
N HIS A 816 -36.34 19.94 7.96
CA HIS A 816 -37.40 20.72 8.58
C HIS A 816 -38.59 19.82 8.90
N THR A 817 -39.45 20.28 9.81
CA THR A 817 -40.54 19.47 10.33
C THR A 817 -41.88 20.08 9.95
N MET A 818 -42.76 19.27 9.36
CA MET A 818 -44.08 19.74 8.98
C MET A 818 -45.16 18.82 9.56
N LEU A 819 -46.23 19.44 10.05
CA LEU A 819 -47.35 18.74 10.65
C LEU A 819 -48.46 18.61 9.60
N VAL A 820 -48.60 17.41 9.04
CA VAL A 820 -49.55 17.19 7.97
C VAL A 820 -50.60 16.18 8.44
N LYS A 821 -51.62 16.00 7.61
CA LYS A 821 -52.68 15.02 7.85
C LYS A 821 -52.33 13.71 7.18
N GLN A 822 -52.16 12.66 7.98
CA GLN A 822 -51.95 11.30 7.48
C GLN A 822 -53.14 10.47 7.94
N GLY A 823 -53.82 9.82 6.99
CA GLY A 823 -54.99 9.04 7.31
C GLY A 823 -56.05 9.88 7.98
N ASP A 824 -56.20 9.69 9.29
CA ASP A 824 -57.12 10.46 10.10
C ASP A 824 -56.41 11.43 11.04
N ASP A 825 -55.16 11.18 11.41
CA ASP A 825 -54.47 11.93 12.45
C ASP A 825 -53.43 12.86 11.82
N TYR A 826 -52.65 13.51 12.68
CA TYR A 826 -51.65 14.48 12.27
C TYR A 826 -50.26 13.97 12.65
N VAL A 827 -49.34 14.02 11.69
CA VAL A 827 -48.00 13.47 11.86
C VAL A 827 -46.98 14.56 11.51
N TYR A 828 -45.75 14.32 11.96
CA TYR A 828 -44.61 15.19 11.67
C TYR A 828 -43.70 14.51 10.67
N LEU A 829 -43.49 15.14 9.54
CA LEU A 829 -42.53 14.60 8.59
C LEU A 829 -41.34 15.52 8.43
N PRO A 830 -40.16 14.95 8.26
CA PRO A 830 -38.98 15.75 7.91
C PRO A 830 -38.85 15.94 6.42
N TYR A 831 -38.94 17.16 5.97
CA TYR A 831 -38.61 17.37 4.56
C TYR A 831 -37.25 18.02 4.42
N PRO A 832 -36.53 17.70 3.35
CA PRO A 832 -35.17 18.23 3.17
C PRO A 832 -35.18 19.61 2.54
N ASP A 833 -33.98 20.12 2.23
CA ASP A 833 -33.85 21.38 1.53
C ASP A 833 -33.89 21.12 0.03
N PRO A 834 -34.88 21.66 -0.70
CA PRO A 834 -35.06 21.27 -2.11
C PRO A 834 -33.83 21.49 -2.98
N SER A 835 -33.08 22.56 -2.71
CA SER A 835 -31.84 22.80 -3.45
C SER A 835 -30.88 21.64 -3.28
N ARG A 836 -30.84 21.04 -2.09
CA ARG A 836 -29.98 19.87 -1.87
C ARG A 836 -30.38 18.72 -2.79
N ILE A 837 -31.68 18.46 -2.92
CA ILE A 837 -32.15 17.36 -3.75
C ILE A 837 -31.82 17.63 -5.22
N LEU A 838 -32.09 18.86 -5.68
CA LEU A 838 -31.81 19.17 -7.08
C LEU A 838 -30.32 19.14 -7.38
N GLY A 839 -29.49 19.63 -6.45
CA GLY A 839 -28.06 19.55 -6.61
C GLY A 839 -27.53 18.14 -6.64
N ALA A 840 -28.10 17.24 -5.84
CA ALA A 840 -27.76 15.83 -5.95
C ALA A 840 -28.20 15.26 -7.29
N GLY A 841 -29.32 15.74 -7.82
CA GLY A 841 -29.75 15.28 -9.13
C GLY A 841 -28.78 15.68 -10.23
N CYS A 842 -28.32 16.93 -10.21
CA CYS A 842 -27.53 17.45 -11.33
C CYS A 842 -26.06 17.09 -11.22
N PHE A 843 -25.45 17.28 -10.05
CA PHE A 843 -24.00 17.20 -9.91
C PHE A 843 -23.56 15.86 -9.33
N VAL A 844 -22.71 15.16 -10.09
CA VAL A 844 -22.29 13.80 -9.74
C VAL A 844 -20.80 13.61 -10.01
N ASP A 845 -20.29 12.47 -9.60
CA ASP A 845 -18.90 12.17 -9.79
C ASP A 845 -18.89 11.12 -10.84
N ASP A 846 -17.71 10.61 -11.12
CA ASP A 846 -17.53 9.64 -12.17
C ASP A 846 -18.24 10.04 -13.42
N ILE A 847 -18.46 9.06 -14.26
CA ILE A 847 -19.07 9.36 -15.52
C ILE A 847 -20.23 8.41 -15.61
N VAL A 848 -20.21 7.35 -14.83
CA VAL A 848 -21.32 6.45 -14.80
C VAL A 848 -22.60 7.22 -14.65
N LYS A 849 -22.65 8.12 -13.70
CA LYS A 849 -23.89 8.84 -13.44
C LYS A 849 -24.28 10.05 -14.29
N THR A 850 -23.77 10.22 -15.51
CA THR A 850 -24.24 11.31 -16.37
C THR A 850 -25.31 10.70 -17.23
N ASP A 851 -25.55 9.41 -17.09
CA ASP A 851 -26.50 8.60 -17.84
C ASP A 851 -27.40 7.90 -16.83
N GLY A 852 -28.68 8.26 -16.84
CA GLY A 852 -29.59 7.74 -15.83
C GLY A 852 -29.81 6.25 -15.93
N THR A 853 -29.77 5.71 -17.16
CA THR A 853 -30.13 4.32 -17.39
C THR A 853 -29.29 3.37 -16.56
N LEU A 854 -27.98 3.63 -16.50
CA LEU A 854 -27.09 2.77 -15.74
C LEU A 854 -27.43 2.74 -14.25
N MET A 855 -28.08 3.78 -13.71
CA MET A 855 -28.29 3.87 -12.28
C MET A 855 -29.75 3.77 -11.87
N ILE A 856 -30.61 4.69 -12.29
CA ILE A 856 -32.03 4.64 -11.94
C ILE A 856 -32.26 4.59 -10.43
N GLU A 857 -31.65 3.60 -9.75
CA GLU A 857 -31.90 3.40 -8.32
C GLU A 857 -31.64 4.64 -7.49
N ARG A 858 -30.63 5.43 -7.83
CA ARG A 858 -30.38 6.65 -7.07
C ARG A 858 -31.53 7.63 -7.19
N PHE A 859 -32.15 7.70 -8.37
CA PHE A 859 -33.35 8.52 -8.49
C PHE A 859 -34.50 7.98 -7.64
N VAL A 860 -34.59 6.66 -7.52
CA VAL A 860 -35.60 6.07 -6.63
C VAL A 860 -35.36 6.51 -5.19
N SER A 861 -34.10 6.43 -4.74
CA SER A 861 -33.80 6.81 -3.37
C SER A 861 -34.04 8.30 -3.14
N LEU A 862 -33.66 9.13 -4.11
CA LEU A 862 -33.86 10.57 -3.96
C LEU A 862 -35.33 10.93 -3.94
N ALA A 863 -36.13 10.29 -4.80
CA ALA A 863 -37.58 10.49 -4.75
C ALA A 863 -38.16 10.02 -3.43
N ILE A 864 -37.58 8.97 -2.84
CA ILE A 864 -37.98 8.53 -1.51
C ILE A 864 -37.70 9.64 -0.50
N ASP A 865 -36.53 10.25 -0.59
CA ASP A 865 -36.17 11.31 0.36
C ASP A 865 -36.94 12.59 0.11
N ALA A 866 -37.24 12.90 -1.15
CA ALA A 866 -37.91 14.15 -1.52
C ALA A 866 -39.43 14.01 -1.58
N TYR A 867 -39.99 13.02 -0.89
CA TYR A 867 -41.44 12.87 -0.89
C TYR A 867 -42.18 13.92 -0.06
N PRO A 868 -41.80 14.16 1.22
CA PRO A 868 -42.69 14.97 2.09
C PRO A 868 -42.91 16.39 1.61
N LEU A 869 -42.19 16.82 0.57
CA LEU A 869 -42.47 18.11 -0.04
C LEU A 869 -43.79 18.12 -0.78
N THR A 870 -44.34 16.95 -1.09
CA THR A 870 -45.61 16.85 -1.80
C THR A 870 -46.77 17.40 -0.98
N LYS A 871 -46.63 17.49 0.34
CA LYS A 871 -47.66 18.04 1.19
C LYS A 871 -47.38 19.49 1.60
N HIS A 872 -46.40 20.13 0.97
CA HIS A 872 -46.01 21.49 1.31
C HIS A 872 -46.91 22.51 0.59
N PRO A 873 -47.46 23.48 1.32
CA PRO A 873 -48.29 24.49 0.67
C PRO A 873 -47.57 25.29 -0.41
N ASN A 874 -46.26 25.48 -0.28
CA ASN A 874 -45.51 26.17 -1.34
C ASN A 874 -45.52 25.34 -2.61
N GLN A 875 -45.97 25.96 -3.71
CA GLN A 875 -46.20 25.22 -4.94
C GLN A 875 -44.91 24.64 -5.50
N GLU A 876 -43.83 25.42 -5.49
CA GLU A 876 -42.62 25.04 -6.20
C GLU A 876 -41.82 24.02 -5.39
N TYR A 877 -42.43 23.40 -4.40
CA TYR A 877 -41.76 22.30 -3.73
C TYR A 877 -42.26 20.95 -4.23
N ALA A 878 -43.57 20.79 -4.37
CA ALA A 878 -44.12 19.51 -4.84
C ALA A 878 -43.69 19.17 -6.26
N ASP A 879 -43.45 20.20 -7.08
CA ASP A 879 -43.03 19.96 -8.44
C ASP A 879 -41.68 19.25 -8.49
N VAL A 880 -40.86 19.36 -7.46
CA VAL A 880 -39.61 18.60 -7.42
C VAL A 880 -39.91 17.10 -7.41
N PHE A 881 -40.82 16.69 -6.53
CA PHE A 881 -41.21 15.29 -6.45
C PHE A 881 -41.83 14.82 -7.76
N HIS A 882 -42.73 15.64 -8.32
CA HIS A 882 -43.39 15.25 -9.56
C HIS A 882 -42.39 15.13 -10.71
N LEU A 883 -41.44 16.06 -10.78
CA LEU A 883 -40.38 15.97 -11.77
C LEU A 883 -39.58 14.69 -11.60
N TYR A 884 -39.27 14.32 -10.36
CA TYR A 884 -38.52 13.11 -10.14
C TYR A 884 -39.29 11.88 -10.63
N LEU A 885 -40.60 11.85 -10.36
CA LEU A 885 -41.42 10.74 -10.83
C LEU A 885 -41.41 10.65 -12.35
N GLN A 886 -41.64 11.78 -13.02
CA GLN A 886 -41.66 11.76 -14.48
C GLN A 886 -40.30 11.38 -15.05
N TYR A 887 -39.22 11.82 -14.40
CA TYR A 887 -37.90 11.46 -14.89
C TYR A 887 -37.62 9.97 -14.73
N ILE A 888 -38.08 9.37 -13.63
CA ILE A 888 -37.93 7.93 -13.46
C ILE A 888 -38.71 7.20 -14.55
N ARG A 889 -39.92 7.68 -14.84
CA ARG A 889 -40.71 7.03 -15.89
C ARG A 889 -40.01 7.11 -17.24
N LYS A 890 -39.49 8.29 -17.58
CA LYS A 890 -38.78 8.44 -18.85
C LYS A 890 -37.56 7.55 -18.89
N LEU A 891 -36.81 7.48 -17.80
CA LEU A 891 -35.63 6.62 -17.74
C LEU A 891 -36.01 5.16 -18.00
N HIS A 892 -37.05 4.67 -17.34
CA HIS A 892 -37.44 3.27 -17.50
C HIS A 892 -37.87 2.97 -18.92
N ASP A 893 -38.77 3.80 -19.48
CA ASP A 893 -39.31 3.46 -20.78
C ASP A 893 -38.40 3.90 -21.93
N GLU A 894 -37.28 4.55 -21.65
CA GLU A 894 -36.25 4.66 -22.68
C GLU A 894 -35.19 3.57 -22.56
N LEU A 895 -34.94 3.08 -21.34
CA LEU A 895 -34.09 1.90 -21.19
C LEU A 895 -34.70 0.70 -21.89
N THR A 896 -36.02 0.52 -21.74
CA THR A 896 -36.67 -0.59 -22.42
C THR A 896 -36.56 -0.46 -23.93
N GLY A 897 -36.69 0.76 -24.46
CA GLY A 897 -36.57 0.94 -25.89
C GLY A 897 -35.16 0.68 -26.39
N HIS A 898 -34.15 1.13 -25.64
CA HIS A 898 -32.77 0.91 -26.05
C HIS A 898 -32.44 -0.58 -26.03
N MET A 899 -32.89 -1.30 -25.00
CA MET A 899 -32.64 -2.72 -25.00
C MET A 899 -33.42 -3.41 -26.12
N LEU A 900 -34.62 -2.92 -26.43
CA LEU A 900 -35.39 -3.50 -27.52
C LEU A 900 -34.71 -3.30 -28.86
N ASP A 901 -34.06 -2.15 -29.07
CA ASP A 901 -33.47 -1.90 -30.38
C ASP A 901 -32.08 -2.52 -30.51
N MET A 902 -31.37 -2.72 -29.41
CA MET A 902 -30.14 -3.51 -29.48
C MET A 902 -30.43 -5.00 -29.65
N TYR A 903 -31.29 -5.55 -28.81
CA TYR A 903 -31.79 -6.91 -28.94
C TYR A 903 -33.07 -6.87 -29.78
N SER A 904 -33.96 -7.88 -29.73
CA SER A 904 -35.27 -7.70 -30.35
C SER A 904 -36.46 -8.12 -29.48
N VAL A 905 -36.27 -8.46 -28.21
CA VAL A 905 -37.40 -8.63 -27.29
C VAL A 905 -37.17 -7.69 -26.11
N MET A 906 -38.18 -7.52 -25.28
CA MET A 906 -38.10 -6.62 -24.13
C MET A 906 -38.22 -7.39 -22.81
N LEU A 907 -38.27 -6.66 -21.71
CA LEU A 907 -38.20 -7.21 -20.37
C LEU A 907 -39.50 -7.94 -20.07
N THR A 908 -39.50 -9.27 -20.24
CA THR A 908 -40.74 -10.04 -20.33
C THR A 908 -41.71 -9.68 -19.21
N ASN A 909 -41.21 -9.47 -18.00
CA ASN A 909 -42.02 -8.93 -16.92
C ASN A 909 -41.11 -8.18 -15.96
N ASP A 910 -41.62 -7.05 -15.46
CA ASP A 910 -40.81 -6.20 -14.59
C ASP A 910 -41.54 -5.86 -13.28
N ASN A 911 -42.84 -5.61 -13.38
CA ASN A 911 -43.61 -5.00 -12.28
C ASN A 911 -42.86 -3.82 -11.69
N THR A 912 -42.53 -2.88 -12.56
CA THR A 912 -41.80 -1.68 -12.17
C THR A 912 -42.68 -0.44 -12.06
N SER A 913 -43.95 -0.55 -12.42
CA SER A 913 -44.83 0.62 -12.40
C SER A 913 -44.90 1.24 -11.02
N ARG A 914 -44.78 0.43 -9.97
CA ARG A 914 -44.86 0.96 -8.61
C ARG A 914 -43.80 2.03 -8.37
N TYR A 915 -42.70 1.98 -9.12
CA TYR A 915 -41.65 2.97 -8.94
C TYR A 915 -42.07 4.36 -9.38
N TRP A 916 -42.93 4.47 -10.40
CA TRP A 916 -43.37 5.77 -10.88
C TRP A 916 -44.81 6.07 -10.51
N GLU A 917 -45.23 5.61 -9.34
CA GLU A 917 -46.51 5.95 -8.75
C GLU A 917 -46.29 6.25 -7.28
N PRO A 918 -47.10 7.14 -6.69
CA PRO A 918 -46.85 7.57 -5.30
C PRO A 918 -47.17 6.53 -4.25
N GLU A 919 -47.79 5.40 -4.61
CA GLU A 919 -48.16 4.41 -3.60
C GLU A 919 -46.93 3.78 -2.97
N PHE A 920 -45.89 3.53 -3.78
CA PHE A 920 -44.66 2.96 -3.24
C PHE A 920 -44.03 3.90 -2.21
N TYR A 921 -43.95 5.19 -2.54
CA TYR A 921 -43.25 6.13 -1.67
C TYR A 921 -44.08 6.52 -0.46
N GLU A 922 -45.41 6.46 -0.57
CA GLU A 922 -46.24 6.76 0.59
C GLU A 922 -46.07 5.74 1.71
N ALA A 923 -45.71 4.49 1.38
CA ALA A 923 -45.63 3.45 2.39
C ALA A 923 -44.57 3.76 3.45
N MET A 924 -43.53 4.49 3.09
CA MET A 924 -42.38 4.68 3.96
C MET A 924 -42.57 5.76 4.99
N TYR A 925 -43.77 6.34 5.11
CA TYR A 925 -44.01 7.32 6.15
C TYR A 925 -45.31 7.02 6.88
N THR A 926 -45.64 5.74 7.02
CA THR A 926 -46.80 5.23 7.73
C THR A 926 -46.36 4.18 8.73
N PRO A 927 -46.87 4.23 9.96
CA PRO A 927 -46.33 3.39 11.04
C PRO A 927 -46.71 1.92 10.94
N HIS A 928 -46.12 1.23 9.96
CA HIS A 928 -46.25 -0.23 9.88
C HIS A 928 -45.02 -0.74 9.11
N THR A 929 -44.04 -1.23 9.87
CA THR A 929 -42.77 -1.63 9.27
C THR A 929 -42.90 -2.91 8.47
N VAL A 930 -42.26 -2.94 7.30
CA VAL A 930 -42.31 -4.10 6.42
C VAL A 930 -40.93 -4.52 5.95
N LEU A 931 -39.90 -4.26 6.77
CA LEU A 931 -38.53 -4.65 6.43
C LEU A 931 -38.42 -6.12 6.04
N PHE B 6 -26.22 -39.84 -11.08
CA PHE B 6 -26.77 -40.97 -10.33
C PHE B 6 -27.28 -42.05 -11.28
N SER B 7 -26.35 -42.80 -11.88
CA SER B 7 -26.70 -43.83 -12.85
C SER B 7 -25.92 -45.12 -12.61
N SER B 8 -24.87 -45.05 -11.79
CA SER B 8 -24.00 -46.20 -11.59
C SER B 8 -24.04 -46.68 -10.14
N LEU B 9 -25.24 -46.73 -9.58
CA LEU B 9 -25.44 -47.11 -8.18
C LEU B 9 -26.15 -48.45 -8.13
N PRO B 10 -26.03 -49.19 -7.03
CA PRO B 10 -26.67 -50.52 -6.94
C PRO B 10 -28.14 -50.48 -7.23
N SER B 11 -28.74 -49.29 -7.22
CA SER B 11 -30.18 -49.20 -7.30
C SER B 11 -30.66 -49.06 -8.74
N TYR B 12 -29.84 -48.50 -9.64
CA TYR B 12 -30.22 -48.39 -11.05
C TYR B 12 -30.47 -49.77 -11.64
N ALA B 13 -29.60 -50.72 -11.31
CA ALA B 13 -29.79 -52.10 -11.77
C ALA B 13 -31.10 -52.68 -11.25
N ALA B 14 -31.38 -52.51 -9.96
CA ALA B 14 -32.56 -53.13 -9.36
C ALA B 14 -33.85 -52.49 -9.89
N PHE B 15 -33.87 -51.16 -10.01
CA PHE B 15 -35.03 -50.49 -10.59
C PHE B 15 -35.22 -50.89 -12.05
N ALA B 16 -34.11 -51.04 -12.79
CA ALA B 16 -34.20 -51.48 -14.17
C ALA B 16 -34.77 -52.89 -14.26
N THR B 17 -34.34 -53.80 -13.38
CA THR B 17 -34.89 -55.15 -13.37
C THR B 17 -36.37 -55.14 -13.00
N ALA B 18 -36.75 -54.35 -12.01
CA ALA B 18 -38.16 -54.28 -11.62
C ALA B 18 -39.02 -53.76 -12.77
N GLN B 19 -38.56 -52.69 -13.43
CA GLN B 19 -39.34 -52.15 -14.54
C GLN B 19 -39.31 -53.07 -15.76
N GLU B 20 -38.23 -53.83 -15.94
CA GLU B 20 -38.18 -54.81 -17.03
C GLU B 20 -39.20 -55.91 -16.80
N ALA B 21 -39.28 -56.42 -15.56
CA ALA B 21 -40.33 -57.39 -15.25
C ALA B 21 -41.71 -56.77 -15.43
N TYR B 22 -41.87 -55.52 -15.02
CA TYR B 22 -43.16 -54.84 -15.17
C TYR B 22 -43.57 -54.77 -16.63
N GLU B 23 -42.67 -54.33 -17.51
CA GLU B 23 -43.03 -54.18 -18.91
C GLU B 23 -43.22 -55.54 -19.59
N GLN B 24 -42.39 -56.53 -19.22
CA GLN B 24 -42.52 -57.85 -19.81
C GLN B 24 -43.87 -58.47 -19.47
N ALA B 25 -44.25 -58.43 -18.20
CA ALA B 25 -45.53 -59.01 -17.81
C ALA B 25 -46.71 -58.09 -18.11
N VAL B 26 -46.48 -56.82 -18.44
CA VAL B 26 -47.56 -55.96 -18.92
C VAL B 26 -47.85 -56.26 -20.38
N ALA B 27 -46.80 -56.46 -21.18
CA ALA B 27 -46.99 -56.97 -22.53
C ALA B 27 -47.64 -58.36 -22.50
N ASN B 28 -47.23 -59.20 -21.55
CA ASN B 28 -47.95 -60.45 -21.33
C ASN B 28 -49.35 -60.18 -20.80
N GLY B 29 -49.48 -59.33 -19.79
CA GLY B 29 -50.77 -58.93 -19.26
C GLY B 29 -51.62 -60.07 -18.74
N ASP B 30 -51.03 -60.93 -17.91
CA ASP B 30 -51.69 -62.17 -17.51
C ASP B 30 -52.82 -61.92 -16.51
N SER B 31 -52.50 -61.42 -15.32
CA SER B 31 -53.48 -61.29 -14.25
C SER B 31 -53.46 -59.90 -13.64
N GLU B 32 -54.55 -59.58 -12.93
CA GLU B 32 -54.58 -58.34 -12.17
C GLU B 32 -53.58 -58.36 -11.02
N VAL B 33 -53.35 -59.54 -10.43
CA VAL B 33 -52.32 -59.66 -9.41
C VAL B 33 -50.93 -59.40 -9.98
N VAL B 34 -50.72 -59.70 -11.26
CA VAL B 34 -49.44 -59.35 -11.89
C VAL B 34 -49.25 -57.84 -11.91
N LEU B 35 -50.31 -57.11 -12.28
CA LEU B 35 -50.24 -55.64 -12.25
C LEU B 35 -50.04 -55.14 -10.82
N LYS B 36 -50.72 -55.76 -9.85
CA LYS B 36 -50.55 -55.36 -8.46
C LYS B 36 -49.12 -55.59 -8.00
N LYS B 37 -48.52 -56.72 -8.38
CA LYS B 37 -47.15 -57.02 -7.96
C LYS B 37 -46.15 -56.07 -8.62
N LEU B 38 -46.34 -55.78 -9.91
CA LEU B 38 -45.42 -54.88 -10.58
C LEU B 38 -45.70 -53.42 -10.28
N LYS B 39 -46.81 -53.11 -9.62
CA LYS B 39 -47.02 -51.78 -9.07
C LYS B 39 -46.43 -51.65 -7.67
N LYS B 40 -46.60 -52.69 -6.84
CA LYS B 40 -45.98 -52.74 -5.52
C LYS B 40 -44.48 -52.99 -5.58
N SER B 41 -43.96 -53.33 -6.76
CA SER B 41 -42.53 -53.38 -7.01
C SER B 41 -41.97 -52.04 -7.47
N LEU B 42 -42.71 -51.31 -8.30
CA LEU B 42 -42.33 -49.94 -8.62
C LEU B 42 -42.58 -48.99 -7.46
N ASN B 43 -43.40 -49.40 -6.48
CA ASN B 43 -43.70 -48.58 -5.32
C ASN B 43 -42.82 -48.90 -4.12
N VAL B 44 -41.84 -49.80 -4.28
CA VAL B 44 -40.85 -50.03 -3.23
C VAL B 44 -39.47 -49.75 -3.81
N ALA B 45 -39.21 -50.23 -5.02
CA ALA B 45 -37.96 -49.91 -5.70
C ALA B 45 -37.87 -48.43 -6.04
N LYS B 46 -38.98 -47.69 -5.89
CA LYS B 46 -38.91 -46.24 -5.96
C LYS B 46 -38.24 -45.66 -4.73
N SER B 47 -38.43 -46.27 -3.56
CA SER B 47 -37.73 -45.79 -2.36
C SER B 47 -36.24 -45.94 -2.53
N GLU B 48 -35.82 -47.03 -3.18
CA GLU B 48 -34.44 -47.27 -3.54
C GLU B 48 -33.92 -46.06 -4.31
N PHE B 49 -34.64 -45.62 -5.38
CA PHE B 49 -34.18 -44.39 -6.07
C PHE B 49 -34.55 -43.17 -5.44
N ASP B 50 -35.21 -43.24 -4.29
CA ASP B 50 -35.48 -42.03 -3.52
C ASP B 50 -34.24 -41.69 -2.71
N ARG B 51 -33.74 -42.64 -1.92
CA ARG B 51 -32.64 -42.28 -1.04
C ARG B 51 -31.27 -42.55 -1.67
N ASP B 52 -31.15 -43.59 -2.50
CA ASP B 52 -29.85 -43.92 -3.09
C ASP B 52 -29.38 -42.86 -4.07
N ALA B 53 -30.28 -42.02 -4.57
CA ALA B 53 -29.91 -41.03 -5.59
C ALA B 53 -30.34 -39.62 -5.20
N ALA B 54 -30.73 -39.39 -3.96
CA ALA B 54 -31.08 -38.06 -3.51
C ALA B 54 -30.38 -37.64 -2.23
N MET B 55 -30.12 -38.57 -1.30
CA MET B 55 -29.29 -38.19 -0.17
C MET B 55 -27.83 -38.09 -0.56
N GLN B 56 -27.36 -39.00 -1.42
CA GLN B 56 -26.04 -38.85 -2.01
C GLN B 56 -25.97 -37.64 -2.93
N ARG B 57 -27.12 -37.13 -3.39
CA ARG B 57 -27.14 -35.88 -4.15
C ARG B 57 -26.86 -34.68 -3.25
N LYS B 58 -27.03 -34.83 -1.93
CA LYS B 58 -26.74 -33.79 -0.96
C LYS B 58 -25.33 -33.87 -0.40
N LEU B 59 -24.77 -35.08 -0.31
CA LEU B 59 -23.39 -35.23 0.13
C LEU B 59 -22.43 -34.52 -0.81
N GLU B 60 -22.72 -34.50 -2.11
CA GLU B 60 -21.88 -33.78 -3.05
C GLU B 60 -21.88 -32.28 -2.76
N LYS B 61 -23.05 -31.72 -2.47
CA LYS B 61 -23.12 -30.31 -2.10
C LYS B 61 -22.31 -30.03 -0.84
N MET B 62 -22.46 -30.90 0.17
CA MET B 62 -21.71 -30.70 1.42
C MET B 62 -20.21 -30.76 1.15
N ALA B 63 -19.76 -31.77 0.41
CA ALA B 63 -18.33 -31.94 0.17
C ALA B 63 -17.75 -30.78 -0.63
N ASP B 64 -18.48 -30.31 -1.64
CA ASP B 64 -18.00 -29.15 -2.39
C ASP B 64 -17.91 -27.93 -1.50
N GLN B 65 -18.91 -27.72 -0.64
CA GLN B 65 -18.87 -26.58 0.27
C GLN B 65 -17.62 -26.63 1.14
N ALA B 66 -17.35 -27.81 1.71
CA ALA B 66 -16.17 -27.95 2.58
C ALA B 66 -14.89 -27.69 1.81
N MET B 67 -14.80 -28.23 0.59
CA MET B 67 -13.58 -28.07 -0.20
C MET B 67 -13.31 -26.61 -0.53
N THR B 68 -14.34 -25.88 -0.97
CA THR B 68 -14.12 -24.45 -1.24
C THR B 68 -13.79 -23.68 0.02
N GLN B 69 -14.41 -24.03 1.15
CA GLN B 69 -14.10 -23.33 2.39
C GLN B 69 -12.62 -23.48 2.73
N MET B 70 -12.10 -24.71 2.64
CA MET B 70 -10.70 -24.89 3.00
C MET B 70 -9.75 -24.34 1.95
N TYR B 71 -10.17 -24.27 0.68
CA TYR B 71 -9.40 -23.53 -0.33
C TYR B 71 -9.27 -22.06 0.07
N LYS B 72 -10.39 -21.45 0.46
CA LYS B 72 -10.37 -20.05 0.88
C LYS B 72 -9.46 -19.86 2.08
N GLN B 73 -9.51 -20.80 3.03
CA GLN B 73 -8.66 -20.68 4.22
C GLN B 73 -7.18 -20.81 3.86
N ALA B 74 -6.85 -21.67 2.89
CA ALA B 74 -5.46 -21.77 2.43
C ALA B 74 -4.98 -20.46 1.85
N ARG B 75 -5.81 -19.80 1.03
CA ARG B 75 -5.39 -18.50 0.51
C ARG B 75 -5.25 -17.48 1.63
N SER B 76 -6.15 -17.54 2.61
CA SER B 76 -6.06 -16.68 3.79
C SER B 76 -4.72 -16.85 4.50
N GLU B 77 -4.25 -18.08 4.65
CA GLU B 77 -3.00 -18.33 5.36
C GLU B 77 -1.76 -18.10 4.49
N ASP B 78 -1.92 -17.99 3.17
CA ASP B 78 -0.80 -17.56 2.33
C ASP B 78 -0.59 -16.04 2.38
N LYS B 79 -1.68 -15.28 2.33
CA LYS B 79 -1.56 -13.83 2.38
C LYS B 79 -0.87 -13.37 3.66
N ARG B 80 -1.06 -14.10 4.75
CA ARG B 80 -0.40 -13.76 6.02
C ARG B 80 1.11 -13.85 5.89
N ALA B 81 1.61 -14.92 5.28
CA ALA B 81 3.05 -15.05 5.09
C ALA B 81 3.58 -13.91 4.25
N LYS B 82 2.85 -13.55 3.19
CA LYS B 82 3.36 -12.48 2.33
C LYS B 82 3.42 -11.14 3.06
N VAL B 83 2.36 -10.80 3.81
CA VAL B 83 2.37 -9.52 4.52
C VAL B 83 3.44 -9.52 5.61
N THR B 84 3.68 -10.67 6.26
CA THR B 84 4.72 -10.74 7.28
C THR B 84 6.09 -10.48 6.67
N SER B 85 6.38 -11.12 5.54
CA SER B 85 7.66 -10.89 4.88
C SER B 85 7.83 -9.43 4.50
N ALA B 86 6.79 -8.83 3.92
CA ALA B 86 6.89 -7.43 3.50
C ALA B 86 7.15 -6.51 4.68
N MET B 87 6.41 -6.71 5.78
CA MET B 87 6.57 -5.83 6.94
C MET B 87 7.95 -5.97 7.55
N GLN B 88 8.44 -7.19 7.69
CA GLN B 88 9.77 -7.36 8.29
C GLN B 88 10.86 -6.78 7.39
N THR B 89 10.70 -6.90 6.06
CA THR B 89 11.69 -6.30 5.16
C THR B 89 11.66 -4.77 5.26
N MET B 90 10.47 -4.18 5.35
CA MET B 90 10.39 -2.73 5.52
C MET B 90 11.07 -2.28 6.80
N LEU B 91 10.84 -3.01 7.89
CA LEU B 91 11.49 -2.68 9.16
C LEU B 91 13.01 -2.74 9.01
N PHE B 92 13.52 -3.86 8.47
CA PHE B 92 14.96 -4.06 8.40
C PHE B 92 15.66 -3.18 7.37
N THR B 93 14.93 -2.64 6.40
CA THR B 93 15.55 -1.70 5.46
C THR B 93 15.47 -0.27 5.92
N MET B 94 14.44 0.10 6.69
CA MET B 94 14.41 1.47 7.19
C MET B 94 15.29 1.64 8.42
N LEU B 95 15.53 0.57 9.18
CA LEU B 95 16.47 0.67 10.29
C LEU B 95 17.84 1.10 9.83
N ARG B 96 18.25 0.68 8.63
CA ARG B 96 19.63 0.87 8.17
C ARG B 96 20.03 2.34 8.09
N LYS B 97 19.07 3.25 7.96
CA LYS B 97 19.40 4.67 7.79
C LYS B 97 19.62 5.40 9.10
N LEU B 98 19.10 4.89 10.22
CA LEU B 98 19.04 5.69 11.43
C LEU B 98 20.27 5.55 12.32
N ASP B 99 20.91 4.38 12.35
CA ASP B 99 21.94 4.12 13.35
C ASP B 99 23.23 4.87 13.04
N ASN B 100 23.20 6.19 13.17
CA ASN B 100 24.44 6.96 13.20
C ASN B 100 25.05 6.87 14.60
N ASP B 101 26.30 7.32 14.71
CA ASP B 101 26.95 7.34 16.02
C ASP B 101 26.34 8.41 16.92
N ALA B 102 25.79 9.48 16.34
CA ALA B 102 25.18 10.53 17.14
C ALA B 102 24.00 10.01 17.93
N LEU B 103 23.27 9.02 17.39
CA LEU B 103 22.20 8.39 18.15
C LEU B 103 22.74 7.70 19.38
N ASN B 104 23.86 6.99 19.23
CA ASN B 104 24.50 6.38 20.39
C ASN B 104 24.93 7.44 21.40
N ASN B 105 25.52 8.54 20.92
CA ASN B 105 25.98 9.57 21.83
C ASN B 105 24.83 10.24 22.57
N ILE B 106 23.68 10.39 21.92
CA ILE B 106 22.55 11.04 22.58
C ILE B 106 21.79 10.09 23.50
N ILE B 107 21.81 8.78 23.24
CA ILE B 107 21.11 7.84 24.11
C ILE B 107 21.98 7.44 25.30
N ASN B 108 23.28 7.23 25.09
CA ASN B 108 24.15 6.80 26.18
C ASN B 108 24.24 7.84 27.30
N ASN B 109 23.92 9.10 27.01
CA ASN B 109 24.00 10.15 28.01
C ASN B 109 22.69 10.38 28.76
N ALA B 110 21.63 9.65 28.40
CA ALA B 110 20.39 9.75 29.16
C ALA B 110 20.55 9.07 30.51
N ARG B 111 19.86 9.59 31.52
CA ARG B 111 19.96 9.04 32.86
C ARG B 111 19.50 7.58 32.91
N ASP B 112 18.61 7.19 32.01
CA ASP B 112 18.03 5.86 31.97
C ASP B 112 18.28 5.15 30.66
N GLY B 113 18.27 5.87 29.54
CA GLY B 113 18.26 5.26 28.22
C GLY B 113 16.99 5.54 27.44
N CYS B 114 16.01 6.23 28.03
CA CYS B 114 14.78 6.59 27.34
C CYS B 114 14.82 8.09 27.06
N VAL B 115 14.96 8.44 25.79
CA VAL B 115 15.00 9.83 25.37
C VAL B 115 13.69 10.16 24.66
N PRO B 116 13.17 11.38 24.77
CA PRO B 116 11.97 11.73 24.03
C PRO B 116 12.18 11.60 22.53
N LEU B 117 11.07 11.46 21.82
CA LEU B 117 11.10 11.22 20.38
C LEU B 117 11.29 12.51 19.59
N ASN B 118 10.82 13.64 20.10
CA ASN B 118 10.85 14.88 19.35
C ASN B 118 12.20 15.59 19.48
N ILE B 119 13.23 14.88 19.93
CA ILE B 119 14.56 15.46 20.04
C ILE B 119 15.56 14.58 19.31
N ILE B 120 15.12 13.42 18.84
CA ILE B 120 16.01 12.55 18.09
C ILE B 120 16.30 13.17 16.73
N PRO B 121 15.28 13.51 15.90
CA PRO B 121 15.61 14.18 14.64
C PRO B 121 16.25 15.55 14.84
N LEU B 122 15.92 16.23 15.95
CA LEU B 122 16.43 17.58 16.18
C LEU B 122 17.96 17.58 16.25
N THR B 123 18.54 16.62 16.97
CA THR B 123 19.96 16.60 17.23
C THR B 123 20.70 15.50 16.47
N THR B 124 20.03 14.85 15.52
CA THR B 124 20.70 13.80 14.75
C THR B 124 20.43 13.86 13.25
N ALA B 125 19.36 14.48 12.79
CA ALA B 125 19.03 14.46 11.36
C ALA B 125 20.15 15.10 10.55
N ALA B 126 20.42 14.51 9.39
CA ALA B 126 21.49 14.95 8.50
C ALA B 126 20.98 15.82 7.35
N LYS B 127 19.73 16.23 7.38
CA LYS B 127 19.17 17.05 6.31
C LYS B 127 17.92 17.75 6.81
N LEU B 128 17.83 19.06 6.58
CA LEU B 128 16.70 19.86 6.98
C LEU B 128 15.86 20.22 5.77
N MET B 129 14.55 20.32 5.97
CA MET B 129 13.62 20.72 4.92
C MET B 129 12.81 21.90 5.43
N VAL B 130 12.97 23.05 4.78
CA VAL B 130 12.17 24.22 5.09
C VAL B 130 11.08 24.36 4.03
N VAL B 131 9.93 24.85 4.45
CA VAL B 131 8.87 25.23 3.52
C VAL B 131 8.48 26.67 3.83
N ILE B 132 8.59 27.54 2.85
CA ILE B 132 8.36 28.98 3.01
C ILE B 132 7.17 29.37 2.16
N PRO B 133 6.19 30.09 2.70
CA PRO B 133 5.03 30.49 1.90
C PRO B 133 5.27 31.70 1.02
N ASP B 134 6.10 32.63 1.46
CA ASP B 134 6.32 33.86 0.70
C ASP B 134 7.70 34.42 1.01
N TYR B 135 8.11 35.38 0.19
CA TYR B 135 9.47 35.92 0.25
C TYR B 135 9.76 36.59 1.58
N ASN B 136 8.74 37.21 2.19
CA ASN B 136 8.94 37.86 3.48
C ASN B 136 9.43 36.87 4.53
N THR B 137 8.80 35.70 4.60
CA THR B 137 9.26 34.67 5.51
C THR B 137 10.60 34.08 5.05
N TYR B 138 10.84 34.04 3.74
CA TYR B 138 12.11 33.55 3.23
C TYR B 138 13.27 34.41 3.72
N LYS B 139 13.06 35.71 3.83
CA LYS B 139 14.16 36.60 4.20
C LYS B 139 14.57 36.43 5.65
N ASN B 140 13.64 36.05 6.53
CA ASN B 140 13.97 35.93 7.94
C ASN B 140 14.34 34.50 8.32
N THR B 141 14.33 33.57 7.37
CA THR B 141 14.65 32.19 7.72
C THR B 141 15.86 31.65 6.98
N CYS B 142 15.86 31.70 5.65
CA CYS B 142 16.85 31.00 4.84
C CYS B 142 17.68 31.94 3.97
N ASP B 143 17.76 33.22 4.33
CA ASP B 143 18.53 34.17 3.53
C ASP B 143 19.99 33.76 3.45
N GLY B 144 20.56 33.87 2.27
CA GLY B 144 21.94 33.49 2.05
C GLY B 144 22.11 31.99 1.90
N THR B 145 23.36 31.59 1.66
CA THR B 145 23.68 30.18 1.47
C THR B 145 23.68 29.40 2.78
N THR B 146 23.91 30.06 3.91
CA THR B 146 23.96 29.38 5.20
C THR B 146 22.99 30.03 6.17
N PHE B 147 22.47 29.21 7.08
CA PHE B 147 21.55 29.66 8.11
C PHE B 147 21.61 28.69 9.27
N THR B 148 21.13 29.14 10.43
CA THR B 148 21.20 28.37 11.66
C THR B 148 19.81 28.08 12.19
N TYR B 149 19.52 26.80 12.40
CA TYR B 149 18.28 26.38 13.03
C TYR B 149 18.59 25.25 14.01
N ALA B 150 17.83 25.20 15.10
CA ALA B 150 18.00 24.20 16.15
C ALA B 150 19.43 24.21 16.69
N SER B 151 20.00 25.41 16.80
CA SER B 151 21.33 25.62 17.37
C SER B 151 22.40 24.83 16.62
N ALA B 152 22.23 24.72 15.30
CA ALA B 152 23.24 24.10 14.45
C ALA B 152 23.59 25.04 13.30
N LEU B 153 24.40 24.57 12.35
CA LEU B 153 24.73 25.35 11.18
C LEU B 153 24.43 24.54 9.93
N TRP B 154 23.58 25.09 9.07
CA TRP B 154 23.15 24.41 7.85
C TRP B 154 23.58 25.21 6.64
N GLU B 155 23.82 24.50 5.54
CA GLU B 155 24.13 25.13 4.27
C GLU B 155 23.15 24.68 3.20
N ILE B 156 22.72 25.64 2.37
CA ILE B 156 21.60 25.44 1.46
C ILE B 156 22.09 24.84 0.14
N GLN B 157 21.29 23.93 -0.41
CA GLN B 157 21.48 23.46 -1.78
C GLN B 157 20.15 22.91 -2.28
N GLN B 158 19.96 22.93 -3.60
CA GLN B 158 18.77 22.36 -4.23
C GLN B 158 17.48 23.00 -3.77
N VAL B 159 17.27 24.27 -4.07
CA VAL B 159 16.01 24.95 -3.81
C VAL B 159 15.03 24.64 -4.92
N VAL B 160 13.78 24.32 -4.56
CA VAL B 160 12.75 23.93 -5.51
C VAL B 160 11.45 24.61 -5.14
N ASP B 161 10.42 24.42 -5.97
CA ASP B 161 9.13 25.09 -5.82
C ASP B 161 7.99 24.08 -5.92
N ALA B 162 6.76 24.58 -6.06
CA ALA B 162 5.59 23.70 -6.08
C ALA B 162 5.65 22.69 -7.22
N ASP B 163 6.01 23.16 -8.42
CA ASP B 163 6.12 22.26 -9.56
C ASP B 163 7.37 21.40 -9.51
N SER B 164 8.18 21.53 -8.45
CA SER B 164 9.38 20.73 -8.25
C SER B 164 10.36 20.92 -9.40
N LYS B 165 10.63 22.18 -9.73
CA LYS B 165 11.66 22.55 -10.70
C LYS B 165 12.75 23.33 -9.98
N ILE B 166 14.00 23.09 -10.37
CA ILE B 166 15.12 23.69 -9.68
C ILE B 166 15.12 25.19 -9.87
N VAL B 167 15.34 25.93 -8.77
CA VAL B 167 15.36 27.38 -8.77
C VAL B 167 16.66 27.83 -8.14
N GLN B 168 17.43 28.64 -8.86
CA GLN B 168 18.69 29.14 -8.32
C GLN B 168 18.43 30.27 -7.32
N LEU B 169 19.46 30.56 -6.51
CA LEU B 169 19.31 31.47 -5.38
C LEU B 169 19.23 32.94 -5.80
N SER B 170 19.74 33.28 -6.99
CA SER B 170 19.71 34.67 -7.43
C SER B 170 18.31 35.11 -7.85
N GLU B 171 17.44 34.17 -8.20
CA GLU B 171 16.14 34.52 -8.75
C GLU B 171 15.22 35.14 -7.70
N ILE B 172 15.37 34.73 -6.44
CA ILE B 172 14.38 35.15 -5.44
C ILE B 172 14.77 36.51 -4.91
N SER B 173 14.41 37.54 -5.67
CA SER B 173 14.48 38.92 -5.23
C SER B 173 13.12 39.34 -4.69
N MET B 174 12.93 40.64 -4.48
CA MET B 174 11.61 41.15 -4.13
C MET B 174 10.69 41.25 -5.35
N ASP B 175 11.18 41.82 -6.46
CA ASP B 175 10.34 42.05 -7.62
C ASP B 175 10.11 40.77 -8.43
N ASN B 176 11.06 39.83 -8.40
CA ASN B 176 10.88 38.57 -9.11
C ASN B 176 9.98 37.60 -8.37
N SER B 177 9.66 37.87 -7.11
CA SER B 177 8.89 36.92 -6.30
C SER B 177 7.52 36.57 -6.89
N PRO B 178 6.73 37.51 -7.45
CA PRO B 178 5.39 37.11 -7.95
C PRO B 178 5.43 36.21 -9.17
N ASN B 179 6.63 35.84 -9.63
CA ASN B 179 6.79 34.98 -10.79
C ASN B 179 7.26 33.57 -10.42
N LEU B 180 7.04 33.17 -9.17
CA LEU B 180 7.49 31.87 -8.68
C LEU B 180 6.32 31.13 -8.02
N ALA B 181 6.23 29.83 -8.28
CA ALA B 181 5.30 28.99 -7.53
C ALA B 181 5.74 29.01 -6.07
N TRP B 182 4.85 29.43 -5.16
CA TRP B 182 5.41 29.87 -3.89
C TRP B 182 5.01 29.08 -2.65
N PRO B 183 5.03 27.75 -2.68
CA PRO B 183 5.46 27.00 -1.48
C PRO B 183 6.90 26.54 -1.59
N LEU B 184 7.88 27.44 -1.66
CA LEU B 184 9.24 27.03 -1.95
C LEU B 184 9.78 26.14 -0.84
N ILE B 185 10.40 25.02 -1.23
CA ILE B 185 10.88 24.02 -0.28
C ILE B 185 12.40 23.97 -0.29
N VAL B 186 13.02 24.65 0.67
CA VAL B 186 14.47 24.68 0.75
C VAL B 186 14.98 23.51 1.58
N THR B 187 15.90 22.74 1.02
CA THR B 187 16.55 21.65 1.73
C THR B 187 18.00 22.02 1.98
N ALA B 188 18.49 21.69 3.17
CA ALA B 188 19.81 22.10 3.61
C ALA B 188 20.53 20.93 4.26
N LEU B 189 21.85 20.99 4.24
CA LEU B 189 22.70 19.98 4.86
C LEU B 189 23.27 20.50 6.17
N ARG B 190 23.61 19.55 7.05
CA ARG B 190 24.16 19.86 8.38
C ARG B 190 25.66 20.12 8.22
N ALA B 191 26.04 21.38 8.24
CA ALA B 191 27.46 21.72 8.20
C ALA B 191 28.12 21.40 9.52
N ASN B 192 29.45 21.27 9.49
CA ASN B 192 30.22 20.96 10.69
C ASN B 192 31.53 21.72 10.72
N LYS C 2 -30.87 32.46 -16.10
CA LYS C 2 -29.71 32.79 -16.91
C LYS C 2 -28.41 32.48 -16.16
N MET C 3 -28.38 32.85 -14.88
CA MET C 3 -27.19 32.62 -14.08
C MET C 3 -26.89 31.14 -13.92
N SER C 4 -27.93 30.30 -13.84
CA SER C 4 -27.73 28.87 -13.70
C SER C 4 -26.93 28.32 -14.87
N ASP C 5 -27.18 28.83 -16.08
CA ASP C 5 -26.37 28.45 -17.22
C ASP C 5 -24.90 28.78 -17.00
N VAL C 6 -24.63 29.95 -16.41
CA VAL C 6 -23.27 30.37 -16.15
C VAL C 6 -22.60 29.41 -15.16
N LYS C 7 -23.30 29.06 -14.08
CA LYS C 7 -22.71 28.16 -13.09
C LYS C 7 -22.43 26.79 -13.70
N CYS C 8 -23.39 26.25 -14.45
CA CYS C 8 -23.19 24.93 -15.04
C CYS C 8 -22.04 24.93 -16.03
N THR C 9 -21.98 25.95 -16.90
CA THR C 9 -20.89 26.00 -17.87
C THR C 9 -19.55 26.26 -17.20
N SER C 10 -19.52 26.95 -16.06
CA SER C 10 -18.26 27.09 -15.32
C SER C 10 -17.80 25.73 -14.79
N VAL C 11 -18.74 24.93 -14.27
CA VAL C 11 -18.39 23.59 -13.81
C VAL C 11 -17.81 22.77 -14.95
N VAL C 12 -18.48 22.80 -16.11
CA VAL C 12 -17.99 22.03 -17.25
C VAL C 12 -16.63 22.54 -17.71
N LEU C 13 -16.45 23.86 -17.72
CA LEU C 13 -15.18 24.44 -18.16
C LEU C 13 -14.04 24.02 -17.25
N LEU C 14 -14.27 24.07 -15.94
CA LEU C 14 -13.20 23.65 -15.04
C LEU C 14 -12.93 22.16 -15.18
N SER C 15 -13.97 21.36 -15.46
CA SER C 15 -13.75 19.94 -15.68
C SER C 15 -12.82 19.71 -16.88
N VAL C 16 -13.11 20.36 -18.00
CA VAL C 16 -12.31 20.14 -19.20
C VAL C 16 -10.90 20.68 -19.00
N LEU C 17 -10.78 21.84 -18.35
CA LEU C 17 -9.45 22.38 -18.05
C LEU C 17 -8.65 21.43 -17.18
N GLN C 18 -9.28 20.89 -16.13
CA GLN C 18 -8.58 20.00 -15.22
C GLN C 18 -8.11 18.75 -15.93
N GLN C 19 -8.95 18.17 -16.78
CA GLN C 19 -8.49 17.00 -17.54
C GLN C 19 -7.54 17.38 -18.66
N LEU C 20 -7.39 18.67 -18.96
CA LEU C 20 -6.39 19.16 -19.92
C LEU C 20 -5.01 19.34 -19.30
N ARG C 21 -4.75 18.72 -18.15
CA ARG C 21 -3.47 18.79 -17.44
C ARG C 21 -3.04 20.24 -17.20
N VAL C 22 -3.99 21.04 -16.73
CA VAL C 22 -3.70 22.41 -16.34
C VAL C 22 -3.26 22.52 -14.88
N GLU C 23 -3.42 21.46 -14.08
CA GLU C 23 -3.06 21.48 -12.67
C GLU C 23 -1.58 21.20 -12.43
N SER C 24 -0.78 21.11 -13.49
CA SER C 24 0.66 20.93 -13.37
C SER C 24 1.39 22.26 -13.25
N SER C 25 0.67 23.37 -13.26
CA SER C 25 1.24 24.70 -13.05
C SER C 25 0.46 25.32 -11.89
N SER C 26 1.10 25.39 -10.72
CA SER C 26 0.38 25.61 -9.48
C SER C 26 -0.34 26.96 -9.46
N LYS C 27 0.31 28.01 -9.93
CA LYS C 27 -0.33 29.32 -9.93
C LYS C 27 -1.52 29.34 -10.87
N LEU C 28 -1.40 28.69 -12.03
CA LEU C 28 -2.51 28.61 -12.98
C LEU C 28 -3.70 27.90 -12.35
N TRP C 29 -3.46 26.75 -11.73
CA TRP C 29 -4.54 26.00 -11.10
C TRP C 29 -5.15 26.78 -9.95
N ALA C 30 -4.34 27.51 -9.18
CA ALA C 30 -4.87 28.32 -8.09
C ALA C 30 -5.79 29.41 -8.63
N GLN C 31 -5.38 30.09 -9.69
CA GLN C 31 -6.24 31.11 -10.28
C GLN C 31 -7.54 30.51 -10.79
N CYS C 32 -7.45 29.36 -11.48
CA CYS C 32 -8.65 28.74 -12.03
C CYS C 32 -9.61 28.33 -10.93
N VAL C 33 -9.09 27.71 -9.87
CA VAL C 33 -9.93 27.27 -8.75
C VAL C 33 -10.58 28.47 -8.07
N GLN C 34 -9.80 29.53 -7.86
CA GLN C 34 -10.35 30.73 -7.26
C GLN C 34 -11.51 31.27 -8.09
N LEU C 35 -11.29 31.42 -9.39
CA LEU C 35 -12.35 31.95 -10.26
C LEU C 35 -13.58 31.07 -10.23
N HIS C 36 -13.39 29.75 -10.26
CA HIS C 36 -14.52 28.82 -10.18
C HIS C 36 -15.33 29.07 -8.91
N ASN C 37 -14.65 29.14 -7.76
CA ASN C 37 -15.35 29.34 -6.51
C ASN C 37 -16.04 30.69 -6.43
N ASP C 38 -15.48 31.75 -7.06
CA ASP C 38 -16.24 33.00 -7.09
C ASP C 38 -17.48 32.91 -7.96
N ILE C 39 -17.38 32.25 -9.12
CA ILE C 39 -18.55 32.12 -9.98
C ILE C 39 -19.66 31.37 -9.27
N LEU C 40 -19.30 30.26 -8.61
CA LEU C 40 -20.33 29.44 -7.95
C LEU C 40 -21.00 30.20 -6.81
N LEU C 41 -20.27 31.08 -6.14
CA LEU C 41 -20.80 31.85 -5.03
C LEU C 41 -21.30 33.23 -5.44
N ALA C 42 -21.42 33.49 -6.74
CA ALA C 42 -21.90 34.79 -7.17
C ALA C 42 -23.42 34.89 -7.03
N LYS C 43 -23.90 36.12 -6.82
CA LYS C 43 -25.31 36.41 -6.60
C LYS C 43 -25.93 37.28 -7.68
N ASP C 44 -25.13 37.85 -8.58
CA ASP C 44 -25.63 38.69 -9.67
C ASP C 44 -24.92 38.27 -10.95
N THR C 45 -25.57 38.53 -12.09
CA THR C 45 -25.17 37.90 -13.33
C THR C 45 -24.00 38.57 -14.04
N THR C 46 -23.70 39.84 -13.76
CA THR C 46 -22.71 40.55 -14.57
C THR C 46 -21.27 40.18 -14.17
N GLU C 47 -20.96 40.23 -12.88
CA GLU C 47 -19.63 39.81 -12.44
C GLU C 47 -19.41 38.33 -12.73
N ALA C 48 -20.48 37.54 -12.69
CA ALA C 48 -20.39 36.16 -13.12
C ALA C 48 -19.90 36.06 -14.56
N PHE C 49 -20.42 36.92 -15.44
CA PHE C 49 -20.03 36.86 -16.84
C PHE C 49 -18.59 37.36 -17.05
N GLU C 50 -18.17 38.39 -16.32
CA GLU C 50 -16.79 38.83 -16.52
C GLU C 50 -15.79 37.83 -15.97
N LYS C 51 -16.08 37.23 -14.81
CA LYS C 51 -15.23 36.14 -14.34
C LYS C 51 -15.30 34.96 -15.29
N MET C 52 -16.45 34.76 -15.94
CA MET C 52 -16.61 33.68 -16.92
C MET C 52 -15.67 33.86 -18.11
N VAL C 53 -15.63 35.08 -18.67
CA VAL C 53 -14.76 35.31 -19.81
C VAL C 53 -13.29 35.28 -19.37
N SER C 54 -13.00 35.79 -18.18
CA SER C 54 -11.64 35.68 -17.65
C SER C 54 -11.21 34.23 -17.52
N LEU C 55 -12.13 33.36 -17.10
CA LEU C 55 -11.82 31.93 -17.01
C LEU C 55 -11.65 31.30 -18.39
N LEU C 56 -12.54 31.64 -19.33
CA LEU C 56 -12.47 31.07 -20.66
C LEU C 56 -11.16 31.43 -21.36
N SER C 57 -10.63 32.62 -21.07
CA SER C 57 -9.37 33.03 -21.67
C SER C 57 -8.26 32.03 -21.39
N VAL C 58 -8.32 31.37 -20.23
CA VAL C 58 -7.28 30.39 -19.90
C VAL C 58 -7.28 29.26 -20.93
N LEU C 59 -8.45 28.67 -21.19
CA LEU C 59 -8.54 27.62 -22.20
C LEU C 59 -8.17 28.15 -23.58
N LEU C 60 -8.62 29.36 -23.90
CA LEU C 60 -8.37 29.91 -25.22
C LEU C 60 -6.87 30.08 -25.47
N SER C 61 -6.12 30.47 -24.45
CA SER C 61 -4.69 30.69 -24.62
C SER C 61 -3.95 29.41 -25.01
N MET C 62 -4.45 28.26 -24.57
CA MET C 62 -3.78 27.00 -24.88
C MET C 62 -4.01 26.60 -26.34
N GLN C 63 -3.31 25.54 -26.74
CA GLN C 63 -3.34 25.05 -28.11
C GLN C 63 -3.68 23.56 -28.15
N GLY C 64 -4.42 23.08 -27.17
CA GLY C 64 -4.79 21.68 -27.13
C GLY C 64 -6.16 21.42 -27.70
N ALA C 65 -7.08 22.37 -27.53
CA ALA C 65 -8.44 22.25 -28.00
C ALA C 65 -8.53 22.91 -29.38
N VAL C 66 -8.58 22.10 -30.43
CA VAL C 66 -8.73 22.61 -31.78
C VAL C 66 -10.09 23.28 -31.88
N ASP C 67 -10.09 24.61 -32.06
CA ASP C 67 -11.32 25.37 -31.90
C ASP C 67 -12.15 25.40 -33.17
N ILE C 68 -11.51 25.50 -34.33
CA ILE C 68 -12.28 25.61 -35.58
C ILE C 68 -13.06 24.33 -35.84
N ASN C 69 -12.63 23.21 -35.27
CA ASN C 69 -13.38 21.96 -35.41
C ASN C 69 -14.56 21.93 -34.44
N LYS C 70 -14.28 22.06 -33.15
CA LYS C 70 -15.31 21.90 -32.12
C LYS C 70 -16.39 22.97 -32.20
N LEU C 71 -16.27 23.92 -33.13
CA LEU C 71 -17.29 24.92 -33.42
C LEU C 71 -17.85 24.69 -34.82
N CYS C 72 -18.16 23.43 -35.13
CA CYS C 72 -18.67 23.07 -36.45
C CYS C 72 -20.09 23.58 -36.68
N GLU C 73 -20.75 24.11 -35.64
CA GLU C 73 -22.14 24.55 -35.71
C GLU C 73 -23.04 23.47 -36.30
N PHE D 6 -46.12 -20.55 -21.98
CA PHE D 6 -45.30 -21.58 -22.61
C PHE D 6 -46.14 -22.79 -22.96
N SER D 7 -46.48 -22.92 -24.24
CA SER D 7 -47.33 -24.00 -24.72
C SER D 7 -46.65 -24.93 -25.71
N SER D 8 -45.46 -24.59 -26.20
CA SER D 8 -44.80 -25.36 -27.24
C SER D 8 -43.92 -26.46 -26.64
N LEU D 9 -44.22 -26.88 -25.42
CA LEU D 9 -43.42 -27.90 -24.75
C LEU D 9 -44.07 -29.27 -24.91
N PRO D 10 -43.27 -30.35 -24.96
CA PRO D 10 -43.84 -31.68 -25.21
C PRO D 10 -44.88 -32.11 -24.18
N SER D 11 -44.69 -31.78 -22.91
CA SER D 11 -45.62 -32.22 -21.87
C SER D 11 -47.00 -31.59 -22.02
N TYR D 12 -47.10 -30.46 -22.71
CA TYR D 12 -48.39 -29.82 -22.92
C TYR D 12 -49.32 -30.71 -23.74
N ALA D 13 -48.76 -31.44 -24.72
CA ALA D 13 -49.57 -32.33 -25.53
C ALA D 13 -50.17 -33.45 -24.68
N ALA D 14 -49.36 -34.05 -23.82
CA ALA D 14 -49.87 -35.10 -22.93
C ALA D 14 -50.92 -34.54 -21.98
N PHE D 15 -50.69 -33.34 -21.45
CA PHE D 15 -51.68 -32.72 -20.58
C PHE D 15 -52.98 -32.48 -21.32
N ALA D 16 -52.90 -32.04 -22.58
CA ALA D 16 -54.10 -31.81 -23.38
C ALA D 16 -54.85 -33.11 -23.63
N THR D 17 -54.14 -34.20 -23.94
CA THR D 17 -54.80 -35.48 -24.11
C THR D 17 -55.51 -35.92 -22.84
N ALA D 18 -54.84 -35.78 -21.69
CA ALA D 18 -55.47 -36.14 -20.43
C ALA D 18 -56.69 -35.28 -20.15
N GLN D 19 -56.61 -33.98 -20.44
CA GLN D 19 -57.74 -33.09 -20.21
C GLN D 19 -58.91 -33.44 -21.12
N GLU D 20 -58.64 -33.79 -22.37
CA GLU D 20 -59.70 -34.22 -23.27
C GLU D 20 -60.35 -35.52 -22.77
N ALA D 21 -59.54 -36.44 -22.28
CA ALA D 21 -60.08 -37.68 -21.73
C ALA D 21 -60.99 -37.41 -20.54
N TYR D 22 -60.56 -36.52 -19.64
CA TYR D 22 -61.41 -36.22 -18.48
C TYR D 22 -62.66 -35.44 -18.88
N GLU D 23 -62.56 -34.57 -19.90
CA GLU D 23 -63.74 -33.89 -20.38
C GLU D 23 -64.75 -34.88 -20.94
N GLN D 24 -64.28 -35.86 -21.71
CA GLN D 24 -65.17 -36.90 -22.22
C GLN D 24 -65.79 -37.71 -21.08
N ALA D 25 -64.98 -38.04 -20.06
CA ALA D 25 -65.48 -38.82 -18.93
C ALA D 25 -66.56 -38.06 -18.18
N VAL D 26 -66.32 -36.78 -17.86
CA VAL D 26 -67.30 -36.01 -17.12
C VAL D 26 -68.51 -35.66 -17.98
N ALA D 27 -68.36 -35.63 -19.31
CA ALA D 27 -69.51 -35.48 -20.18
C ALA D 27 -70.34 -36.75 -20.27
N ASN D 28 -69.71 -37.92 -20.08
CA ASN D 28 -70.44 -39.18 -20.03
C ASN D 28 -70.82 -39.57 -18.62
N GLY D 29 -69.94 -39.34 -17.63
CA GLY D 29 -70.23 -39.65 -16.25
C GLY D 29 -70.54 -41.10 -16.00
N ASP D 30 -69.72 -42.00 -16.55
CA ASP D 30 -70.04 -43.42 -16.53
C ASP D 30 -69.67 -44.10 -15.22
N SER D 31 -68.38 -44.14 -14.90
CA SER D 31 -67.88 -44.98 -13.82
C SER D 31 -67.52 -44.13 -12.60
N GLU D 32 -66.92 -44.76 -11.59
CA GLU D 32 -66.28 -44.07 -10.49
C GLU D 32 -64.77 -44.24 -10.47
N VAL D 33 -64.26 -45.37 -10.96
CA VAL D 33 -62.85 -45.69 -10.88
C VAL D 33 -62.18 -45.51 -12.23
N VAL D 34 -62.93 -45.73 -13.32
CA VAL D 34 -62.37 -45.56 -14.65
C VAL D 34 -61.99 -44.10 -14.89
N LEU D 35 -62.80 -43.17 -14.39
CA LEU D 35 -62.37 -41.77 -14.40
C LEU D 35 -61.32 -41.51 -13.33
N LYS D 36 -61.36 -42.24 -12.21
CA LYS D 36 -60.33 -42.10 -11.19
C LYS D 36 -58.96 -42.51 -11.72
N LYS D 37 -58.90 -43.38 -12.72
CA LYS D 37 -57.65 -43.63 -13.43
C LYS D 37 -57.05 -42.31 -13.92
N LEU D 38 -57.88 -41.44 -14.48
CA LEU D 38 -57.45 -40.15 -14.96
C LEU D 38 -57.43 -39.10 -13.85
N LYS D 39 -57.36 -39.52 -12.60
CA LYS D 39 -56.83 -38.71 -11.53
C LYS D 39 -55.53 -39.30 -11.00
N LYS D 40 -55.19 -40.52 -11.41
CA LYS D 40 -53.86 -41.08 -11.24
C LYS D 40 -53.01 -40.97 -12.50
N SER D 41 -53.58 -40.49 -13.61
CA SER D 41 -52.85 -40.26 -14.84
C SER D 41 -52.95 -38.84 -15.37
N LEU D 42 -53.84 -38.02 -14.81
CA LEU D 42 -53.94 -36.61 -15.16
C LEU D 42 -53.40 -35.70 -14.08
N ASN D 43 -53.71 -35.98 -12.81
CA ASN D 43 -53.07 -35.24 -11.73
C ASN D 43 -51.57 -35.43 -11.75
N VAL D 44 -51.09 -36.53 -12.34
CA VAL D 44 -49.67 -36.61 -12.65
C VAL D 44 -49.32 -35.74 -13.86
N ALA D 45 -50.24 -35.60 -14.81
CA ALA D 45 -49.92 -34.88 -16.05
C ALA D 45 -49.59 -33.42 -15.81
N LYS D 46 -49.98 -32.86 -14.67
CA LYS D 46 -49.53 -31.54 -14.26
C LYS D 46 -48.37 -31.61 -13.26
N SER D 47 -47.67 -32.73 -13.21
CA SER D 47 -46.46 -32.86 -12.40
C SER D 47 -45.18 -32.82 -13.23
N GLU D 48 -45.18 -33.41 -14.43
CA GLU D 48 -44.09 -33.22 -15.37
C GLU D 48 -44.37 -32.09 -16.36
N PHE D 49 -45.38 -31.28 -16.09
CA PHE D 49 -45.69 -30.11 -16.90
C PHE D 49 -45.31 -28.84 -16.16
N ASP D 50 -45.83 -28.63 -14.95
CA ASP D 50 -45.46 -27.45 -14.17
C ASP D 50 -44.12 -27.59 -13.47
N ARG D 51 -43.46 -28.75 -13.61
CA ARG D 51 -42.05 -28.88 -13.24
C ARG D 51 -41.12 -28.50 -14.38
N ASP D 52 -41.50 -28.80 -15.61
CA ASP D 52 -40.73 -28.45 -16.79
C ASP D 52 -41.02 -27.03 -17.28
N ALA D 53 -42.24 -26.53 -17.06
CA ALA D 53 -42.63 -25.18 -17.45
C ALA D 53 -42.40 -24.16 -16.34
N ALA D 54 -41.84 -24.57 -15.21
CA ALA D 54 -41.48 -23.62 -14.17
C ALA D 54 -40.02 -23.22 -14.31
N MET D 55 -39.14 -24.21 -14.46
CA MET D 55 -37.71 -23.92 -14.51
C MET D 55 -37.35 -23.13 -15.76
N GLN D 56 -37.97 -23.43 -16.90
CA GLN D 56 -37.67 -22.69 -18.12
C GLN D 56 -38.11 -21.23 -18.01
N ARG D 57 -39.25 -20.97 -17.34
CA ARG D 57 -39.72 -19.61 -17.20
C ARG D 57 -38.78 -18.78 -16.33
N LYS D 58 -38.18 -19.38 -15.29
CA LYS D 58 -37.19 -18.67 -14.50
C LYS D 58 -35.88 -18.53 -15.27
N LEU D 59 -35.55 -19.52 -16.10
CA LEU D 59 -34.35 -19.41 -16.93
C LEU D 59 -34.44 -18.23 -17.89
N GLU D 60 -35.64 -17.98 -18.42
CA GLU D 60 -35.84 -16.83 -19.31
C GLU D 60 -35.44 -15.53 -18.60
N LYS D 61 -35.98 -15.30 -17.40
CA LYS D 61 -35.66 -14.08 -16.68
C LYS D 61 -34.22 -14.06 -16.20
N MET D 62 -33.64 -15.22 -15.91
CA MET D 62 -32.21 -15.28 -15.59
C MET D 62 -31.40 -14.73 -16.75
N ALA D 63 -31.67 -15.24 -17.95
CA ALA D 63 -30.95 -14.78 -19.14
C ALA D 63 -31.17 -13.29 -19.36
N ASP D 64 -32.40 -12.82 -19.17
CA ASP D 64 -32.69 -11.40 -19.38
C ASP D 64 -31.90 -10.54 -18.39
N GLN D 65 -31.90 -10.92 -17.11
CA GLN D 65 -31.20 -10.12 -16.10
C GLN D 65 -29.70 -10.11 -16.36
N ALA D 66 -29.13 -11.27 -16.69
CA ALA D 66 -27.70 -11.31 -16.99
C ALA D 66 -27.36 -10.47 -18.22
N MET D 67 -28.19 -10.53 -19.26
CA MET D 67 -27.94 -9.73 -20.45
C MET D 67 -28.00 -8.24 -20.13
N THR D 68 -28.99 -7.83 -19.33
CA THR D 68 -29.07 -6.41 -18.96
C THR D 68 -27.86 -5.98 -18.15
N GLN D 69 -27.42 -6.81 -17.21
CA GLN D 69 -26.23 -6.50 -16.43
C GLN D 69 -25.02 -6.28 -17.33
N MET D 70 -24.80 -7.21 -18.27
CA MET D 70 -23.61 -7.09 -19.10
C MET D 70 -23.75 -5.98 -20.14
N TYR D 71 -24.96 -5.65 -20.58
CA TYR D 71 -25.15 -4.48 -21.44
C TYR D 71 -24.80 -3.21 -20.68
N LYS D 72 -25.24 -3.11 -19.42
CA LYS D 72 -24.89 -1.94 -18.62
C LYS D 72 -23.39 -1.85 -18.40
N GLN D 73 -22.74 -2.99 -18.18
CA GLN D 73 -21.28 -2.98 -18.02
C GLN D 73 -20.58 -2.53 -19.30
N ALA D 74 -21.09 -2.97 -20.46
CA ALA D 74 -20.51 -2.52 -21.73
C ALA D 74 -20.69 -1.01 -21.92
N ARG D 75 -21.87 -0.50 -21.58
CA ARG D 75 -22.09 0.95 -21.71
C ARG D 75 -21.19 1.71 -20.75
N SER D 76 -21.02 1.21 -19.53
CA SER D 76 -20.15 1.86 -18.56
C SER D 76 -18.70 1.86 -19.00
N GLU D 77 -18.23 0.78 -19.64
CA GLU D 77 -16.86 0.80 -20.13
C GLU D 77 -16.69 1.67 -21.37
N ASP D 78 -17.74 1.82 -22.18
CA ASP D 78 -17.63 2.67 -23.36
C ASP D 78 -17.84 4.15 -23.06
N LYS D 79 -18.42 4.49 -21.91
CA LYS D 79 -18.64 5.90 -21.61
C LYS D 79 -17.41 6.55 -20.99
N ARG D 80 -16.82 5.90 -19.99
CA ARG D 80 -15.66 6.46 -19.29
C ARG D 80 -14.37 6.39 -20.10
N ALA D 81 -14.45 6.03 -21.37
CA ALA D 81 -13.29 6.01 -22.26
C ALA D 81 -13.39 7.06 -23.37
N LYS D 82 -14.34 8.00 -23.27
CA LYS D 82 -14.49 9.03 -24.29
C LYS D 82 -14.76 10.40 -23.68
N VAL D 83 -14.52 10.54 -22.37
CA VAL D 83 -14.89 11.76 -21.66
C VAL D 83 -14.23 12.98 -22.31
N THR D 84 -12.97 12.87 -22.70
CA THR D 84 -12.29 14.04 -23.24
C THR D 84 -12.55 14.21 -24.74
N SER D 85 -13.80 14.00 -25.14
CA SER D 85 -14.35 14.58 -26.37
C SER D 85 -15.75 15.09 -26.04
N ALA D 86 -16.46 14.31 -25.22
CA ALA D 86 -17.83 14.66 -24.85
C ALA D 86 -17.86 15.91 -24.00
N MET D 87 -16.88 16.07 -23.10
CA MET D 87 -16.82 17.27 -22.29
C MET D 87 -16.71 18.52 -23.16
N GLN D 88 -15.83 18.49 -24.17
CA GLN D 88 -15.65 19.65 -25.03
C GLN D 88 -16.88 19.90 -25.89
N THR D 89 -17.47 18.85 -26.46
CA THR D 89 -18.69 19.03 -27.25
C THR D 89 -19.79 19.67 -26.40
N MET D 90 -20.00 19.14 -25.20
CA MET D 90 -21.05 19.64 -24.33
C MET D 90 -20.77 21.08 -23.95
N LEU D 91 -19.50 21.40 -23.65
CA LEU D 91 -19.12 22.76 -23.29
C LEU D 91 -19.43 23.75 -24.40
N PHE D 92 -19.05 23.41 -25.64
CA PHE D 92 -19.27 24.36 -26.73
C PHE D 92 -20.75 24.49 -27.07
N THR D 93 -21.52 23.41 -26.94
CA THR D 93 -22.96 23.53 -27.15
C THR D 93 -23.56 24.47 -26.11
N MET D 94 -23.17 24.31 -24.84
CA MET D 94 -23.68 25.23 -23.82
C MET D 94 -23.23 26.65 -24.08
N LEU D 95 -22.01 26.84 -24.56
CA LEU D 95 -21.49 28.18 -24.80
C LEU D 95 -22.28 28.88 -25.91
N ARG D 96 -22.50 28.19 -27.03
CA ARG D 96 -23.30 28.78 -28.08
C ARG D 96 -24.75 28.95 -27.67
N LYS D 97 -25.23 28.16 -26.70
CA LYS D 97 -26.54 28.42 -26.13
C LYS D 97 -26.54 29.64 -25.22
N LEU D 98 -25.38 29.96 -24.63
CA LEU D 98 -25.31 31.04 -23.63
C LEU D 98 -25.66 32.38 -24.24
N ASP D 99 -25.15 32.66 -25.44
CA ASP D 99 -25.44 33.89 -26.17
C ASP D 99 -25.04 35.13 -25.38
N ASN D 100 -23.74 35.34 -25.17
CA ASN D 100 -23.25 36.59 -24.60
C ASN D 100 -22.16 37.13 -25.49
N ASP D 101 -22.31 38.40 -25.90
CA ASP D 101 -21.43 39.02 -26.89
C ASP D 101 -19.98 39.01 -26.42
N ALA D 102 -19.76 39.29 -25.13
CA ALA D 102 -18.40 39.29 -24.59
C ALA D 102 -17.71 37.96 -24.83
N LEU D 103 -18.46 36.87 -24.81
CA LEU D 103 -17.87 35.57 -25.08
C LEU D 103 -17.68 35.36 -26.59
N ASN D 104 -18.72 35.61 -27.38
CA ASN D 104 -18.66 35.36 -28.82
C ASN D 104 -17.51 36.12 -29.46
N ASN D 105 -17.25 37.35 -29.00
CA ASN D 105 -16.17 38.14 -29.56
C ASN D 105 -14.84 37.38 -29.45
N ILE D 106 -14.50 36.95 -28.24
CA ILE D 106 -13.22 36.29 -28.04
C ILE D 106 -13.22 34.91 -28.67
N ILE D 107 -14.36 34.24 -28.74
CA ILE D 107 -14.40 32.91 -29.35
C ILE D 107 -14.13 33.00 -30.85
N ASN D 108 -14.78 33.95 -31.54
CA ASN D 108 -14.48 34.16 -32.95
C ASN D 108 -13.03 34.55 -33.15
N ASN D 109 -12.54 35.48 -32.31
CA ASN D 109 -11.17 35.96 -32.46
C ASN D 109 -10.17 34.82 -32.31
N ALA D 110 -10.40 33.94 -31.34
CA ALA D 110 -9.56 32.77 -31.19
C ALA D 110 -9.75 31.79 -32.33
N ARG D 111 -10.95 31.74 -32.93
CA ARG D 111 -11.18 30.88 -34.07
C ARG D 111 -10.38 31.34 -35.29
N ASP D 112 -10.04 32.63 -35.37
CA ASP D 112 -9.15 33.07 -36.44
C ASP D 112 -7.73 33.40 -36.01
N GLY D 113 -7.45 33.49 -34.70
CA GLY D 113 -6.07 33.68 -34.29
C GLY D 113 -5.76 34.55 -33.08
N CYS D 114 -6.64 35.48 -32.71
CA CYS D 114 -6.34 36.36 -31.58
C CYS D 114 -6.42 35.61 -30.25
N VAL D 115 -5.45 34.75 -29.98
CA VAL D 115 -5.38 34.04 -28.71
C VAL D 115 -4.59 34.90 -27.73
N PRO D 116 -5.17 35.25 -26.58
CA PRO D 116 -4.39 35.99 -25.58
C PRO D 116 -3.30 35.10 -24.99
N LEU D 117 -2.23 35.74 -24.55
CA LEU D 117 -1.10 35.03 -23.95
C LEU D 117 -1.10 35.15 -22.42
N ASN D 118 -2.25 35.45 -21.84
CA ASN D 118 -2.39 35.48 -20.39
C ASN D 118 -3.87 35.49 -20.05
N ILE D 119 -4.16 35.43 -18.74
CA ILE D 119 -5.52 35.58 -18.29
C ILE D 119 -5.97 37.02 -18.55
N ILE D 120 -7.14 37.17 -19.16
CA ILE D 120 -7.66 38.50 -19.47
C ILE D 120 -7.94 39.23 -18.16
N PRO D 121 -7.21 40.31 -17.87
CA PRO D 121 -7.43 41.02 -16.62
C PRO D 121 -8.77 41.75 -16.62
N LEU D 122 -9.32 41.92 -15.40
CA LEU D 122 -10.62 42.54 -15.25
C LEU D 122 -10.58 43.91 -14.58
N THR D 123 -9.46 44.27 -13.95
CA THR D 123 -9.36 45.60 -13.35
C THR D 123 -9.23 46.66 -14.44
N THR D 124 -9.49 47.91 -14.05
CA THR D 124 -9.29 49.03 -14.97
C THR D 124 -7.84 49.18 -15.39
N ALA D 125 -6.91 48.75 -14.53
CA ALA D 125 -5.49 48.68 -14.84
C ALA D 125 -5.15 47.31 -15.39
N ALA D 126 -3.86 46.97 -15.38
CA ALA D 126 -3.35 45.63 -15.64
C ALA D 126 -3.24 45.34 -17.13
N LYS D 127 -2.33 44.42 -17.47
CA LYS D 127 -1.78 44.29 -18.81
C LYS D 127 -2.40 43.12 -19.56
N LEU D 128 -2.44 43.24 -20.89
CA LEU D 128 -2.95 42.20 -21.77
C LEU D 128 -2.03 42.07 -22.97
N MET D 129 -1.89 40.85 -23.49
CA MET D 129 -1.10 40.63 -24.70
C MET D 129 -1.86 39.69 -25.61
N VAL D 130 -2.10 40.12 -26.84
CA VAL D 130 -2.97 39.42 -27.79
C VAL D 130 -2.18 39.18 -29.06
N VAL D 131 -1.90 37.91 -29.38
CA VAL D 131 -1.21 37.59 -30.62
C VAL D 131 -2.08 37.97 -31.80
N ILE D 132 -1.47 38.58 -32.81
CA ILE D 132 -2.14 38.90 -34.06
C ILE D 132 -1.28 38.40 -35.21
N PRO D 133 -1.72 37.37 -35.95
CA PRO D 133 -0.83 36.73 -36.92
C PRO D 133 -0.89 37.32 -38.32
N ASP D 134 -1.86 38.17 -38.63
CA ASP D 134 -2.02 38.68 -39.98
C ASP D 134 -2.46 40.14 -39.92
N TYR D 135 -2.79 40.70 -41.08
CA TYR D 135 -3.19 42.09 -41.19
C TYR D 135 -4.70 42.27 -41.23
N ASN D 136 -5.43 41.42 -41.95
CA ASN D 136 -6.88 41.51 -41.98
C ASN D 136 -7.46 41.39 -40.58
N THR D 137 -6.81 40.60 -39.73
CA THR D 137 -7.19 40.55 -38.32
C THR D 137 -6.95 41.89 -37.64
N TYR D 138 -5.85 42.57 -37.99
CA TYR D 138 -5.57 43.87 -37.41
C TYR D 138 -6.65 44.89 -37.78
N LYS D 139 -7.22 44.76 -38.98
CA LYS D 139 -8.18 45.76 -39.44
C LYS D 139 -9.39 45.85 -38.52
N ASN D 140 -9.91 44.71 -38.10
CA ASN D 140 -11.12 44.70 -37.28
C ASN D 140 -10.83 45.13 -35.84
N THR D 141 -9.74 44.64 -35.24
CA THR D 141 -9.52 44.82 -33.81
C THR D 141 -8.93 46.18 -33.46
N CYS D 142 -7.73 46.46 -33.95
CA CYS D 142 -7.04 47.69 -33.55
C CYS D 142 -7.29 48.79 -34.56
N ASP D 143 -7.74 49.94 -34.07
CA ASP D 143 -8.00 51.12 -34.91
C ASP D 143 -7.32 52.33 -34.27
N GLY D 144 -6.20 52.74 -34.85
CA GLY D 144 -5.50 53.89 -34.33
C GLY D 144 -4.75 53.58 -33.05
N THR D 145 -5.30 54.04 -31.93
CA THR D 145 -4.73 53.77 -30.62
C THR D 145 -5.59 52.87 -29.75
N THR D 146 -6.85 52.62 -30.12
CA THR D 146 -7.77 51.85 -29.30
C THR D 146 -7.82 50.40 -29.77
N PHE D 147 -7.84 49.48 -28.80
CA PHE D 147 -7.90 48.05 -29.05
C PHE D 147 -9.25 47.54 -28.60
N THR D 148 -10.00 46.92 -29.51
CA THR D 148 -11.31 46.38 -29.19
C THR D 148 -11.19 44.88 -29.02
N TYR D 149 -11.49 44.40 -27.81
CA TYR D 149 -11.35 42.99 -27.48
C TYR D 149 -12.12 42.72 -26.21
N ALA D 150 -12.74 41.53 -26.14
CA ALA D 150 -13.59 41.14 -25.01
C ALA D 150 -14.69 42.16 -24.75
N SER D 151 -15.14 42.81 -25.82
CA SER D 151 -16.13 43.89 -25.74
C SER D 151 -15.69 44.97 -24.76
N ALA D 152 -14.40 45.33 -24.83
CA ALA D 152 -13.81 46.34 -23.97
C ALA D 152 -12.99 47.30 -24.83
N LEU D 153 -12.48 48.35 -24.20
CA LEU D 153 -11.68 49.38 -24.86
C LEU D 153 -10.31 49.40 -24.19
N TRP D 154 -9.29 48.96 -24.90
CA TRP D 154 -7.92 48.93 -24.40
C TRP D 154 -7.09 49.98 -25.14
N GLU D 155 -5.91 50.25 -24.62
CA GLU D 155 -5.02 51.27 -25.18
C GLU D 155 -3.75 50.60 -25.69
N ILE D 156 -3.45 50.81 -26.99
CA ILE D 156 -2.31 50.17 -27.62
C ILE D 156 -1.01 50.85 -27.19
N GLN D 157 -0.02 50.06 -26.77
CA GLN D 157 1.22 50.67 -26.34
C GLN D 157 2.51 50.06 -26.91
N GLN D 158 2.60 48.73 -27.08
CA GLN D 158 3.93 48.11 -27.32
C GLN D 158 3.92 47.06 -28.44
N VAL D 159 3.42 47.42 -29.63
CA VAL D 159 3.49 46.51 -30.76
C VAL D 159 4.93 46.02 -30.98
N VAL D 160 5.07 44.73 -31.28
CA VAL D 160 6.38 44.11 -31.46
C VAL D 160 6.24 42.94 -32.42
N ASP D 161 7.28 42.72 -33.22
CA ASP D 161 7.29 41.60 -34.17
C ASP D 161 7.69 40.30 -33.48
N ALA D 162 7.93 39.25 -34.27
CA ALA D 162 8.25 37.94 -33.71
C ALA D 162 9.73 37.75 -33.41
N ASP D 163 10.61 38.53 -34.03
CA ASP D 163 12.04 38.48 -33.72
C ASP D 163 12.41 39.42 -32.59
N SER D 164 11.46 39.73 -31.71
CA SER D 164 11.67 40.57 -30.52
C SER D 164 12.23 41.95 -30.86
N LYS D 165 11.72 42.57 -31.92
CA LYS D 165 12.07 43.94 -32.28
C LYS D 165 10.81 44.79 -32.24
N ILE D 166 10.87 45.88 -31.49
CA ILE D 166 9.72 46.78 -31.40
C ILE D 166 9.45 47.39 -32.76
N VAL D 167 8.19 47.34 -33.18
CA VAL D 167 7.76 47.92 -34.45
C VAL D 167 6.75 49.02 -34.13
N GLN D 168 6.98 50.21 -34.71
CA GLN D 168 6.14 51.36 -34.41
C GLN D 168 4.72 51.14 -34.94
N LEU D 169 3.81 52.00 -34.49
CA LEU D 169 2.39 51.84 -34.82
C LEU D 169 2.08 52.36 -36.22
N SER D 170 2.61 53.54 -36.57
CA SER D 170 2.30 54.13 -37.87
C SER D 170 2.85 53.28 -39.01
N GLU D 171 3.86 52.46 -38.74
CA GLU D 171 4.41 51.57 -39.74
C GLU D 171 3.38 50.57 -40.25
N ILE D 172 2.41 50.20 -39.41
CA ILE D 172 1.45 49.16 -39.75
C ILE D 172 0.52 49.64 -40.87
N SER D 173 0.72 49.10 -42.07
CA SER D 173 -0.14 49.38 -43.21
C SER D 173 -0.06 48.20 -44.18
N MET D 174 -0.90 48.23 -45.20
CA MET D 174 -1.07 47.06 -46.06
C MET D 174 0.15 46.82 -46.95
N ASP D 175 0.69 47.87 -47.55
CA ASP D 175 1.78 47.71 -48.51
C ASP D 175 3.04 47.23 -47.82
N ASN D 176 3.37 47.82 -46.68
CA ASN D 176 4.56 47.46 -45.92
C ASN D 176 4.31 46.32 -44.94
N SER D 177 3.09 45.80 -44.87
CA SER D 177 2.82 44.65 -44.02
C SER D 177 3.71 43.45 -44.34
N PRO D 178 3.96 43.07 -45.61
CA PRO D 178 4.87 41.95 -45.85
C PRO D 178 6.32 42.32 -45.66
N ASN D 179 6.60 43.05 -44.57
CA ASN D 179 7.96 43.42 -44.19
C ASN D 179 8.25 43.08 -42.73
N LEU D 180 7.29 42.47 -42.04
CA LEU D 180 7.38 42.27 -40.59
C LEU D 180 7.18 40.81 -40.25
N ALA D 181 7.78 40.39 -39.15
CA ALA D 181 7.49 39.07 -38.59
C ALA D 181 6.08 39.11 -38.01
N TRP D 182 5.11 38.58 -38.75
CA TRP D 182 3.72 38.96 -38.53
C TRP D 182 3.12 38.54 -37.19
N PRO D 183 3.56 37.47 -36.51
CA PRO D 183 2.94 37.16 -35.21
C PRO D 183 3.20 38.26 -34.19
N LEU D 184 2.47 39.37 -34.34
CA LEU D 184 2.59 40.50 -33.45
C LEU D 184 2.09 40.15 -32.04
N ILE D 185 2.70 40.77 -31.04
CA ILE D 185 2.25 40.64 -29.67
C ILE D 185 1.93 42.04 -29.15
N VAL D 186 0.65 42.41 -29.20
CA VAL D 186 0.23 43.79 -29.04
C VAL D 186 -0.22 43.98 -27.60
N THR D 187 0.70 44.39 -26.74
CA THR D 187 0.39 44.62 -25.33
C THR D 187 -0.47 45.88 -25.17
N ALA D 188 -1.39 45.82 -24.21
CA ALA D 188 -2.34 46.91 -24.01
C ALA D 188 -2.83 46.92 -22.57
N LEU D 189 -3.60 47.96 -22.23
CA LEU D 189 -4.17 48.14 -20.91
C LEU D 189 -5.65 48.49 -21.04
N ARG D 190 -6.43 48.07 -20.05
CA ARG D 190 -7.88 48.29 -20.08
C ARG D 190 -8.22 49.75 -19.82
N ALA D 191 -9.43 50.13 -20.21
CA ALA D 191 -9.92 51.49 -20.00
C ALA D 191 -10.05 51.82 -18.52
N VAL E 2 -16.75 -4.27 -28.50
CA VAL E 2 -18.08 -4.02 -29.06
C VAL E 2 -17.96 -3.50 -30.49
N GLY E 3 -18.35 -4.34 -31.45
CA GLY E 3 -18.31 -3.96 -32.84
C GLY E 3 -18.89 -5.00 -33.76
N ALA E 4 -18.31 -5.17 -34.94
CA ALA E 4 -18.81 -6.09 -35.95
C ALA E 4 -17.87 -7.27 -36.11
N CYS E 5 -18.43 -8.43 -36.41
CA CYS E 5 -17.63 -9.64 -36.54
C CYS E 5 -16.84 -9.61 -37.85
N VAL E 6 -16.03 -10.63 -38.07
CA VAL E 6 -15.10 -10.63 -39.20
C VAL E 6 -15.80 -11.02 -40.49
N LEU E 7 -16.53 -12.13 -40.48
CA LEU E 7 -17.14 -12.59 -41.73
C LEU E 7 -18.46 -11.90 -41.96
N CYS E 8 -19.35 -11.95 -40.97
CA CYS E 8 -20.71 -11.46 -41.10
C CYS E 8 -20.81 -9.95 -41.03
N ASN E 9 -19.85 -9.30 -40.37
CA ASN E 9 -19.88 -7.87 -40.07
C ASN E 9 -21.11 -7.48 -39.24
N SER E 10 -21.80 -8.45 -38.67
CA SER E 10 -22.93 -8.15 -37.80
C SER E 10 -22.41 -7.62 -36.46
N GLN E 11 -23.15 -6.65 -35.92
CA GLN E 11 -22.77 -6.08 -34.63
C GLN E 11 -22.76 -7.15 -33.55
N THR E 12 -21.68 -7.21 -32.77
CA THR E 12 -21.49 -8.32 -31.84
C THR E 12 -20.66 -7.83 -30.66
N SER E 13 -20.38 -8.75 -29.73
CA SER E 13 -19.50 -8.42 -28.59
C SER E 13 -18.58 -9.56 -28.19
N LEU E 14 -18.33 -10.55 -29.04
CA LEU E 14 -17.60 -11.75 -28.64
C LEU E 14 -16.28 -11.84 -29.38
N ARG E 15 -15.21 -12.16 -28.65
CA ARG E 15 -13.85 -12.20 -29.18
C ARG E 15 -13.18 -13.51 -28.78
N CYS E 16 -12.73 -14.28 -29.78
CA CYS E 16 -12.13 -15.59 -29.61
C CYS E 16 -10.82 -15.48 -28.84
N GLY E 17 -10.79 -16.02 -27.62
CA GLY E 17 -9.61 -15.90 -26.79
C GLY E 17 -8.41 -16.68 -27.34
N ALA E 18 -8.64 -17.90 -27.79
CA ALA E 18 -7.56 -18.75 -28.28
C ALA E 18 -7.12 -18.36 -29.67
N CYS E 19 -7.65 -17.29 -30.23
CA CYS E 19 -7.35 -16.89 -31.59
C CYS E 19 -6.13 -15.97 -31.59
N ILE E 20 -5.56 -15.76 -32.77
CA ILE E 20 -4.29 -15.04 -32.85
C ILE E 20 -4.44 -13.59 -32.44
N ARG E 21 -5.34 -12.86 -33.12
CA ARG E 21 -5.45 -11.42 -32.94
C ARG E 21 -6.72 -11.00 -32.22
N ARG E 22 -7.50 -11.95 -31.69
CA ARG E 22 -8.68 -11.69 -30.86
C ARG E 22 -9.68 -10.82 -31.59
N PRO E 23 -10.30 -11.30 -32.66
CA PRO E 23 -11.24 -10.48 -33.43
C PRO E 23 -12.67 -10.63 -32.90
N PHE E 24 -13.53 -9.72 -33.36
CA PHE E 24 -14.93 -9.78 -33.00
C PHE E 24 -15.62 -10.91 -33.76
N LEU E 25 -16.57 -11.58 -33.10
CA LEU E 25 -17.33 -12.66 -33.71
C LEU E 25 -18.76 -12.60 -33.22
N CYS E 26 -19.70 -12.79 -34.14
CA CYS E 26 -21.12 -12.85 -33.78
C CYS E 26 -21.46 -14.23 -33.25
N CYS E 27 -22.58 -14.30 -32.53
CA CYS E 27 -22.93 -15.48 -31.75
C CYS E 27 -22.84 -16.77 -32.57
N LYS E 28 -23.66 -16.87 -33.62
CA LYS E 28 -23.58 -18.03 -34.50
C LYS E 28 -22.23 -18.10 -35.19
N CYS E 29 -21.70 -16.94 -35.62
CA CYS E 29 -20.40 -16.89 -36.26
C CYS E 29 -19.29 -17.34 -35.30
N CYS E 30 -19.35 -16.88 -34.05
CA CYS E 30 -18.37 -17.29 -33.05
C CYS E 30 -18.46 -18.79 -32.77
N TYR E 31 -19.68 -19.32 -32.69
CA TYR E 31 -19.84 -20.76 -32.47
C TYR E 31 -19.29 -21.54 -33.66
N ASP E 32 -19.54 -21.07 -34.89
CA ASP E 32 -19.00 -21.72 -36.07
C ASP E 32 -17.46 -21.79 -36.03
N HIS E 33 -16.81 -20.68 -35.67
CA HIS E 33 -15.39 -20.73 -35.33
C HIS E 33 -15.03 -21.67 -34.20
N VAL E 34 -15.78 -21.70 -33.10
CA VAL E 34 -15.29 -22.52 -32.00
C VAL E 34 -15.38 -24.01 -32.32
N ILE E 35 -16.32 -24.43 -33.17
CA ILE E 35 -16.39 -25.85 -33.49
C ILE E 35 -15.55 -26.21 -34.72
N SER E 36 -15.28 -25.25 -35.60
CA SER E 36 -14.52 -25.52 -36.81
C SER E 36 -13.03 -25.24 -36.66
N THR E 37 -12.57 -24.94 -35.43
CA THR E 37 -11.15 -24.75 -35.15
C THR E 37 -10.82 -25.46 -33.84
N SER E 38 -9.57 -25.33 -33.42
CA SER E 38 -9.16 -25.65 -32.07
C SER E 38 -9.22 -24.44 -31.15
N HIS E 39 -9.63 -23.29 -31.67
CA HIS E 39 -9.78 -22.07 -30.87
C HIS E 39 -10.98 -22.20 -29.96
N LYS E 40 -10.77 -22.76 -28.77
CA LYS E 40 -11.85 -23.11 -27.86
C LYS E 40 -12.06 -22.05 -26.77
N LEU E 41 -11.47 -20.87 -26.92
CA LEU E 41 -11.60 -19.80 -25.95
C LEU E 41 -12.39 -18.65 -26.55
N VAL E 42 -13.41 -18.18 -25.83
CA VAL E 42 -14.16 -17.00 -26.22
C VAL E 42 -14.17 -16.02 -25.05
N LEU E 43 -14.08 -14.74 -25.38
CA LEU E 43 -13.85 -13.68 -24.41
C LEU E 43 -14.77 -12.51 -24.74
N SER E 44 -15.91 -12.44 -24.05
CA SER E 44 -16.83 -11.32 -24.21
C SER E 44 -16.47 -10.22 -23.23
N VAL E 45 -17.40 -9.29 -23.01
CA VAL E 45 -17.18 -8.18 -22.08
C VAL E 45 -16.70 -8.69 -20.73
N ASN E 46 -16.93 -9.98 -20.44
CA ASN E 46 -16.32 -10.71 -19.34
C ASN E 46 -15.73 -12.03 -19.84
N PRO E 47 -14.80 -12.63 -19.09
CA PRO E 47 -14.21 -13.91 -19.52
C PRO E 47 -15.07 -15.12 -19.26
N TYR E 48 -15.22 -15.95 -20.31
CA TYR E 48 -15.97 -17.20 -20.24
C TYR E 48 -15.02 -18.28 -19.75
N VAL E 49 -14.89 -18.37 -18.42
CA VAL E 49 -14.16 -19.43 -17.76
C VAL E 49 -15.02 -19.86 -16.59
N CYS E 50 -14.66 -20.97 -15.96
CA CYS E 50 -15.34 -21.39 -14.74
C CYS E 50 -14.85 -20.55 -13.58
N ASN E 51 -15.75 -19.73 -13.02
CA ASN E 51 -15.38 -18.80 -11.97
C ASN E 51 -15.43 -19.42 -10.57
N ALA E 52 -15.74 -20.71 -10.47
CA ALA E 52 -15.54 -21.33 -9.17
C ALA E 52 -14.05 -21.46 -8.88
N PRO E 53 -13.65 -21.35 -7.61
CA PRO E 53 -12.22 -21.31 -7.29
C PRO E 53 -11.49 -22.56 -7.77
N GLY E 54 -10.30 -22.35 -8.33
CA GLY E 54 -9.43 -23.45 -8.73
C GLY E 54 -9.94 -24.36 -9.83
N CYS E 55 -10.47 -23.78 -10.91
CA CYS E 55 -10.84 -24.55 -12.09
C CYS E 55 -9.95 -24.17 -13.26
N ASP E 56 -9.82 -25.13 -14.19
CA ASP E 56 -8.91 -24.99 -15.32
C ASP E 56 -9.58 -25.12 -16.68
N VAL E 57 -10.90 -25.35 -16.72
CA VAL E 57 -11.56 -25.57 -18.00
C VAL E 57 -11.60 -24.27 -18.81
N THR E 58 -11.21 -24.37 -20.08
CA THR E 58 -11.15 -23.22 -20.96
C THR E 58 -12.06 -23.31 -22.17
N ASP E 59 -12.56 -24.49 -22.51
CA ASP E 59 -13.50 -24.64 -23.61
C ASP E 59 -14.89 -24.14 -23.19
N VAL E 60 -15.63 -23.62 -24.17
CA VAL E 60 -16.91 -22.98 -23.87
C VAL E 60 -18.01 -24.04 -23.69
N THR E 61 -17.91 -25.16 -24.43
CA THR E 61 -18.96 -26.16 -24.37
C THR E 61 -19.12 -26.74 -22.97
N GLN E 62 -17.99 -27.02 -22.30
CA GLN E 62 -18.02 -27.51 -20.93
C GLN E 62 -18.59 -26.49 -19.96
N LEU E 63 -18.69 -25.22 -20.35
CA LEU E 63 -19.19 -24.17 -19.48
C LEU E 63 -20.71 -24.09 -19.52
N TYR E 64 -21.31 -23.80 -18.37
CA TYR E 64 -22.73 -23.54 -18.25
C TYR E 64 -22.94 -22.30 -17.41
N LEU E 65 -24.01 -21.56 -17.71
CA LEU E 65 -24.31 -20.38 -16.92
C LEU E 65 -24.96 -20.78 -15.59
N GLY E 66 -24.43 -20.22 -14.52
CA GLY E 66 -25.09 -20.33 -13.23
C GLY E 66 -25.08 -19.00 -12.49
N GLY E 67 -26.27 -18.44 -12.24
CA GLY E 67 -26.35 -17.15 -11.59
C GLY E 67 -25.61 -16.07 -12.35
N MET E 68 -24.81 -15.28 -11.65
CA MET E 68 -24.04 -14.21 -12.28
C MET E 68 -22.63 -14.66 -12.64
N SER E 69 -22.49 -15.76 -13.37
CA SER E 69 -21.17 -16.23 -13.79
C SER E 69 -21.35 -17.38 -14.78
N TYR E 70 -20.24 -17.96 -15.21
CA TYR E 70 -20.20 -19.09 -16.12
C TYR E 70 -19.49 -20.24 -15.42
N TYR E 71 -20.14 -21.41 -15.38
CA TYR E 71 -19.74 -22.49 -14.49
C TYR E 71 -19.40 -23.74 -15.30
N CYS E 72 -18.59 -24.61 -14.72
CA CYS E 72 -18.22 -25.86 -15.37
C CYS E 72 -19.23 -26.95 -15.04
N LYS E 73 -18.85 -28.20 -15.32
CA LYS E 73 -19.73 -29.34 -15.07
C LYS E 73 -20.13 -29.43 -13.60
N SER E 74 -19.16 -29.67 -12.72
CA SER E 74 -19.42 -30.03 -11.34
C SER E 74 -19.54 -28.84 -10.40
N HIS E 75 -19.24 -27.62 -10.86
CA HIS E 75 -19.28 -26.45 -10.01
C HIS E 75 -20.62 -25.72 -10.06
N LYS E 76 -21.55 -26.18 -10.89
CA LYS E 76 -22.77 -25.44 -11.16
C LYS E 76 -23.74 -25.55 -9.98
N PRO E 77 -24.65 -24.59 -9.86
CA PRO E 77 -25.81 -24.78 -8.98
C PRO E 77 -26.87 -25.60 -9.69
N PRO E 78 -27.94 -26.00 -8.99
CA PRO E 78 -29.02 -26.73 -9.70
C PRO E 78 -29.60 -25.94 -10.86
N ILE E 79 -29.74 -24.63 -10.71
CA ILE E 79 -30.23 -23.78 -11.78
C ILE E 79 -29.07 -23.50 -12.73
N SER E 80 -29.20 -23.92 -13.98
CA SER E 80 -28.16 -23.75 -14.97
C SER E 80 -28.80 -23.53 -16.33
N PHE E 81 -27.96 -23.32 -17.34
CA PHE E 81 -28.41 -23.07 -18.71
C PHE E 81 -27.21 -23.23 -19.62
N PRO E 82 -27.34 -23.98 -20.72
CA PRO E 82 -26.18 -24.21 -21.60
C PRO E 82 -25.83 -22.96 -22.40
N LEU E 83 -24.59 -22.52 -22.25
CA LEU E 83 -24.13 -21.37 -23.03
C LEU E 83 -24.10 -21.69 -24.51
N CYS E 84 -23.75 -22.93 -24.86
CA CYS E 84 -23.69 -23.37 -26.25
C CYS E 84 -25.01 -24.06 -26.58
N ALA E 85 -25.93 -23.31 -27.17
CA ALA E 85 -27.22 -23.83 -27.59
C ALA E 85 -27.59 -23.25 -28.95
N ASN E 86 -28.41 -23.99 -29.69
CA ASN E 86 -28.94 -23.56 -30.98
C ASN E 86 -27.84 -23.29 -32.01
N GLY E 87 -26.64 -23.82 -31.80
CA GLY E 87 -25.54 -23.51 -32.68
C GLY E 87 -25.07 -22.08 -32.60
N GLN E 88 -25.47 -21.36 -31.55
CA GLN E 88 -25.01 -19.99 -31.32
C GLN E 88 -24.70 -19.83 -29.84
N VAL E 89 -23.45 -19.45 -29.53
CA VAL E 89 -23.04 -19.28 -28.16
C VAL E 89 -23.67 -18.02 -27.57
N PHE E 90 -24.00 -18.07 -26.28
CA PHE E 90 -24.59 -16.93 -25.61
C PHE E 90 -23.69 -15.71 -25.73
N GLY E 91 -24.29 -14.58 -26.12
CA GLY E 91 -23.54 -13.35 -26.23
C GLY E 91 -24.47 -12.18 -26.50
N LEU E 92 -23.91 -10.98 -26.37
CA LEU E 92 -24.67 -9.76 -26.62
C LEU E 92 -25.00 -9.66 -28.10
N TYR E 93 -26.02 -8.88 -28.44
CA TYR E 93 -26.50 -8.76 -29.81
C TYR E 93 -26.88 -10.13 -30.36
N LYS E 94 -27.80 -10.80 -29.65
CA LYS E 94 -28.08 -12.20 -29.95
C LYS E 94 -28.84 -12.37 -31.25
N ASN E 95 -29.99 -11.70 -31.40
CA ASN E 95 -30.80 -11.92 -32.60
C ASN E 95 -30.11 -11.35 -33.84
N THR E 96 -29.45 -10.21 -33.70
CA THR E 96 -28.83 -9.53 -34.85
C THR E 96 -27.53 -10.22 -35.24
N CYS E 97 -27.63 -11.52 -35.52
CA CYS E 97 -26.53 -12.31 -36.04
C CYS E 97 -27.02 -13.06 -37.27
N VAL E 98 -26.29 -12.95 -38.37
CA VAL E 98 -26.69 -13.59 -39.62
C VAL E 98 -25.89 -14.85 -39.94
N GLY E 99 -24.74 -15.04 -39.30
CA GLY E 99 -23.91 -16.20 -39.59
C GLY E 99 -23.28 -16.16 -40.96
N SER E 100 -22.26 -16.98 -41.18
CA SER E 100 -21.57 -17.06 -42.46
C SER E 100 -21.71 -18.47 -43.02
N ASP E 101 -22.12 -18.57 -44.27
CA ASP E 101 -22.29 -19.87 -44.90
C ASP E 101 -20.96 -20.62 -45.02
N ASN E 102 -19.93 -19.92 -45.50
CA ASN E 102 -18.60 -20.50 -45.67
C ASN E 102 -17.68 -19.88 -44.62
N VAL E 103 -17.45 -20.63 -43.54
CA VAL E 103 -16.58 -20.17 -42.47
C VAL E 103 -15.21 -20.85 -42.52
N THR E 104 -15.08 -22.01 -43.18
CA THR E 104 -13.85 -22.79 -43.16
C THR E 104 -12.65 -22.01 -43.66
N ASP E 105 -12.86 -21.02 -44.53
CA ASP E 105 -11.77 -20.16 -44.95
C ASP E 105 -11.15 -19.43 -43.75
N PHE E 106 -11.99 -18.80 -42.93
CA PHE E 106 -11.50 -18.02 -41.80
C PHE E 106 -11.06 -18.93 -40.66
N ASN E 107 -11.62 -20.14 -40.57
CA ASN E 107 -11.05 -21.16 -39.69
C ASN E 107 -9.63 -21.53 -40.11
N ALA E 108 -9.41 -21.69 -41.42
CA ALA E 108 -8.08 -22.04 -41.92
C ALA E 108 -7.09 -20.92 -41.64
N ILE E 109 -7.50 -19.66 -41.87
CA ILE E 109 -6.61 -18.53 -41.57
C ILE E 109 -6.30 -18.48 -40.08
N ALA E 110 -7.31 -18.70 -39.23
CA ALA E 110 -7.08 -18.70 -37.80
C ALA E 110 -6.21 -19.85 -37.32
N THR E 111 -6.30 -21.00 -37.97
CA THR E 111 -5.43 -22.13 -37.67
C THR E 111 -4.18 -22.15 -38.54
N CYS E 112 -4.00 -21.16 -39.40
CA CYS E 112 -2.86 -21.14 -40.29
C CYS E 112 -1.57 -20.82 -39.54
N ASP E 113 -0.48 -21.45 -40.00
CA ASP E 113 0.86 -21.14 -39.53
C ASP E 113 1.68 -20.40 -40.58
N TRP E 114 1.11 -20.11 -41.74
CA TRP E 114 1.76 -19.34 -42.80
C TRP E 114 3.07 -20.00 -43.24
N THR E 115 3.06 -21.33 -43.36
CA THR E 115 4.26 -22.10 -43.68
C THR E 115 4.44 -22.32 -45.18
N ASN E 116 3.38 -22.74 -45.86
CA ASN E 116 3.48 -23.06 -47.28
C ASN E 116 2.92 -21.91 -48.12
N ALA E 117 3.10 -22.05 -49.44
CA ALA E 117 2.59 -21.04 -50.36
C ALA E 117 1.06 -21.01 -50.36
N GLY E 118 0.43 -22.17 -50.19
CA GLY E 118 -1.02 -22.21 -50.12
C GLY E 118 -1.58 -21.35 -49.01
N ASP E 119 -0.80 -21.14 -47.93
CA ASP E 119 -1.21 -20.20 -46.91
C ASP E 119 -1.33 -18.79 -47.47
N TYR E 120 -0.38 -18.37 -48.30
CA TYR E 120 -0.47 -17.05 -48.92
C TYR E 120 -1.59 -16.98 -49.96
N ILE E 121 -1.78 -18.08 -50.69
CA ILE E 121 -2.90 -18.14 -51.64
C ILE E 121 -4.21 -17.93 -50.92
N LEU E 122 -4.37 -18.57 -49.75
CA LEU E 122 -5.54 -18.31 -48.91
C LEU E 122 -5.55 -16.87 -48.42
N ALA E 123 -4.38 -16.34 -48.04
CA ALA E 123 -4.30 -14.99 -47.51
C ALA E 123 -4.79 -13.95 -48.51
N ASN E 124 -4.66 -14.24 -49.80
CA ASN E 124 -5.12 -13.30 -50.82
C ASN E 124 -6.39 -13.71 -51.54
N THR E 125 -6.88 -14.95 -51.36
CA THR E 125 -8.09 -15.38 -52.02
C THR E 125 -9.36 -15.11 -51.21
N CYS E 126 -9.27 -15.14 -49.87
CA CYS E 126 -10.44 -14.90 -49.04
C CYS E 126 -10.87 -13.44 -49.14
N THR E 127 -12.00 -13.12 -48.53
CA THR E 127 -12.67 -11.84 -48.79
C THR E 127 -11.97 -10.67 -48.11
N GLU E 128 -12.58 -9.48 -48.19
CA GLU E 128 -11.88 -8.21 -48.04
C GLU E 128 -11.29 -8.04 -46.64
N ARG E 129 -12.15 -7.95 -45.61
CA ARG E 129 -11.60 -7.82 -44.27
C ARG E 129 -10.99 -9.13 -43.81
N LEU E 130 -11.43 -10.26 -44.39
CA LEU E 130 -10.82 -11.54 -44.06
C LEU E 130 -9.38 -11.60 -44.56
N LYS E 131 -9.11 -11.07 -45.76
CA LYS E 131 -7.73 -11.05 -46.24
C LYS E 131 -6.90 -9.95 -45.58
N LEU E 132 -7.52 -8.83 -45.19
CA LEU E 132 -6.80 -7.90 -44.32
C LEU E 132 -6.40 -8.59 -43.02
N PHE E 133 -7.32 -9.38 -42.44
CA PHE E 133 -6.99 -10.16 -41.25
C PHE E 133 -5.92 -11.20 -41.54
N ALA E 134 -5.91 -11.73 -42.76
CA ALA E 134 -4.83 -12.64 -43.14
C ALA E 134 -3.48 -11.94 -43.04
N ALA E 135 -3.41 -10.71 -43.56
CA ALA E 135 -2.19 -9.91 -43.40
C ALA E 135 -1.89 -9.64 -41.93
N GLU E 136 -2.93 -9.28 -41.15
CA GLU E 136 -2.74 -9.01 -39.73
C GLU E 136 -2.13 -10.22 -39.03
N THR E 137 -2.74 -11.39 -39.21
CA THR E 137 -2.29 -12.60 -38.55
C THR E 137 -0.91 -13.02 -39.03
N LEU E 138 -0.65 -12.93 -40.34
CA LEU E 138 0.66 -13.25 -40.88
C LEU E 138 1.74 -12.43 -40.19
N LYS E 139 1.59 -11.11 -40.22
CA LYS E 139 2.60 -10.28 -39.59
C LYS E 139 2.70 -10.60 -38.11
N ALA E 140 1.55 -10.59 -37.40
CA ALA E 140 1.54 -10.84 -35.96
C ALA E 140 2.31 -12.10 -35.61
N THR E 141 2.06 -13.18 -36.36
CA THR E 141 2.82 -14.41 -36.18
C THR E 141 4.31 -14.14 -36.28
N GLU E 142 4.77 -13.57 -37.40
CA GLU E 142 6.23 -13.59 -37.47
C GLU E 142 6.90 -12.53 -36.58
N GLU E 143 6.19 -11.52 -36.06
CA GLU E 143 6.88 -10.75 -35.01
C GLU E 143 6.88 -11.52 -33.69
N THR E 144 5.87 -12.36 -33.46
CA THR E 144 6.00 -13.29 -32.33
C THR E 144 7.12 -14.29 -32.58
N PHE E 145 7.53 -14.44 -33.84
CA PHE E 145 8.59 -15.38 -34.18
C PHE E 145 9.98 -14.77 -33.94
N LYS E 146 10.21 -13.56 -34.47
CA LYS E 146 11.59 -13.04 -34.52
C LYS E 146 12.24 -12.91 -33.14
N LEU E 147 11.46 -12.68 -32.08
CA LEU E 147 12.06 -12.59 -30.75
C LEU E 147 12.19 -13.95 -30.07
N SER E 148 11.70 -15.01 -30.70
CA SER E 148 11.90 -16.36 -30.20
C SER E 148 13.26 -16.93 -30.55
N TYR E 149 14.14 -16.12 -31.13
CA TYR E 149 15.51 -16.52 -31.39
C TYR E 149 16.41 -16.04 -30.25
N GLY E 150 17.66 -16.47 -30.30
CA GLY E 150 18.61 -16.09 -29.26
C GLY E 150 18.90 -14.61 -29.28
N ILE E 151 19.55 -14.16 -28.20
CA ILE E 151 19.98 -12.78 -28.05
C ILE E 151 21.47 -12.69 -28.36
N ALA E 152 21.84 -11.68 -29.14
CA ALA E 152 23.22 -11.52 -29.63
C ALA E 152 24.05 -10.83 -28.56
N THR E 153 24.54 -11.61 -27.61
CA THR E 153 25.35 -11.07 -26.53
C THR E 153 26.81 -11.02 -26.96
N VAL E 154 27.39 -9.83 -26.97
CA VAL E 154 28.78 -9.70 -27.39
C VAL E 154 29.69 -10.19 -26.26
N ARG E 155 30.73 -10.91 -26.64
CA ARG E 155 31.69 -11.47 -25.69
C ARG E 155 33.01 -10.72 -25.70
N GLU E 156 33.58 -10.48 -26.88
CA GLU E 156 34.89 -9.86 -27.00
C GLU E 156 34.85 -8.76 -28.04
N VAL E 157 35.82 -7.86 -27.95
CA VAL E 157 36.02 -6.79 -28.92
C VAL E 157 37.36 -7.06 -29.60
N LEU E 158 37.35 -7.79 -30.71
CA LEU E 158 38.57 -8.05 -31.46
C LEU E 158 39.14 -6.74 -31.98
N SER E 159 38.40 -6.09 -32.88
CA SER E 159 38.83 -4.84 -33.50
C SER E 159 37.61 -4.08 -34.00
N ASP E 160 37.83 -3.08 -34.84
CA ASP E 160 36.74 -2.38 -35.49
C ASP E 160 36.05 -3.32 -36.49
N ARG E 161 34.73 -3.17 -36.58
CA ARG E 161 33.90 -3.82 -37.60
C ARG E 161 33.73 -5.32 -37.37
N GLU E 162 34.37 -5.88 -36.35
CA GLU E 162 34.14 -7.27 -35.99
C GLU E 162 34.08 -7.43 -34.47
N LEU E 163 33.25 -8.38 -34.02
CA LEU E 163 33.08 -8.67 -32.61
C LEU E 163 32.96 -10.18 -32.45
N HIS E 164 32.76 -10.63 -31.22
CA HIS E 164 32.50 -12.03 -30.89
C HIS E 164 31.09 -12.13 -30.32
N LEU E 165 30.32 -13.11 -30.79
CA LEU E 165 28.91 -13.19 -30.44
C LEU E 165 28.61 -14.53 -29.80
N SER E 166 27.97 -14.49 -28.63
CA SER E 166 27.34 -15.63 -28.00
C SER E 166 25.83 -15.48 -28.12
N TRP E 167 25.14 -16.62 -28.06
CA TRP E 167 23.70 -16.66 -28.20
C TRP E 167 23.11 -17.51 -27.09
N GLU E 168 21.92 -17.11 -26.63
CA GLU E 168 21.31 -17.77 -25.48
C GLU E 168 20.97 -19.22 -25.79
N VAL E 169 21.14 -20.08 -24.80
CA VAL E 169 20.88 -21.50 -24.96
C VAL E 169 19.38 -21.73 -25.13
N GLY E 170 19.02 -22.64 -26.04
CA GLY E 170 17.63 -23.01 -26.21
C GLY E 170 17.01 -22.57 -27.50
N LYS E 171 17.30 -21.34 -27.94
CA LYS E 171 16.68 -20.83 -29.15
C LYS E 171 17.74 -20.50 -30.20
N PRO E 172 17.44 -20.69 -31.47
CA PRO E 172 18.47 -20.72 -32.51
C PRO E 172 18.98 -19.33 -32.89
N ARG E 173 19.88 -19.32 -33.86
CA ARG E 173 20.51 -18.10 -34.36
C ARG E 173 19.83 -17.65 -35.64
N PRO E 174 19.37 -16.40 -35.73
CA PRO E 174 18.72 -15.94 -36.96
C PRO E 174 19.72 -15.83 -38.10
N PRO E 175 19.23 -15.83 -39.35
CA PRO E 175 20.12 -15.63 -40.51
C PRO E 175 21.07 -14.45 -40.38
N LEU E 176 22.15 -14.48 -41.16
CA LEU E 176 23.31 -13.61 -40.98
C LEU E 176 23.29 -12.43 -41.94
N ASN E 177 22.12 -11.87 -42.23
CA ASN E 177 21.98 -10.83 -43.24
C ASN E 177 21.38 -9.58 -42.61
N ARG E 178 21.16 -8.56 -43.45
CA ARG E 178 20.45 -7.36 -43.05
C ARG E 178 18.93 -7.55 -43.10
N ASN E 179 18.47 -8.74 -43.50
CA ASN E 179 17.04 -9.02 -43.48
C ASN E 179 16.47 -8.89 -42.07
N TYR E 180 17.18 -9.42 -41.08
CA TYR E 180 16.76 -9.34 -39.68
C TYR E 180 17.55 -8.22 -39.03
N VAL E 181 16.94 -7.03 -38.94
CA VAL E 181 17.59 -5.87 -38.37
C VAL E 181 17.51 -5.95 -36.85
N PHE E 182 18.66 -6.05 -36.21
CA PHE E 182 18.71 -6.04 -34.76
C PHE E 182 18.60 -4.62 -34.23
N THR E 183 18.54 -4.49 -32.92
CA THR E 183 18.55 -3.19 -32.26
C THR E 183 19.14 -3.41 -30.87
N GLY E 184 20.01 -2.52 -30.45
CA GLY E 184 20.70 -2.70 -29.19
C GLY E 184 20.39 -1.64 -28.16
N TYR E 185 20.67 -1.98 -26.91
CA TYR E 185 20.60 -1.06 -25.80
C TYR E 185 21.83 -1.26 -24.94
N ARG E 186 22.23 -0.22 -24.20
CA ARG E 186 23.42 -0.28 -23.37
C ARG E 186 23.03 -0.83 -21.99
N VAL E 187 23.54 -2.01 -21.66
CA VAL E 187 23.23 -2.61 -20.35
C VAL E 187 23.99 -1.86 -19.27
N THR E 188 23.27 -1.44 -18.23
CA THR E 188 23.87 -0.68 -17.14
C THR E 188 23.48 -1.28 -15.80
N LYS E 189 23.81 -0.60 -14.71
CA LYS E 189 23.43 -1.07 -13.38
C LYS E 189 21.93 -0.97 -13.14
N ASN E 190 21.22 -0.18 -13.95
CA ASN E 190 19.79 0.00 -13.78
C ASN E 190 18.97 -0.76 -14.84
N SER E 191 19.24 -0.50 -16.12
CA SER E 191 18.45 -1.11 -17.19
C SER E 191 19.28 -1.08 -18.47
N LYS E 192 18.62 -1.30 -19.61
CA LYS E 192 19.27 -1.29 -20.91
C LYS E 192 18.76 -0.11 -21.73
N VAL E 193 19.67 0.65 -22.33
CA VAL E 193 19.30 1.87 -23.04
C VAL E 193 20.15 2.12 -24.29
N GLN E 194 19.51 2.09 -25.46
CA GLN E 194 19.99 2.82 -26.63
C GLN E 194 21.36 2.41 -27.16
N ILE E 195 21.45 1.34 -27.94
CA ILE E 195 22.60 1.27 -28.85
C ILE E 195 22.19 1.71 -30.26
N GLY E 196 21.24 1.01 -30.87
CA GLY E 196 20.81 1.29 -32.22
C GLY E 196 20.72 0.03 -33.06
N GLU E 197 20.31 0.22 -34.32
CA GLU E 197 20.04 -0.90 -35.21
C GLU E 197 21.31 -1.33 -35.94
N TYR E 198 21.75 -2.56 -35.70
CA TYR E 198 22.86 -3.16 -36.41
C TYR E 198 22.41 -4.47 -37.04
N THR E 199 23.18 -4.93 -38.02
CA THR E 199 23.00 -6.26 -38.60
C THR E 199 24.34 -6.98 -38.60
N PHE E 200 24.33 -8.26 -38.26
CA PHE E 200 25.57 -9.00 -38.05
C PHE E 200 25.77 -10.07 -39.11
N GLU E 201 27.02 -10.21 -39.54
CA GLU E 201 27.46 -11.29 -40.41
C GLU E 201 28.68 -11.92 -39.76
N LYS E 202 29.10 -13.07 -40.27
CA LYS E 202 30.30 -13.71 -39.76
C LYS E 202 31.55 -13.01 -40.29
N GLY E 203 32.56 -12.89 -39.42
CA GLY E 203 33.79 -12.23 -39.78
C GLY E 203 34.59 -12.95 -40.85
N ALA E 208 34.71 -14.78 -35.28
CA ALA E 208 34.61 -13.35 -35.60
C ALA E 208 33.22 -13.01 -36.15
N VAL E 209 32.66 -11.91 -35.68
CA VAL E 209 31.33 -11.47 -36.09
C VAL E 209 31.45 -10.03 -36.57
N VAL E 210 31.47 -9.84 -37.88
CA VAL E 210 31.40 -8.51 -38.46
C VAL E 210 30.05 -7.89 -38.13
N TYR E 211 30.07 -6.67 -37.61
CA TYR E 211 28.84 -5.94 -37.30
C TYR E 211 28.74 -4.73 -38.22
N ARG E 212 27.61 -4.61 -38.90
CA ARG E 212 27.29 -3.44 -39.70
C ARG E 212 26.39 -2.57 -38.83
N GLY E 213 26.97 -1.49 -38.32
CA GLY E 213 26.23 -0.59 -37.45
C GLY E 213 25.65 0.58 -38.23
N THR E 214 24.49 1.06 -37.75
CA THR E 214 23.88 2.23 -38.39
C THR E 214 24.76 3.47 -38.19
N THR E 215 25.19 3.73 -36.97
CA THR E 215 26.01 4.89 -36.65
C THR E 215 27.35 4.43 -36.10
N THR E 216 28.28 5.38 -36.00
CA THR E 216 29.57 5.10 -35.36
C THR E 216 29.36 4.92 -33.86
N TYR E 217 30.09 3.97 -33.28
CA TYR E 217 29.83 3.54 -31.92
C TYR E 217 30.93 2.58 -31.51
N LYS E 218 31.26 2.58 -30.22
CA LYS E 218 32.24 1.67 -29.64
C LYS E 218 31.55 0.79 -28.62
N LEU E 219 31.70 -0.52 -28.76
CA LEU E 219 31.07 -1.49 -27.88
C LEU E 219 32.09 -2.14 -26.97
N ASN E 220 31.58 -2.73 -25.89
CA ASN E 220 32.40 -3.39 -24.89
C ASN E 220 31.91 -4.82 -24.71
N VAL E 221 32.38 -5.51 -23.67
CA VAL E 221 32.00 -6.88 -23.41
C VAL E 221 30.65 -6.92 -22.71
N GLY E 222 29.83 -7.90 -23.10
CA GLY E 222 28.59 -8.18 -22.40
C GLY E 222 27.33 -7.48 -22.90
N ASP E 223 27.45 -6.56 -23.85
CA ASP E 223 26.28 -5.87 -24.36
C ASP E 223 25.57 -6.71 -25.42
N TYR E 224 24.24 -6.79 -25.34
CA TYR E 224 23.49 -7.67 -26.23
C TYR E 224 22.37 -6.92 -26.94
N PHE E 225 22.05 -7.39 -28.14
CA PHE E 225 21.04 -6.78 -29.01
C PHE E 225 19.90 -7.76 -29.23
N VAL E 226 18.72 -7.23 -29.55
CA VAL E 226 17.54 -8.06 -29.77
C VAL E 226 16.85 -7.64 -31.05
N LEU E 227 16.06 -8.55 -31.63
CA LEU E 227 15.22 -8.25 -32.79
C LEU E 227 13.86 -7.75 -32.31
N THR E 228 13.78 -6.42 -32.18
CA THR E 228 12.61 -5.79 -31.58
C THR E 228 11.41 -5.84 -32.51
N SER E 229 10.22 -5.77 -31.92
CA SER E 229 8.97 -5.63 -32.62
C SER E 229 8.19 -4.45 -32.06
N HIS E 230 7.36 -3.85 -32.90
CA HIS E 230 6.48 -2.77 -32.47
C HIS E 230 5.15 -3.35 -32.00
N THR E 231 4.17 -2.48 -31.77
CA THR E 231 2.83 -2.89 -31.37
C THR E 231 1.93 -2.80 -32.59
N VAL E 232 1.61 -3.95 -33.19
CA VAL E 232 0.88 -4.00 -34.45
C VAL E 232 -0.61 -3.93 -34.15
N MET E 233 -1.29 -2.86 -34.66
CA MET E 233 -2.66 -2.50 -34.34
C MET E 233 -3.54 -2.51 -35.59
N PRO E 234 -4.70 -3.19 -35.47
CA PRO E 234 -5.49 -3.55 -36.64
C PRO E 234 -5.87 -2.34 -37.50
N LEU E 235 -5.73 -2.51 -38.81
CA LEU E 235 -6.02 -1.46 -39.78
C LEU E 235 -7.50 -1.10 -39.81
N SER E 236 -7.88 -0.12 -40.63
CA SER E 236 -9.27 0.25 -40.79
C SER E 236 -9.75 -0.02 -42.21
N ALA E 237 -9.04 0.51 -43.20
CA ALA E 237 -9.51 0.46 -44.58
C ALA E 237 -9.02 -0.81 -45.29
N PRO E 238 -9.77 -1.28 -46.28
CA PRO E 238 -9.31 -2.38 -47.14
C PRO E 238 -8.07 -2.00 -47.94
N THR E 239 -7.58 -2.94 -48.75
CA THR E 239 -6.30 -2.76 -49.43
C THR E 239 -6.31 -1.55 -50.35
N LEU E 240 -7.38 -1.39 -51.13
CA LEU E 240 -7.52 -0.21 -51.96
C LEU E 240 -9.00 -0.03 -52.28
N VAL E 241 -9.38 1.23 -52.53
CA VAL E 241 -10.77 1.66 -52.67
C VAL E 241 -11.30 1.12 -53.99
N PRO E 242 -12.62 0.95 -54.17
CA PRO E 242 -13.12 0.53 -55.48
C PRO E 242 -12.79 1.50 -56.59
N GLN E 243 -12.71 0.96 -57.80
CA GLN E 243 -12.40 1.73 -59.00
C GLN E 243 -13.62 2.49 -59.49
N GLU E 244 -13.40 3.73 -59.94
CA GLU E 244 -14.45 4.55 -60.52
C GLU E 244 -13.83 5.45 -61.57
N HIS E 245 -14.30 5.33 -62.81
CA HIS E 245 -13.77 6.11 -63.93
C HIS E 245 -14.66 7.34 -64.13
N TYR E 246 -14.12 8.51 -63.80
CA TYR E 246 -14.86 9.76 -63.98
C TYR E 246 -14.80 10.19 -65.45
N VAL E 247 -15.65 11.16 -65.77
CA VAL E 247 -15.73 11.65 -67.15
C VAL E 247 -14.49 12.47 -67.52
N ARG E 248 -13.93 13.21 -66.56
CA ARG E 248 -12.90 14.20 -66.87
C ARG E 248 -11.98 14.31 -65.65
N ILE E 249 -10.88 15.04 -65.81
CA ILE E 249 -9.98 15.31 -64.70
C ILE E 249 -10.68 16.27 -63.76
N THR E 250 -11.26 15.72 -62.69
CA THR E 250 -12.03 16.51 -61.73
C THR E 250 -11.12 16.94 -60.58
N GLY E 251 -11.32 18.17 -60.12
CA GLY E 251 -10.57 18.69 -58.99
C GLY E 251 -9.17 19.15 -59.31
N LEU E 252 -8.73 19.07 -60.56
CA LEU E 252 -7.38 19.42 -60.95
C LEU E 252 -7.39 20.35 -62.15
N TYR E 253 -6.42 21.25 -62.19
CA TYR E 253 -6.30 22.25 -63.26
C TYR E 253 -5.08 21.94 -64.11
N PRO E 254 -5.24 21.70 -65.41
CA PRO E 254 -4.09 21.31 -66.25
C PRO E 254 -3.07 22.42 -66.37
N THR E 255 -1.92 22.06 -66.96
CA THR E 255 -0.78 22.95 -67.11
C THR E 255 -0.96 23.78 -68.39
N LEU E 256 -0.03 24.69 -68.65
CA LEU E 256 -0.02 25.54 -69.84
C LEU E 256 0.92 25.00 -70.92
N ASN E 257 2.17 24.71 -70.58
CA ASN E 257 3.12 24.13 -71.52
C ASN E 257 4.00 23.13 -70.78
N ILE E 258 4.59 22.21 -71.54
CA ILE E 258 5.30 21.07 -70.97
C ILE E 258 6.69 20.97 -71.56
N SER E 259 7.62 20.44 -70.76
CA SER E 259 8.97 20.14 -71.22
C SER E 259 8.99 18.78 -71.90
N ASP E 260 10.03 18.55 -72.71
CA ASP E 260 10.08 17.35 -73.54
C ASP E 260 10.22 16.09 -72.71
N GLU E 261 11.03 16.12 -71.65
CA GLU E 261 11.43 14.91 -70.94
C GLU E 261 10.28 14.21 -70.24
N PHE E 262 9.05 14.74 -70.29
CA PHE E 262 7.90 14.07 -69.72
C PHE E 262 6.76 13.95 -70.71
N SER E 263 7.03 14.13 -72.01
CA SER E 263 5.98 14.03 -73.01
C SER E 263 5.34 12.65 -73.00
N SER E 264 6.17 11.60 -73.10
CA SER E 264 5.66 10.23 -72.99
C SER E 264 5.03 9.97 -71.63
N ASN E 265 5.32 10.80 -70.63
CA ASN E 265 4.64 10.77 -69.34
C ASN E 265 3.35 11.57 -69.33
N VAL E 266 3.29 12.69 -70.06
CA VAL E 266 2.09 13.52 -70.03
C VAL E 266 0.91 12.78 -70.63
N ALA E 267 1.08 12.23 -71.84
CA ALA E 267 0.08 11.38 -72.44
C ALA E 267 -0.24 10.17 -71.58
N ASN E 268 0.51 9.96 -70.51
CA ASN E 268 0.15 9.01 -69.47
C ASN E 268 -0.71 9.66 -68.39
N TYR E 269 -0.23 10.72 -67.73
CA TYR E 269 -1.02 11.33 -66.66
C TYR E 269 -2.38 11.80 -67.13
N GLN E 270 -2.64 11.78 -68.44
CA GLN E 270 -3.96 12.13 -68.94
C GLN E 270 -5.04 11.22 -68.38
N LYS E 271 -4.69 9.98 -68.06
CA LYS E 271 -5.70 9.02 -67.63
C LYS E 271 -5.70 8.76 -66.13
N VAL E 272 -4.54 8.77 -65.45
CA VAL E 272 -4.57 8.62 -64.01
C VAL E 272 -5.30 9.78 -63.37
N GLY E 273 -5.33 10.93 -64.04
CA GLY E 273 -6.06 12.07 -63.54
C GLY E 273 -7.56 11.98 -63.72
N MET E 274 -8.04 11.13 -64.63
CA MET E 274 -9.48 11.07 -64.89
C MET E 274 -10.20 10.04 -64.02
N GLN E 275 -9.50 9.02 -63.53
CA GLN E 275 -10.07 8.17 -62.49
C GLN E 275 -9.22 8.24 -61.25
N LYS E 276 -9.51 7.40 -60.25
CA LYS E 276 -8.86 7.58 -58.97
C LYS E 276 -7.54 6.80 -58.92
N TYR E 277 -7.55 5.50 -59.24
CA TYR E 277 -6.30 4.75 -59.18
C TYR E 277 -6.01 4.05 -60.51
N SER E 278 -4.74 3.71 -60.67
CA SER E 278 -4.24 3.02 -61.85
C SER E 278 -2.92 2.37 -61.50
N THR E 279 -2.88 1.04 -61.52
CA THR E 279 -1.62 0.34 -61.29
C THR E 279 -0.67 0.59 -62.47
N LEU E 280 0.57 0.88 -62.16
CA LEU E 280 1.59 1.25 -63.13
C LEU E 280 2.57 0.10 -63.29
N GLN E 281 2.61 -0.50 -64.48
CA GLN E 281 3.67 -1.47 -64.74
C GLN E 281 4.97 -0.70 -64.68
N GLY E 282 5.68 -0.82 -63.56
CA GLY E 282 6.89 -0.09 -63.29
C GLY E 282 8.17 -0.84 -63.58
N PRO E 283 8.53 -1.01 -64.85
CA PRO E 283 9.75 -1.73 -65.17
C PRO E 283 10.95 -0.98 -64.62
N PRO E 284 11.97 -1.69 -64.17
CA PRO E 284 13.08 -1.02 -63.45
C PRO E 284 13.76 0.04 -64.29
N GLY E 285 13.97 1.21 -63.68
CA GLY E 285 14.83 2.23 -64.23
C GLY E 285 14.46 2.76 -65.60
N THR E 286 13.19 3.10 -65.80
CA THR E 286 12.74 3.73 -67.04
C THR E 286 12.43 5.21 -66.87
N GLY E 287 12.77 5.79 -65.70
CA GLY E 287 12.31 7.11 -65.36
C GLY E 287 11.13 7.03 -64.41
N LYS E 288 11.21 6.09 -63.47
CA LYS E 288 10.13 5.85 -62.53
C LYS E 288 9.91 7.04 -61.58
N SER E 289 10.98 7.51 -60.94
CA SER E 289 10.83 8.71 -60.14
C SER E 289 10.71 9.94 -61.04
N HIS E 290 11.18 9.84 -62.29
CA HIS E 290 10.82 10.83 -63.30
C HIS E 290 9.32 10.84 -63.52
N PHE E 291 8.71 9.66 -63.63
CA PHE E 291 7.25 9.57 -63.67
C PHE E 291 6.62 10.25 -62.45
N ALA E 292 7.18 10.01 -61.26
CA ALA E 292 6.61 10.59 -60.05
C ALA E 292 6.70 12.11 -60.03
N ILE E 293 7.84 12.68 -60.42
CA ILE E 293 7.99 14.12 -60.37
C ILE E 293 7.21 14.80 -61.49
N GLY E 294 7.05 14.13 -62.63
CA GLY E 294 6.28 14.71 -63.71
C GLY E 294 4.81 14.85 -63.39
N LEU E 295 4.32 14.13 -62.39
CA LEU E 295 2.98 14.36 -61.89
C LEU E 295 2.84 15.77 -61.33
N ALA E 296 3.82 16.19 -60.52
CA ALA E 296 3.84 17.55 -60.00
C ALA E 296 4.15 18.57 -61.09
N LEU E 297 5.00 18.20 -62.05
CA LEU E 297 5.26 19.09 -63.18
C LEU E 297 3.99 19.33 -63.99
N TYR E 298 3.15 18.30 -64.10
CA TYR E 298 1.87 18.43 -64.79
C TYR E 298 0.84 19.16 -63.91
N TYR E 299 0.87 18.91 -62.60
CA TYR E 299 -0.04 19.57 -61.67
C TYR E 299 0.76 20.11 -60.49
N PRO E 300 1.20 21.37 -60.54
CA PRO E 300 2.07 21.91 -59.48
C PRO E 300 1.36 22.16 -58.17
N SER E 301 0.15 22.71 -58.22
CA SER E 301 -0.54 23.12 -57.00
C SER E 301 -1.01 21.95 -56.16
N ALA E 302 -1.06 20.74 -56.72
CA ALA E 302 -1.58 19.59 -56.01
C ALA E 302 -0.58 19.08 -54.97
N ARG E 303 -1.11 18.34 -54.00
CA ARG E 303 -0.28 17.65 -53.03
C ARG E 303 0.05 16.26 -53.55
N ILE E 304 1.32 15.98 -53.79
CA ILE E 304 1.78 14.68 -54.26
C ILE E 304 2.51 13.99 -53.13
N VAL E 305 2.09 12.78 -52.81
CA VAL E 305 2.51 12.07 -51.60
C VAL E 305 3.55 11.02 -51.99
N TYR E 306 4.83 11.37 -51.87
CA TYR E 306 5.92 10.48 -52.24
C TYR E 306 6.22 9.55 -51.07
N THR E 307 5.79 8.30 -51.18
CA THR E 307 6.06 7.35 -50.10
C THR E 307 6.65 6.08 -50.67
N ALA E 308 7.11 5.22 -49.76
CA ALA E 308 7.61 3.89 -50.12
C ALA E 308 7.62 3.03 -48.86
N CYS E 309 7.78 1.73 -49.06
CA CYS E 309 7.84 0.80 -47.93
C CYS E 309 9.09 1.03 -47.09
N SER E 310 10.19 1.43 -47.72
CA SER E 310 11.46 1.68 -47.04
C SER E 310 11.91 3.11 -47.31
N HIS E 311 12.74 3.62 -46.40
CA HIS E 311 13.24 4.99 -46.54
C HIS E 311 14.21 5.11 -47.71
N ALA E 312 15.00 4.08 -47.98
CA ALA E 312 15.96 4.15 -49.07
C ALA E 312 15.28 4.27 -50.43
N ALA E 313 14.01 3.86 -50.54
CA ALA E 313 13.27 4.00 -51.77
C ALA E 313 12.64 5.37 -51.91
N VAL E 314 12.13 5.94 -50.81
CA VAL E 314 11.61 7.31 -50.88
C VAL E 314 12.75 8.29 -51.08
N ASP E 315 13.97 7.91 -50.69
CA ASP E 315 15.13 8.74 -50.98
C ASP E 315 15.33 8.92 -52.48
N ALA E 316 14.94 7.92 -53.28
CA ALA E 316 15.04 8.04 -54.73
C ALA E 316 14.15 9.17 -55.27
N LEU E 317 12.92 9.26 -54.76
CA LEU E 317 12.05 10.36 -55.16
C LEU E 317 12.50 11.68 -54.55
N CYS E 318 13.18 11.62 -53.40
CA CYS E 318 13.76 12.84 -52.83
C CYS E 318 14.91 13.37 -53.67
N GLU E 319 15.66 12.47 -54.33
CA GLU E 319 16.80 12.90 -55.13
C GLU E 319 16.34 13.81 -56.28
N LYS E 320 15.28 13.42 -56.97
CA LYS E 320 14.76 14.22 -58.07
C LYS E 320 13.85 15.35 -57.60
N ALA E 321 13.62 15.46 -56.29
CA ALA E 321 13.02 16.66 -55.74
C ALA E 321 14.05 17.77 -55.58
N LEU E 322 15.31 17.40 -55.35
CA LEU E 322 16.38 18.38 -55.22
C LEU E 322 16.64 19.14 -56.51
N LYS E 323 16.24 18.59 -57.65
CA LYS E 323 16.55 19.17 -58.95
C LYS E 323 15.34 19.68 -59.71
N TYR E 324 14.16 19.10 -59.50
CA TYR E 324 12.97 19.48 -60.26
C TYR E 324 11.86 20.08 -59.41
N LEU E 325 11.88 19.88 -58.09
CA LEU E 325 10.79 20.33 -57.24
C LEU E 325 11.19 21.57 -56.47
N PRO E 326 10.34 22.59 -56.41
CA PRO E 326 10.59 23.71 -55.49
C PRO E 326 10.62 23.21 -54.06
N ILE E 327 11.68 23.56 -53.34
CA ILE E 327 11.95 22.99 -52.02
C ILE E 327 11.23 23.82 -50.97
N ASP E 328 10.77 25.01 -51.36
CA ASP E 328 9.93 25.84 -50.51
C ASP E 328 8.67 25.08 -50.08
N LYS E 329 8.16 24.17 -50.92
CA LYS E 329 6.92 23.45 -50.65
C LYS E 329 7.14 21.95 -50.45
N CYS E 330 8.32 21.54 -50.00
CA CYS E 330 8.64 20.13 -49.78
C CYS E 330 8.69 19.80 -48.30
N SER E 331 8.61 18.51 -48.00
CA SER E 331 8.60 18.03 -46.62
C SER E 331 9.30 16.68 -46.55
N ARG E 332 10.16 16.51 -45.56
CA ARG E 332 10.79 15.22 -45.27
C ARG E 332 10.28 14.76 -43.91
N ILE E 333 9.66 13.59 -43.86
CA ILE E 333 9.06 13.07 -42.63
C ILE E 333 9.73 11.75 -42.29
N ILE E 334 10.54 11.75 -41.23
CA ILE E 334 10.97 10.54 -40.54
C ILE E 334 10.96 10.86 -39.04
N PRO E 335 10.45 10.00 -38.18
CA PRO E 335 10.46 10.28 -36.74
C PRO E 335 11.85 10.13 -36.14
N ALA E 336 11.95 10.48 -34.87
CA ALA E 336 13.21 10.41 -34.14
C ALA E 336 13.66 8.97 -33.96
N VAL E 340 17.19 7.06 -37.76
CA VAL E 340 17.86 6.57 -38.96
C VAL E 340 18.30 7.75 -39.83
N GLU E 341 19.45 7.60 -40.48
CA GLU E 341 20.01 8.66 -41.31
C GLU E 341 19.47 8.54 -42.73
N CYS E 342 18.95 9.64 -43.27
CA CYS E 342 18.35 9.65 -44.59
C CYS E 342 18.55 10.99 -45.28
N PHE E 343 17.76 11.25 -46.32
CA PHE E 343 17.74 12.55 -46.98
C PHE E 343 16.94 13.50 -46.10
N ASP E 344 17.63 14.43 -45.41
CA ASP E 344 17.00 15.34 -44.47
C ASP E 344 17.34 16.79 -44.84
N LYS E 345 17.21 17.13 -46.11
CA LYS E 345 17.37 18.51 -46.53
C LYS E 345 16.06 19.29 -46.47
N PHE E 346 14.94 18.62 -46.69
CA PHE E 346 13.63 19.26 -46.56
C PHE E 346 13.33 19.52 -45.08
N LYS E 347 12.27 20.28 -44.83
CA LYS E 347 11.85 20.57 -43.47
C LYS E 347 11.22 19.33 -42.86
N VAL E 348 11.61 19.01 -41.63
CA VAL E 348 11.26 17.73 -41.02
C VAL E 348 9.96 17.91 -40.24
N ASN E 349 9.01 16.99 -40.44
CA ASN E 349 7.68 17.05 -39.84
C ASN E 349 6.93 18.33 -40.17
N SER E 350 6.61 18.55 -41.44
CA SER E 350 5.71 19.63 -41.87
C SER E 350 4.52 18.97 -42.57
N THR E 351 3.39 18.89 -41.87
CA THR E 351 2.31 18.02 -42.30
C THR E 351 1.57 18.58 -43.53
N LEU E 352 1.15 19.84 -43.46
CA LEU E 352 0.30 20.42 -44.52
C LEU E 352 1.15 21.18 -45.52
N GLU E 353 1.88 20.41 -46.33
CA GLU E 353 2.64 20.94 -47.45
C GLU E 353 2.36 20.10 -48.68
N GLN E 354 2.86 20.57 -49.83
CA GLN E 354 2.49 19.96 -51.11
C GLN E 354 3.15 18.61 -51.29
N TYR E 355 4.47 18.56 -51.28
CA TYR E 355 5.21 17.32 -51.43
C TYR E 355 5.58 16.80 -50.04
N VAL E 356 5.12 15.60 -49.71
CA VAL E 356 5.51 14.95 -48.47
C VAL E 356 6.27 13.68 -48.85
N PHE E 357 7.52 13.61 -48.40
CA PHE E 357 8.42 12.49 -48.66
C PHE E 357 8.55 11.71 -47.38
N CYS E 358 7.98 10.50 -47.34
CA CYS E 358 7.99 9.76 -46.10
C CYS E 358 7.83 8.27 -46.38
N THR E 359 7.96 7.48 -45.32
CA THR E 359 7.83 6.03 -45.37
C THR E 359 6.58 5.62 -44.60
N VAL E 360 5.92 4.56 -45.10
CA VAL E 360 4.61 4.13 -44.60
C VAL E 360 4.58 4.00 -43.08
N ASN E 361 5.73 3.69 -42.46
CA ASN E 361 5.78 3.55 -41.02
C ASN E 361 5.54 4.87 -40.30
N ALA E 362 5.60 6.00 -41.00
CA ALA E 362 5.50 7.29 -40.34
C ALA E 362 4.62 8.30 -41.05
N LEU E 363 3.87 7.91 -42.06
CA LEU E 363 3.01 8.88 -42.75
C LEU E 363 1.89 9.27 -41.79
N PRO E 364 1.74 10.54 -41.46
CA PRO E 364 0.72 10.95 -40.48
C PRO E 364 -0.66 11.03 -41.12
N GLU E 365 -1.68 10.93 -40.27
CA GLU E 365 -3.06 11.04 -40.73
C GLU E 365 -3.30 12.39 -41.40
N THR E 366 -3.50 12.38 -42.72
CA THR E 366 -3.63 13.62 -43.49
C THR E 366 -4.63 13.40 -44.61
N THR E 367 -4.81 14.44 -45.43
CA THR E 367 -5.58 14.36 -46.67
C THR E 367 -4.82 15.12 -47.75
N ALA E 368 -4.60 14.48 -48.90
CA ALA E 368 -3.79 15.08 -49.95
C ALA E 368 -4.44 14.80 -51.30
N ASP E 369 -3.88 15.40 -52.35
CA ASP E 369 -4.50 15.36 -53.67
C ASP E 369 -4.22 14.06 -54.39
N ILE E 370 -2.94 13.80 -54.70
CA ILE E 370 -2.53 12.59 -55.39
C ILE E 370 -1.37 11.96 -54.64
N VAL E 371 -1.33 10.63 -54.65
CA VAL E 371 -0.27 9.90 -53.97
C VAL E 371 0.58 9.18 -55.02
N VAL E 372 1.89 9.08 -54.77
CA VAL E 372 2.80 8.26 -55.55
C VAL E 372 3.48 7.31 -54.57
N PHE E 373 3.16 6.02 -54.70
CA PHE E 373 3.64 4.99 -53.79
C PHE E 373 4.70 4.17 -54.51
N ASP E 374 5.97 4.52 -54.28
CA ASP E 374 7.09 3.82 -54.89
C ASP E 374 7.14 2.40 -54.36
N GLU E 375 7.47 1.47 -55.26
CA GLU E 375 7.69 0.06 -54.91
C GLU E 375 6.47 -0.60 -54.29
N ILE E 376 5.40 -0.77 -55.09
CA ILE E 376 4.23 -1.51 -54.62
C ILE E 376 4.48 -3.00 -54.47
N SER E 377 5.63 -3.51 -54.92
CA SER E 377 5.91 -4.94 -54.90
C SER E 377 6.56 -5.39 -53.59
N MET E 378 7.44 -4.57 -53.01
CA MET E 378 8.08 -4.87 -51.74
C MET E 378 7.10 -4.88 -50.58
N ALA E 379 5.89 -4.37 -50.77
CA ALA E 379 4.92 -4.21 -49.70
C ALA E 379 3.89 -5.34 -49.74
N THR E 380 3.33 -5.64 -48.58
CA THR E 380 2.29 -6.64 -48.43
C THR E 380 0.92 -5.95 -48.43
N ASN E 381 -0.13 -6.71 -48.10
CA ASN E 381 -1.46 -6.14 -47.98
C ASN E 381 -1.52 -5.08 -46.88
N TYR E 382 -0.73 -5.27 -45.82
CA TYR E 382 -0.79 -4.44 -44.63
C TYR E 382 -0.52 -2.96 -44.92
N ASP E 383 0.71 -2.65 -45.35
CA ASP E 383 1.06 -1.25 -45.56
C ASP E 383 0.31 -0.67 -46.74
N LEU E 384 0.06 -1.48 -47.77
CA LEU E 384 -0.72 -1.02 -48.91
C LEU E 384 -2.17 -0.73 -48.52
N SER E 385 -2.62 -1.22 -47.36
CA SER E 385 -3.92 -0.84 -46.86
C SER E 385 -3.84 0.33 -45.88
N VAL E 386 -2.77 0.39 -45.09
CA VAL E 386 -2.62 1.49 -44.14
C VAL E 386 -2.35 2.79 -44.88
N VAL E 387 -1.89 2.73 -46.12
CA VAL E 387 -1.80 3.97 -46.90
C VAL E 387 -3.18 4.55 -47.17
N ASN E 388 -4.16 3.70 -47.51
CA ASN E 388 -5.53 4.16 -47.62
C ASN E 388 -6.10 4.58 -46.28
N ALA E 389 -5.72 3.88 -45.21
CA ALA E 389 -6.05 4.35 -43.87
C ALA E 389 -5.44 5.71 -43.58
N ARG E 390 -4.36 6.07 -44.27
CA ARG E 390 -3.72 7.37 -44.10
C ARG E 390 -4.36 8.43 -44.99
N LEU E 391 -4.64 8.10 -46.26
CA LEU E 391 -5.16 9.08 -47.19
C LEU E 391 -6.35 8.51 -47.92
N ARG E 392 -7.41 9.30 -48.03
CA ARG E 392 -8.49 9.08 -48.98
C ARG E 392 -8.36 10.19 -50.01
N ALA E 393 -7.50 9.98 -51.00
CA ALA E 393 -7.07 11.02 -51.92
C ALA E 393 -7.89 11.00 -53.20
N LYS E 394 -7.68 12.03 -54.02
CA LYS E 394 -8.38 12.10 -55.30
C LYS E 394 -7.80 11.12 -56.31
N HIS E 395 -6.47 10.99 -56.35
CA HIS E 395 -5.82 10.11 -57.29
C HIS E 395 -4.71 9.32 -56.62
N TYR E 396 -4.62 8.05 -56.97
CA TYR E 396 -3.61 7.14 -56.43
C TYR E 396 -2.71 6.67 -57.56
N VAL E 397 -1.41 6.61 -57.28
CA VAL E 397 -0.38 6.32 -58.27
C VAL E 397 0.51 5.23 -57.68
N TYR E 398 0.62 4.11 -58.39
CA TYR E 398 1.23 2.90 -57.85
C TYR E 398 2.54 2.63 -58.58
N ILE E 399 3.65 3.16 -58.05
CA ILE E 399 4.98 2.85 -58.57
C ILE E 399 5.43 1.52 -57.98
N GLY E 400 6.17 0.76 -58.78
CA GLY E 400 6.62 -0.56 -58.41
C GLY E 400 6.14 -1.59 -59.39
N ASP E 401 6.66 -2.80 -59.25
CA ASP E 401 6.37 -3.84 -60.22
C ASP E 401 6.64 -5.21 -59.63
N PRO E 402 5.67 -6.11 -59.62
CA PRO E 402 5.87 -7.45 -59.03
C PRO E 402 7.00 -8.22 -59.67
N ALA E 403 7.29 -7.98 -60.95
CA ALA E 403 8.45 -8.60 -61.55
C ALA E 403 9.76 -7.97 -61.08
N GLN E 404 9.73 -7.10 -60.07
CA GLN E 404 10.98 -6.61 -59.52
C GLN E 404 11.40 -7.40 -58.29
N LEU E 405 10.68 -7.27 -57.17
CA LEU E 405 11.09 -7.87 -55.90
C LEU E 405 9.96 -7.82 -54.88
N PRO E 406 9.72 -8.93 -54.17
CA PRO E 406 8.84 -8.87 -53.00
C PRO E 406 9.60 -8.65 -51.70
N ALA E 407 8.88 -8.42 -50.60
CA ALA E 407 9.50 -8.42 -49.29
C ALA E 407 10.00 -9.82 -48.98
N PRO E 408 11.09 -9.97 -48.24
CA PRO E 408 11.59 -11.32 -47.92
C PRO E 408 10.70 -12.01 -46.90
N ARG E 409 10.07 -13.11 -47.33
CA ARG E 409 9.13 -13.87 -46.50
C ARG E 409 9.90 -14.89 -45.67
N THR E 410 9.89 -14.70 -44.36
CA THR E 410 10.63 -15.57 -43.46
C THR E 410 9.95 -16.93 -43.29
N LEU E 411 8.63 -16.95 -43.18
CA LEU E 411 7.92 -18.20 -42.94
C LEU E 411 7.58 -18.97 -44.21
N LEU E 412 7.81 -18.38 -45.38
CA LEU E 412 7.55 -19.08 -46.64
C LEU E 412 8.66 -20.10 -46.89
N THR E 413 8.33 -21.38 -46.73
CA THR E 413 9.35 -22.43 -46.85
C THR E 413 9.12 -23.31 -48.07
N LYS E 414 7.96 -23.94 -48.16
CA LYS E 414 7.69 -24.84 -49.28
C LYS E 414 6.90 -24.12 -50.36
N GLY E 415 7.39 -24.20 -51.59
CA GLY E 415 6.75 -23.53 -52.71
C GLY E 415 7.03 -22.04 -52.75
N THR E 416 7.02 -21.46 -53.94
CA THR E 416 7.24 -20.03 -54.12
C THR E 416 5.90 -19.36 -54.42
N LEU E 417 5.79 -18.08 -54.06
CA LEU E 417 4.56 -17.35 -54.33
C LEU E 417 4.69 -16.66 -55.67
N GLU E 418 3.74 -16.94 -56.56
CA GLU E 418 3.79 -16.53 -57.95
C GLU E 418 3.56 -15.03 -58.07
N PRO E 419 3.89 -14.44 -59.24
CA PRO E 419 3.64 -13.01 -59.44
C PRO E 419 2.23 -12.55 -59.06
N GLU E 420 1.25 -13.44 -59.12
CA GLU E 420 -0.14 -13.04 -58.94
C GLU E 420 -0.39 -12.49 -57.54
N TYR E 421 0.05 -13.20 -56.50
CA TYR E 421 -0.52 -13.06 -55.17
C TYR E 421 0.44 -12.46 -54.15
N PHE E 422 1.29 -11.52 -54.55
CA PHE E 422 2.10 -10.81 -53.55
C PHE E 422 1.23 -9.87 -52.73
N ASN E 423 0.40 -9.08 -53.38
CA ASN E 423 -0.55 -8.20 -52.69
C ASN E 423 -1.70 -7.89 -53.64
N SER E 424 -2.62 -7.06 -53.17
CA SER E 424 -3.84 -6.80 -53.93
C SER E 424 -3.58 -6.05 -55.23
N VAL E 425 -2.64 -5.10 -55.22
CA VAL E 425 -2.32 -4.40 -56.46
C VAL E 425 -1.72 -5.37 -57.48
N CYS E 426 -1.04 -6.42 -57.02
CA CYS E 426 -0.57 -7.46 -57.93
C CYS E 426 -1.71 -8.25 -58.57
N ARG E 427 -2.92 -8.17 -58.02
CA ARG E 427 -4.05 -8.89 -58.61
C ARG E 427 -4.40 -8.41 -60.00
N LEU E 428 -4.89 -7.17 -60.11
CA LEU E 428 -5.42 -6.69 -61.38
C LEU E 428 -4.34 -6.29 -62.36
N MET E 429 -3.08 -6.33 -61.94
CA MET E 429 -1.99 -5.92 -62.82
C MET E 429 -1.74 -6.91 -63.95
N LYS E 430 -2.22 -8.15 -63.81
CA LYS E 430 -2.07 -9.14 -64.87
C LYS E 430 -3.33 -9.98 -65.06
N THR E 431 -4.46 -9.54 -64.51
CA THR E 431 -5.77 -10.10 -64.85
C THR E 431 -6.56 -9.17 -65.75
N ILE E 432 -6.71 -7.90 -65.38
CA ILE E 432 -7.21 -6.87 -66.28
C ILE E 432 -6.09 -6.07 -66.90
N GLY E 433 -4.83 -6.41 -66.59
CA GLY E 433 -3.68 -5.72 -67.12
C GLY E 433 -3.41 -4.44 -66.37
N PRO E 434 -2.20 -3.91 -66.53
CA PRO E 434 -1.90 -2.60 -65.95
C PRO E 434 -2.50 -1.47 -66.77
N ASP E 435 -2.97 -0.44 -66.07
CA ASP E 435 -3.51 0.73 -66.75
C ASP E 435 -2.41 1.53 -67.43
N MET E 436 -1.15 1.26 -67.09
CA MET E 436 -0.13 2.28 -67.22
C MET E 436 1.26 1.66 -67.23
N PHE E 437 2.21 2.37 -67.87
CA PHE E 437 3.62 1.98 -67.87
C PHE E 437 4.43 3.03 -68.62
N LEU E 438 5.76 2.90 -68.53
CA LEU E 438 6.72 3.67 -69.34
C LEU E 438 7.64 2.68 -70.04
N GLY E 439 7.83 2.86 -71.33
CA GLY E 439 8.63 1.95 -72.13
C GLY E 439 10.04 2.40 -72.45
N THR E 440 10.42 3.63 -72.10
CA THR E 440 11.74 4.16 -72.40
C THR E 440 12.68 3.78 -71.25
N CYS E 441 13.33 2.63 -71.40
CA CYS E 441 14.30 2.16 -70.40
C CYS E 441 15.56 3.01 -70.53
N ARG E 442 15.65 4.06 -69.71
CA ARG E 442 16.76 5.00 -69.76
C ARG E 442 18.09 4.35 -69.35
N ARG E 443 18.05 3.06 -69.02
CA ARG E 443 19.21 2.38 -68.47
C ARG E 443 19.76 1.32 -69.40
N CYS E 444 18.93 0.34 -69.74
CA CYS E 444 19.42 -0.89 -70.32
C CYS E 444 19.78 -0.71 -71.79
N PRO E 445 20.74 -1.47 -72.30
CA PRO E 445 20.99 -1.53 -73.74
C PRO E 445 20.07 -2.56 -74.38
N ALA E 446 20.21 -2.70 -75.70
CA ALA E 446 19.40 -3.68 -76.42
C ALA E 446 19.75 -5.11 -76.03
N GLU E 447 20.93 -5.33 -75.45
CA GLU E 447 21.32 -6.67 -75.02
C GLU E 447 20.41 -7.18 -73.91
N ILE E 448 19.99 -6.31 -73.00
CA ILE E 448 19.21 -6.71 -71.84
C ILE E 448 17.72 -6.41 -72.01
N VAL E 449 17.36 -5.31 -72.67
CA VAL E 449 15.97 -4.87 -72.69
C VAL E 449 15.11 -5.82 -73.53
N ASP E 450 15.64 -6.30 -74.66
CA ASP E 450 14.91 -7.30 -75.44
C ASP E 450 14.84 -8.64 -74.71
N THR E 451 15.89 -9.00 -73.97
CA THR E 451 15.85 -10.24 -73.20
C THR E 451 14.78 -10.18 -72.11
N VAL E 452 14.67 -9.04 -71.44
CA VAL E 452 13.68 -8.93 -70.36
C VAL E 452 12.28 -8.72 -70.90
N SER E 453 12.12 -8.20 -72.12
CA SER E 453 10.79 -8.10 -72.70
C SER E 453 10.16 -9.48 -72.89
N ALA E 454 10.93 -10.43 -73.40
CA ALA E 454 10.41 -11.77 -73.68
C ALA E 454 10.49 -12.65 -72.43
N LEU E 455 10.64 -12.03 -71.27
CA LEU E 455 10.80 -12.78 -70.02
C LEU E 455 9.48 -12.97 -69.28
N VAL E 456 8.86 -11.89 -68.78
CA VAL E 456 7.55 -11.96 -68.17
C VAL E 456 6.71 -10.77 -68.62
N TYR E 457 7.35 -9.79 -69.24
CA TYR E 457 6.81 -8.44 -69.37
C TYR E 457 5.86 -8.26 -70.55
N ASP E 458 5.36 -9.34 -71.16
CA ASP E 458 4.48 -9.26 -72.32
C ASP E 458 5.21 -8.64 -73.53
N ASN E 459 6.44 -9.11 -73.78
CA ASN E 459 7.22 -8.73 -74.98
C ASN E 459 7.14 -7.22 -75.23
N LYS E 460 7.42 -6.45 -74.18
CA LYS E 460 7.06 -5.05 -74.10
C LYS E 460 8.24 -4.10 -74.26
N LEU E 461 9.35 -4.37 -73.58
CA LEU E 461 10.42 -3.39 -73.43
C LEU E 461 11.16 -3.22 -74.76
N LYS E 462 11.07 -2.03 -75.33
CA LYS E 462 11.74 -1.68 -76.57
C LYS E 462 13.17 -1.21 -76.27
N ALA E 463 14.05 -1.39 -77.25
CA ALA E 463 15.46 -1.05 -77.09
C ALA E 463 15.63 0.45 -76.91
N HIS E 464 16.69 0.82 -76.18
CA HIS E 464 17.01 2.23 -75.97
C HIS E 464 18.09 2.73 -76.92
N LYS E 465 19.31 2.17 -76.83
CA LYS E 465 20.34 2.65 -77.74
C LYS E 465 20.94 1.60 -78.67
N ASP E 466 21.55 0.55 -78.10
CA ASP E 466 22.44 -0.29 -78.91
C ASP E 466 22.73 -1.62 -78.22
N LYS E 467 23.26 -2.54 -79.02
CA LYS E 467 23.78 -3.83 -78.55
C LYS E 467 25.23 -3.62 -78.14
N SER E 468 25.45 -3.46 -76.84
CA SER E 468 26.76 -3.04 -76.35
C SER E 468 27.85 -4.06 -76.61
N ALA E 469 27.48 -5.34 -76.74
CA ALA E 469 28.43 -6.44 -76.86
C ALA E 469 29.40 -6.46 -75.67
N GLN E 470 28.92 -6.05 -74.50
CA GLN E 470 29.70 -6.03 -73.28
C GLN E 470 29.13 -6.91 -72.18
N CYS E 471 27.91 -7.40 -72.33
CA CYS E 471 27.28 -8.28 -71.35
C CYS E 471 27.65 -9.72 -71.68
N PHE E 472 28.12 -10.45 -70.67
CA PHE E 472 28.64 -11.80 -70.86
C PHE E 472 27.84 -12.82 -70.06
N LYS E 473 27.58 -13.96 -70.71
CA LYS E 473 27.03 -15.14 -70.05
C LYS E 473 27.90 -16.34 -70.41
N MET E 474 28.13 -17.20 -69.42
N MET E 474 28.15 -17.19 -69.41
CA MET E 474 28.92 -18.40 -69.64
CA MET E 474 28.95 -18.39 -69.60
C MET E 474 28.39 -19.50 -68.73
C MET E 474 28.38 -19.51 -68.73
N PHE E 475 28.24 -20.69 -69.30
CA PHE E 475 27.65 -21.82 -68.58
C PHE E 475 28.68 -22.53 -67.72
N TYR E 476 28.25 -23.04 -66.57
CA TYR E 476 29.09 -23.71 -65.60
C TYR E 476 28.27 -24.80 -64.90
N LYS E 477 28.91 -25.56 -64.02
CA LYS E 477 28.20 -26.52 -63.20
C LYS E 477 28.28 -26.18 -61.71
N GLY E 478 29.51 -26.07 -61.18
CA GLY E 478 29.72 -25.70 -59.80
C GLY E 478 29.41 -26.79 -58.79
N VAL E 479 30.14 -26.80 -57.69
CA VAL E 479 29.85 -27.63 -56.52
C VAL E 479 29.54 -26.70 -55.36
N ILE E 480 28.56 -27.08 -54.54
CA ILE E 480 27.95 -26.17 -53.57
C ILE E 480 28.29 -26.63 -52.15
N THR E 481 28.71 -25.66 -51.33
CA THR E 481 28.97 -25.89 -49.91
C THR E 481 28.18 -24.87 -49.10
N HIS E 482 27.33 -25.36 -48.19
CA HIS E 482 26.49 -24.52 -47.37
C HIS E 482 26.51 -25.01 -45.93
N ASP E 483 26.62 -24.07 -44.99
CA ASP E 483 26.80 -24.46 -43.60
C ASP E 483 25.65 -24.07 -42.69
N VAL E 484 25.32 -22.78 -42.60
CA VAL E 484 24.35 -22.35 -41.59
C VAL E 484 23.17 -21.62 -42.22
N SER E 485 23.42 -20.48 -42.89
CA SER E 485 22.34 -19.74 -43.55
C SER E 485 22.83 -19.17 -44.87
N SER E 486 23.83 -19.83 -45.48
CA SER E 486 24.51 -19.26 -46.63
C SER E 486 24.78 -20.39 -47.62
N ALA E 487 25.55 -20.06 -48.67
CA ALA E 487 25.96 -21.03 -49.68
C ALA E 487 27.16 -20.46 -50.41
N ILE E 488 28.27 -21.19 -50.41
CA ILE E 488 29.53 -20.73 -51.01
C ILE E 488 29.97 -21.76 -52.05
N ASN E 489 30.32 -21.27 -53.24
CA ASN E 489 30.87 -22.10 -54.30
C ASN E 489 32.29 -21.64 -54.57
N ARG E 490 33.27 -22.45 -54.17
CA ARG E 490 34.67 -22.09 -54.41
C ARG E 490 34.99 -22.01 -55.90
N PRO E 491 34.65 -22.99 -56.74
CA PRO E 491 35.04 -22.90 -58.17
C PRO E 491 34.45 -21.72 -58.91
N GLN E 492 33.25 -21.26 -58.59
CA GLN E 492 32.73 -20.08 -59.27
C GLN E 492 33.35 -18.80 -58.76
N ILE E 493 33.92 -18.80 -57.55
CA ILE E 493 34.87 -17.77 -57.16
C ILE E 493 36.22 -18.01 -57.83
N GLY E 494 36.46 -19.22 -58.34
CA GLY E 494 37.64 -19.56 -59.08
C GLY E 494 37.55 -19.38 -60.58
N VAL E 495 36.41 -18.92 -61.11
CA VAL E 495 36.30 -18.53 -62.50
C VAL E 495 36.43 -17.02 -62.67
N VAL E 496 35.89 -16.25 -61.73
CA VAL E 496 36.20 -14.83 -61.65
C VAL E 496 37.67 -14.64 -61.25
N ARG E 497 38.25 -15.65 -60.61
CA ARG E 497 39.68 -15.70 -60.33
C ARG E 497 40.53 -15.27 -61.51
N GLU E 498 40.24 -15.81 -62.70
CA GLU E 498 41.10 -15.66 -63.85
C GLU E 498 40.55 -14.73 -64.94
N PHE E 499 39.25 -14.46 -64.96
CA PHE E 499 38.71 -13.58 -65.99
C PHE E 499 39.08 -12.12 -65.74
N LEU E 500 39.20 -11.70 -64.48
CA LEU E 500 39.62 -10.34 -64.17
C LEU E 500 41.11 -10.10 -64.41
N THR E 501 41.80 -11.04 -65.04
CA THR E 501 43.24 -10.88 -65.27
C THR E 501 43.53 -10.08 -66.53
N ARG E 502 43.05 -10.57 -67.69
CA ARG E 502 43.35 -9.92 -68.96
C ARG E 502 42.69 -8.55 -69.10
N ASN E 503 41.74 -8.22 -68.22
CA ASN E 503 41.09 -6.91 -68.25
C ASN E 503 41.68 -6.02 -67.16
N PRO E 504 42.33 -4.92 -67.51
CA PRO E 504 42.67 -3.90 -66.49
C PRO E 504 41.56 -2.89 -66.27
N ALA E 505 40.44 -3.01 -66.98
CA ALA E 505 39.35 -2.05 -66.91
C ALA E 505 38.11 -2.57 -66.22
N TRP E 506 38.00 -3.87 -65.99
CA TRP E 506 36.88 -4.45 -65.26
C TRP E 506 37.18 -4.59 -63.77
N ARG E 507 38.19 -3.85 -63.27
CA ARG E 507 38.39 -3.76 -61.84
C ARG E 507 37.17 -3.14 -61.16
N LYS E 508 36.44 -2.30 -61.90
CA LYS E 508 35.37 -1.49 -61.35
C LYS E 508 33.99 -2.04 -61.72
N ALA E 509 33.86 -3.36 -61.84
CA ALA E 509 32.58 -4.02 -62.10
C ALA E 509 32.12 -4.66 -60.80
N VAL E 510 31.25 -3.96 -60.07
CA VAL E 510 30.93 -4.31 -58.69
C VAL E 510 30.38 -5.74 -58.63
N PHE E 511 30.77 -6.46 -57.58
CA PHE E 511 30.36 -7.84 -57.37
C PHE E 511 28.97 -7.89 -56.74
N ILE E 512 28.01 -8.48 -57.45
CA ILE E 512 26.68 -8.75 -56.94
C ILE E 512 26.67 -10.20 -56.47
N SER E 513 25.81 -10.52 -55.51
CA SER E 513 25.78 -11.87 -54.98
C SER E 513 24.41 -12.24 -54.43
N PRO E 514 24.01 -13.50 -54.55
CA PRO E 514 22.75 -13.94 -53.96
C PRO E 514 22.82 -13.93 -52.44
N TYR E 515 23.86 -14.54 -51.88
CA TYR E 515 24.12 -14.55 -50.44
C TYR E 515 25.35 -13.71 -50.18
N ASN E 516 25.26 -12.83 -49.17
CA ASN E 516 26.29 -11.82 -48.98
C ASN E 516 27.60 -12.42 -48.49
N SER E 517 27.56 -13.55 -47.79
CA SER E 517 28.79 -14.11 -47.21
C SER E 517 29.71 -14.70 -48.26
N GLN E 518 29.16 -15.27 -49.33
CA GLN E 518 30.00 -15.81 -50.39
C GLN E 518 30.85 -14.71 -51.02
N ASN E 519 30.24 -13.58 -51.35
CA ASN E 519 31.02 -12.46 -51.87
C ASN E 519 31.82 -11.79 -50.77
N ALA E 520 31.44 -11.98 -49.50
CA ALA E 520 32.26 -11.47 -48.40
C ALA E 520 33.59 -12.20 -48.31
N VAL E 521 33.60 -13.50 -48.61
CA VAL E 521 34.86 -14.23 -48.74
C VAL E 521 35.56 -13.89 -50.07
N ALA E 522 34.79 -13.74 -51.15
CA ALA E 522 35.40 -13.38 -52.44
C ALA E 522 36.12 -12.05 -52.36
N SER E 523 35.53 -11.05 -51.69
CA SER E 523 36.16 -9.76 -51.47
C SER E 523 37.37 -9.85 -50.56
N LYS E 524 37.45 -10.87 -49.70
CA LYS E 524 38.71 -11.18 -49.04
C LYS E 524 39.73 -11.71 -50.03
N ILE E 525 39.28 -12.45 -51.05
CA ILE E 525 40.18 -12.87 -52.10
C ILE E 525 40.36 -11.78 -53.17
N LEU E 526 39.28 -11.11 -53.58
CA LEU E 526 39.32 -10.17 -54.69
C LEU E 526 39.28 -8.71 -54.24
N GLY E 527 38.26 -8.32 -53.49
CA GLY E 527 38.14 -6.95 -53.01
C GLY E 527 37.10 -6.09 -53.66
N LEU E 528 36.25 -6.64 -54.53
CA LEU E 528 35.23 -5.85 -55.17
C LEU E 528 34.10 -5.53 -54.19
N PRO E 529 33.36 -4.45 -54.42
CA PRO E 529 32.26 -4.09 -53.51
C PRO E 529 31.17 -5.15 -53.49
N THR E 530 30.27 -5.01 -52.52
CA THR E 530 29.20 -5.96 -52.28
C THR E 530 27.88 -5.44 -52.82
N GLN E 531 26.90 -6.34 -52.88
CA GLN E 531 25.55 -5.98 -53.32
C GLN E 531 24.59 -7.10 -52.94
N THR E 532 23.44 -6.73 -52.39
CA THR E 532 22.39 -7.68 -52.06
C THR E 532 21.35 -7.71 -53.17
N VAL E 533 21.06 -8.90 -53.68
CA VAL E 533 20.08 -9.05 -54.75
C VAL E 533 18.68 -8.69 -54.24
N ASP E 534 18.38 -8.99 -52.97
CA ASP E 534 17.03 -8.79 -52.45
C ASP E 534 16.64 -7.31 -52.43
N SER E 535 17.58 -6.42 -52.15
CA SER E 535 17.31 -4.99 -52.05
C SER E 535 18.20 -4.20 -53.01
N SER E 536 18.30 -4.66 -54.26
CA SER E 536 19.21 -4.06 -55.22
C SER E 536 18.66 -2.78 -55.86
N GLN E 537 17.37 -2.53 -55.73
CA GLN E 537 16.77 -1.37 -56.40
C GLN E 537 17.23 -0.07 -55.74
N GLY E 538 17.38 0.97 -56.58
CA GLY E 538 17.75 2.27 -56.09
C GLY E 538 19.05 2.77 -56.68
N SER E 539 20.02 1.88 -56.82
CA SER E 539 21.31 2.21 -57.42
C SER E 539 21.59 1.27 -58.59
N GLU E 540 22.12 1.85 -59.67
CA GLU E 540 22.48 1.08 -60.84
C GLU E 540 23.90 1.46 -61.26
N TYR E 541 24.66 0.45 -61.67
CA TYR E 541 26.06 0.63 -62.06
C TYR E 541 26.24 0.21 -63.51
N ASP E 542 27.16 0.88 -64.21
CA ASP E 542 27.43 0.53 -65.60
C ASP E 542 28.00 -0.87 -65.72
N TYR E 543 28.94 -1.23 -64.84
CA TYR E 543 29.63 -2.52 -64.90
C TYR E 543 29.40 -3.25 -63.58
N VAL E 544 28.85 -4.46 -63.67
CA VAL E 544 28.65 -5.32 -62.51
C VAL E 544 28.86 -6.76 -62.95
N ILE E 545 29.45 -7.56 -62.05
CA ILE E 545 29.61 -8.99 -62.26
C ILE E 545 28.72 -9.70 -61.25
N PHE E 546 28.36 -10.95 -61.56
CA PHE E 546 27.42 -11.68 -60.71
C PHE E 546 27.52 -13.17 -60.98
N THR E 547 27.18 -13.98 -59.97
CA THR E 547 27.03 -15.42 -60.10
C THR E 547 25.74 -15.84 -59.42
N GLN E 548 24.91 -16.60 -60.14
CA GLN E 548 23.70 -17.16 -59.52
C GLN E 548 24.05 -18.18 -58.44
N THR E 549 24.99 -19.08 -58.74
CA THR E 549 25.59 -19.98 -57.76
C THR E 549 24.62 -21.06 -57.27
N THR E 550 23.36 -21.00 -57.69
CA THR E 550 22.35 -21.89 -57.13
C THR E 550 21.20 -22.06 -58.12
N GLU E 551 20.68 -23.29 -58.20
CA GLU E 551 19.57 -23.64 -59.07
C GLU E 551 18.22 -23.68 -58.37
N THR E 552 18.19 -23.57 -57.03
CA THR E 552 16.93 -23.65 -56.29
C THR E 552 16.19 -22.32 -56.37
N ALA E 553 15.14 -22.17 -55.56
CA ALA E 553 14.29 -20.99 -55.63
C ALA E 553 14.84 -19.79 -54.88
N HIS E 554 16.10 -19.43 -55.10
CA HIS E 554 16.65 -18.19 -54.57
C HIS E 554 17.12 -17.27 -55.69
N SER E 555 18.00 -17.80 -56.54
CA SER E 555 18.65 -16.98 -57.56
C SER E 555 18.07 -17.24 -58.94
N CYS E 556 17.63 -18.47 -59.21
CA CYS E 556 17.00 -18.78 -60.49
C CYS E 556 15.56 -18.27 -60.58
N ASN E 557 15.06 -17.63 -59.52
CA ASN E 557 13.76 -16.97 -59.60
C ASN E 557 13.80 -15.91 -60.69
N VAL E 558 12.72 -15.85 -61.48
CA VAL E 558 12.74 -15.02 -62.68
C VAL E 558 12.83 -13.54 -62.33
N ASN E 559 12.03 -13.09 -61.36
CA ASN E 559 12.01 -11.68 -61.00
C ASN E 559 13.02 -11.31 -59.93
N ARG E 560 13.40 -12.27 -59.07
CA ARG E 560 14.46 -12.00 -58.10
C ARG E 560 15.79 -11.75 -58.79
N PHE E 561 16.01 -12.33 -59.97
CA PHE E 561 17.24 -12.18 -60.72
C PHE E 561 17.11 -11.20 -61.88
N ASN E 562 15.89 -10.95 -62.34
CA ASN E 562 15.67 -9.90 -63.32
C ASN E 562 16.21 -8.57 -62.84
N VAL E 563 16.10 -8.27 -61.54
CA VAL E 563 16.65 -7.03 -61.03
C VAL E 563 18.18 -7.02 -61.12
N ALA E 564 18.84 -8.13 -60.80
CA ALA E 564 20.30 -8.15 -60.92
C ALA E 564 20.73 -7.94 -62.37
N ILE E 565 20.02 -8.55 -63.32
CA ILE E 565 20.38 -8.37 -64.72
C ILE E 565 20.12 -6.94 -65.18
N THR E 566 19.00 -6.34 -64.78
CA THR E 566 18.49 -5.13 -65.40
C THR E 566 19.17 -3.85 -64.94
N ARG E 567 20.08 -3.89 -63.96
CA ARG E 567 20.69 -2.67 -63.43
C ARG E 567 22.02 -2.32 -64.10
N ALA E 568 22.40 -3.00 -65.16
CA ALA E 568 23.60 -2.66 -65.92
C ALA E 568 23.21 -2.03 -67.25
N LYS E 569 23.94 -0.98 -67.64
CA LYS E 569 23.60 -0.22 -68.83
C LYS E 569 24.50 -0.50 -70.02
N VAL E 570 25.70 -1.06 -69.81
CA VAL E 570 26.58 -1.39 -70.92
C VAL E 570 27.01 -2.85 -70.83
N GLY E 571 27.59 -3.24 -69.71
CA GLY E 571 28.12 -4.59 -69.54
C GLY E 571 27.70 -5.20 -68.22
N ILE E 572 27.51 -6.52 -68.24
CA ILE E 572 27.14 -7.27 -67.04
C ILE E 572 27.69 -8.69 -67.19
N LEU E 573 28.01 -9.32 -66.06
CA LEU E 573 28.51 -10.68 -66.02
C LEU E 573 27.48 -11.57 -65.34
N CYS E 574 27.12 -12.68 -65.99
CA CYS E 574 26.17 -13.62 -65.40
C CYS E 574 26.69 -15.04 -65.66
N ILE E 575 27.39 -15.60 -64.69
CA ILE E 575 27.85 -16.97 -64.78
C ILE E 575 26.67 -17.89 -64.47
N MET E 576 26.17 -18.57 -65.50
CA MET E 576 24.95 -19.37 -65.39
C MET E 576 25.34 -20.82 -65.16
N SER E 577 24.87 -21.40 -64.07
CA SER E 577 25.08 -22.82 -63.82
C SER E 577 23.80 -23.64 -64.04
N ASP E 578 22.76 -23.03 -64.59
CA ASP E 578 21.43 -23.61 -64.63
C ASP E 578 21.02 -23.91 -66.08
N ARG E 579 19.97 -24.72 -66.20
CA ARG E 579 19.29 -24.94 -67.47
C ARG E 579 18.04 -24.09 -67.61
N ASP E 580 17.53 -23.53 -66.50
CA ASP E 580 16.28 -22.79 -66.54
C ASP E 580 16.39 -21.51 -67.36
N LEU E 581 17.54 -20.83 -67.27
CA LEU E 581 17.71 -19.53 -67.90
C LEU E 581 18.72 -19.53 -69.05
N TYR E 582 19.53 -20.59 -69.20
CA TYR E 582 20.48 -20.64 -70.30
C TYR E 582 19.77 -20.63 -71.65
N ASP E 583 18.82 -21.55 -71.84
CA ASP E 583 18.05 -21.57 -73.08
C ASP E 583 17.09 -20.40 -73.19
N LYS E 584 16.93 -19.64 -72.11
CA LYS E 584 16.00 -18.54 -72.01
C LYS E 584 16.68 -17.18 -72.15
N LEU E 585 17.91 -17.05 -71.64
CA LEU E 585 18.73 -15.85 -71.78
C LEU E 585 19.63 -15.98 -73.00
N GLN E 586 20.00 -14.84 -73.58
CA GLN E 586 20.95 -14.82 -74.69
C GLN E 586 21.86 -13.61 -74.57
N PHE E 587 23.10 -13.83 -74.15
CA PHE E 587 24.19 -12.86 -74.24
C PHE E 587 25.25 -13.47 -75.14
N THR E 588 26.43 -12.85 -75.20
CA THR E 588 27.58 -13.46 -75.86
C THR E 588 28.30 -14.36 -74.88
N SER E 589 28.69 -15.54 -75.36
CA SER E 589 29.25 -16.58 -74.50
C SER E 589 30.70 -16.88 -74.86
N LEU E 590 31.48 -17.25 -73.85
CA LEU E 590 32.88 -17.59 -74.01
C LEU E 590 33.13 -19.01 -73.49
N GLU E 591 34.29 -19.54 -73.84
CA GLU E 591 34.67 -20.87 -73.40
C GLU E 591 35.03 -20.87 -71.91
N ILE E 592 35.24 -22.07 -71.38
CA ILE E 592 35.58 -22.25 -69.97
C ILE E 592 37.10 -22.36 -69.86
N PRO E 593 37.77 -21.45 -69.15
CA PRO E 593 39.23 -21.49 -68.95
C PRO E 593 39.71 -22.77 -68.30
N VAL F 2 0.90 -26.30 0.70
CA VAL F 2 0.33 -26.27 -0.65
C VAL F 2 1.43 -26.33 -1.69
N GLY F 3 1.52 -27.46 -2.38
CA GLY F 3 2.53 -27.65 -3.42
C GLY F 3 2.39 -28.99 -4.13
N ALA F 4 3.52 -29.57 -4.51
CA ALA F 4 3.54 -30.82 -5.28
C ALA F 4 3.92 -31.97 -4.37
N CYS F 5 3.31 -33.13 -4.63
CA CYS F 5 3.57 -34.30 -3.79
C CYS F 5 4.95 -34.87 -4.11
N VAL F 6 5.31 -35.94 -3.40
CA VAL F 6 6.68 -36.44 -3.47
C VAL F 6 6.89 -37.30 -4.71
N LEU F 7 6.17 -38.42 -4.79
CA LEU F 7 6.34 -39.33 -5.92
C LEU F 7 5.76 -38.75 -7.20
N CYS F 8 4.54 -38.23 -7.12
CA CYS F 8 3.78 -37.85 -8.31
C CYS F 8 4.06 -36.44 -8.77
N ASN F 9 4.52 -35.56 -7.88
CA ASN F 9 4.69 -34.13 -8.14
C ASN F 9 3.40 -33.43 -8.53
N SER F 10 2.26 -34.12 -8.37
CA SER F 10 0.97 -33.48 -8.62
C SER F 10 0.68 -32.47 -7.51
N GLN F 11 0.06 -31.35 -7.89
CA GLN F 11 -0.28 -30.32 -6.93
C GLN F 11 -1.21 -30.90 -5.87
N THR F 12 -0.90 -30.65 -4.60
CA THR F 12 -1.61 -31.30 -3.51
C THR F 12 -1.62 -30.40 -2.30
N SER F 13 -2.33 -30.82 -1.25
CA SER F 13 -2.32 -30.07 0.01
C SER F 13 -2.28 -30.99 1.23
N LEU F 14 -1.82 -32.23 1.12
CA LEU F 14 -1.87 -33.20 2.20
C LEU F 14 -0.45 -33.55 2.64
N ARG F 15 -0.24 -33.62 3.95
CA ARG F 15 1.08 -33.87 4.51
C ARG F 15 0.96 -34.90 5.62
N CYS F 16 1.76 -35.97 5.51
CA CYS F 16 1.64 -37.10 6.42
C CYS F 16 2.17 -36.74 7.81
N GLY F 17 1.27 -36.70 8.79
CA GLY F 17 1.64 -36.28 10.13
C GLY F 17 2.61 -37.24 10.80
N ALA F 18 2.35 -38.54 10.71
CA ALA F 18 3.19 -39.53 11.36
C ALA F 18 4.50 -39.77 10.61
N CYS F 19 4.76 -39.01 9.55
CA CYS F 19 5.97 -39.17 8.77
C CYS F 19 7.08 -38.30 9.34
N ILE F 20 8.31 -38.59 8.92
CA ILE F 20 9.48 -38.00 9.55
C ILE F 20 9.57 -36.51 9.26
N ARG F 21 9.45 -36.14 7.98
CA ARG F 21 9.71 -34.77 7.54
C ARG F 21 8.48 -34.05 7.00
N ARG F 22 7.30 -34.65 7.12
CA ARG F 22 6.03 -34.02 6.76
C ARG F 22 6.05 -33.50 5.32
N PRO F 23 6.16 -34.37 4.32
CA PRO F 23 6.18 -33.91 2.93
C PRO F 23 4.78 -33.86 2.34
N PHE F 24 4.70 -33.28 1.15
CA PHE F 24 3.42 -33.16 0.45
C PHE F 24 3.06 -34.49 -0.20
N LEU F 25 1.77 -34.82 -0.18
CA LEU F 25 1.27 -36.04 -0.80
C LEU F 25 -0.07 -35.78 -1.45
N CYS F 26 -0.27 -36.32 -2.65
CA CYS F 26 -1.54 -36.19 -3.35
C CYS F 26 -2.52 -37.26 -2.87
N CYS F 27 -3.80 -37.04 -3.16
CA CYS F 27 -4.87 -37.82 -2.56
C CYS F 27 -4.65 -39.32 -2.70
N LYS F 28 -4.59 -39.81 -3.94
CA LYS F 28 -4.30 -41.22 -4.15
C LYS F 28 -2.90 -41.56 -3.66
N CYS F 29 -1.94 -40.67 -3.89
CA CYS F 29 -0.57 -40.88 -3.44
C CYS F 29 -0.50 -40.95 -1.92
N CYS F 30 -1.22 -40.05 -1.23
CA CYS F 30 -1.23 -40.06 0.23
C CYS F 30 -1.92 -41.31 0.77
N TYR F 31 -3.01 -41.75 0.13
CA TYR F 31 -3.69 -42.95 0.58
C TYR F 31 -2.80 -44.18 0.39
N ASP F 32 -2.08 -44.24 -0.73
CA ASP F 32 -1.11 -45.30 -0.94
C ASP F 32 -0.06 -45.30 0.16
N HIS F 33 0.41 -44.11 0.54
CA HIS F 33 1.34 -44.01 1.65
C HIS F 33 0.73 -44.50 2.96
N VAL F 34 -0.51 -44.12 3.24
CA VAL F 34 -1.09 -44.41 4.55
C VAL F 34 -1.42 -45.90 4.70
N ILE F 35 -1.70 -46.61 3.61
CA ILE F 35 -1.95 -48.04 3.75
C ILE F 35 -0.66 -48.87 3.64
N SER F 36 0.33 -48.40 2.90
CA SER F 36 1.57 -49.15 2.71
C SER F 36 2.60 -48.84 3.79
N THR F 37 2.24 -48.08 4.82
CA THR F 37 3.13 -47.80 5.93
C THR F 37 2.34 -47.94 7.23
N SER F 38 3.02 -47.67 8.34
CA SER F 38 2.37 -47.41 9.61
C SER F 38 2.11 -45.94 9.83
N HIS F 39 2.44 -45.09 8.84
CA HIS F 39 2.20 -43.66 8.93
C HIS F 39 0.71 -43.38 8.77
N LYS F 40 -0.02 -43.43 9.88
CA LYS F 40 -1.47 -43.36 9.87
C LYS F 40 -2.00 -41.96 10.18
N LEU F 41 -1.13 -40.96 10.15
CA LEU F 41 -1.52 -39.57 10.40
C LEU F 41 -1.38 -38.77 9.12
N VAL F 42 -2.37 -37.95 8.82
CA VAL F 42 -2.32 -37.03 7.68
C VAL F 42 -2.79 -35.66 8.14
N LEU F 43 -2.15 -34.62 7.60
CA LEU F 43 -2.32 -33.27 8.11
C LEU F 43 -2.48 -32.34 6.91
N SER F 44 -3.72 -32.03 6.54
CA SER F 44 -3.96 -31.06 5.46
C SER F 44 -3.95 -29.66 6.05
N VAL F 45 -4.50 -28.69 5.31
CA VAL F 45 -4.59 -27.32 5.80
C VAL F 45 -5.26 -27.27 7.18
N ASN F 46 -5.96 -28.34 7.57
CA ASN F 46 -6.43 -28.55 8.92
C ASN F 46 -6.09 -29.95 9.40
N PRO F 47 -6.06 -30.19 10.71
CA PRO F 47 -5.74 -31.54 11.21
C PRO F 47 -6.90 -32.52 11.14
N TYR F 48 -6.58 -33.71 10.61
CA TYR F 48 -7.53 -34.81 10.49
C TYR F 48 -7.49 -35.62 11.78
N VAL F 49 -8.27 -35.17 12.76
CA VAL F 49 -8.46 -35.86 14.03
C VAL F 49 -9.92 -35.65 14.42
N CYS F 50 -10.48 -36.64 15.12
CA CYS F 50 -11.85 -36.49 15.61
C CYS F 50 -11.90 -35.29 16.54
N ASN F 51 -12.61 -34.24 16.11
CA ASN F 51 -12.64 -32.98 16.83
C ASN F 51 -13.69 -32.95 17.93
N ALA F 52 -14.44 -34.03 18.12
CA ALA F 52 -15.31 -34.08 19.28
C ALA F 52 -14.46 -34.14 20.55
N PRO F 53 -14.96 -33.56 21.64
CA PRO F 53 -14.13 -33.44 22.85
C PRO F 53 -13.66 -34.79 23.37
N GLY F 54 -12.39 -34.84 23.76
CA GLY F 54 -11.81 -36.01 24.38
C GLY F 54 -11.75 -37.27 23.53
N CYS F 55 -11.28 -37.14 22.29
CA CYS F 55 -11.04 -38.30 21.44
C CYS F 55 -9.54 -38.47 21.18
N ASP F 56 -9.16 -39.71 20.91
CA ASP F 56 -7.75 -40.09 20.80
C ASP F 56 -7.43 -40.52 19.37
N VAL F 57 -8.41 -40.97 18.60
CA VAL F 57 -8.17 -41.60 17.31
C VAL F 57 -7.31 -40.71 16.43
N THR F 58 -6.29 -41.33 15.80
CA THR F 58 -5.35 -40.64 14.93
C THR F 58 -5.31 -41.18 13.52
N ASP F 59 -5.79 -42.40 13.29
CA ASP F 59 -5.81 -42.97 11.96
C ASP F 59 -6.91 -42.34 11.12
N VAL F 60 -6.63 -42.19 9.82
CA VAL F 60 -7.58 -41.50 8.94
C VAL F 60 -8.79 -42.39 8.64
N THR F 61 -8.58 -43.70 8.51
CA THR F 61 -9.67 -44.60 8.11
C THR F 61 -10.79 -44.58 9.14
N GLN F 62 -10.44 -44.53 10.43
CA GLN F 62 -11.45 -44.44 11.47
C GLN F 62 -12.22 -43.14 11.44
N LEU F 63 -11.71 -42.13 10.73
CA LEU F 63 -12.34 -40.81 10.70
C LEU F 63 -13.37 -40.73 9.57
N TYR F 64 -14.47 -40.04 9.84
CA TYR F 64 -15.48 -39.72 8.84
C TYR F 64 -15.79 -38.24 8.93
N LEU F 65 -16.15 -37.65 7.79
CA LEU F 65 -16.53 -36.26 7.78
C LEU F 65 -17.94 -36.09 8.31
N GLY F 66 -18.09 -35.20 9.30
CA GLY F 66 -19.39 -34.80 9.78
C GLY F 66 -19.46 -33.30 9.96
N GLY F 67 -20.33 -32.65 9.19
CA GLY F 67 -20.43 -31.21 9.23
C GLY F 67 -19.12 -30.51 8.93
N MET F 68 -18.75 -29.54 9.76
CA MET F 68 -17.54 -28.75 9.56
C MET F 68 -16.35 -29.32 10.33
N SER F 69 -16.11 -30.63 10.22
CA SER F 69 -15.01 -31.26 10.93
C SER F 69 -14.89 -32.71 10.44
N TYR F 70 -13.97 -33.45 11.06
CA TYR F 70 -13.74 -34.86 10.78
C TYR F 70 -13.99 -35.63 12.06
N TYR F 71 -14.80 -36.69 11.98
CA TYR F 71 -15.38 -37.33 13.15
C TYR F 71 -15.02 -38.80 13.19
N CYS F 72 -15.00 -39.37 14.40
CA CYS F 72 -14.68 -40.77 14.61
C CYS F 72 -15.95 -41.62 14.47
N LYS F 73 -15.86 -42.87 14.92
CA LYS F 73 -16.99 -43.80 14.82
C LYS F 73 -18.21 -43.27 15.56
N SER F 74 -18.11 -43.14 16.88
CA SER F 74 -19.27 -42.90 17.73
C SER F 74 -19.58 -41.42 17.93
N HIS F 75 -18.75 -40.52 17.41
CA HIS F 75 -18.97 -39.09 17.60
C HIS F 75 -19.68 -38.44 16.43
N LYS F 76 -19.97 -39.18 15.36
CA LYS F 76 -20.49 -38.60 14.14
C LYS F 76 -21.97 -38.22 14.27
N PRO F 77 -22.43 -37.28 13.45
CA PRO F 77 -23.87 -37.07 13.30
C PRO F 77 -24.45 -38.07 12.32
N PRO F 78 -25.78 -38.12 12.18
CA PRO F 78 -26.36 -39.07 11.20
C PRO F 78 -25.85 -38.88 9.78
N ILE F 79 -25.65 -37.63 9.35
CA ILE F 79 -25.15 -37.34 8.02
C ILE F 79 -23.62 -37.36 8.09
N SER F 80 -23.00 -38.27 7.35
CA SER F 80 -21.56 -38.43 7.36
C SER F 80 -21.09 -38.82 5.97
N PHE F 81 -19.78 -39.00 5.83
CA PHE F 81 -19.17 -39.35 4.55
C PHE F 81 -17.77 -39.89 4.80
N PRO F 82 -17.38 -40.98 4.12
CA PRO F 82 -16.07 -41.59 4.38
C PRO F 82 -14.95 -40.75 3.76
N LEU F 83 -14.03 -40.29 4.61
CA LEU F 83 -12.87 -39.57 4.11
C LEU F 83 -12.00 -40.47 3.25
N CYS F 84 -11.87 -41.73 3.62
CA CYS F 84 -11.07 -42.71 2.88
C CYS F 84 -12.01 -43.48 1.94
N ALA F 85 -12.09 -43.03 0.70
CA ALA F 85 -12.92 -43.66 -0.32
C ALA F 85 -12.19 -43.67 -1.65
N ASN F 86 -12.55 -44.63 -2.50
CA ASN F 86 -12.01 -44.76 -3.85
C ASN F 86 -10.50 -44.93 -3.88
N GLY F 87 -9.90 -45.31 -2.76
CA GLY F 87 -8.44 -45.40 -2.71
C GLY F 87 -7.74 -44.08 -2.75
N GLN F 88 -8.46 -42.97 -2.56
CA GLN F 88 -7.85 -41.65 -2.47
C GLN F 88 -8.49 -40.91 -1.31
N VAL F 89 -7.66 -40.36 -0.42
CA VAL F 89 -8.17 -39.68 0.76
C VAL F 89 -8.76 -38.32 0.36
N PHE F 90 -9.77 -37.88 1.09
CA PHE F 90 -10.31 -36.55 0.87
C PHE F 90 -9.24 -35.50 1.08
N GLY F 91 -9.08 -34.63 0.09
CA GLY F 91 -8.10 -33.57 0.18
C GLY F 91 -8.26 -32.60 -0.96
N LEU F 92 -7.59 -31.45 -0.83
CA LEU F 92 -7.65 -30.42 -1.86
C LEU F 92 -6.98 -30.91 -3.13
N TYR F 93 -7.35 -30.31 -4.27
CA TYR F 93 -6.85 -30.74 -5.57
C TYR F 93 -7.18 -32.22 -5.81
N LYS F 94 -8.48 -32.50 -5.80
CA LYS F 94 -8.97 -33.88 -5.84
C LYS F 94 -8.65 -34.57 -7.15
N ASN F 95 -9.14 -34.02 -8.26
CA ASN F 95 -9.03 -34.71 -9.54
C ASN F 95 -7.60 -34.67 -10.08
N THR F 96 -6.86 -33.60 -9.76
CA THR F 96 -5.49 -33.45 -10.27
C THR F 96 -4.50 -34.28 -9.45
N CYS F 97 -4.78 -35.59 -9.39
CA CYS F 97 -3.91 -36.55 -8.74
C CYS F 97 -3.70 -37.73 -9.68
N VAL F 98 -2.44 -38.04 -9.96
CA VAL F 98 -2.12 -39.12 -10.91
C VAL F 98 -1.67 -40.40 -10.21
N GLY F 99 -1.29 -40.32 -8.93
CA GLY F 99 -0.83 -41.51 -8.22
C GLY F 99 0.50 -42.02 -8.72
N SER F 100 1.11 -42.92 -7.95
CA SER F 100 2.39 -43.52 -8.30
C SER F 100 2.24 -45.03 -8.37
N ASP F 101 2.68 -45.62 -9.47
CA ASP F 101 2.57 -47.07 -9.64
C ASP F 101 3.41 -47.80 -8.61
N ASN F 102 4.65 -47.38 -8.42
CA ASN F 102 5.56 -47.99 -7.44
C ASN F 102 5.73 -47.00 -6.29
N VAL F 103 5.04 -47.25 -5.19
CA VAL F 103 5.14 -46.41 -4.00
C VAL F 103 5.96 -47.08 -2.89
N THR F 104 6.15 -48.40 -2.94
CA THR F 104 6.81 -49.12 -1.86
C THR F 104 8.23 -48.62 -1.61
N ASP F 105 8.87 -47.99 -2.58
CA ASP F 105 10.16 -47.34 -2.34
C ASP F 105 9.99 -46.18 -1.37
N PHE F 106 8.98 -45.34 -1.59
CA PHE F 106 8.73 -44.22 -0.70
C PHE F 106 8.24 -44.69 0.66
N ASN F 107 7.48 -45.79 0.68
CA ASN F 107 7.10 -46.37 1.96
C ASN F 107 8.32 -46.91 2.69
N ALA F 108 9.28 -47.47 1.94
CA ALA F 108 10.50 -47.98 2.56
C ALA F 108 11.32 -46.84 3.16
N ILE F 109 11.48 -45.75 2.42
CA ILE F 109 12.24 -44.62 2.97
C ILE F 109 11.51 -44.00 4.15
N ALA F 110 10.17 -44.00 4.11
CA ALA F 110 9.38 -43.47 5.21
C ALA F 110 9.40 -44.35 6.45
N THR F 111 9.53 -45.67 6.27
CA THR F 111 9.64 -46.59 7.40
C THR F 111 11.08 -46.95 7.70
N CYS F 112 12.04 -46.35 7.01
CA CYS F 112 13.45 -46.68 7.19
C CYS F 112 13.99 -46.13 8.51
N ASP F 113 14.84 -46.92 9.15
CA ASP F 113 15.60 -46.46 10.31
C ASP F 113 17.06 -46.18 9.97
N TRP F 114 17.44 -46.31 8.70
CA TRP F 114 18.77 -45.95 8.21
C TRP F 114 19.85 -46.78 8.89
N THR F 115 19.60 -48.07 9.09
CA THR F 115 20.45 -48.74 10.07
C THR F 115 21.45 -49.67 9.38
N ASN F 116 21.05 -50.34 8.30
CA ASN F 116 21.93 -51.22 7.55
C ASN F 116 22.37 -50.58 6.24
N ALA F 117 23.24 -51.29 5.51
CA ALA F 117 23.73 -50.78 4.23
C ALA F 117 22.64 -50.77 3.17
N GLY F 118 21.72 -51.73 3.23
CA GLY F 118 20.63 -51.78 2.27
C GLY F 118 19.78 -50.52 2.29
N ASP F 119 19.65 -49.90 3.47
CA ASP F 119 18.95 -48.62 3.52
C ASP F 119 19.65 -47.57 2.67
N TYR F 120 20.98 -47.53 2.70
CA TYR F 120 21.70 -46.54 1.91
C TYR F 120 21.64 -46.89 0.42
N ILE F 121 21.65 -48.18 0.09
CA ILE F 121 21.40 -48.59 -1.29
C ILE F 121 20.05 -48.04 -1.74
N LEU F 122 19.03 -48.14 -0.88
CA LEU F 122 17.74 -47.54 -1.17
C LEU F 122 17.85 -46.02 -1.29
N ALA F 123 18.68 -45.41 -0.45
CA ALA F 123 18.85 -43.96 -0.44
C ALA F 123 19.33 -43.46 -1.78
N ASN F 124 20.19 -44.24 -2.46
CA ASN F 124 20.71 -43.80 -3.74
C ASN F 124 20.15 -44.56 -4.94
N THR F 125 19.18 -45.46 -4.75
CA THR F 125 18.53 -46.12 -5.88
C THR F 125 17.24 -45.45 -6.31
N CYS F 126 16.45 -44.93 -5.37
CA CYS F 126 15.18 -44.32 -5.71
C CYS F 126 15.41 -43.04 -6.52
N THR F 127 14.32 -42.48 -7.06
CA THR F 127 14.45 -41.42 -8.05
C THR F 127 14.79 -40.09 -7.39
N GLU F 128 14.73 -39.01 -8.16
CA GLU F 128 15.45 -37.77 -7.86
C GLU F 128 15.03 -37.15 -6.53
N ARG F 129 13.78 -36.69 -6.41
CA ARG F 129 13.50 -36.01 -5.15
C ARG F 129 13.16 -37.00 -4.04
N LEU F 130 12.82 -38.26 -4.37
CA LEU F 130 12.75 -39.28 -3.34
C LEU F 130 14.11 -39.49 -2.70
N LYS F 131 15.20 -39.41 -3.47
CA LYS F 131 16.52 -39.56 -2.87
C LYS F 131 17.02 -38.29 -2.22
N LEU F 132 16.61 -37.11 -2.71
CA LEU F 132 16.80 -35.90 -1.92
C LEU F 132 16.11 -36.04 -0.56
N PHE F 133 14.91 -36.59 -0.55
CA PHE F 133 14.20 -36.87 0.70
C PHE F 133 14.92 -37.94 1.51
N ALA F 134 15.57 -38.89 0.84
CA ALA F 134 16.35 -39.89 1.56
C ALA F 134 17.46 -39.21 2.36
N ALA F 135 18.20 -38.31 1.72
CA ALA F 135 19.24 -37.56 2.44
C ALA F 135 18.63 -36.70 3.54
N GLU F 136 17.51 -36.04 3.25
CA GLU F 136 16.83 -35.20 4.23
C GLU F 136 16.48 -36.00 5.48
N THR F 137 15.79 -37.13 5.28
CA THR F 137 15.34 -37.95 6.39
C THR F 137 16.52 -38.58 7.12
N LEU F 138 17.57 -38.95 6.39
CA LEU F 138 18.78 -39.46 7.01
C LEU F 138 19.30 -38.47 8.04
N LYS F 139 19.65 -37.28 7.55
CA LYS F 139 20.22 -36.28 8.45
C LYS F 139 19.25 -35.92 9.56
N ALA F 140 17.95 -35.93 9.28
CA ALA F 140 16.95 -35.65 10.30
C ALA F 140 16.98 -36.68 11.42
N THR F 141 16.98 -37.97 11.06
CA THR F 141 17.02 -39.02 12.07
C THR F 141 18.28 -38.92 12.93
N GLU F 142 19.44 -38.71 12.29
CA GLU F 142 20.60 -38.66 13.19
C GLU F 142 20.70 -37.36 13.98
N GLU F 143 20.14 -36.24 13.51
CA GLU F 143 20.18 -35.05 14.37
C GLU F 143 19.22 -35.18 15.53
N THR F 144 18.08 -35.85 15.34
CA THR F 144 17.24 -36.18 16.48
C THR F 144 17.91 -37.19 17.39
N PHE F 145 18.77 -38.05 16.84
CA PHE F 145 19.50 -39.02 17.64
C PHE F 145 20.53 -38.34 18.54
N LYS F 146 21.33 -37.44 17.97
CA LYS F 146 22.53 -36.97 18.65
C LYS F 146 22.24 -36.31 19.99
N LEU F 147 21.07 -35.72 20.17
CA LEU F 147 20.71 -35.13 21.45
C LEU F 147 20.16 -36.17 22.44
N SER F 148 19.75 -37.34 21.95
CA SER F 148 19.21 -38.39 22.81
C SER F 148 20.28 -39.13 23.60
N TYR F 149 21.53 -38.66 23.56
CA TYR F 149 22.56 -39.15 24.44
C TYR F 149 22.54 -38.38 25.75
N GLY F 150 23.27 -38.89 26.73
CA GLY F 150 23.53 -38.13 27.94
C GLY F 150 24.21 -36.81 27.62
N ILE F 151 24.38 -36.02 28.66
CA ILE F 151 24.88 -34.65 28.51
C ILE F 151 26.06 -34.46 29.45
N ALA F 152 27.15 -33.94 28.90
CA ALA F 152 28.45 -33.96 29.59
C ALA F 152 28.53 -32.85 30.63
N THR F 153 28.04 -33.16 31.83
CA THR F 153 28.12 -32.20 32.93
C THR F 153 29.46 -32.36 33.63
N VAL F 154 30.17 -31.26 33.83
CA VAL F 154 31.47 -31.34 34.49
C VAL F 154 31.26 -31.32 36.00
N ARG F 155 32.02 -32.18 36.70
CA ARG F 155 31.90 -32.32 38.15
C ARG F 155 33.02 -31.63 38.90
N GLU F 156 34.23 -31.66 38.36
CA GLU F 156 35.41 -31.18 39.07
C GLU F 156 36.46 -30.76 38.04
N VAL F 157 37.43 -29.99 38.51
CA VAL F 157 38.50 -29.48 37.65
C VAL F 157 39.81 -30.09 38.13
N LEU F 158 40.34 -31.03 37.33
CA LEU F 158 41.59 -31.69 37.66
C LEU F 158 42.76 -30.74 37.44
N SER F 159 42.95 -30.34 36.18
CA SER F 159 43.99 -29.39 35.79
C SER F 159 43.66 -28.90 34.38
N ASP F 160 44.62 -28.26 33.74
CA ASP F 160 44.46 -27.93 32.33
C ASP F 160 44.27 -29.19 31.49
N ARG F 161 43.37 -29.10 30.51
CA ARG F 161 43.22 -30.08 29.45
C ARG F 161 42.59 -31.40 29.90
N GLU F 162 42.37 -31.57 31.20
CA GLU F 162 41.63 -32.72 31.71
C GLU F 162 40.54 -32.26 32.68
N LEU F 163 39.41 -32.96 32.65
CA LEU F 163 38.29 -32.68 33.54
C LEU F 163 37.64 -34.01 33.94
N HIS F 164 36.57 -33.92 34.72
CA HIS F 164 35.77 -35.08 35.11
C HIS F 164 34.32 -34.81 34.75
N LEU F 165 33.68 -35.78 34.08
CA LEU F 165 32.35 -35.58 33.52
C LEU F 165 31.39 -36.64 34.04
N SER F 166 30.23 -36.21 34.49
CA SER F 166 29.08 -37.05 34.73
C SER F 166 28.11 -36.93 33.55
N TRP F 167 27.26 -37.94 33.40
CA TRP F 167 26.28 -38.00 32.35
C TRP F 167 24.93 -38.38 32.95
N GLU F 168 23.85 -37.84 32.40
CA GLU F 168 22.54 -38.06 32.99
C GLU F 168 22.15 -39.54 32.91
N VAL F 169 21.35 -39.96 33.89
CA VAL F 169 20.84 -41.31 33.91
C VAL F 169 19.83 -41.50 32.77
N GLY F 170 19.77 -42.70 32.22
CA GLY F 170 18.79 -43.01 31.20
C GLY F 170 19.33 -43.10 29.79
N LYS F 171 20.23 -42.20 29.40
CA LYS F 171 20.69 -42.19 28.03
C LYS F 171 22.22 -42.28 27.95
N PRO F 172 22.74 -42.93 26.91
CA PRO F 172 24.14 -43.38 26.91
C PRO F 172 25.13 -42.28 26.52
N ARG F 173 26.38 -42.71 26.32
CA ARG F 173 27.50 -41.82 26.09
C ARG F 173 27.96 -41.91 24.64
N PRO F 174 28.06 -40.80 23.94
CA PRO F 174 28.56 -40.83 22.57
C PRO F 174 30.05 -41.12 22.57
N PRO F 175 30.66 -41.57 21.38
CA PRO F 175 31.97 -42.03 21.45
C PRO F 175 33.06 -41.00 21.80
N LEU F 176 34.31 -41.45 21.84
CA LEU F 176 35.36 -40.68 22.48
C LEU F 176 36.20 -39.89 21.48
N ASN F 177 35.59 -39.37 20.42
CA ASN F 177 36.33 -38.77 19.31
C ASN F 177 35.82 -37.37 19.01
N ARG F 178 36.41 -36.76 17.98
CA ARG F 178 35.95 -35.49 17.44
C ARG F 178 34.80 -35.65 16.46
N ASN F 179 34.32 -36.88 16.26
CA ASN F 179 33.22 -37.12 15.33
C ASN F 179 31.96 -36.36 15.76
N TYR F 180 31.59 -36.46 17.03
CA TYR F 180 30.46 -35.71 17.56
C TYR F 180 31.01 -34.48 18.26
N VAL F 181 30.85 -33.33 17.62
CA VAL F 181 31.32 -32.07 18.19
C VAL F 181 30.29 -31.56 19.20
N PHE F 182 30.72 -31.42 20.44
CA PHE F 182 29.86 -30.85 21.46
C PHE F 182 29.85 -29.33 21.35
N THR F 183 29.02 -28.70 22.16
CA THR F 183 28.94 -27.24 22.23
C THR F 183 28.38 -26.91 23.61
N GLY F 184 29.02 -25.99 24.30
CA GLY F 184 28.62 -25.68 25.65
C GLY F 184 28.15 -24.25 25.82
N TYR F 185 27.39 -24.03 26.88
CA TYR F 185 26.99 -22.69 27.28
C TYR F 185 27.16 -22.58 28.78
N ARG F 186 27.38 -21.35 29.25
CA ARG F 186 27.71 -21.11 30.66
C ARG F 186 26.43 -21.03 31.48
N VAL F 187 26.23 -22.00 32.38
CA VAL F 187 25.05 -22.01 33.22
C VAL F 187 25.15 -20.91 34.25
N THR F 188 24.09 -20.10 34.35
CA THR F 188 24.07 -18.97 35.28
C THR F 188 22.77 -18.96 36.08
N LYS F 189 22.53 -17.89 36.84
CA LYS F 189 21.30 -17.76 37.59
C LYS F 189 20.09 -17.56 36.69
N ASN F 190 20.31 -17.16 35.44
CA ASN F 190 19.23 -16.94 34.48
C ASN F 190 19.11 -18.04 33.45
N SER F 191 20.18 -18.32 32.71
CA SER F 191 20.13 -19.29 31.63
C SER F 191 21.55 -19.77 31.34
N LYS F 192 21.74 -20.41 30.18
CA LYS F 192 23.02 -20.95 29.76
C LYS F 192 23.52 -20.14 28.58
N VAL F 193 24.74 -19.62 28.67
CA VAL F 193 25.24 -18.76 27.59
C VAL F 193 26.70 -19.03 27.25
N GLN F 194 26.94 -19.68 26.09
CA GLN F 194 28.21 -19.59 25.37
C GLN F 194 29.43 -20.21 26.05
N ILE F 195 29.75 -21.49 25.79
CA ILE F 195 31.14 -21.89 25.95
C ILE F 195 31.88 -22.00 24.60
N GLY F 196 31.35 -22.79 23.68
CA GLY F 196 32.02 -23.08 22.42
C GLY F 196 31.99 -24.56 22.10
N GLU F 197 32.62 -24.92 20.99
CA GLU F 197 32.61 -26.31 20.54
C GLU F 197 33.84 -27.04 21.08
N TYR F 198 33.61 -28.09 21.88
CA TYR F 198 34.67 -28.93 22.40
C TYR F 198 34.40 -30.38 22.00
N THR F 199 35.44 -31.19 22.11
CA THR F 199 35.31 -32.64 21.97
C THR F 199 36.11 -33.33 23.07
N PHE F 200 35.54 -34.35 23.68
CA PHE F 200 36.10 -34.95 24.87
C PHE F 200 36.56 -36.38 24.60
N GLU F 201 37.70 -36.72 25.19
CA GLU F 201 38.17 -38.10 25.27
C GLU F 201 38.55 -38.39 26.70
N LYS F 202 38.80 -39.67 27.01
CA LYS F 202 39.20 -40.02 28.37
C LYS F 202 40.64 -39.56 28.63
N GLY F 203 40.90 -39.19 29.88
CA GLY F 203 42.21 -38.71 30.28
C GLY F 203 43.26 -39.80 30.31
N ALA F 208 39.44 -39.26 34.69
CA ALA F 208 39.95 -38.10 33.99
C ALA F 208 39.42 -38.05 32.56
N VAL F 209 39.03 -36.85 32.12
CA VAL F 209 38.48 -36.64 30.79
C VAL F 209 39.24 -35.47 30.15
N VAL F 210 40.12 -35.79 29.20
CA VAL F 210 40.74 -34.77 28.37
C VAL F 210 39.66 -34.05 27.58
N TYR F 211 39.70 -32.72 27.59
CA TYR F 211 38.83 -31.91 26.75
C TYR F 211 39.66 -31.15 25.74
N ARG F 212 39.29 -31.27 24.46
CA ARG F 212 39.91 -30.50 23.38
C ARG F 212 38.94 -29.38 23.05
N GLY F 213 39.28 -28.18 23.49
CA GLY F 213 38.43 -27.03 23.25
C GLY F 213 38.89 -26.25 22.03
N THR F 214 37.92 -25.61 21.36
CA THR F 214 38.25 -24.80 20.20
C THR F 214 39.10 -23.60 20.58
N THR F 215 38.79 -22.95 21.71
CA THR F 215 39.50 -21.77 22.16
C THR F 215 40.00 -21.97 23.58
N THR F 216 40.84 -21.03 24.02
CA THR F 216 41.34 -21.03 25.39
C THR F 216 40.22 -20.60 26.34
N TYR F 217 40.01 -21.39 27.39
CA TYR F 217 38.86 -21.20 28.26
C TYR F 217 39.12 -21.94 29.55
N LYS F 218 38.57 -21.42 30.65
CA LYS F 218 38.69 -22.02 31.98
C LYS F 218 37.30 -22.40 32.45
N LEU F 219 37.12 -23.65 32.86
CA LEU F 219 35.83 -24.16 33.30
C LEU F 219 35.83 -24.39 34.81
N ASN F 220 34.62 -24.40 35.37
CA ASN F 220 34.40 -24.62 36.79
C ASN F 220 33.47 -25.82 36.93
N VAL F 221 33.03 -26.14 38.14
CA VAL F 221 32.19 -27.31 38.38
C VAL F 221 30.76 -27.00 37.95
N GLY F 222 30.09 -28.01 37.39
CA GLY F 222 28.67 -27.93 37.10
C GLY F 222 28.28 -27.47 35.71
N ASP F 223 29.22 -27.01 34.89
CA ASP F 223 28.90 -26.55 33.54
C ASP F 223 28.80 -27.74 32.59
N TYR F 224 27.83 -27.70 31.68
CA TYR F 224 27.54 -28.87 30.87
C TYR F 224 27.37 -28.54 29.40
N PHE F 225 27.66 -29.56 28.56
CA PHE F 225 27.84 -29.46 27.12
C PHE F 225 26.83 -30.36 26.42
N VAL F 226 26.35 -29.94 25.25
CA VAL F 226 25.34 -30.68 24.52
C VAL F 226 25.77 -30.84 23.06
N LEU F 227 25.28 -31.91 22.42
CA LEU F 227 25.46 -32.09 20.98
C LEU F 227 24.31 -31.42 20.23
N THR F 228 24.52 -30.15 19.92
CA THR F 228 23.47 -29.35 19.31
C THR F 228 23.26 -29.74 17.85
N SER F 229 22.03 -29.49 17.38
CA SER F 229 21.68 -29.61 15.97
C SER F 229 21.03 -28.31 15.51
N HIS F 230 21.13 -28.06 14.21
CA HIS F 230 20.53 -26.87 13.63
C HIS F 230 19.11 -27.19 13.16
N THR F 231 18.50 -26.26 12.43
CA THR F 231 17.16 -26.45 11.88
C THR F 231 17.32 -26.82 10.41
N VAL F 232 17.12 -28.10 10.10
CA VAL F 232 17.33 -28.62 8.75
C VAL F 232 16.10 -28.27 7.90
N MET F 233 16.29 -27.35 6.92
CA MET F 233 15.18 -27.01 6.05
C MET F 233 15.19 -27.86 4.78
N PRO F 234 14.06 -27.99 4.09
CA PRO F 234 14.06 -28.75 2.84
C PRO F 234 14.86 -28.07 1.74
N LEU F 235 15.32 -28.89 0.80
CA LEU F 235 16.16 -28.42 -0.31
C LEU F 235 15.31 -27.97 -1.48
N SER F 236 15.94 -27.39 -2.50
CA SER F 236 15.24 -27.07 -3.73
C SER F 236 15.85 -27.80 -4.92
N ALA F 237 17.16 -27.64 -5.12
CA ALA F 237 17.81 -28.14 -6.32
C ALA F 237 18.09 -29.64 -6.20
N PRO F 238 18.18 -30.35 -7.34
CA PRO F 238 18.57 -31.77 -7.30
C PRO F 238 20.03 -31.96 -6.94
N THR F 239 20.49 -33.21 -6.92
CA THR F 239 21.86 -33.49 -6.52
C THR F 239 22.86 -32.82 -7.45
N LEU F 240 22.58 -32.85 -8.75
CA LEU F 240 23.37 -32.11 -9.73
C LEU F 240 22.55 -31.96 -10.99
N VAL F 241 22.89 -30.94 -11.77
CA VAL F 241 22.11 -30.57 -12.96
C VAL F 241 22.28 -31.66 -14.02
N PRO F 242 21.38 -31.74 -15.01
CA PRO F 242 21.59 -32.68 -16.11
C PRO F 242 22.83 -32.34 -16.92
N GLN F 243 23.46 -33.37 -17.48
CA GLN F 243 24.66 -33.18 -18.27
C GLN F 243 24.33 -32.67 -19.66
N GLU F 244 25.13 -31.72 -20.13
CA GLU F 244 25.01 -31.21 -21.49
C GLU F 244 26.40 -30.84 -22.00
N HIS F 245 26.72 -31.28 -23.22
CA HIS F 245 28.02 -31.03 -23.83
C HIS F 245 27.86 -29.97 -24.90
N TYR F 246 28.42 -28.79 -24.66
CA TYR F 246 28.36 -27.73 -25.66
C TYR F 246 29.40 -27.95 -26.74
N VAL F 247 29.29 -27.17 -27.81
CA VAL F 247 30.23 -27.29 -28.92
C VAL F 247 31.60 -26.75 -28.53
N ARG F 248 31.64 -25.75 -27.65
CA ARG F 248 32.83 -24.94 -27.46
C ARG F 248 32.77 -24.31 -26.08
N ILE F 249 33.86 -23.67 -25.66
CA ILE F 249 33.90 -22.96 -24.39
C ILE F 249 33.04 -21.73 -24.49
N THR F 250 31.80 -21.81 -24.01
CA THR F 250 30.84 -20.72 -24.16
C THR F 250 30.89 -19.81 -22.93
N GLY F 251 31.05 -18.50 -23.17
CA GLY F 251 31.01 -17.50 -22.13
C GLY F 251 32.30 -17.30 -21.37
N LEU F 252 33.39 -17.98 -21.74
CA LEU F 252 34.69 -17.77 -21.15
C LEU F 252 35.71 -17.38 -22.21
N TYR F 253 36.68 -16.57 -21.82
CA TYR F 253 37.72 -16.08 -22.71
C TYR F 253 39.03 -16.77 -22.37
N PRO F 254 39.61 -17.56 -23.29
CA PRO F 254 40.85 -18.27 -22.97
C PRO F 254 42.01 -17.32 -22.69
N THR F 255 43.09 -17.91 -22.17
CA THR F 255 44.26 -17.15 -21.77
C THR F 255 45.17 -16.92 -22.97
N LEU F 256 46.28 -16.21 -22.75
CA LEU F 256 47.26 -15.91 -23.79
C LEU F 256 48.50 -16.80 -23.68
N ASN F 257 49.05 -16.98 -22.48
CA ASN F 257 50.22 -17.82 -22.30
C ASN F 257 50.13 -18.46 -20.92
N ILE F 258 50.70 -19.66 -20.79
CA ILE F 258 50.55 -20.48 -19.61
C ILE F 258 51.92 -20.83 -19.04
N SER F 259 51.97 -21.00 -17.72
CA SER F 259 53.16 -21.47 -17.03
C SER F 259 53.21 -22.99 -17.05
N ASP F 260 54.41 -23.54 -16.80
CA ASP F 260 54.62 -24.97 -16.98
C ASP F 260 53.85 -25.81 -15.96
N GLU F 261 53.74 -25.34 -14.72
CA GLU F 261 53.23 -26.19 -13.64
C GLU F 261 51.72 -26.41 -13.70
N PHE F 262 51.03 -25.95 -14.75
CA PHE F 262 49.66 -26.37 -15.01
C PHE F 262 49.47 -26.85 -16.44
N SER F 263 50.56 -27.15 -17.15
CA SER F 263 50.42 -27.62 -18.53
C SER F 263 49.60 -28.90 -18.59
N SER F 264 49.99 -29.91 -17.79
CA SER F 264 49.19 -31.12 -17.69
C SER F 264 47.79 -30.85 -17.18
N ASN F 265 47.60 -29.72 -16.48
CA ASN F 265 46.28 -29.28 -16.04
C ASN F 265 45.50 -28.57 -17.13
N VAL F 266 46.17 -27.82 -18.01
CA VAL F 266 45.47 -27.07 -19.05
C VAL F 266 44.67 -28.01 -19.93
N ALA F 267 45.31 -29.08 -20.40
CA ALA F 267 44.65 -30.08 -21.23
C ALA F 267 43.42 -30.67 -20.56
N ASN F 268 43.25 -30.49 -19.25
CA ASN F 268 42.00 -30.87 -18.61
C ASN F 268 40.98 -29.75 -18.63
N TYR F 269 41.36 -28.53 -18.25
CA TYR F 269 40.40 -27.44 -18.36
C TYR F 269 39.99 -27.18 -19.79
N GLN F 270 40.70 -27.77 -20.76
CA GLN F 270 40.27 -27.73 -22.15
C GLN F 270 38.85 -28.24 -22.30
N LYS F 271 38.52 -29.33 -21.60
CA LYS F 271 37.20 -29.93 -21.79
C LYS F 271 36.16 -29.42 -20.80
N VAL F 272 36.53 -29.18 -19.53
CA VAL F 272 35.54 -28.74 -18.54
C VAL F 272 34.93 -27.41 -18.94
N GLY F 273 35.72 -26.52 -19.54
CA GLY F 273 35.17 -25.28 -20.05
C GLY F 273 34.17 -25.47 -21.17
N MET F 274 34.19 -26.63 -21.81
CA MET F 274 33.29 -26.91 -22.93
C MET F 274 31.90 -27.33 -22.47
N GLN F 275 31.78 -28.08 -21.38
CA GLN F 275 30.44 -28.50 -20.94
C GLN F 275 30.17 -28.10 -19.50
N LYS F 276 29.00 -28.51 -18.97
CA LYS F 276 28.53 -28.03 -17.68
C LYS F 276 29.37 -28.54 -16.52
N TYR F 277 29.38 -29.85 -16.28
CA TYR F 277 30.05 -30.39 -15.11
C TYR F 277 30.81 -31.67 -15.45
N SER F 278 31.80 -31.97 -14.60
CA SER F 278 32.66 -33.14 -14.79
C SER F 278 33.15 -33.60 -13.42
N THR F 279 33.02 -34.89 -13.13
CA THR F 279 33.49 -35.45 -11.86
C THR F 279 34.99 -35.65 -11.88
N LEU F 280 35.69 -35.22 -10.82
CA LEU F 280 37.14 -35.16 -10.88
C LEU F 280 37.75 -36.31 -10.08
N GLN F 281 38.30 -37.30 -10.79
CA GLN F 281 38.98 -38.39 -10.12
C GLN F 281 40.17 -37.80 -9.40
N GLY F 282 40.01 -37.61 -8.09
CA GLY F 282 40.98 -36.98 -7.24
C GLY F 282 41.80 -37.90 -6.36
N PRO F 283 42.69 -38.73 -6.91
CA PRO F 283 43.65 -39.41 -6.05
C PRO F 283 44.41 -38.42 -5.20
N PRO F 284 44.61 -38.70 -3.92
CA PRO F 284 45.09 -37.67 -2.99
C PRO F 284 46.45 -37.13 -3.38
N GLY F 285 46.62 -35.82 -3.19
CA GLY F 285 47.92 -35.18 -3.28
C GLY F 285 48.65 -35.26 -4.60
N THR F 286 47.97 -34.94 -5.70
CA THR F 286 48.60 -34.86 -7.01
C THR F 286 48.71 -33.42 -7.52
N GLY F 287 48.46 -32.44 -6.65
CA GLY F 287 48.31 -31.06 -7.10
C GLY F 287 46.84 -30.73 -7.28
N LYS F 288 46.05 -31.06 -6.26
CA LYS F 288 44.59 -30.94 -6.36
C LYS F 288 44.15 -29.48 -6.21
N SER F 289 44.51 -28.85 -5.10
CA SER F 289 44.25 -27.42 -4.98
C SER F 289 45.06 -26.64 -6.00
N HIS F 290 46.19 -27.19 -6.43
CA HIS F 290 46.85 -26.71 -7.65
C HIS F 290 45.91 -26.81 -8.85
N PHE F 291 45.25 -27.96 -9.01
CA PHE F 291 44.31 -28.14 -10.10
C PHE F 291 43.18 -27.10 -10.02
N ALA F 292 42.82 -26.68 -8.81
CA ALA F 292 41.73 -25.71 -8.68
C ALA F 292 42.21 -24.28 -8.93
N ILE F 293 43.41 -23.91 -8.48
CA ILE F 293 43.92 -22.57 -8.76
C ILE F 293 44.26 -22.40 -10.23
N GLY F 294 44.64 -23.50 -10.90
CA GLY F 294 44.89 -23.41 -12.32
C GLY F 294 43.66 -23.11 -13.14
N LEU F 295 42.48 -23.39 -12.60
CA LEU F 295 41.24 -22.96 -13.25
C LEU F 295 41.18 -21.45 -13.35
N ALA F 296 41.57 -20.76 -12.26
CA ALA F 296 41.62 -19.31 -12.28
C ALA F 296 42.79 -18.77 -13.08
N LEU F 297 43.92 -19.48 -13.07
CA LEU F 297 45.05 -19.08 -13.92
C LEU F 297 44.67 -19.16 -15.39
N TYR F 298 43.90 -20.18 -15.77
CA TYR F 298 43.43 -20.32 -17.14
C TYR F 298 42.36 -19.28 -17.46
N TYR F 299 41.51 -18.95 -16.49
CA TYR F 299 40.45 -17.96 -16.69
C TYR F 299 40.45 -16.99 -15.51
N PRO F 300 41.18 -15.88 -15.60
CA PRO F 300 41.35 -14.98 -14.44
C PRO F 300 40.09 -14.16 -14.10
N SER F 301 39.43 -13.63 -15.12
CA SER F 301 38.30 -12.73 -14.88
C SER F 301 37.10 -13.45 -14.30
N ALA F 302 37.11 -14.77 -14.28
CA ALA F 302 35.93 -15.56 -13.92
C ALA F 302 35.84 -15.75 -12.41
N ARG F 303 34.60 -15.92 -11.94
CA ARG F 303 34.33 -16.21 -10.54
C ARG F 303 34.52 -17.70 -10.28
N ILE F 304 35.49 -18.06 -9.45
CA ILE F 304 35.74 -19.44 -9.08
C ILE F 304 35.37 -19.62 -7.61
N VAL F 305 34.46 -20.55 -7.34
CA VAL F 305 33.90 -20.75 -6.01
C VAL F 305 34.63 -21.91 -5.35
N TYR F 306 35.56 -21.59 -4.44
CA TYR F 306 36.32 -22.61 -3.72
C TYR F 306 35.52 -23.00 -2.49
N THR F 307 34.96 -24.21 -2.49
CA THR F 307 34.12 -24.62 -1.37
C THR F 307 34.39 -26.08 -1.03
N ALA F 308 33.98 -26.47 0.17
CA ALA F 308 34.15 -27.83 0.66
C ALA F 308 33.22 -28.05 1.83
N CYS F 309 33.07 -29.32 2.22
CA CYS F 309 32.17 -29.67 3.31
C CYS F 309 32.65 -29.13 4.65
N SER F 310 33.96 -29.04 4.85
CA SER F 310 34.53 -28.57 6.10
C SER F 310 35.44 -27.39 5.84
N HIS F 311 35.63 -26.56 6.88
CA HIS F 311 36.46 -25.38 6.74
C HIS F 311 37.94 -25.73 6.62
N ALA F 312 38.37 -26.79 7.30
CA ALA F 312 39.76 -27.21 7.19
C ALA F 312 40.12 -27.68 5.79
N ALA F 313 39.13 -28.05 4.98
CA ALA F 313 39.36 -28.48 3.61
C ALA F 313 39.41 -27.30 2.64
N VAL F 314 38.54 -26.30 2.82
CA VAL F 314 38.63 -25.09 2.01
C VAL F 314 39.86 -24.29 2.41
N ASP F 315 40.38 -24.51 3.61
CA ASP F 315 41.64 -23.88 3.99
C ASP F 315 42.78 -24.33 3.09
N ALA F 316 42.75 -25.57 2.61
CA ALA F 316 43.77 -26.04 1.68
C ALA F 316 43.73 -25.24 0.38
N LEU F 317 42.52 -24.95 -0.13
CA LEU F 317 42.39 -24.14 -1.32
C LEU F 317 42.73 -22.68 -1.05
N CYS F 318 42.54 -22.22 0.19
CA CYS F 318 43.01 -20.89 0.55
C CYS F 318 44.52 -20.81 0.64
N GLU F 319 45.18 -21.94 0.94
CA GLU F 319 46.63 -21.94 1.08
C GLU F 319 47.30 -21.63 -0.25
N LYS F 320 46.77 -22.16 -1.35
CA LYS F 320 47.29 -21.82 -2.66
C LYS F 320 46.65 -20.56 -3.23
N ALA F 321 45.92 -19.80 -2.40
CA ALA F 321 45.43 -18.49 -2.81
C ALA F 321 46.39 -17.39 -2.39
N LEU F 322 47.10 -17.57 -1.27
CA LEU F 322 48.03 -16.55 -0.80
C LEU F 322 49.24 -16.40 -1.70
N LYS F 323 49.53 -17.41 -2.53
CA LYS F 323 50.73 -17.39 -3.36
C LYS F 323 50.44 -17.29 -4.85
N TYR F 324 49.27 -17.76 -5.31
CA TYR F 324 48.96 -17.73 -6.74
C TYR F 324 47.78 -16.83 -7.09
N LEU F 325 46.92 -16.52 -6.14
CA LEU F 325 45.72 -15.75 -6.44
C LEU F 325 45.91 -14.30 -6.00
N PRO F 326 45.57 -13.33 -6.84
CA PRO F 326 45.53 -11.94 -6.37
C PRO F 326 44.50 -11.80 -5.27
N ILE F 327 44.93 -11.22 -4.15
CA ILE F 327 44.11 -11.18 -2.95
C ILE F 327 43.25 -9.92 -2.97
N ASP F 328 43.48 -9.05 -3.95
CA ASP F 328 42.59 -7.93 -4.17
C ASP F 328 41.23 -8.36 -4.69
N LYS F 329 41.07 -9.63 -5.07
CA LYS F 329 39.81 -10.16 -5.58
C LYS F 329 39.43 -11.47 -4.90
N CYS F 330 39.85 -11.66 -3.65
CA CYS F 330 39.55 -12.87 -2.90
C CYS F 330 38.52 -12.56 -1.81
N SER F 331 37.92 -13.62 -1.27
CA SER F 331 36.89 -13.49 -0.25
C SER F 331 36.92 -14.71 0.65
N ARG F 332 36.85 -14.50 1.96
CA ARG F 332 36.74 -15.57 2.95
C ARG F 332 35.40 -15.44 3.65
N ILE F 333 34.53 -16.43 3.44
CA ILE F 333 33.17 -16.38 3.97
C ILE F 333 33.03 -17.45 5.05
N ILE F 334 33.09 -17.02 6.31
CA ILE F 334 32.68 -17.86 7.44
C ILE F 334 31.76 -17.01 8.32
N PRO F 335 30.77 -17.60 8.98
CA PRO F 335 29.87 -16.82 9.83
C PRO F 335 30.46 -16.61 11.22
N ALA F 336 29.76 -15.79 12.01
CA ALA F 336 30.18 -15.49 13.37
C ALA F 336 29.99 -16.70 14.27
N VAL F 340 34.30 -20.12 14.61
CA VAL F 340 35.40 -21.06 14.44
C VAL F 340 36.63 -20.34 13.89
N GLU F 341 37.81 -20.81 14.27
CA GLU F 341 39.07 -20.19 13.85
C GLU F 341 39.58 -20.88 12.59
N CYS F 342 39.82 -20.10 11.54
CA CYS F 342 40.38 -20.63 10.30
C CYS F 342 41.16 -19.55 9.56
N PHE F 343 41.44 -19.80 8.29
CA PHE F 343 42.17 -18.86 7.44
C PHE F 343 41.30 -17.62 7.22
N ASP F 344 41.71 -16.49 7.79
CA ASP F 344 40.89 -15.26 7.76
C ASP F 344 41.76 -14.06 7.37
N LYS F 345 42.54 -14.18 6.30
CA LYS F 345 43.26 -13.02 5.79
C LYS F 345 42.51 -12.32 4.67
N PHE F 346 41.64 -13.04 3.96
CA PHE F 346 40.76 -12.40 2.98
C PHE F 346 39.68 -11.61 3.72
N LYS F 347 39.03 -10.70 2.98
CA LYS F 347 37.96 -9.90 3.57
C LYS F 347 36.75 -10.79 3.83
N VAL F 348 36.15 -10.61 5.01
CA VAL F 348 35.15 -11.55 5.50
C VAL F 348 33.76 -11.06 5.11
N ASN F 349 32.97 -11.96 4.50
CA ASN F 349 31.66 -11.63 3.92
C ASN F 349 31.72 -10.57 2.82
N SER F 350 32.35 -10.89 1.69
CA SER F 350 32.24 -10.10 0.47
C SER F 350 31.60 -10.99 -0.61
N THR F 351 30.33 -10.74 -0.91
CA THR F 351 29.54 -11.69 -1.69
C THR F 351 29.92 -11.67 -3.16
N LEU F 352 29.95 -10.49 -3.78
CA LEU F 352 30.14 -10.40 -5.23
C LEU F 352 31.61 -10.14 -5.55
N GLU F 353 32.37 -11.23 -5.55
CA GLU F 353 33.80 -11.19 -5.83
C GLU F 353 34.21 -12.51 -6.48
N GLN F 354 35.36 -12.47 -7.16
CA GLN F 354 35.76 -13.58 -8.03
C GLN F 354 35.96 -14.87 -7.24
N TYR F 355 36.92 -14.88 -6.32
CA TYR F 355 37.23 -16.07 -5.54
C TYR F 355 36.48 -15.99 -4.22
N VAL F 356 35.54 -16.91 -4.04
CA VAL F 356 34.81 -17.04 -2.78
C VAL F 356 35.24 -18.35 -2.12
N PHE F 357 35.95 -18.23 -1.01
CA PHE F 357 36.43 -19.37 -0.23
C PHE F 357 35.45 -19.56 0.92
N CYS F 358 34.68 -20.65 0.89
CA CYS F 358 33.65 -20.81 1.90
C CYS F 358 33.39 -22.29 2.13
N THR F 359 32.64 -22.56 3.19
CA THR F 359 32.16 -23.89 3.51
C THR F 359 30.66 -23.96 3.23
N VAL F 360 30.21 -25.12 2.76
CA VAL F 360 28.84 -25.29 2.27
C VAL F 360 27.81 -24.82 3.29
N ASN F 361 28.16 -24.89 4.58
CA ASN F 361 27.22 -24.47 5.61
C ASN F 361 26.96 -22.97 5.59
N ALA F 362 27.80 -22.18 4.93
CA ALA F 362 27.65 -20.73 4.95
C ALA F 362 27.76 -20.06 3.58
N LEU F 363 27.83 -20.83 2.49
CA LEU F 363 27.92 -20.22 1.17
C LEU F 363 26.59 -19.58 0.81
N PRO F 364 26.53 -18.27 0.58
CA PRO F 364 25.24 -17.60 0.41
C PRO F 364 24.66 -17.79 -0.97
N GLU F 365 23.40 -17.36 -1.12
CA GLU F 365 22.72 -17.36 -2.40
C GLU F 365 23.39 -16.41 -3.37
N THR F 366 24.05 -16.93 -4.39
CA THR F 366 24.78 -16.10 -5.35
C THR F 366 24.66 -16.72 -6.73
N THR F 367 25.27 -16.07 -7.72
CA THR F 367 25.47 -16.63 -9.04
C THR F 367 26.94 -16.43 -9.40
N ALA F 368 27.59 -17.49 -9.86
CA ALA F 368 29.02 -17.42 -10.12
C ALA F 368 29.34 -18.23 -11.38
N ASP F 369 30.60 -18.15 -11.80
CA ASP F 369 31.01 -18.66 -13.11
C ASP F 369 31.29 -20.17 -13.06
N ILE F 370 32.32 -20.58 -12.31
CA ILE F 370 32.65 -21.99 -12.13
C ILE F 370 32.88 -22.24 -10.65
N VAL F 371 32.51 -23.45 -10.23
CA VAL F 371 32.75 -23.88 -8.85
C VAL F 371 33.85 -24.92 -8.84
N VAL F 372 34.67 -24.90 -7.78
CA VAL F 372 35.57 -25.98 -7.44
C VAL F 372 35.14 -26.49 -6.06
N PHE F 373 34.52 -27.67 -6.04
CA PHE F 373 34.01 -28.27 -4.81
C PHE F 373 34.99 -29.34 -4.36
N ASP F 374 35.90 -28.96 -3.47
CA ASP F 374 36.88 -29.88 -2.95
C ASP F 374 36.22 -30.96 -2.10
N GLU F 375 36.75 -32.17 -2.18
CA GLU F 375 36.34 -33.28 -1.34
C GLU F 375 34.85 -33.61 -1.55
N ILE F 376 34.53 -34.08 -2.75
CA ILE F 376 33.18 -34.55 -3.05
C ILE F 376 32.82 -35.85 -2.34
N SER F 377 33.80 -36.58 -1.82
CA SER F 377 33.57 -37.85 -1.13
C SER F 377 33.00 -37.67 0.27
N MET F 378 33.55 -36.73 1.03
CA MET F 378 33.12 -36.38 2.38
C MET F 378 31.69 -35.88 2.47
N ALA F 379 31.11 -35.42 1.36
CA ALA F 379 29.77 -34.86 1.30
C ALA F 379 28.73 -35.93 0.98
N THR F 380 27.52 -35.71 1.46
CA THR F 380 26.38 -36.57 1.20
C THR F 380 25.60 -36.01 0.01
N ASN F 381 24.42 -36.57 -0.23
CA ASN F 381 23.53 -36.00 -1.25
C ASN F 381 23.08 -34.60 -0.86
N TYR F 382 22.88 -34.35 0.43
CA TYR F 382 22.31 -33.11 0.93
C TYR F 382 23.15 -31.89 0.57
N ASP F 383 24.38 -31.83 1.06
CA ASP F 383 25.21 -30.66 0.79
C ASP F 383 25.58 -30.56 -0.67
N LEU F 384 25.81 -31.70 -1.33
CA LEU F 384 26.11 -31.70 -2.75
C LEU F 384 24.91 -31.27 -3.59
N SER F 385 23.71 -31.23 -3.00
CA SER F 385 22.57 -30.62 -3.66
C SER F 385 22.40 -29.15 -3.28
N VAL F 386 22.70 -28.81 -2.02
CA VAL F 386 22.57 -27.41 -1.64
C VAL F 386 23.63 -26.55 -2.30
N VAL F 387 24.70 -27.16 -2.82
CA VAL F 387 25.64 -26.35 -3.60
C VAL F 387 24.99 -25.89 -4.92
N ASN F 388 24.19 -26.76 -5.55
CA ASN F 388 23.40 -26.33 -6.70
C ASN F 388 22.30 -25.37 -6.29
N ALA F 389 21.69 -25.60 -5.13
CA ALA F 389 20.74 -24.63 -4.58
C ALA F 389 21.40 -23.27 -4.37
N ARG F 390 22.70 -23.25 -4.08
CA ARG F 390 23.44 -21.99 -3.96
C ARG F 390 23.75 -21.40 -5.32
N LEU F 391 24.03 -22.23 -6.31
CA LEU F 391 24.64 -21.75 -7.55
C LEU F 391 24.11 -22.54 -8.74
N ARG F 392 23.57 -21.83 -9.73
CA ARG F 392 23.30 -22.36 -11.06
C ARG F 392 24.37 -21.73 -11.96
N ALA F 393 25.54 -22.35 -11.97
CA ALA F 393 26.73 -21.73 -12.55
C ALA F 393 26.90 -22.12 -14.01
N LYS F 394 28.05 -21.73 -14.56
CA LYS F 394 28.38 -22.13 -15.93
C LYS F 394 29.10 -23.46 -15.96
N HIS F 395 30.02 -23.68 -15.02
CA HIS F 395 30.75 -24.94 -14.94
C HIS F 395 30.92 -25.38 -13.50
N TYR F 396 30.91 -26.70 -13.33
CA TYR F 396 31.08 -27.34 -12.03
C TYR F 396 32.29 -28.26 -12.08
N VAL F 397 33.12 -28.18 -11.05
CA VAL F 397 34.29 -29.05 -10.92
C VAL F 397 34.20 -29.76 -9.58
N TYR F 398 34.32 -31.09 -9.61
CA TYR F 398 34.04 -31.95 -8.46
C TYR F 398 35.37 -32.52 -7.93
N ILE F 399 36.03 -31.77 -7.07
CA ILE F 399 37.30 -32.19 -6.51
C ILE F 399 37.05 -33.16 -5.36
N GLY F 400 37.83 -34.24 -5.32
CA GLY F 400 37.68 -35.29 -4.34
C GLY F 400 37.67 -36.64 -5.00
N ASP F 401 37.54 -37.67 -4.17
CA ASP F 401 37.53 -39.04 -4.70
C ASP F 401 36.84 -39.99 -3.73
N PRO F 402 35.91 -40.83 -4.21
CA PRO F 402 35.32 -41.86 -3.36
C PRO F 402 36.36 -42.81 -2.81
N ALA F 403 37.50 -42.90 -3.48
CA ALA F 403 38.61 -43.71 -3.01
C ALA F 403 39.32 -43.09 -1.82
N GLN F 404 38.89 -41.94 -1.31
CA GLN F 404 39.56 -41.39 -0.13
C GLN F 404 38.85 -41.69 1.19
N LEU F 405 37.67 -41.10 1.42
CA LEU F 405 37.00 -41.19 2.72
C LEU F 405 35.56 -40.66 2.64
N PRO F 406 34.62 -41.35 3.29
CA PRO F 406 33.26 -40.79 3.45
C PRO F 406 33.03 -40.05 4.76
N ALA F 407 31.83 -39.49 4.90
CA ALA F 407 31.41 -38.99 6.21
C ALA F 407 31.23 -40.15 7.16
N PRO F 408 31.69 -40.02 8.41
CA PRO F 408 31.47 -41.10 9.39
C PRO F 408 29.97 -41.28 9.62
N ARG F 409 29.44 -42.37 9.08
CA ARG F 409 28.02 -42.66 9.14
C ARG F 409 27.72 -43.30 10.48
N THR F 410 26.96 -42.59 11.32
CA THR F 410 26.73 -43.05 12.68
C THR F 410 25.74 -44.19 12.74
N LEU F 411 24.71 -44.17 11.91
CA LEU F 411 23.69 -45.22 11.95
C LEU F 411 24.05 -46.43 11.10
N LEU F 412 25.12 -46.36 10.31
CA LEU F 412 25.56 -47.51 9.53
C LEU F 412 26.20 -48.54 10.44
N THR F 413 25.49 -49.64 10.66
CA THR F 413 25.97 -50.64 11.61
C THR F 413 26.34 -51.95 10.93
N LYS F 414 25.42 -52.59 10.21
CA LYS F 414 25.78 -53.83 9.53
C LYS F 414 25.99 -53.58 8.03
N GLY F 415 27.08 -54.13 7.52
CA GLY F 415 27.43 -53.94 6.13
C GLY F 415 28.13 -52.61 5.91
N THR F 416 28.99 -52.60 4.89
CA THR F 416 29.72 -51.40 4.50
C THR F 416 29.16 -50.88 3.17
N LEU F 417 29.14 -49.56 3.04
CA LEU F 417 28.66 -48.93 1.82
C LEU F 417 29.81 -48.84 0.83
N GLU F 418 29.63 -49.47 -0.32
CA GLU F 418 30.68 -49.64 -1.32
C GLU F 418 30.97 -48.32 -2.03
N PRO F 419 32.10 -48.23 -2.74
CA PRO F 419 32.43 -46.99 -3.47
C PRO F 419 31.31 -46.40 -4.29
N GLU F 420 30.39 -47.22 -4.80
CA GLU F 420 29.36 -46.74 -5.71
C GLU F 420 28.47 -45.68 -5.07
N TYR F 421 28.04 -45.92 -3.83
CA TYR F 421 26.81 -45.33 -3.33
C TYR F 421 27.01 -44.35 -2.18
N PHE F 422 28.12 -43.61 -2.17
CA PHE F 422 28.29 -42.56 -1.17
C PHE F 422 27.35 -41.39 -1.45
N ASN F 423 27.49 -40.79 -2.63
CA ASN F 423 26.60 -39.72 -3.06
C ASN F 423 26.41 -39.83 -4.58
N SER F 424 25.64 -38.90 -5.15
CA SER F 424 25.28 -39.00 -6.55
C SER F 424 26.50 -38.92 -7.47
N VAL F 425 27.44 -38.02 -7.17
CA VAL F 425 28.64 -37.90 -7.99
C VAL F 425 29.44 -39.19 -8.00
N CYS F 426 29.39 -39.97 -6.91
CA CYS F 426 30.06 -41.26 -6.89
C CYS F 426 29.48 -42.26 -7.89
N ARG F 427 28.28 -42.01 -8.41
CA ARG F 427 27.69 -42.90 -9.40
C ARG F 427 28.50 -42.93 -10.69
N LEU F 428 28.51 -41.82 -11.42
CA LEU F 428 29.06 -41.81 -12.77
C LEU F 428 30.57 -41.88 -12.81
N MET F 429 31.24 -41.77 -11.66
CA MET F 429 32.69 -41.84 -11.62
C MET F 429 33.21 -43.23 -11.96
N LYS F 430 32.38 -44.27 -11.81
CA LYS F 430 32.81 -45.62 -12.12
C LYS F 430 31.74 -46.42 -12.85
N THR F 431 30.72 -45.76 -13.38
CA THR F 431 29.81 -46.36 -14.34
C THR F 431 30.07 -45.88 -15.76
N ILE F 432 30.16 -44.56 -15.96
CA ILE F 432 30.64 -44.00 -17.22
C ILE F 432 32.08 -43.50 -17.08
N GLY F 433 32.70 -43.69 -15.92
CA GLY F 433 34.05 -43.26 -15.69
C GLY F 433 34.14 -41.79 -15.37
N PRO F 434 35.26 -41.37 -14.79
CA PRO F 434 35.44 -39.94 -14.49
C PRO F 434 35.88 -39.17 -15.73
N ASP F 435 35.42 -37.92 -15.81
CA ASP F 435 35.73 -37.09 -16.98
C ASP F 435 37.19 -36.66 -17.00
N MET F 436 37.82 -36.51 -15.84
CA MET F 436 39.23 -36.17 -15.80
C MET F 436 39.87 -36.72 -14.54
N PHE F 437 41.16 -36.45 -14.40
CA PHE F 437 41.95 -36.76 -13.22
C PHE F 437 43.26 -36.00 -13.33
N LEU F 438 44.17 -36.23 -12.40
CA LEU F 438 45.53 -35.70 -12.49
C LEU F 438 46.48 -36.79 -12.03
N GLY F 439 47.24 -37.35 -12.97
CA GLY F 439 48.07 -38.51 -12.71
C GLY F 439 49.44 -38.26 -12.13
N THR F 440 49.82 -37.00 -11.90
CA THR F 440 51.15 -36.67 -11.38
C THR F 440 51.07 -36.54 -9.86
N CYS F 441 51.31 -37.65 -9.17
CA CYS F 441 51.30 -37.69 -7.71
C CYS F 441 52.56 -36.97 -7.22
N ARG F 442 52.41 -35.68 -6.89
CA ARG F 442 53.52 -34.87 -6.42
C ARG F 442 54.00 -35.30 -5.04
N ARG F 443 53.40 -36.35 -4.49
CA ARG F 443 53.68 -36.77 -3.13
C ARG F 443 54.38 -38.12 -3.07
N CYS F 444 53.70 -39.15 -3.59
CA CYS F 444 54.07 -40.51 -3.27
C CYS F 444 55.34 -40.93 -4.02
N PRO F 445 56.12 -41.83 -3.44
CA PRO F 445 57.21 -42.46 -4.17
C PRO F 445 56.69 -43.64 -4.98
N ALA F 446 57.58 -44.22 -5.79
CA ALA F 446 57.22 -45.40 -6.56
C ALA F 446 56.79 -46.55 -5.65
N GLU F 447 57.23 -46.55 -4.39
CA GLU F 447 56.88 -47.63 -3.47
C GLU F 447 55.38 -47.66 -3.17
N ILE F 448 54.74 -46.49 -3.10
CA ILE F 448 53.33 -46.42 -2.76
C ILE F 448 52.44 -46.19 -3.97
N VAL F 449 52.90 -45.43 -4.97
CA VAL F 449 52.01 -45.00 -6.05
C VAL F 449 51.61 -46.18 -6.94
N ASP F 450 52.58 -47.03 -7.32
CA ASP F 450 52.25 -48.25 -8.05
C ASP F 450 51.40 -49.19 -7.21
N THR F 451 51.64 -49.22 -5.89
CA THR F 451 50.85 -50.06 -5.00
C THR F 451 49.39 -49.66 -4.99
N VAL F 452 49.12 -48.35 -4.89
CA VAL F 452 47.74 -47.87 -4.90
C VAL F 452 47.11 -47.91 -6.28
N SER F 453 47.91 -47.88 -7.35
CA SER F 453 47.31 -47.95 -8.68
C SER F 453 46.56 -49.27 -8.87
N ALA F 454 47.12 -50.38 -8.38
CA ALA F 454 46.52 -51.69 -8.58
C ALA F 454 45.53 -52.04 -7.49
N LEU F 455 45.08 -51.05 -6.72
CA LEU F 455 44.17 -51.30 -5.61
C LEU F 455 42.70 -51.15 -6.01
N VAL F 456 42.27 -49.92 -6.36
CA VAL F 456 40.93 -49.69 -6.88
C VAL F 456 40.97 -48.75 -8.07
N TYR F 457 42.11 -48.08 -8.25
CA TYR F 457 42.20 -46.91 -9.13
C TYR F 457 42.36 -47.26 -10.61
N ASP F 458 42.04 -48.49 -11.02
CA ASP F 458 42.10 -48.90 -12.42
C ASP F 458 43.53 -48.88 -12.97
N ASN F 459 44.51 -49.24 -12.14
CA ASN F 459 45.91 -49.35 -12.56
C ASN F 459 46.40 -48.06 -13.22
N LYS F 460 46.14 -46.95 -12.56
CA LYS F 460 46.28 -45.62 -13.17
C LYS F 460 47.49 -44.83 -12.68
N LEU F 461 47.83 -44.93 -11.41
CA LEU F 461 48.79 -44.01 -10.80
C LEU F 461 50.22 -44.38 -11.20
N LYS F 462 50.88 -43.47 -11.91
CA LYS F 462 52.25 -43.66 -12.39
C LYS F 462 53.25 -43.10 -11.39
N ALA F 463 54.48 -43.61 -11.47
CA ALA F 463 55.52 -43.26 -10.51
C ALA F 463 55.95 -41.81 -10.66
N HIS F 464 56.37 -41.21 -9.55
CA HIS F 464 56.88 -39.85 -9.56
C HIS F 464 58.40 -39.79 -9.56
N LYS F 465 59.06 -40.30 -8.52
CA LYS F 465 60.52 -40.22 -8.53
C LYS F 465 61.25 -41.56 -8.42
N ASP F 466 60.99 -42.34 -7.37
CA ASP F 466 61.96 -43.36 -6.99
C ASP F 466 61.38 -44.31 -5.94
N LYS F 467 61.93 -45.52 -5.90
CA LYS F 467 61.60 -46.53 -4.89
C LYS F 467 62.45 -46.26 -3.66
N SER F 468 61.83 -45.60 -2.67
CA SER F 468 62.60 -45.06 -1.55
C SER F 468 63.22 -46.15 -0.68
N ALA F 469 62.61 -47.34 -0.65
CA ALA F 469 63.02 -48.42 0.25
C ALA F 469 63.01 -47.96 1.71
N GLN F 470 62.13 -47.01 2.02
CA GLN F 470 61.95 -46.48 3.36
C GLN F 470 60.61 -46.84 3.97
N CYS F 471 59.69 -47.41 3.19
CA CYS F 471 58.38 -47.80 3.65
C CYS F 471 58.42 -49.26 4.08
N PHE F 472 57.93 -49.53 5.29
CA PHE F 472 58.05 -50.84 5.89
C PHE F 472 56.68 -51.46 6.16
N LYS F 473 56.59 -52.75 5.89
CA LYS F 473 55.45 -53.56 6.26
C LYS F 473 55.95 -54.81 6.97
N MET F 474 55.22 -55.22 8.01
N MET F 474 55.19 -55.26 7.97
CA MET F 474 55.50 -56.46 8.72
CA MET F 474 55.52 -56.49 8.69
C MET F 474 54.16 -57.12 9.02
C MET F 474 54.24 -57.11 9.23
N PHE F 475 54.17 -58.44 9.14
CA PHE F 475 52.97 -59.18 9.48
C PHE F 475 52.97 -59.53 10.96
N TYR F 476 51.81 -59.38 11.60
CA TYR F 476 51.63 -59.62 13.03
C TYR F 476 50.29 -60.31 13.24
N LYS F 477 50.01 -60.68 14.49
CA LYS F 477 48.70 -61.23 14.82
C LYS F 477 47.96 -60.33 15.81
N GLY F 478 48.56 -60.09 16.97
CA GLY F 478 47.99 -59.20 17.96
C GLY F 478 46.78 -59.73 18.70
N VAL F 479 46.61 -59.32 19.95
CA VAL F 479 45.41 -59.59 20.74
C VAL F 479 44.72 -58.26 21.01
N ILE F 480 43.40 -58.27 21.05
CA ILE F 480 42.60 -57.05 21.01
C ILE F 480 41.83 -56.89 22.32
N THR F 481 41.88 -55.67 22.86
CA THR F 481 41.13 -55.29 24.06
C THR F 481 40.35 -54.02 23.75
N HIS F 482 39.02 -54.08 23.90
CA HIS F 482 38.14 -52.96 23.63
C HIS F 482 37.12 -52.84 24.75
N ASP F 483 36.88 -51.61 25.19
CA ASP F 483 36.01 -51.41 26.35
C ASP F 483 34.72 -50.66 26.05
N VAL F 484 34.81 -49.43 25.53
CA VAL F 484 33.61 -48.61 25.40
C VAL F 484 33.37 -48.18 23.96
N SER F 485 34.29 -47.43 23.37
CA SER F 485 34.16 -47.01 21.97
C SER F 485 35.51 -47.01 21.28
N SER F 486 36.44 -47.83 21.75
CA SER F 486 37.82 -47.80 21.26
C SER F 486 38.30 -49.24 21.09
N ALA F 487 39.60 -49.38 20.81
CA ALA F 487 40.23 -50.69 20.66
C ALA F 487 41.73 -50.51 20.84
N ILE F 488 42.30 -51.16 21.84
CA ILE F 488 43.71 -51.01 22.18
C ILE F 488 44.38 -52.38 22.09
N ASN F 489 45.54 -52.43 21.41
CA ASN F 489 46.34 -53.63 21.31
C ASN F 489 47.70 -53.36 21.95
N ARG F 490 47.94 -53.96 23.12
CA ARG F 490 49.22 -53.76 23.79
C ARG F 490 50.39 -54.34 22.98
N PRO F 491 50.32 -55.56 22.43
CA PRO F 491 51.49 -56.07 21.69
C PRO F 491 51.92 -55.21 20.52
N GLN F 492 50.99 -54.59 19.78
CA GLN F 492 51.39 -53.76 18.66
C GLN F 492 51.89 -52.39 19.08
N ILE F 493 51.52 -51.92 20.28
CA ILE F 493 52.26 -50.84 20.90
C ILE F 493 53.59 -51.33 21.44
N GLY F 494 53.73 -52.64 21.61
CA GLY F 494 54.96 -53.28 22.02
C GLY F 494 55.90 -53.68 20.90
N VAL F 495 55.57 -53.40 19.65
CA VAL F 495 56.48 -53.61 18.54
C VAL F 495 57.13 -52.31 18.10
N VAL F 496 56.38 -51.20 18.15
CA VAL F 496 57.01 -49.89 18.05
C VAL F 496 57.76 -49.56 19.33
N ARG F 497 57.57 -50.38 20.37
CA ARG F 497 58.39 -50.31 21.58
C ARG F 497 59.87 -50.38 21.25
N GLU F 498 60.25 -51.33 20.39
CA GLU F 498 61.65 -51.67 20.17
C GLU F 498 62.19 -51.27 18.81
N PHE F 499 61.34 -51.04 17.81
CA PHE F 499 61.83 -50.63 16.50
C PHE F 499 62.40 -49.22 16.51
N LEU F 500 61.78 -48.29 17.25
CA LEU F 500 62.25 -46.92 17.32
C LEU F 500 63.53 -46.78 18.13
N THR F 501 64.14 -47.90 18.55
CA THR F 501 65.37 -47.84 19.34
C THR F 501 66.59 -47.63 18.45
N ARG F 502 66.81 -48.53 17.49
CA ARG F 502 67.98 -48.46 16.64
C ARG F 502 67.95 -47.28 15.68
N ASN F 503 66.81 -46.60 15.54
CA ASN F 503 66.71 -45.45 14.64
C ASN F 503 66.64 -44.17 15.46
N PRO F 504 67.73 -43.41 15.58
CA PRO F 504 67.65 -42.10 16.23
C PRO F 504 67.06 -41.03 15.35
N ALA F 505 66.79 -41.32 14.08
CA ALA F 505 66.20 -40.37 13.14
C ALA F 505 64.70 -40.59 12.92
N TRP F 506 64.12 -41.64 13.50
CA TRP F 506 62.70 -41.91 13.36
C TRP F 506 61.90 -41.44 14.57
N ARG F 507 62.43 -40.47 15.32
CA ARG F 507 61.61 -39.74 16.28
C ARG F 507 60.52 -38.95 15.56
N LYS F 508 60.81 -38.53 14.33
CA LYS F 508 59.95 -37.64 13.55
C LYS F 508 59.09 -38.42 12.55
N ALA F 509 58.61 -39.59 12.94
CA ALA F 509 57.67 -40.36 12.14
C ALA F 509 56.34 -40.39 12.89
N VAL F 510 55.45 -39.45 12.55
CA VAL F 510 54.26 -39.19 13.34
C VAL F 510 53.39 -40.44 13.42
N PHE F 511 52.85 -40.70 14.62
CA PHE F 511 52.04 -41.89 14.85
C PHE F 511 50.60 -41.63 14.41
N ILE F 512 50.11 -42.44 13.47
CA ILE F 512 48.74 -42.40 13.01
C ILE F 512 47.97 -43.48 13.75
N SER F 513 46.67 -43.27 13.93
CA SER F 513 45.87 -44.21 14.71
C SER F 513 44.49 -44.41 14.12
N PRO F 514 43.99 -45.64 14.08
CA PRO F 514 42.60 -45.87 13.68
C PRO F 514 41.63 -45.32 14.71
N TYR F 515 41.87 -45.65 15.98
CA TYR F 515 41.15 -45.08 17.11
C TYR F 515 42.14 -44.23 17.90
N ASN F 516 41.74 -42.98 18.20
CA ASN F 516 42.68 -42.03 18.77
C ASN F 516 43.11 -42.40 20.18
N SER F 517 42.30 -43.19 20.90
CA SER F 517 42.58 -43.47 22.31
C SER F 517 43.78 -44.41 22.48
N GLN F 518 43.92 -45.40 21.61
CA GLN F 518 45.07 -46.28 21.70
C GLN F 518 46.36 -45.51 21.47
N ASN F 519 46.35 -44.56 20.54
CA ASN F 519 47.52 -43.71 20.37
C ASN F 519 47.65 -42.70 21.51
N ALA F 520 46.53 -42.36 22.16
CA ALA F 520 46.61 -41.50 23.34
C ALA F 520 47.34 -42.19 24.48
N VAL F 521 47.18 -43.50 24.61
CA VAL F 521 47.98 -44.27 25.56
C VAL F 521 49.42 -44.48 25.05
N ALA F 522 49.58 -44.75 23.75
CA ALA F 522 50.93 -44.94 23.21
C ALA F 522 51.78 -43.68 23.38
N SER F 523 51.20 -42.51 23.11
CA SER F 523 51.87 -41.24 23.34
C SER F 523 52.17 -40.99 24.81
N LYS F 524 51.39 -41.58 25.71
CA LYS F 524 51.80 -41.62 27.11
C LYS F 524 53.03 -42.50 27.31
N ILE F 525 53.14 -43.58 26.53
CA ILE F 525 54.35 -44.39 26.57
C ILE F 525 55.45 -43.85 25.66
N LEU F 526 55.10 -43.29 24.51
CA LEU F 526 56.08 -42.88 23.51
C LEU F 526 56.19 -41.36 23.39
N GLY F 527 55.09 -40.66 23.13
CA GLY F 527 55.11 -39.22 22.98
C GLY F 527 55.00 -38.68 21.58
N LEU F 528 54.81 -39.55 20.58
CA LEU F 528 54.69 -39.10 19.20
C LEU F 528 53.32 -38.48 18.94
N PRO F 529 53.20 -37.59 17.96
CA PRO F 529 51.94 -36.89 17.71
C PRO F 529 50.84 -37.85 17.27
N THR F 530 49.61 -37.37 17.37
CA THR F 530 48.42 -38.14 17.03
C THR F 530 47.91 -37.78 15.65
N GLN F 531 46.99 -38.60 15.14
CA GLN F 531 46.44 -38.40 13.81
C GLN F 531 45.21 -39.29 13.67
N THR F 532 44.11 -38.71 13.19
CA THR F 532 42.85 -39.42 13.02
C THR F 532 42.67 -39.83 11.57
N VAL F 533 42.53 -41.14 11.34
CA VAL F 533 42.49 -41.67 9.98
C VAL F 533 41.26 -41.17 9.23
N ASP F 534 40.15 -40.94 9.94
CA ASP F 534 38.91 -40.54 9.28
C ASP F 534 39.06 -39.19 8.58
N SER F 535 39.80 -38.26 9.16
CA SER F 535 39.94 -36.91 8.64
C SER F 535 41.40 -36.58 8.32
N SER F 536 42.06 -37.49 7.61
CA SER F 536 43.51 -37.40 7.41
C SER F 536 43.94 -36.43 6.32
N GLN F 537 43.09 -36.17 5.34
CA GLN F 537 43.51 -35.33 4.21
C GLN F 537 43.70 -33.88 4.62
N GLY F 538 44.58 -33.19 3.90
CA GLY F 538 44.89 -31.81 4.17
C GLY F 538 46.35 -31.60 4.54
N SER F 539 46.89 -32.52 5.33
CA SER F 539 48.27 -32.47 5.77
C SER F 539 48.98 -33.78 5.44
N GLU F 540 50.21 -33.68 4.97
CA GLU F 540 51.00 -34.85 4.63
C GLU F 540 52.40 -34.71 5.24
N TYR F 541 52.92 -35.82 5.78
CA TYR F 541 54.21 -35.86 6.45
C TYR F 541 55.11 -36.84 5.72
N ASP F 542 56.41 -36.52 5.68
CA ASP F 542 57.35 -37.41 5.00
C ASP F 542 57.47 -38.76 5.70
N TYR F 543 57.47 -38.75 7.03
CA TYR F 543 57.63 -39.97 7.83
C TYR F 543 56.44 -40.13 8.75
N VAL F 544 55.76 -41.26 8.65
CA VAL F 544 54.62 -41.59 9.51
C VAL F 544 54.64 -43.09 9.80
N ILE F 545 54.28 -43.45 11.02
CA ILE F 545 54.11 -44.83 11.43
C ILE F 545 52.62 -45.06 11.66
N PHE F 546 52.18 -46.31 11.51
CA PHE F 546 50.77 -46.61 11.66
C PHE F 546 50.57 -48.09 11.92
N THR F 547 49.52 -48.40 12.68
CA THR F 547 49.07 -49.78 12.92
C THR F 547 47.59 -49.84 12.64
N GLN F 548 47.18 -50.74 11.74
CA GLN F 548 45.76 -50.95 11.49
C GLN F 548 45.05 -51.49 12.73
N THR F 549 45.69 -52.46 13.41
CA THR F 549 45.30 -52.91 14.74
C THR F 549 43.99 -53.71 14.75
N THR F 550 43.30 -53.79 13.61
CA THR F 550 42.02 -54.47 13.57
C THR F 550 41.82 -55.18 12.23
N GLU F 551 40.86 -56.11 12.22
CA GLU F 551 40.49 -56.84 11.03
C GLU F 551 39.07 -56.54 10.56
N THR F 552 38.26 -55.86 11.37
CA THR F 552 36.88 -55.55 10.99
C THR F 552 36.86 -54.40 10.00
N ALA F 553 35.66 -53.87 9.72
CA ALA F 553 35.50 -52.82 8.71
C ALA F 553 35.80 -51.43 9.26
N HIS F 554 36.95 -51.25 9.90
CA HIS F 554 37.39 -49.91 10.29
C HIS F 554 38.68 -49.52 9.58
N SER F 555 39.72 -50.33 9.76
CA SER F 555 41.03 -49.98 9.22
C SER F 555 41.36 -50.76 7.96
N CYS F 556 40.95 -52.03 7.88
CA CYS F 556 41.19 -52.81 6.67
C CYS F 556 40.28 -52.43 5.52
N ASN F 557 39.38 -51.47 5.72
CA ASN F 557 38.67 -50.87 4.60
C ASN F 557 39.68 -50.29 3.62
N VAL F 558 39.46 -50.54 2.32
CA VAL F 558 40.48 -50.25 1.33
C VAL F 558 40.77 -48.75 1.26
N ASN F 559 39.73 -47.94 1.11
CA ASN F 559 39.93 -46.51 0.96
C ASN F 559 40.10 -45.78 2.29
N ARG F 560 39.53 -46.32 3.38
CA ARG F 560 39.73 -45.70 4.68
C ARG F 560 41.20 -45.75 5.09
N PHE F 561 41.90 -46.84 4.78
CA PHE F 561 43.35 -46.91 5.01
C PHE F 561 44.16 -46.35 3.86
N ASN F 562 43.57 -46.25 2.66
CA ASN F 562 44.32 -45.73 1.54
C ASN F 562 44.80 -44.30 1.77
N VAL F 563 43.98 -43.47 2.40
CA VAL F 563 44.42 -42.12 2.72
C VAL F 563 45.57 -42.13 3.71
N ALA F 564 45.57 -43.07 4.65
CA ALA F 564 46.68 -43.15 5.61
C ALA F 564 47.97 -43.57 4.93
N ILE F 565 47.87 -44.47 3.95
CA ILE F 565 49.10 -44.96 3.31
C ILE F 565 49.63 -43.97 2.27
N THR F 566 48.74 -43.21 1.62
CA THR F 566 49.17 -42.37 0.51
C THR F 566 49.82 -41.06 0.95
N ARG F 567 49.82 -40.74 2.25
CA ARG F 567 50.23 -39.41 2.69
C ARG F 567 51.69 -39.36 3.16
N ALA F 568 52.47 -40.40 2.91
CA ALA F 568 53.91 -40.37 3.14
C ALA F 568 54.62 -40.33 1.80
N LYS F 569 55.67 -39.51 1.71
CA LYS F 569 56.38 -39.31 0.45
C LYS F 569 57.69 -40.06 0.36
N VAL F 570 58.27 -40.48 1.47
CA VAL F 570 59.51 -41.25 1.43
C VAL F 570 59.37 -42.56 2.21
N GLY F 571 58.95 -42.48 3.46
CA GLY F 571 58.88 -43.66 4.31
C GLY F 571 57.61 -43.70 5.14
N ILE F 572 57.09 -44.92 5.34
CA ILE F 572 55.88 -45.15 6.12
C ILE F 572 55.98 -46.55 6.71
N LEU F 573 55.40 -46.72 7.90
CA LEU F 573 55.34 -48.03 8.55
C LEU F 573 53.89 -48.46 8.68
N CYS F 574 53.59 -49.69 8.27
CA CYS F 574 52.25 -50.23 8.38
C CYS F 574 52.35 -51.64 8.94
N ILE F 575 52.12 -51.78 10.25
CA ILE F 575 52.10 -53.09 10.89
C ILE F 575 50.78 -53.75 10.53
N MET F 576 50.86 -54.89 9.84
CA MET F 576 49.72 -55.51 9.18
C MET F 576 49.40 -56.82 9.90
N SER F 577 48.29 -56.84 10.63
CA SER F 577 47.81 -58.07 11.26
C SER F 577 46.88 -58.86 10.35
N ASP F 578 46.83 -58.53 9.06
CA ASP F 578 45.78 -58.95 8.16
C ASP F 578 46.28 -59.94 7.12
N ARG F 579 45.34 -60.75 6.63
CA ARG F 579 45.49 -61.47 5.37
C ARG F 579 44.94 -60.69 4.19
N ASP F 580 43.97 -59.80 4.45
CA ASP F 580 43.30 -59.07 3.38
C ASP F 580 44.27 -58.17 2.62
N LEU F 581 45.18 -57.50 3.33
CA LEU F 581 46.08 -56.53 2.73
C LEU F 581 47.50 -57.04 2.53
N TYR F 582 47.91 -58.10 3.24
CA TYR F 582 49.27 -58.62 3.10
C TYR F 582 49.54 -59.08 1.68
N ASP F 583 48.61 -59.85 1.11
CA ASP F 583 48.86 -60.44 -0.21
C ASP F 583 48.70 -59.45 -1.35
N LYS F 584 48.06 -58.30 -1.13
CA LYS F 584 47.88 -57.32 -2.20
C LYS F 584 48.54 -55.98 -1.94
N LEU F 585 49.21 -55.80 -0.80
CA LEU F 585 50.20 -54.76 -0.64
C LEU F 585 51.59 -55.38 -0.74
N GLN F 586 52.56 -54.59 -1.21
CA GLN F 586 53.94 -55.05 -1.27
C GLN F 586 54.88 -53.93 -0.86
N PHE F 587 55.41 -54.01 0.35
CA PHE F 587 56.56 -53.22 0.76
C PHE F 587 57.69 -54.19 1.08
N THR F 588 58.79 -53.69 1.64
CA THR F 588 59.87 -54.54 2.12
C THR F 588 59.56 -54.97 3.56
N SER F 589 59.73 -56.27 3.82
CA SER F 589 59.34 -56.85 5.10
C SER F 589 60.56 -57.34 5.87
N LEU F 590 60.48 -57.25 7.19
CA LEU F 590 61.52 -57.73 8.09
C LEU F 590 60.92 -58.69 9.10
N GLU F 591 61.80 -59.33 9.86
CA GLU F 591 61.38 -60.34 10.83
C GLU F 591 60.71 -59.69 12.05
N ILE F 592 60.20 -60.54 12.93
CA ILE F 592 59.52 -60.11 14.15
C ILE F 592 60.52 -60.19 15.30
N PRO F 593 60.83 -59.07 15.97
CA PRO F 593 61.75 -59.04 17.11
C PRO F 593 61.34 -59.97 18.24
N ASN G 1 -21.08 37.81 53.11
CA ASN G 1 -21.35 36.65 53.94
C ASN G 1 -21.04 35.28 53.35
N ASN G 2 -20.12 34.49 53.91
CA ASN G 2 -19.80 33.11 53.57
C ASN G 2 -19.62 32.86 55.06
N GLU G 3 -20.37 31.89 55.59
CA GLU G 3 -20.56 31.75 57.03
C GLU G 3 -20.01 30.33 57.05
N LEU G 4 -19.29 30.04 58.12
CA LEU G 4 -18.59 28.75 58.24
C LEU G 4 -19.56 27.61 58.51
N SER G 5 -20.26 27.68 59.63
CA SER G 5 -21.18 26.61 60.04
C SER G 5 -22.50 27.21 60.52
N PRO G 6 -23.51 27.27 59.68
CA PRO G 6 -24.86 27.61 60.14
C PRO G 6 -25.51 26.38 60.75
N VAL G 7 -25.72 26.44 62.08
CA VAL G 7 -26.14 25.36 62.99
C VAL G 7 -25.30 24.09 62.82
N ALA G 8 -25.07 23.39 63.92
CA ALA G 8 -24.10 22.29 63.94
C ALA G 8 -24.70 20.99 64.41
N LEU G 9 -23.84 19.99 64.66
CA LEU G 9 -24.28 18.65 65.00
C LEU G 9 -23.83 18.25 66.39
N ARG G 10 -24.02 16.99 66.76
CA ARG G 10 -23.94 16.59 68.15
C ARG G 10 -22.70 15.75 68.44
N GLN G 11 -22.62 15.30 69.68
CA GLN G 11 -21.45 14.64 70.26
C GLN G 11 -21.89 13.47 71.11
N MET G 12 -21.03 12.46 71.18
CA MET G 12 -21.22 11.33 72.08
C MET G 12 -19.85 10.82 72.50
N SER G 13 -19.79 10.14 73.64
CA SER G 13 -18.52 9.61 74.11
C SER G 13 -18.26 8.27 73.41
N CYS G 14 -17.00 8.01 73.08
CA CYS G 14 -16.63 6.83 72.31
C CYS G 14 -15.34 6.25 72.86
N ALA G 15 -14.93 5.12 72.28
CA ALA G 15 -13.81 4.33 72.77
C ALA G 15 -12.58 4.62 71.93
N ALA G 16 -11.42 4.64 72.58
CA ALA G 16 -10.20 4.97 71.87
C ALA G 16 -8.99 4.60 72.74
N GLY G 17 -7.81 4.67 72.14
CA GLY G 17 -6.60 4.24 72.83
C GLY G 17 -5.38 4.49 71.97
N THR G 18 -4.27 3.81 72.31
CA THR G 18 -3.01 4.03 71.60
C THR G 18 -2.90 3.16 70.35
N THR G 19 -2.99 1.85 70.52
CA THR G 19 -2.81 0.90 69.44
C THR G 19 -4.11 0.13 69.22
N GLN G 20 -4.05 -0.90 68.37
CA GLN G 20 -5.24 -1.59 67.89
C GLN G 20 -6.14 -2.09 69.03
N THR G 21 -5.58 -2.81 70.00
CA THR G 21 -6.39 -3.30 71.09
C THR G 21 -6.38 -2.39 72.31
N ALA G 22 -5.60 -1.30 72.26
CA ALA G 22 -5.54 -0.39 73.39
C ALA G 22 -6.83 0.39 73.61
N CYS G 23 -7.77 0.34 72.67
CA CYS G 23 -9.06 0.99 72.85
C CYS G 23 -9.88 0.22 73.88
N THR G 24 -9.90 0.71 75.11
CA THR G 24 -10.58 -0.02 76.19
C THR G 24 -12.07 0.27 76.18
N ASP G 25 -12.44 1.52 76.45
CA ASP G 25 -13.84 1.93 76.53
C ASP G 25 -13.92 3.44 76.37
N ASP G 26 -15.04 4.02 76.81
CA ASP G 26 -15.31 5.44 76.61
C ASP G 26 -14.18 6.29 77.17
N ASN G 27 -13.40 6.91 76.28
CA ASN G 27 -12.31 7.79 76.71
C ASN G 27 -12.18 8.98 75.76
N ALA G 28 -13.31 9.50 75.28
CA ALA G 28 -13.27 10.56 74.27
C ALA G 28 -14.62 11.27 74.23
N LEU G 29 -14.63 12.43 73.60
CA LEU G 29 -15.84 13.22 73.35
C LEU G 29 -15.88 13.54 71.86
N ALA G 30 -16.70 12.83 71.11
CA ALA G 30 -16.63 12.84 69.65
C ALA G 30 -17.83 13.58 69.08
N TYR G 31 -17.57 14.69 68.39
CA TYR G 31 -18.54 15.28 67.49
C TYR G 31 -18.66 14.42 66.24
N TYR G 32 -19.88 14.26 65.76
CA TYR G 32 -20.15 13.37 64.64
C TYR G 32 -21.06 14.04 63.60
N ASN G 33 -20.96 13.54 62.37
CA ASN G 33 -21.81 13.98 61.25
C ASN G 33 -22.92 12.94 61.08
N THR G 34 -24.15 13.33 61.44
CA THR G 34 -25.31 12.45 61.29
C THR G 34 -25.89 12.65 59.89
N THR G 35 -25.35 11.88 58.95
CA THR G 35 -25.88 11.82 57.60
C THR G 35 -26.83 10.64 57.47
N LYS G 36 -27.76 10.75 56.52
CA LYS G 36 -28.71 9.66 56.30
C LYS G 36 -28.01 8.38 55.86
N GLY G 37 -26.81 8.49 55.29
CA GLY G 37 -26.04 7.32 54.91
C GLY G 37 -25.11 6.85 56.01
N GLY G 38 -25.49 7.07 57.25
CA GLY G 38 -24.72 6.66 58.39
C GLY G 38 -24.11 7.85 59.13
N ARG G 39 -23.70 7.59 60.37
CA ARG G 39 -23.08 8.61 61.21
C ARG G 39 -21.58 8.64 60.96
N PHE G 40 -21.05 9.84 60.70
CA PHE G 40 -19.63 10.04 60.46
C PHE G 40 -19.05 10.87 61.59
N VAL G 41 -18.18 10.26 62.40
CA VAL G 41 -17.58 10.99 63.52
C VAL G 41 -16.70 12.11 62.98
N LEU G 42 -16.77 13.27 63.62
CA LEU G 42 -16.04 14.46 63.17
C LEU G 42 -14.75 14.67 63.95
N ALA G 43 -14.83 14.71 65.27
CA ALA G 43 -13.66 15.12 66.06
C ALA G 43 -13.69 14.48 67.44
N LEU G 44 -12.51 14.39 68.05
CA LEU G 44 -12.30 13.69 69.32
C LEU G 44 -11.64 14.65 70.31
N LEU G 45 -12.37 15.03 71.35
CA LEU G 45 -11.84 15.82 72.44
C LEU G 45 -11.45 14.89 73.58
N SER G 46 -10.18 14.93 73.99
CA SER G 46 -9.69 13.95 74.93
C SER G 46 -8.92 14.62 76.05
N ASP G 47 -8.89 13.95 77.20
CA ASP G 47 -8.03 14.33 78.31
C ASP G 47 -6.82 13.43 78.44
N LEU G 48 -6.58 12.53 77.50
CA LEU G 48 -5.38 11.69 77.56
C LEU G 48 -4.42 12.26 76.52
N GLN G 49 -3.13 12.02 76.73
CA GLN G 49 -2.10 12.75 75.99
C GLN G 49 -1.75 12.13 74.63
N ASP G 50 -1.62 10.80 74.55
CA ASP G 50 -1.18 10.10 73.33
C ASP G 50 -2.15 8.95 73.01
N LEU G 51 -3.21 9.26 72.27
CA LEU G 51 -3.99 8.20 71.63
C LEU G 51 -3.66 8.16 70.15
N LYS G 52 -3.81 6.98 69.54
CA LYS G 52 -3.65 6.89 68.09
C LYS G 52 -4.71 6.04 67.40
N TRP G 53 -5.53 5.29 68.12
CA TRP G 53 -6.47 4.36 67.50
C TRP G 53 -7.78 4.37 68.28
N ALA G 54 -8.84 4.89 67.68
CA ALA G 54 -10.18 4.88 68.26
C ALA G 54 -11.01 3.81 67.55
N ARG G 55 -12.14 3.46 68.16
CA ARG G 55 -12.93 2.36 67.63
C ARG G 55 -14.41 2.57 67.95
N PHE G 56 -15.26 2.10 67.04
CA PHE G 56 -16.71 2.14 67.25
C PHE G 56 -17.32 0.94 66.53
N PRO G 57 -18.16 0.15 67.20
CA PRO G 57 -18.75 -1.03 66.53
C PRO G 57 -19.81 -0.60 65.52
N LYS G 58 -19.75 -1.20 64.33
CA LYS G 58 -20.68 -0.85 63.26
C LYS G 58 -22.12 -1.14 63.70
N SER G 59 -23.06 -0.47 63.04
CA SER G 59 -24.46 -0.47 63.48
C SER G 59 -25.03 -1.87 63.59
N ASP G 60 -24.58 -2.80 62.76
CA ASP G 60 -25.05 -4.18 62.87
C ASP G 60 -24.38 -4.93 64.01
N GLY G 61 -23.35 -4.37 64.63
CA GLY G 61 -22.70 -5.00 65.76
C GLY G 61 -21.65 -6.01 65.38
N THR G 62 -21.83 -6.65 64.21
CA THR G 62 -20.88 -7.67 63.77
C THR G 62 -19.51 -7.07 63.50
N GLY G 63 -19.46 -5.89 62.90
CA GLY G 63 -18.20 -5.26 62.58
C GLY G 63 -17.89 -4.06 63.45
N THR G 64 -16.61 -3.67 63.50
CA THR G 64 -16.19 -2.48 64.22
C THR G 64 -15.17 -1.74 63.39
N ILE G 65 -15.21 -0.41 63.46
CA ILE G 65 -14.37 0.46 62.64
C ILE G 65 -13.32 1.12 63.53
N TYR G 66 -12.11 1.24 62.98
CA TYR G 66 -10.98 1.87 63.64
C TYR G 66 -10.63 3.18 62.95
N THR G 67 -10.23 4.18 63.75
CA THR G 67 -9.91 5.51 63.27
C THR G 67 -8.55 5.93 63.80
N GLU G 68 -7.62 6.34 62.93
CA GLU G 68 -6.32 6.77 63.40
C GLU G 68 -6.36 8.18 63.98
N LEU G 69 -6.20 8.32 65.28
CA LEU G 69 -6.15 9.65 65.87
C LEU G 69 -4.80 10.29 65.62
N GLU G 70 -4.73 11.12 64.60
CA GLU G 70 -3.47 11.77 64.26
C GLU G 70 -3.13 12.84 65.28
N PRO G 71 -1.82 13.08 65.57
CA PRO G 71 -1.33 14.11 66.52
C PRO G 71 -2.27 15.21 66.97
N PRO G 72 -2.33 15.48 68.27
CA PRO G 72 -3.32 16.41 68.82
C PRO G 72 -3.15 17.91 68.76
N CYS G 73 -4.10 18.62 69.37
CA CYS G 73 -4.05 20.08 69.41
C CYS G 73 -4.32 20.53 70.81
N ARG G 74 -3.33 21.09 71.46
CA ARG G 74 -3.43 21.54 72.84
C ARG G 74 -4.42 22.71 72.98
N PHE G 75 -5.25 22.66 74.00
CA PHE G 75 -5.86 23.88 74.52
C PHE G 75 -6.36 23.63 75.95
N VAL G 76 -6.83 24.70 76.57
CA VAL G 76 -7.38 24.66 77.92
C VAL G 76 -8.68 25.45 77.95
N THR G 77 -9.60 25.03 78.82
CA THR G 77 -10.95 25.57 78.84
C THR G 77 -11.32 26.11 80.22
N ASP G 78 -12.43 26.86 80.24
CA ASP G 78 -12.99 27.42 81.45
C ASP G 78 -14.28 26.69 81.83
N THR G 79 -14.34 26.25 83.09
CA THR G 79 -15.45 25.46 83.61
C THR G 79 -15.54 25.68 85.13
N PRO G 80 -16.55 25.12 85.81
CA PRO G 80 -16.48 25.06 87.27
C PRO G 80 -15.24 24.33 87.79
N LYS G 81 -14.73 23.36 87.02
CA LYS G 81 -13.48 22.69 87.37
C LYS G 81 -12.28 23.62 87.23
N GLY G 82 -12.35 24.60 86.36
CA GLY G 82 -11.24 25.49 86.11
C GLY G 82 -10.56 25.16 84.81
N PRO G 83 -9.23 25.22 84.79
CA PRO G 83 -8.50 24.88 83.57
C PRO G 83 -8.65 23.39 83.25
N LYS G 84 -9.20 23.10 82.07
CA LYS G 84 -9.23 21.73 81.56
C LYS G 84 -8.25 21.61 80.41
N VAL G 85 -7.08 21.04 80.69
CA VAL G 85 -6.00 20.74 79.77
C VAL G 85 -6.41 19.58 78.88
N LYS G 86 -6.94 19.91 77.70
CA LYS G 86 -7.43 18.89 76.78
C LYS G 86 -6.74 18.99 75.42
N TYR G 87 -6.81 17.87 74.69
CA TYR G 87 -6.21 17.73 73.37
C TYR G 87 -7.29 17.38 72.36
N LEU G 88 -7.26 18.06 71.23
CA LEU G 88 -8.15 17.78 70.10
C LEU G 88 -7.44 16.90 69.09
N TYR G 89 -7.99 15.71 68.90
CA TYR G 89 -7.55 14.79 67.87
C TYR G 89 -8.60 14.78 66.77
N PHE G 90 -8.12 14.81 65.54
CA PHE G 90 -8.99 14.64 64.39
C PHE G 90 -8.71 13.29 63.76
N ILE G 91 -9.76 12.64 63.27
CA ILE G 91 -9.56 11.46 62.46
C ILE G 91 -8.60 11.79 61.34
N LYS G 92 -7.60 10.93 61.14
CA LYS G 92 -6.60 11.20 60.12
C LYS G 92 -7.26 11.31 58.75
N GLY G 93 -6.93 12.36 58.03
CA GLY G 93 -7.52 12.61 56.72
C GLY G 93 -8.78 13.46 56.80
N LEU G 94 -8.77 14.47 57.66
CA LEU G 94 -9.91 15.38 57.80
C LEU G 94 -9.69 16.61 56.92
N ASN G 95 -10.67 16.90 56.07
CA ASN G 95 -10.62 18.09 55.23
C ASN G 95 -10.65 19.35 56.09
N ASN G 96 -10.09 20.43 55.55
CA ASN G 96 -10.00 21.67 56.31
C ASN G 96 -11.37 22.18 56.73
N LEU G 97 -12.38 21.99 55.87
CA LEU G 97 -13.70 22.55 56.15
C LEU G 97 -14.32 21.92 57.39
N ASN G 98 -14.19 20.60 57.56
CA ASN G 98 -14.68 19.94 58.76
C ASN G 98 -13.92 20.37 60.02
N ARG G 99 -12.60 20.56 59.93
CA ARG G 99 -11.87 21.16 61.05
C ARG G 99 -12.46 22.53 61.38
N GLY G 100 -12.81 23.29 60.36
CA GLY G 100 -13.41 24.59 60.59
C GLY G 100 -14.72 24.50 61.34
N MET G 101 -15.60 23.59 60.91
CA MET G 101 -16.87 23.43 61.63
C MET G 101 -16.65 23.02 63.08
N VAL G 102 -15.75 22.04 63.29
CA VAL G 102 -15.50 21.56 64.65
C VAL G 102 -15.02 22.71 65.53
N LEU G 103 -14.01 23.44 65.05
CA LEU G 103 -13.41 24.49 65.86
C LEU G 103 -14.37 25.65 66.06
N GLY G 104 -15.17 25.98 65.05
CA GLY G 104 -16.15 27.03 65.18
C GLY G 104 -17.19 26.71 66.23
N SER G 105 -17.75 25.50 66.16
CA SER G 105 -18.74 25.12 67.16
C SER G 105 -18.13 25.08 68.56
N LEU G 106 -16.92 24.55 68.68
CA LEU G 106 -16.23 24.48 69.96
C LEU G 106 -16.07 25.89 70.53
N ALA G 107 -15.35 26.75 69.82
CA ALA G 107 -15.11 28.11 70.32
C ALA G 107 -16.40 28.90 70.52
N ALA G 108 -17.48 28.53 69.82
CA ALA G 108 -18.75 29.21 70.04
C ALA G 108 -19.40 28.80 71.35
N THR G 109 -19.42 27.49 71.64
CA THR G 109 -20.13 27.00 72.82
C THR G 109 -19.21 26.55 73.95
N VAL G 110 -17.91 26.39 73.71
CA VAL G 110 -16.97 25.95 74.72
C VAL G 110 -16.04 27.11 75.04
N ARG G 111 -15.83 27.35 76.33
CA ARG G 111 -15.09 28.52 76.77
C ARG G 111 -13.58 28.27 76.68
N LEU G 112 -12.86 29.24 76.12
CA LEU G 112 -11.42 29.18 75.97
C LEU G 112 -10.81 30.45 76.54
N GLN G 113 -9.53 30.36 76.89
CA GLN G 113 -8.79 31.52 77.41
C GLN G 113 -7.52 31.75 76.61
ZN ZN J . -4.63 11.49 41.83
ZN ZN K . -13.23 -4.43 30.34
PG GNP L . -18.14 40.22 55.40
O1G GNP L . -18.86 39.11 56.09
O2G GNP L . -16.88 40.58 56.19
O3G GNP L . -19.07 41.46 55.33
N3B GNP L . -17.70 39.73 53.82
PB GNP L . -16.55 40.56 53.01
O1B GNP L . -15.19 40.03 53.39
O2B GNP L . -16.73 40.40 51.53
O3A GNP L . -16.64 42.16 53.39
PA GNP L . -17.27 43.23 52.40
O1A GNP L . -18.54 42.63 51.82
O2A GNP L . -17.44 44.57 53.01
O5' GNP L . -16.18 43.34 51.28
C5' GNP L . -15.97 44.57 50.56
C4' GNP L . -16.80 44.54 49.30
O4' GNP L . -17.35 45.85 49.05
C3' GNP L . -16.05 44.20 48.02
O3' GNP L . -15.88 42.80 47.87
C2' GNP L . -16.97 44.79 46.94
O2' GNP L . -17.95 43.84 46.52
C1' GNP L . -17.64 45.97 47.67
N9 GNP L . -17.21 47.31 47.22
C8 GNP L . -17.96 48.45 47.38
N7 GNP L . -17.38 49.52 46.90
C5 GNP L . -16.19 49.08 46.39
C6 GNP L . -15.11 49.77 45.72
O6 GNP L . -15.05 50.97 45.47
N1 GNP L . -14.09 48.93 45.37
C2 GNP L . -14.06 47.58 45.60
N2 GNP L . -12.98 46.93 45.18
N3 GNP L . -15.03 46.92 46.20
C4 GNP L . -16.06 47.71 46.57
MG MG M . -19.87 44.28 55.62
ZN ZN N . -10.28 -18.11 -33.54
ZN ZN O . -20.27 -13.41 -37.66
ZN ZN P . -15.34 -25.58 -12.64
ZN ZN Q . 4.70 -40.70 6.10
ZN ZN R . 1.33 -38.23 -5.20
ZN ZN S . -14.28 -39.43 18.26
C2 6GS T . -27.64 39.51 51.38
N3 6GS T . -28.22 38.54 52.05
C4 6GS T . -27.55 37.56 52.66
C5 6GS T . -26.12 37.65 52.59
F 6GS T . -26.32 42.98 50.63
C2' 6GS T . -25.50 42.08 51.27
C2M 6GS T . -25.83 42.03 52.68
C1' 6GS T . -25.58 40.67 50.56
N1 6GS T . -26.28 39.62 51.30
O2 6GS T . -28.29 40.32 50.87
O4 6GS T . -28.14 36.51 53.37
C6 6GS T . -25.56 38.70 51.88
O4' 6GS T . -24.35 40.27 50.37
C3' 6GS T . -24.04 42.54 51.09
O3' 6GS T . -23.98 43.63 50.16
C4' 6GS T . -23.32 41.42 50.88
C5' 6GS T . -22.57 40.94 52.06
O5' 6GS T . -21.92 39.80 51.64
PA 6GS T . -20.59 39.26 52.39
O1A 6GS T . -20.08 40.28 53.53
O3A 6GS T . -19.47 38.92 51.34
#